data_8E4L
#
_entry.id   8E4L
#
_cell.length_a   1.00
_cell.length_b   1.00
_cell.length_c   1.00
_cell.angle_alpha   90.00
_cell.angle_beta   90.00
_cell.angle_gamma   90.00
#
_symmetry.space_group_name_H-M   'P 1'
#
loop_
_entity.id
_entity.type
_entity.pdbx_description
1 polymer 'Transient receptor potential cation channel subfamily M member 8'
2 non-polymer 'CALCIUM ION'
3 non-polymer 3-isothiocyanatoprop-1-ene
4 non-polymer nonyl(oxo)di(propan-2-yl)-lambda~5~-phosphane
5 non-polymer '[(2R)-2-octanoyloxy-3-[oxidanyl-[(1R,2R,3S,4R,5R,6S)-2,3,6-tris(oxidanyl)-4,5-diphosphonooxy-cyclohexyl]oxy-phosphoryl]oxy-propyl] octanoate'
#
_entity_poly.entity_id   1
_entity_poly.type   'polypeptide(L)'
_entity_poly.pdbx_seq_one_letter_code
;MASFEGARLSMRSRRNGTMGSTRTLYSSVSRSTDVSYSDSDLVNFIQANFKKRECVFFTRDSKAMENICKCGYAQSQHIE
GTQINQNEKWNYKKHTKEFPTDAFGDIQFETLGKKGKYLRLSCDTDSETLYELLTQHWHLKTPNLVISVTGGAKNFALKP
RMRKIFSRLIYIAQSKGAWILTGGTHYGLMKYIGEVVRDNTISRNSEENIVAIGIAAWGMVSNRDTLIRSCDDEGHFSAQ
YIMDDFTRDPLYILDNNHTHLLLVDNGCHGHPTVEAKLRNQLEKYISERTSQDSNYGGKIPIVCFAQGGGRETLKAINTS
VKSKIPCVVVEGSGQIADVIASLVEVEDVLTSSMVKEKLVRFLPRTVSRLPEEEIESWIKWLKEILESSHLLTVIKMEEA
GDEIVSNAISYALYKAFSTNEQDKDNWNGQLKLLLEWNQLDLASDEIFTNDRRWESADLQEVMFTALIKDRPKFVRLFLE
NGLNLQKFLTNEVLTELFSTHFSTLVYRNLQIAKNSYNDALLTFVWKLVANFRRSFWKEDRSSREDLDVELHDASLTTRH
PLQALFIWAILQNKKELSKVIWEQTKGCTLAALGASKLLKTLAKVKNDINAAGESEELANEYETRAVELFTECYSNDEDL
AEQLLVYSCEAWGGSNCLELAVEATDQHFIAQPGVQNFLSKQWYGEISRDTKNWKIILCLFIIPLVGCGLVSFRKKPIDK
HKKLLWYYVAFFTSPFVVFSWNVVFYIAFLLLFAYVLLMDFHSVPHTPELILYALVFVLFCDEVRQWYMNGVNYFTDLWN
VMDTLGLFYFIAGIVFRLHSSNKSSLYSGRVIFCLDYIIFTLRLIHIFTVSRNLGPKIIMLQRMLIDVFFFLFLFAVWMV
AFGVARQGILRQNEQRWRWIFRSVIYEPYLAMFGQVPSDVDSTTYDFSHCTFSGNESKPLCVELDEHNLPRFPEWITIPL
VCIYMLSTNILLVNLLVAMFGYTVGIVQENNDQVWKFQRYFLVQEYCNRLNIPFPFVVFAYFYMVVKKCFKCCCKEKNME
SNACCFRNEDNETLAWEGVMKENYLVKINTKANDNSEEMRHRFRQLDSKLNDLKSLLKEIANNIKSNSLEVLFQGPDYKD
DDDKAHHHHHHHHHH
;
_entity_poly.pdbx_strand_id   A,B,C,D
#
# COMPACT_ATOMS: atom_id res chain seq x y z
N ASP A 41 -4.76 21.70 68.84
CA ASP A 41 -6.13 21.23 68.95
C ASP A 41 -6.20 19.72 68.70
N LEU A 42 -6.14 19.34 67.42
CA LEU A 42 -6.20 17.92 67.07
C LEU A 42 -5.03 17.14 67.66
N VAL A 43 -3.82 17.71 67.59
CA VAL A 43 -2.65 17.02 68.13
C VAL A 43 -2.79 16.83 69.63
N ASN A 44 -3.22 17.87 70.34
CA ASN A 44 -3.42 17.75 71.77
C ASN A 44 -4.51 16.73 72.09
N PHE A 45 -5.58 16.70 71.29
CA PHE A 45 -6.62 15.71 71.50
C PHE A 45 -6.08 14.29 71.33
N ILE A 46 -5.26 14.07 70.30
CA ILE A 46 -4.68 12.75 70.08
C ILE A 46 -3.79 12.36 71.25
N GLN A 47 -2.95 13.29 71.70
CA GLN A 47 -2.05 13.01 72.81
C GLN A 47 -2.83 12.66 74.07
N ALA A 48 -3.90 13.41 74.34
CA ALA A 48 -4.74 13.11 75.50
C ALA A 48 -5.40 11.76 75.37
N ASN A 49 -5.90 11.43 74.17
CA ASN A 49 -6.58 10.15 73.97
C ASN A 49 -5.63 8.99 74.22
N PHE A 50 -4.39 9.09 73.73
CA PHE A 50 -3.44 8.00 73.95
C PHE A 50 -2.89 8.03 75.38
N LYS A 51 -2.69 9.22 75.93
CA LYS A 51 -2.19 9.35 77.30
C LYS A 51 -0.79 8.73 77.43
N ASP A 102 3.51 11.03 74.12
CA ASP A 102 3.10 11.30 72.75
C ASP A 102 4.01 10.57 71.76
N ALA A 103 5.23 11.10 71.61
CA ALA A 103 6.21 10.52 70.69
C ALA A 103 5.66 10.46 69.26
N PHE A 104 4.90 11.48 68.88
CA PHE A 104 4.34 11.59 67.54
C PHE A 104 4.75 12.92 66.93
N GLY A 105 5.05 12.90 65.64
CA GLY A 105 5.43 14.11 64.95
C GLY A 105 4.94 14.20 63.52
N ASP A 106 4.53 15.39 63.09
CA ASP A 106 4.18 15.61 61.70
C ASP A 106 5.45 15.65 60.87
N ILE A 107 6.05 14.47 60.67
CA ILE A 107 7.36 14.39 60.01
C ILE A 107 7.27 14.93 58.60
N GLN A 108 8.28 15.73 58.22
CA GLN A 108 8.41 16.26 56.87
C GLN A 108 9.89 16.28 56.52
N PHE A 109 10.27 15.57 55.46
CA PHE A 109 11.68 15.48 55.08
C PHE A 109 12.09 16.71 54.27
N GLY A 116 4.54 12.26 55.68
CA GLY A 116 3.66 13.40 55.87
C GLY A 116 3.27 13.61 57.33
N LYS A 117 2.55 12.64 57.88
CA LYS A 117 2.13 12.69 59.28
C LYS A 117 2.31 11.32 59.91
N TYR A 118 3.18 11.22 60.91
CA TYR A 118 3.48 9.97 61.59
C TYR A 118 2.88 9.98 62.98
N LEU A 119 2.37 8.83 63.40
CA LEU A 119 1.75 8.70 64.73
C LEU A 119 2.15 7.37 65.34
N ARG A 120 1.98 7.28 66.66
CA ARG A 120 2.24 6.06 67.43
C ARG A 120 0.94 5.58 68.04
N LEU A 121 0.75 4.26 68.05
CA LEU A 121 -0.48 3.65 68.55
C LEU A 121 -0.13 2.44 69.39
N SER A 122 -0.96 2.17 70.39
CA SER A 122 -0.81 0.99 71.23
C SER A 122 -1.51 -0.20 70.59
N CYS A 123 -0.96 -1.39 70.83
CA CYS A 123 -1.56 -2.61 70.28
C CYS A 123 -2.99 -2.79 70.75
N ASP A 124 -3.32 -2.29 71.95
CA ASP A 124 -4.67 -2.39 72.49
C ASP A 124 -5.54 -1.20 72.15
N THR A 125 -5.04 -0.26 71.33
CA THR A 125 -5.80 0.93 71.00
C THR A 125 -7.10 0.56 70.27
N ASP A 126 -8.18 1.26 70.65
CA ASP A 126 -9.47 1.04 70.01
C ASP A 126 -9.43 1.42 68.53
N SER A 127 -10.00 0.57 67.69
CA SER A 127 -10.04 0.81 66.25
C SER A 127 -10.91 2.01 65.90
N GLU A 128 -12.06 2.12 66.56
CA GLU A 128 -12.95 3.24 66.29
C GLU A 128 -12.26 4.58 66.50
N THR A 129 -11.34 4.65 67.46
CA THR A 129 -10.60 5.89 67.65
C THR A 129 -9.79 6.24 66.41
N LEU A 130 -9.11 5.26 65.83
CA LEU A 130 -8.35 5.51 64.60
C LEU A 130 -9.27 5.97 63.47
N TYR A 131 -10.39 5.26 63.28
CA TYR A 131 -11.27 5.64 62.17
C TYR A 131 -11.83 7.05 62.39
N GLU A 132 -12.22 7.37 63.63
CA GLU A 132 -12.74 8.69 63.92
C GLU A 132 -11.69 9.77 63.67
N LEU A 133 -10.46 9.53 64.12
CA LEU A 133 -9.40 10.50 63.90
C LEU A 133 -9.20 10.74 62.40
N LEU A 134 -9.15 9.66 61.62
CA LEU A 134 -8.92 9.83 60.19
C LEU A 134 -10.07 10.57 59.53
N THR A 135 -11.31 10.25 59.90
CA THR A 135 -12.44 10.84 59.20
C THR A 135 -12.65 12.30 59.59
N GLN A 136 -12.56 12.61 60.88
CA GLN A 136 -12.97 13.93 61.38
C GLN A 136 -11.85 14.95 61.40
N HIS A 137 -10.60 14.55 61.18
CA HIS A 137 -9.47 15.47 61.22
C HIS A 137 -8.74 15.57 59.89
N TRP A 138 -8.36 14.44 59.30
CA TRP A 138 -7.46 14.42 58.15
C TRP A 138 -8.15 14.11 56.84
N HIS A 139 -8.87 12.99 56.76
CA HIS A 139 -9.34 12.46 55.48
C HIS A 139 -10.86 12.35 55.46
N LEU A 140 -11.39 12.36 54.24
CA LEU A 140 -12.80 12.14 53.99
C LEU A 140 -13.08 10.64 53.85
N LYS A 141 -14.28 10.24 54.23
CA LYS A 141 -14.64 8.82 54.18
C LYS A 141 -14.44 8.28 52.77
N THR A 142 -13.86 7.09 52.68
CA THR A 142 -13.42 6.54 51.40
C THR A 142 -14.34 5.42 50.96
N PRO A 143 -14.98 5.51 49.79
CA PRO A 143 -15.84 4.41 49.34
C PRO A 143 -15.11 3.08 49.19
N ASN A 144 -13.83 3.10 48.81
CA ASN A 144 -13.10 1.89 48.47
C ASN A 144 -11.80 1.80 49.24
N LEU A 145 -11.48 0.59 49.69
CA LEU A 145 -10.25 0.29 50.42
C LEU A 145 -9.51 -0.85 49.74
N VAL A 146 -8.19 -0.75 49.69
CA VAL A 146 -7.32 -1.79 49.18
C VAL A 146 -6.21 -2.02 50.19
N ILE A 147 -5.89 -3.28 50.45
CA ILE A 147 -4.86 -3.66 51.40
C ILE A 147 -3.82 -4.48 50.63
N SER A 148 -2.63 -3.91 50.47
CA SER A 148 -1.55 -4.60 49.77
C SER A 148 -0.60 -5.18 50.81
N VAL A 149 -0.37 -6.49 50.73
CA VAL A 149 0.46 -7.15 51.72
C VAL A 149 1.90 -6.70 51.56
N THR A 150 2.53 -6.30 52.67
CA THR A 150 3.89 -5.77 52.67
C THR A 150 4.76 -6.60 53.61
N GLY A 151 6.06 -6.43 53.45
CA GLY A 151 7.03 -7.15 54.25
C GLY A 151 7.37 -8.54 53.73
N GLY A 152 6.70 -8.99 52.67
CA GLY A 152 6.99 -10.32 52.17
C GLY A 152 8.41 -10.46 51.66
N ALA A 153 8.87 -9.47 50.90
CA ALA A 153 10.22 -9.47 50.34
C ALA A 153 10.92 -8.17 50.72
N LYS A 154 12.13 -8.29 51.24
CA LYS A 154 12.92 -7.11 51.56
C LYS A 154 13.30 -6.36 50.29
N ASN A 155 13.60 -7.09 49.22
CA ASN A 155 13.94 -6.51 47.93
C ASN A 155 12.83 -6.80 46.93
N PHE A 156 12.48 -5.79 46.13
CA PHE A 156 11.41 -5.89 45.14
C PHE A 156 11.98 -5.68 43.75
N ALA A 157 11.53 -6.51 42.82
CA ALA A 157 11.97 -6.43 41.42
C ALA A 157 10.93 -5.65 40.63
N LEU A 158 11.38 -4.59 39.96
CA LEU A 158 10.51 -3.73 39.17
C LEU A 158 10.30 -4.36 37.79
N LYS A 159 9.62 -5.51 37.81
CA LYS A 159 9.29 -6.18 36.56
C LYS A 159 8.09 -5.50 35.91
N PRO A 160 8.09 -5.37 34.57
CA PRO A 160 6.95 -4.70 33.92
C PRO A 160 5.61 -5.34 34.28
N ARG A 161 5.56 -6.67 34.33
CA ARG A 161 4.32 -7.35 34.70
C ARG A 161 3.90 -6.96 36.12
N MET A 162 4.85 -6.94 37.05
CA MET A 162 4.56 -6.60 38.44
C MET A 162 4.46 -5.10 38.66
N ARG A 163 4.91 -4.29 37.69
CA ARG A 163 4.95 -2.83 37.83
C ARG A 163 3.69 -2.16 37.28
N LYS A 164 3.34 -2.48 36.04
CA LYS A 164 2.18 -1.85 35.43
C LYS A 164 0.90 -2.18 36.19
N ILE A 165 0.83 -3.38 36.78
CA ILE A 165 -0.36 -3.74 37.55
C ILE A 165 -0.57 -2.77 38.70
N PHE A 166 0.50 -2.51 39.47
CA PHE A 166 0.37 -1.60 40.60
C PHE A 166 0.19 -0.16 40.15
N SER A 167 0.80 0.24 39.03
CA SER A 167 0.54 1.59 38.52
C SER A 167 -0.94 1.75 38.18
N ARG A 168 -1.53 0.75 37.52
CA ARG A 168 -2.95 0.81 37.20
C ARG A 168 -3.80 0.77 38.47
N LEU A 169 -3.39 -0.02 39.46
CA LEU A 169 -4.14 -0.06 40.72
C LEU A 169 -4.16 1.31 41.38
N ILE A 170 -3.01 2.00 41.39
CA ILE A 170 -2.95 3.32 42.00
C ILE A 170 -3.78 4.31 41.20
N TYR A 171 -3.77 4.19 39.87
CA TYR A 171 -4.62 5.05 39.05
C TYR A 171 -6.09 4.84 39.37
N ILE A 172 -6.50 3.57 39.53
CA ILE A 172 -7.88 3.27 39.87
C ILE A 172 -8.23 3.86 41.24
N ALA A 173 -7.34 3.70 42.21
CA ALA A 173 -7.61 4.23 43.54
C ALA A 173 -7.76 5.74 43.51
N GLN A 174 -6.92 6.43 42.73
CA GLN A 174 -7.07 7.86 42.57
C GLN A 174 -8.41 8.20 41.92
N SER A 175 -8.80 7.44 40.90
CA SER A 175 -10.07 7.72 40.23
C SER A 175 -11.24 7.59 41.18
N LYS A 176 -11.24 6.55 42.01
CA LYS A 176 -12.33 6.31 42.95
C LYS A 176 -12.04 6.83 44.35
N GLY A 177 -10.92 7.51 44.55
CA GLY A 177 -10.61 8.05 45.86
C GLY A 177 -10.51 7.01 46.95
N ALA A 178 -9.84 5.90 46.65
CA ALA A 178 -9.73 4.78 47.59
C ALA A 178 -8.53 4.96 48.50
N TRP A 179 -8.53 4.21 49.60
CA TRP A 179 -7.38 4.08 50.47
C TRP A 179 -6.54 2.88 50.06
N ILE A 180 -5.23 2.98 50.27
CA ILE A 180 -4.32 1.85 50.09
C ILE A 180 -3.51 1.69 51.36
N LEU A 181 -3.49 0.48 51.90
CA LEU A 181 -2.81 0.18 53.16
C LEU A 181 -1.59 -0.70 52.85
N THR A 182 -0.42 -0.23 53.26
CA THR A 182 0.83 -0.93 53.04
C THR A 182 1.68 -0.86 54.30
N GLY A 183 2.80 -1.58 54.28
CA GLY A 183 3.70 -1.57 55.43
C GLY A 183 4.38 -0.21 55.62
N GLY A 184 4.83 0.39 54.52
CA GLY A 184 5.51 1.67 54.58
C GLY A 184 7.02 1.60 54.67
N THR A 185 7.61 0.42 54.49
CA THR A 185 9.07 0.30 54.55
C THR A 185 9.71 1.03 53.38
N HIS A 186 10.91 1.57 53.62
CA HIS A 186 11.62 2.27 52.56
C HIS A 186 12.06 1.32 51.45
N TYR A 187 12.41 0.10 51.79
CA TYR A 187 12.93 -0.88 50.84
C TYR A 187 11.83 -1.83 50.42
N GLY A 188 11.69 -2.02 49.10
CA GLY A 188 10.75 -2.97 48.55
C GLY A 188 9.67 -2.30 47.72
N LEU A 189 8.50 -2.91 47.70
CA LEU A 189 7.39 -2.40 46.89
C LEU A 189 6.80 -1.12 47.49
N MET A 190 6.94 -0.94 48.80
CA MET A 190 6.37 0.23 49.45
C MET A 190 6.97 1.52 48.89
N LYS A 191 8.29 1.54 48.68
CA LYS A 191 8.92 2.74 48.11
C LYS A 191 8.41 3.02 46.71
N TYR A 192 8.25 1.98 45.90
CA TYR A 192 7.73 2.16 44.55
C TYR A 192 6.31 2.74 44.58
N ILE A 193 5.46 2.21 45.47
CA ILE A 193 4.10 2.74 45.58
C ILE A 193 4.12 4.18 46.03
N GLY A 194 5.00 4.51 47.00
CA GLY A 194 5.09 5.88 47.45
C GLY A 194 5.53 6.82 46.36
N GLU A 195 6.51 6.41 45.55
CA GLU A 195 6.95 7.25 44.44
C GLU A 195 5.83 7.43 43.42
N VAL A 196 5.09 6.36 43.13
CA VAL A 196 3.97 6.47 42.19
C VAL A 196 2.94 7.46 42.70
N VAL A 197 2.60 7.36 43.99
CA VAL A 197 1.62 8.28 44.58
C VAL A 197 2.14 9.71 44.52
N ARG A 198 3.43 9.89 44.82
CA ARG A 198 4.00 11.24 44.79
C ARG A 198 3.91 11.85 43.40
N ASP A 199 4.26 11.08 42.38
CA ASP A 199 4.20 11.63 41.02
C ASP A 199 2.76 11.89 40.60
N ASN A 200 1.83 10.99 40.97
CA ASN A 200 0.43 11.23 40.63
C ASN A 200 -0.09 12.50 41.29
N THR A 201 0.26 12.73 42.55
CA THR A 201 -0.12 13.98 43.20
C THR A 201 0.51 15.16 42.49
N ILE A 202 1.78 15.04 42.08
CA ILE A 202 2.40 16.07 41.26
C ILE A 202 1.67 16.20 39.94
N SER A 203 1.29 15.09 39.34
CA SER A 203 0.54 15.09 38.09
C SER A 203 -0.87 15.64 38.29
N GLU A 208 -3.30 14.21 46.94
CA GLU A 208 -4.46 15.04 47.26
C GLU A 208 -5.72 14.21 47.16
N ASN A 209 -6.15 13.90 45.93
CA ASN A 209 -7.32 13.05 45.73
C ASN A 209 -7.05 11.60 46.07
N ILE A 210 -5.79 11.17 46.10
CA ILE A 210 -5.41 9.80 46.45
C ILE A 210 -4.76 9.83 47.83
N VAL A 211 -5.17 8.90 48.70
CA VAL A 211 -4.67 8.80 50.06
C VAL A 211 -4.06 7.42 50.27
N ALA A 212 -2.82 7.39 50.76
CA ALA A 212 -2.12 6.16 51.08
C ALA A 212 -1.71 6.21 52.55
N ILE A 213 -1.99 5.14 53.27
CA ILE A 213 -1.69 5.05 54.70
C ILE A 213 -0.81 3.82 54.93
N GLY A 214 0.26 4.01 55.70
CA GLY A 214 1.19 2.95 56.01
C GLY A 214 1.11 2.56 57.48
N ILE A 215 1.34 1.28 57.77
CA ILE A 215 1.31 0.75 59.12
C ILE A 215 2.67 0.14 59.43
N ALA A 216 3.27 0.57 60.53
CA ALA A 216 4.61 0.14 60.91
C ALA A 216 4.61 -0.27 62.39
N ALA A 217 5.80 -0.59 62.89
CA ALA A 217 6.00 -0.98 64.28
C ALA A 217 6.93 0.03 64.94
N TRP A 218 6.44 0.68 65.99
CA TRP A 218 7.23 1.72 66.64
C TRP A 218 8.51 1.18 67.25
N GLY A 219 8.53 -0.08 67.66
CA GLY A 219 9.73 -0.67 68.24
C GLY A 219 10.74 -1.08 67.19
N MET A 220 10.25 -1.62 66.07
CA MET A 220 11.16 -2.06 65.02
C MET A 220 11.76 -0.90 64.23
N VAL A 221 11.01 0.19 64.06
CA VAL A 221 11.45 1.32 63.26
C VAL A 221 12.61 2.02 63.96
N SER A 222 13.32 2.88 63.23
CA SER A 222 14.40 3.65 63.80
C SER A 222 13.87 4.65 64.82
N ASN A 223 14.74 5.06 65.74
CA ASN A 223 14.36 6.01 66.77
C ASN A 223 13.83 7.29 66.14
N ARG A 224 12.69 7.75 66.63
CA ARG A 224 12.04 8.97 66.15
C ARG A 224 12.03 10.01 67.25
N ASP A 225 12.39 11.24 66.90
CA ASP A 225 12.45 12.31 67.88
C ASP A 225 11.07 12.58 68.47
N THR A 226 11.02 12.69 69.80
CA THR A 226 9.76 12.94 70.48
C THR A 226 9.26 14.35 70.17
N LEU A 227 7.94 14.49 70.14
CA LEU A 227 7.30 15.78 69.90
C LEU A 227 7.58 16.73 71.06
N PHE A 237 8.25 20.20 67.73
CA PHE A 237 6.93 19.77 67.25
C PHE A 237 7.07 18.82 66.07
N SER A 238 7.24 19.38 64.88
CA SER A 238 7.37 18.58 63.65
C SER A 238 8.85 18.25 63.44
N ALA A 239 9.29 17.18 64.10
CA ALA A 239 10.66 16.72 63.96
C ALA A 239 10.89 16.19 62.54
N GLN A 240 12.15 16.28 62.10
CA GLN A 240 12.55 15.86 60.76
C GLN A 240 13.59 14.76 60.85
N TYR A 241 13.45 13.75 60.00
CA TYR A 241 14.36 12.62 59.94
C TYR A 241 14.74 12.37 58.48
N ILE A 242 16.04 12.21 58.23
CA ILE A 242 16.53 11.94 56.88
C ILE A 242 17.50 10.77 56.95
N MET A 243 17.33 9.81 56.05
CA MET A 243 18.18 8.64 56.00
C MET A 243 17.77 7.70 54.87
N LEU A 251 17.11 -0.65 62.76
CA LEU A 251 17.03 -1.97 62.15
C LEU A 251 16.06 -1.98 60.98
N TYR A 252 15.14 -1.01 60.97
CA TYR A 252 14.15 -0.89 59.91
C TYR A 252 14.22 0.50 59.29
N ILE A 253 13.88 0.57 58.00
CA ILE A 253 13.86 1.81 57.25
C ILE A 253 12.46 2.04 56.72
N LEU A 254 11.93 3.24 56.93
CA LEU A 254 10.59 3.60 56.53
C LEU A 254 10.64 4.64 55.42
N ASP A 255 9.75 4.48 54.43
CA ASP A 255 9.75 5.37 53.28
C ASP A 255 9.38 6.79 53.68
N ASN A 256 8.22 6.97 54.31
CA ASN A 256 7.66 8.28 54.57
C ASN A 256 7.20 8.97 53.28
N ASN A 257 7.14 8.23 52.17
CA ASN A 257 6.52 8.75 50.96
C ASN A 257 5.00 8.72 51.06
N HIS A 258 4.47 7.78 51.85
CA HIS A 258 3.04 7.75 52.14
C HIS A 258 2.65 8.96 52.98
N THR A 259 1.45 9.48 52.74
CA THR A 259 1.02 10.70 53.40
C THR A 259 0.96 10.52 54.91
N HIS A 260 0.44 9.39 55.38
CA HIS A 260 0.25 9.15 56.80
C HIS A 260 0.80 7.77 57.16
N LEU A 261 1.49 7.71 58.30
CA LEU A 261 2.06 6.47 58.80
C LEU A 261 1.73 6.29 60.27
N LEU A 262 1.51 5.03 60.65
CA LEU A 262 1.17 4.65 62.01
C LEU A 262 2.15 3.58 62.49
N LEU A 263 2.72 3.78 63.67
CA LEU A 263 3.66 2.83 64.26
C LEU A 263 3.00 2.11 65.41
N VAL A 264 3.43 0.87 65.65
CA VAL A 264 2.84 0.01 66.67
C VAL A 264 3.65 0.15 67.95
N ASP A 265 3.01 0.65 69.00
CA ASP A 265 3.68 0.86 70.28
C ASP A 265 3.84 -0.45 71.04
N ASN A 266 4.57 -1.37 70.41
CA ASN A 266 4.85 -2.66 71.04
C ASN A 266 5.70 -2.44 72.30
N GLY A 267 5.47 -3.30 73.30
CA GLY A 267 6.20 -3.15 74.55
C GLY A 267 7.70 -3.26 74.36
N CYS A 268 8.13 -4.25 73.58
CA CYS A 268 9.55 -4.48 73.32
C CYS A 268 9.77 -4.52 71.82
N HIS A 269 10.76 -3.76 71.35
CA HIS A 269 11.09 -3.77 69.93
C HIS A 269 11.55 -5.15 69.50
N GLY A 270 11.03 -5.61 68.37
CA GLY A 270 11.39 -6.92 67.86
C GLY A 270 11.20 -6.99 66.35
N HIS A 271 12.04 -7.79 65.70
CA HIS A 271 11.93 -7.99 64.27
C HIS A 271 10.58 -8.57 63.85
N PRO A 272 10.07 -9.63 64.48
CA PRO A 272 8.80 -10.20 64.03
C PRO A 272 7.66 -9.19 64.13
N THR A 273 6.72 -9.30 63.19
CA THR A 273 5.60 -8.37 63.14
C THR A 273 4.82 -8.40 64.45
N VAL A 274 4.54 -7.22 64.99
CA VAL A 274 3.79 -7.09 66.24
C VAL A 274 2.65 -6.10 66.02
N GLU A 275 2.25 -5.91 64.76
CA GLU A 275 1.21 -4.96 64.42
C GLU A 275 0.11 -5.54 63.52
N ALA A 276 0.27 -6.78 63.04
CA ALA A 276 -0.77 -7.37 62.20
C ALA A 276 -2.13 -7.38 62.90
N LYS A 277 -2.14 -7.53 64.23
CA LYS A 277 -3.40 -7.52 64.96
C LYS A 277 -4.14 -6.22 64.74
N LEU A 278 -3.45 -5.09 64.83
CA LEU A 278 -4.09 -3.79 64.62
C LEU A 278 -4.61 -3.67 63.20
N ARG A 279 -3.84 -4.13 62.22
CA ARG A 279 -4.28 -4.06 60.84
C ARG A 279 -5.57 -4.85 60.62
N ASN A 280 -5.60 -6.08 61.12
CA ASN A 280 -6.79 -6.92 60.96
C ASN A 280 -7.99 -6.30 61.68
N GLN A 281 -7.77 -5.81 62.89
CA GLN A 281 -8.85 -5.18 63.63
C GLN A 281 -9.40 -3.97 62.89
N LEU A 282 -8.51 -3.14 62.34
CA LEU A 282 -8.95 -1.94 61.64
C LEU A 282 -9.74 -2.28 60.39
N GLU A 283 -9.25 -3.23 59.59
CA GLU A 283 -10.00 -3.61 58.40
C GLU A 283 -11.36 -4.19 58.75
N LYS A 284 -11.40 -5.07 59.76
CA LYS A 284 -12.68 -5.64 60.17
C LYS A 284 -13.64 -4.56 60.63
N TYR A 285 -13.15 -3.61 61.44
CA TYR A 285 -14.01 -2.54 61.92
C TYR A 285 -14.53 -1.68 60.78
N ILE A 286 -13.65 -1.34 59.83
CA ILE A 286 -14.10 -0.53 58.70
C ILE A 286 -15.18 -1.25 57.92
N SER A 287 -15.05 -2.57 57.77
CA SER A 287 -16.13 -3.32 57.13
C SER A 287 -17.43 -3.18 57.89
N GLU A 288 -17.37 -3.07 59.21
CA GLU A 288 -18.58 -2.95 60.02
C GLU A 288 -19.05 -1.49 60.10
N ARG A 289 -19.27 -0.88 58.94
CA ARG A 289 -19.81 0.47 58.86
C ARG A 289 -20.55 0.62 57.55
N THR A 290 -21.40 1.65 57.48
CA THR A 290 -22.30 1.84 56.36
C THR A 290 -22.02 3.17 55.68
N SER A 291 -21.95 3.15 54.35
CA SER A 291 -21.83 4.36 53.54
C SER A 291 -22.84 4.28 52.40
N GLN A 292 -23.78 5.23 52.38
CA GLN A 292 -24.85 5.18 51.40
C GLN A 292 -24.38 5.64 50.02
N ASP A 293 -23.41 6.55 49.96
CA ASP A 293 -22.99 7.12 48.68
C ASP A 293 -22.53 6.04 47.72
N SER A 294 -21.84 5.02 48.21
CA SER A 294 -21.22 4.03 47.34
C SER A 294 -22.29 3.15 46.68
N ASN A 295 -21.95 2.64 45.50
CA ASN A 295 -22.85 1.73 44.80
C ASN A 295 -22.98 0.41 45.55
N TYR A 296 -21.97 0.03 46.32
CA TYR A 296 -22.06 -1.16 47.16
C TYR A 296 -23.27 -1.05 48.08
N GLY A 297 -23.71 -2.20 48.59
CA GLY A 297 -24.96 -2.23 49.32
C GLY A 297 -24.80 -1.77 50.75
N GLY A 298 -24.60 -0.46 50.94
CA GLY A 298 -24.51 0.08 52.28
C GLY A 298 -23.32 -0.39 53.07
N LYS A 299 -22.25 -0.83 52.40
CA LYS A 299 -21.01 -1.22 53.06
C LYS A 299 -19.83 -0.72 52.24
N ILE A 300 -18.68 -0.64 52.89
CA ILE A 300 -17.44 -0.17 52.26
C ILE A 300 -16.66 -1.39 51.80
N PRO A 301 -16.45 -1.58 50.49
CA PRO A 301 -15.69 -2.75 50.03
C PRO A 301 -14.26 -2.75 50.55
N ILE A 302 -13.74 -3.95 50.82
CA ILE A 302 -12.37 -4.14 51.30
C ILE A 302 -11.81 -5.37 50.59
N VAL A 303 -10.83 -5.19 49.72
CA VAL A 303 -10.25 -6.30 48.95
C VAL A 303 -8.75 -6.34 49.19
N CYS A 304 -8.24 -7.55 49.49
CA CYS A 304 -6.81 -7.73 49.70
C CYS A 304 -6.08 -7.79 48.35
N PHE A 305 -4.81 -7.37 48.35
CA PHE A 305 -3.94 -7.50 47.17
C PHE A 305 -2.67 -8.21 47.60
N ALA A 306 -2.59 -9.51 47.33
CA ALA A 306 -1.43 -10.33 47.63
C ALA A 306 -0.72 -10.69 46.33
N GLN A 307 0.32 -9.93 46.00
CA GLN A 307 1.16 -10.21 44.84
C GLN A 307 2.52 -10.78 45.24
N GLY A 308 3.12 -10.26 46.31
CA GLY A 308 4.33 -10.82 46.86
C GLY A 308 4.06 -11.71 48.06
N GLY A 309 4.14 -13.02 47.85
CA GLY A 309 3.81 -13.96 48.90
C GLY A 309 4.88 -14.07 49.97
N GLY A 310 4.52 -14.71 51.07
CA GLY A 310 5.42 -14.90 52.18
C GLY A 310 4.69 -15.56 53.34
N ARG A 311 5.42 -15.74 54.43
CA ARG A 311 4.82 -16.35 55.62
C ARG A 311 3.75 -15.44 56.21
N GLU A 312 4.13 -14.22 56.58
CA GLU A 312 3.15 -13.28 57.12
C GLU A 312 2.05 -12.98 56.12
N THR A 313 2.38 -13.01 54.82
CA THR A 313 1.34 -12.83 53.81
C THR A 313 0.32 -13.95 53.86
N LEU A 314 0.80 -15.20 54.00
CA LEU A 314 -0.11 -16.33 54.12
C LEU A 314 -0.98 -16.19 55.36
N LYS A 315 -0.37 -15.78 56.49
CA LYS A 315 -1.15 -15.62 57.71
C LYS A 315 -2.21 -14.54 57.54
N ALA A 316 -1.85 -13.44 56.88
CA ALA A 316 -2.82 -12.37 56.66
C ALA A 316 -3.97 -12.84 55.79
N ILE A 317 -3.67 -13.63 54.75
CA ILE A 317 -4.73 -14.16 53.88
C ILE A 317 -5.65 -15.09 54.66
N ASN A 318 -5.06 -15.97 55.49
CA ASN A 318 -5.86 -16.87 56.31
C ASN A 318 -6.76 -16.08 57.26
N THR A 319 -6.22 -15.04 57.89
CA THR A 319 -7.05 -14.19 58.74
C THR A 319 -8.10 -13.44 57.92
N SER A 320 -7.79 -13.13 56.66
CA SER A 320 -8.77 -12.47 55.81
C SER A 320 -10.00 -13.33 55.61
N VAL A 321 -9.81 -14.64 55.41
CA VAL A 321 -10.97 -15.50 55.24
C VAL A 321 -11.88 -15.39 56.46
N LYS A 322 -11.29 -15.47 57.66
CA LYS A 322 -12.07 -15.32 58.88
C LYS A 322 -12.75 -13.95 58.92
N SER A 323 -12.06 -12.92 58.42
CA SER A 323 -12.63 -11.58 58.34
C SER A 323 -13.74 -11.49 57.31
N LYS A 324 -13.91 -12.51 56.48
CA LYS A 324 -14.98 -12.53 55.46
C LYS A 324 -14.84 -11.34 54.50
N ILE A 325 -13.62 -11.06 54.08
CA ILE A 325 -13.35 -9.99 53.12
C ILE A 325 -12.66 -10.58 51.89
N PRO A 326 -12.98 -10.10 50.68
CA PRO A 326 -12.33 -10.65 49.49
C PRO A 326 -10.84 -10.38 49.46
N CYS A 327 -10.11 -11.33 48.88
CA CYS A 327 -8.68 -11.21 48.62
C CYS A 327 -8.41 -11.57 47.17
N VAL A 328 -7.47 -10.87 46.56
CA VAL A 328 -7.03 -11.14 45.19
C VAL A 328 -5.54 -11.43 45.23
N VAL A 329 -5.14 -12.53 44.58
CA VAL A 329 -3.76 -13.00 44.60
C VAL A 329 -3.24 -13.02 43.17
N VAL A 330 -2.02 -12.51 42.99
CA VAL A 330 -1.39 -12.48 41.68
C VAL A 330 -0.82 -13.85 41.36
N GLU A 331 -0.83 -14.21 40.08
CA GLU A 331 -0.27 -15.46 39.60
C GLU A 331 0.85 -15.16 38.61
N GLY A 332 1.83 -16.07 38.57
CA GLY A 332 3.00 -15.87 37.75
C GLY A 332 4.09 -15.03 38.39
N SER A 333 3.89 -14.58 39.62
CA SER A 333 4.90 -13.78 40.31
C SER A 333 4.67 -13.91 41.81
N GLY A 334 5.69 -13.54 42.57
CA GLY A 334 5.61 -13.59 44.01
C GLY A 334 6.26 -14.84 44.57
N GLN A 335 6.81 -14.71 45.79
CA GLN A 335 7.46 -15.84 46.44
C GLN A 335 6.47 -16.97 46.70
N ILE A 336 5.34 -16.66 47.34
CA ILE A 336 4.33 -17.65 47.69
C ILE A 336 3.04 -17.47 46.91
N ALA A 337 2.84 -16.32 46.26
CA ALA A 337 1.60 -16.08 45.52
C ALA A 337 1.42 -17.11 44.41
N ASP A 338 2.51 -17.45 43.72
CA ASP A 338 2.43 -18.45 42.66
C ASP A 338 1.98 -19.79 43.22
N VAL A 339 2.39 -20.11 44.45
CA VAL A 339 1.97 -21.37 45.07
C VAL A 339 0.46 -21.40 45.22
N ILE A 340 -0.12 -20.30 45.70
CA ILE A 340 -1.58 -20.23 45.85
C ILE A 340 -2.25 -20.37 44.49
N ALA A 341 -1.77 -19.59 43.51
CA ALA A 341 -2.36 -19.62 42.17
C ALA A 341 -2.31 -21.01 41.56
N SER A 342 -1.25 -21.77 41.84
CA SER A 342 -1.17 -23.14 41.34
C SER A 342 -2.05 -24.08 42.15
N LEU A 343 -2.16 -23.86 43.46
CA LEU A 343 -2.93 -24.75 44.31
C LEU A 343 -4.41 -24.71 43.97
N VAL A 344 -4.94 -23.53 43.67
CA VAL A 344 -6.39 -23.46 43.38
C VAL A 344 -6.73 -24.38 42.22
N GLU A 345 -5.88 -24.42 41.20
CA GLU A 345 -6.12 -25.29 40.05
C GLU A 345 -5.91 -26.75 40.42
N VAL A 349 -12.22 -33.41 45.64
CA VAL A 349 -12.08 -33.30 47.09
C VAL A 349 -10.73 -32.67 47.43
N LEU A 350 -10.44 -32.60 48.72
CA LEU A 350 -9.19 -32.03 49.22
C LEU A 350 -8.28 -33.15 49.71
N THR A 351 -7.06 -33.17 49.22
CA THR A 351 -6.05 -34.16 49.60
C THR A 351 -4.86 -33.45 50.23
N SER A 352 -4.45 -33.93 51.41
CA SER A 352 -3.33 -33.31 52.11
C SER A 352 -2.04 -33.39 51.29
N SER A 353 -1.79 -34.54 50.66
CA SER A 353 -0.57 -34.69 49.88
C SER A 353 -0.52 -33.71 48.72
N MET A 354 -1.65 -33.50 48.04
CA MET A 354 -1.68 -32.59 46.91
C MET A 354 -1.34 -31.17 47.34
N VAL A 355 -1.87 -30.72 48.48
CA VAL A 355 -1.60 -29.37 48.95
C VAL A 355 -0.26 -29.26 49.65
N LYS A 356 0.38 -30.38 49.98
CA LYS A 356 1.66 -30.35 50.68
C LYS A 356 2.86 -30.45 49.73
N GLU A 357 2.77 -31.29 48.70
CA GLU A 357 3.94 -31.55 47.86
C GLU A 357 4.40 -30.30 47.12
N LYS A 358 3.46 -29.57 46.53
CA LYS A 358 3.82 -28.46 45.63
C LYS A 358 4.60 -27.38 46.37
N LEU A 359 4.14 -27.01 47.57
CA LEU A 359 4.73 -25.90 48.30
C LEU A 359 6.21 -26.14 48.55
N VAL A 360 6.56 -27.34 49.02
CA VAL A 360 7.94 -27.63 49.36
C VAL A 360 8.83 -27.50 48.13
N ARG A 361 8.37 -28.06 47.00
CA ARG A 361 9.18 -27.99 45.79
C ARG A 361 9.36 -26.55 45.32
N PHE A 362 8.29 -25.75 45.34
CA PHE A 362 8.40 -24.44 44.72
C PHE A 362 9.39 -23.54 45.45
N LEU A 363 9.56 -23.71 46.76
CA LEU A 363 10.38 -22.82 47.59
C LEU A 363 11.36 -23.64 48.43
N PRO A 364 12.42 -24.18 47.81
CA PRO A 364 13.37 -24.98 48.59
C PRO A 364 14.05 -24.23 49.73
N ARG A 365 14.42 -22.96 49.51
CA ARG A 365 15.11 -22.21 50.57
C ARG A 365 14.18 -21.94 51.74
N THR A 366 12.95 -21.52 51.47
CA THR A 366 12.02 -21.21 52.55
C THR A 366 11.73 -22.44 53.40
N VAL A 367 11.51 -23.58 52.76
CA VAL A 367 11.27 -24.81 53.51
C VAL A 367 12.53 -25.24 54.25
N SER A 368 13.69 -25.06 53.62
CA SER A 368 14.95 -25.45 54.26
C SER A 368 15.18 -24.67 55.54
N ARG A 369 14.96 -23.35 55.49
CA ARG A 369 15.16 -22.52 56.69
C ARG A 369 14.19 -22.89 57.79
N LEU A 370 12.92 -23.10 57.45
CA LEU A 370 11.91 -23.33 58.47
C LEU A 370 12.08 -24.71 59.10
N PRO A 371 11.70 -24.85 60.37
CA PRO A 371 11.74 -26.17 61.02
C PRO A 371 10.57 -27.04 60.58
N GLU A 372 10.67 -28.33 60.93
CA GLU A 372 9.59 -29.26 60.62
C GLU A 372 8.29 -28.86 61.29
N GLU A 373 8.36 -28.15 62.42
CA GLU A 373 7.14 -27.71 63.09
C GLU A 373 6.41 -26.64 62.30
N GLU A 374 7.13 -25.87 61.48
CA GLU A 374 6.49 -24.82 60.69
C GLU A 374 5.74 -25.36 59.48
N ILE A 375 6.23 -26.45 58.88
CA ILE A 375 5.64 -26.95 57.64
C ILE A 375 4.22 -27.44 57.89
N GLU A 376 3.98 -28.11 59.02
CA GLU A 376 2.64 -28.59 59.33
C GLU A 376 1.66 -27.44 59.47
N SER A 377 2.07 -26.37 60.15
CA SER A 377 1.22 -25.19 60.27
C SER A 377 0.94 -24.56 58.91
N TRP A 378 1.96 -24.49 58.07
CA TRP A 378 1.77 -23.95 56.72
C TRP A 378 0.75 -24.76 55.94
N ILE A 379 0.85 -26.10 56.01
CA ILE A 379 -0.10 -26.94 55.28
C ILE A 379 -1.50 -26.76 55.83
N LYS A 380 -1.63 -26.61 57.16
CA LYS A 380 -2.94 -26.36 57.74
C LYS A 380 -3.53 -25.05 57.24
N TRP A 381 -2.72 -23.99 57.15
CA TRP A 381 -3.21 -22.72 56.62
C TRP A 381 -3.62 -22.85 55.16
N LEU A 382 -2.85 -23.60 54.36
CA LEU A 382 -3.25 -23.82 52.97
C LEU A 382 -4.58 -24.57 52.91
N LYS A 383 -4.76 -25.58 53.76
CA LYS A 383 -6.06 -26.23 53.86
C LYS A 383 -7.15 -25.25 54.23
N GLU A 384 -6.85 -24.27 55.09
CA GLU A 384 -7.82 -23.23 55.38
C GLU A 384 -8.21 -22.48 54.11
N ILE A 385 -7.22 -22.11 53.29
CA ILE A 385 -7.55 -21.43 52.03
C ILE A 385 -8.45 -22.33 51.19
N LEU A 386 -8.07 -23.60 51.07
CA LEU A 386 -8.87 -24.56 50.31
C LEU A 386 -10.28 -24.69 50.87
N GLU A 387 -10.48 -24.36 52.15
CA GLU A 387 -11.79 -24.49 52.76
C GLU A 387 -12.81 -23.58 52.07
N SER A 388 -12.42 -22.34 51.77
CA SER A 388 -13.33 -21.35 51.20
C SER A 388 -12.74 -20.84 49.89
N SER A 389 -13.25 -21.36 48.77
CA SER A 389 -12.78 -20.96 47.45
C SER A 389 -13.49 -19.73 46.91
N HIS A 390 -14.71 -19.45 47.38
CA HIS A 390 -15.47 -18.33 46.84
C HIS A 390 -14.77 -17.00 47.11
N LEU A 391 -14.33 -16.79 48.35
CA LEU A 391 -13.79 -15.49 48.72
C LEU A 391 -12.52 -15.16 47.94
N LEU A 392 -11.60 -16.11 47.81
CA LEU A 392 -10.34 -15.85 47.14
C LEU A 392 -10.56 -15.66 45.65
N THR A 393 -9.73 -14.81 45.04
CA THR A 393 -9.72 -14.65 43.60
C THR A 393 -8.28 -14.63 43.12
N VAL A 394 -8.07 -15.10 41.89
CA VAL A 394 -6.75 -15.20 41.29
C VAL A 394 -6.72 -14.33 40.04
N ILE A 395 -5.65 -13.56 39.88
CA ILE A 395 -5.42 -12.76 38.68
C ILE A 395 -4.16 -13.29 38.01
N LYS A 396 -4.32 -13.92 36.86
CA LYS A 396 -3.21 -14.45 36.08
C LYS A 396 -2.79 -13.40 35.06
N MET A 397 -1.59 -12.85 35.24
CA MET A 397 -1.09 -11.79 34.36
C MET A 397 -0.45 -12.33 33.09
N GLU A 398 -0.38 -13.66 32.93
CA GLU A 398 0.26 -14.23 31.74
C GLU A 398 -0.46 -13.83 30.46
N GLU A 399 -1.75 -13.51 30.55
CA GLU A 399 -2.56 -13.19 29.38
C GLU A 399 -3.38 -11.92 29.66
N ALA A 400 -4.14 -11.51 28.65
CA ALA A 400 -5.06 -10.39 28.76
C ALA A 400 -4.30 -9.06 28.89
N GLY A 401 -5.01 -7.95 28.74
CA GLY A 401 -4.38 -6.65 28.69
C GLY A 401 -4.49 -5.84 29.97
N ASP A 402 -4.94 -4.59 29.85
CA ASP A 402 -4.99 -3.71 31.02
C ASP A 402 -6.19 -4.02 31.93
N GLU A 403 -7.36 -4.29 31.34
CA GLU A 403 -8.58 -4.38 32.13
C GLU A 403 -8.44 -5.36 33.29
N ILE A 404 -7.51 -6.31 33.23
CA ILE A 404 -7.37 -7.28 34.31
C ILE A 404 -7.23 -6.55 35.64
N VAL A 405 -6.43 -5.49 35.69
CA VAL A 405 -6.21 -4.81 36.96
C VAL A 405 -7.54 -4.34 37.54
N SER A 406 -8.40 -3.78 36.69
CA SER A 406 -9.68 -3.29 37.14
C SER A 406 -10.78 -4.34 37.07
N ASN A 407 -10.51 -5.51 36.49
CA ASN A 407 -11.54 -6.54 36.38
C ASN A 407 -11.56 -7.42 37.63
N ALA A 408 -10.45 -8.09 37.91
CA ALA A 408 -10.40 -9.01 39.05
C ALA A 408 -10.92 -8.34 40.30
N ILE A 409 -10.40 -7.16 40.62
CA ILE A 409 -10.87 -6.42 41.79
C ILE A 409 -12.39 -6.36 41.80
N SER A 410 -12.97 -5.80 40.75
CA SER A 410 -14.43 -5.72 40.67
C SER A 410 -15.04 -7.10 40.82
N TYR A 411 -14.51 -8.08 40.09
CA TYR A 411 -15.02 -9.44 40.20
C TYR A 411 -15.00 -9.88 41.65
N ALA A 412 -13.87 -9.66 42.33
CA ALA A 412 -13.76 -10.07 43.73
C ALA A 412 -14.91 -9.51 44.55
N LEU A 413 -15.27 -8.25 44.30
CA LEU A 413 -16.36 -7.65 45.06
C LEU A 413 -17.68 -8.35 44.74
N TYR A 414 -17.95 -8.60 43.47
CA TYR A 414 -19.26 -9.12 43.08
C TYR A 414 -19.57 -10.41 43.83
N LYS A 415 -18.63 -11.35 43.83
CA LYS A 415 -18.85 -12.61 44.53
C LYS A 415 -19.26 -12.34 45.97
N ALA A 416 -18.56 -11.44 46.66
CA ALA A 416 -18.92 -11.14 48.04
C ALA A 416 -20.35 -10.64 48.12
N PHE A 417 -20.73 -9.73 47.23
CA PHE A 417 -22.09 -9.20 47.27
C PHE A 417 -23.12 -10.30 47.02
N SER A 418 -22.72 -11.39 46.37
CA SER A 418 -23.64 -12.51 46.17
C SER A 418 -23.79 -13.35 47.43
N THR A 419 -22.76 -13.41 48.27
CA THR A 419 -22.80 -14.30 49.43
C THR A 419 -23.93 -13.90 50.38
N ASN A 420 -24.08 -12.60 50.65
CA ASN A 420 -25.17 -12.14 51.50
C ASN A 420 -26.52 -12.51 50.90
N GLU A 421 -27.38 -13.12 51.72
CA GLU A 421 -28.71 -13.49 51.26
C GLU A 421 -29.56 -12.27 50.94
N GLN A 422 -29.53 -11.26 51.81
CA GLN A 422 -30.28 -10.04 51.53
C GLN A 422 -29.76 -9.36 50.27
N ASP A 423 -28.45 -9.34 50.08
CA ASP A 423 -27.88 -8.81 48.85
C ASP A 423 -28.32 -9.65 47.65
N LYS A 424 -28.29 -10.97 47.78
CA LYS A 424 -28.75 -11.82 46.69
C LYS A 424 -30.21 -11.56 46.36
N ASP A 425 -31.00 -11.14 47.35
CA ASP A 425 -32.42 -10.88 47.12
C ASP A 425 -32.62 -9.81 46.05
N ASN A 426 -31.82 -8.75 46.10
CA ASN A 426 -32.03 -7.59 45.22
C ASN A 426 -31.10 -7.65 44.01
N TRP A 427 -31.70 -7.55 42.82
CA TRP A 427 -30.93 -7.38 41.60
C TRP A 427 -30.25 -6.01 41.55
N ASN A 428 -30.87 -5.00 42.15
CA ASN A 428 -30.42 -3.62 41.96
C ASN A 428 -29.00 -3.41 42.47
N GLY A 429 -28.67 -4.00 43.61
CA GLY A 429 -27.33 -3.82 44.15
C GLY A 429 -26.25 -4.34 43.22
N GLN A 430 -26.42 -5.57 42.74
CA GLN A 430 -25.45 -6.15 41.82
C GLN A 430 -25.38 -5.35 40.52
N LEU A 431 -26.54 -4.94 40.02
CA LEU A 431 -26.56 -4.18 38.77
C LEU A 431 -25.81 -2.87 38.92
N LYS A 432 -26.11 -2.10 39.97
CA LYS A 432 -25.43 -0.84 40.19
C LYS A 432 -23.93 -1.04 40.38
N LEU A 433 -23.55 -2.09 41.11
CA LEU A 433 -22.13 -2.35 41.32
C LEU A 433 -21.41 -2.61 40.00
N LEU A 434 -21.96 -3.52 39.19
CA LEU A 434 -21.33 -3.85 37.92
C LEU A 434 -21.28 -2.64 37.00
N LEU A 435 -22.36 -1.84 37.01
CA LEU A 435 -22.37 -0.62 36.20
C LEU A 435 -21.29 0.34 36.65
N GLU A 436 -21.11 0.49 37.96
CA GLU A 436 -20.07 1.37 38.47
C GLU A 436 -18.69 0.89 38.05
N TRP A 437 -18.46 -0.42 38.08
CA TRP A 437 -17.17 -0.96 37.68
C TRP A 437 -17.07 -1.28 36.20
N ASN A 438 -18.15 -1.11 35.44
CA ASN A 438 -18.12 -1.19 33.98
C ASN A 438 -17.65 -2.57 33.50
N GLN A 439 -18.31 -3.61 34.00
CA GLN A 439 -18.10 -4.98 33.54
C GLN A 439 -19.37 -5.41 32.81
N LEU A 440 -19.38 -5.19 31.49
CA LEU A 440 -20.57 -5.49 30.70
C LEU A 440 -20.89 -6.97 30.71
N ASP A 441 -19.88 -7.82 30.54
CA ASP A 441 -20.13 -9.24 30.35
C ASP A 441 -20.80 -9.85 31.57
N LEU A 442 -20.30 -9.54 32.77
CA LEU A 442 -20.84 -10.14 33.98
C LEU A 442 -22.31 -9.79 34.17
N ALA A 443 -22.66 -8.51 34.00
CA ALA A 443 -24.05 -8.09 34.16
C ALA A 443 -24.93 -8.66 33.06
N SER A 444 -24.44 -8.66 31.81
CA SER A 444 -25.25 -9.17 30.71
C SER A 444 -25.55 -10.64 30.89
N ASP A 445 -24.58 -11.43 31.32
CA ASP A 445 -24.77 -12.87 31.41
C ASP A 445 -25.48 -13.27 32.70
N GLU A 446 -24.91 -12.90 33.85
CA GLU A 446 -25.41 -13.44 35.11
C GLU A 446 -26.72 -12.77 35.54
N ILE A 447 -26.88 -11.47 35.28
CA ILE A 447 -28.02 -10.73 35.79
C ILE A 447 -29.15 -10.72 34.77
N PHE A 448 -28.88 -10.16 33.58
CA PHE A 448 -29.95 -9.98 32.60
C PHE A 448 -30.42 -11.28 31.96
N THR A 449 -29.70 -12.38 32.15
CA THR A 449 -30.16 -13.68 31.68
C THR A 449 -31.13 -14.35 32.64
N ASN A 450 -31.42 -13.71 33.77
CA ASN A 450 -32.35 -14.29 34.73
C ASN A 450 -33.71 -14.55 34.11
N ASP A 451 -34.13 -13.70 33.17
CA ASP A 451 -35.40 -13.78 32.45
C ASP A 451 -36.57 -13.28 33.29
N ARG A 452 -36.34 -12.81 34.51
CA ARG A 452 -37.43 -12.26 35.30
C ARG A 452 -37.90 -10.94 34.71
N ARG A 453 -39.13 -10.55 35.06
CA ARG A 453 -39.73 -9.35 34.48
C ARG A 453 -38.85 -8.14 34.74
N TRP A 454 -38.65 -7.34 33.69
CA TRP A 454 -37.86 -6.10 33.77
C TRP A 454 -38.82 -4.93 33.53
N GLU A 455 -39.21 -4.26 34.60
CA GLU A 455 -40.15 -3.16 34.49
C GLU A 455 -39.43 -1.88 34.06
N SER A 456 -40.22 -0.92 33.56
CA SER A 456 -39.65 0.28 32.95
C SER A 456 -38.87 1.11 33.96
N ALA A 457 -39.39 1.28 35.18
CA ALA A 457 -38.77 2.19 36.14
C ALA A 457 -37.36 1.74 36.53
N ASP A 458 -37.16 0.44 36.70
CA ASP A 458 -35.82 -0.11 36.95
C ASP A 458 -34.81 0.47 35.97
N LEU A 459 -35.00 0.16 34.70
CA LEU A 459 -34.04 0.58 33.70
C LEU A 459 -34.07 2.09 33.51
N GLN A 460 -35.17 2.74 33.86
CA GLN A 460 -35.19 4.20 33.86
C GLN A 460 -34.12 4.75 34.81
N GLU A 461 -34.13 4.27 36.06
CA GLU A 461 -33.14 4.72 37.04
C GLU A 461 -31.73 4.33 36.62
N VAL A 462 -31.53 3.08 36.19
CA VAL A 462 -30.17 2.65 35.88
C VAL A 462 -29.67 3.34 34.61
N MET A 463 -30.57 3.68 33.68
CA MET A 463 -30.17 4.41 32.48
C MET A 463 -29.79 5.84 32.82
N PHE A 464 -30.55 6.49 33.71
CA PHE A 464 -30.18 7.83 34.12
C PHE A 464 -28.81 7.84 34.78
N THR A 465 -28.54 6.86 35.65
CA THR A 465 -27.22 6.84 36.28
C THR A 465 -26.13 6.39 35.31
N ALA A 466 -26.49 5.66 34.24
CA ALA A 466 -25.48 5.26 33.26
C ALA A 466 -25.07 6.40 32.36
N LEU A 467 -26.02 7.24 31.94
CA LEU A 467 -25.70 8.31 31.01
C LEU A 467 -24.67 9.28 31.60
N ILE A 468 -24.84 9.62 32.89
CA ILE A 468 -23.96 10.60 33.51
C ILE A 468 -22.51 10.11 33.53
N LYS A 469 -22.31 8.84 33.88
CA LYS A 469 -20.97 8.30 34.06
C LYS A 469 -20.30 7.88 32.77
N ASP A 470 -20.90 8.16 31.61
CA ASP A 470 -20.30 7.87 30.31
C ASP A 470 -20.05 6.37 30.15
N ARG A 471 -21.14 5.60 30.18
CA ARG A 471 -21.12 4.15 29.99
C ARG A 471 -21.96 3.83 28.76
N PRO A 472 -21.36 3.83 27.56
CA PRO A 472 -22.17 3.60 26.35
C PRO A 472 -22.64 2.17 26.20
N LYS A 473 -21.77 1.20 26.52
CA LYS A 473 -22.13 -0.20 26.33
C LYS A 473 -23.32 -0.58 27.21
N PHE A 474 -23.35 -0.09 28.45
CA PHE A 474 -24.50 -0.36 29.31
C PHE A 474 -25.77 0.29 28.76
N VAL A 475 -25.65 1.48 28.16
CA VAL A 475 -26.81 2.11 27.53
C VAL A 475 -27.34 1.21 26.42
N ARG A 476 -26.45 0.69 25.58
CA ARG A 476 -26.87 -0.21 24.51
C ARG A 476 -27.52 -1.46 25.09
N LEU A 477 -26.96 -2.00 26.16
CA LEU A 477 -27.52 -3.21 26.76
C LEU A 477 -28.93 -2.94 27.29
N PHE A 478 -29.13 -1.81 27.95
CA PHE A 478 -30.47 -1.47 28.46
C PHE A 478 -31.45 -1.31 27.31
N LEU A 479 -31.05 -0.60 26.25
CA LEU A 479 -31.94 -0.42 25.12
C LEU A 479 -32.30 -1.77 24.50
N GLU A 480 -31.33 -2.67 24.36
CA GLU A 480 -31.61 -3.99 23.82
C GLU A 480 -32.58 -4.75 24.71
N ASN A 481 -32.34 -4.76 26.02
CA ASN A 481 -33.19 -5.50 26.94
C ASN A 481 -34.56 -4.87 27.12
N GLY A 482 -34.76 -3.64 26.63
CA GLY A 482 -36.09 -3.08 26.57
C GLY A 482 -36.29 -1.86 27.43
N LEU A 483 -36.30 -0.70 26.79
CA LEU A 483 -36.52 0.56 27.50
C LEU A 483 -37.04 1.58 26.51
N ASN A 484 -38.27 2.03 26.69
CA ASN A 484 -38.86 3.03 25.81
C ASN A 484 -38.15 4.35 26.05
N LEU A 485 -37.20 4.68 25.17
CA LEU A 485 -36.39 5.88 25.36
C LEU A 485 -37.23 7.14 25.32
N GLN A 486 -38.24 7.19 24.45
CA GLN A 486 -39.10 8.35 24.38
C GLN A 486 -39.84 8.57 25.70
N LYS A 487 -40.33 7.49 26.31
CA LYS A 487 -40.94 7.60 27.63
C LYS A 487 -39.94 8.10 28.66
N PHE A 488 -38.71 7.58 28.60
CA PHE A 488 -37.70 7.95 29.60
C PHE A 488 -37.34 9.42 29.51
N LEU A 489 -37.17 9.94 28.30
CA LEU A 489 -36.71 11.32 28.10
C LEU A 489 -37.87 12.27 28.38
N THR A 490 -38.13 12.50 29.65
CA THR A 490 -39.09 13.51 30.07
C THR A 490 -38.46 14.90 29.97
N ASN A 491 -39.31 15.92 30.04
CA ASN A 491 -38.81 17.28 30.04
C ASN A 491 -37.92 17.54 31.26
N GLU A 492 -38.32 17.02 32.42
CA GLU A 492 -37.54 17.20 33.63
C GLU A 492 -36.15 16.58 33.48
N VAL A 493 -36.09 15.37 32.95
CA VAL A 493 -34.79 14.70 32.80
C VAL A 493 -33.89 15.50 31.87
N LEU A 494 -34.44 15.96 30.75
CA LEU A 494 -33.62 16.70 29.79
C LEU A 494 -33.13 18.02 30.38
N THR A 495 -34.01 18.76 31.05
CA THR A 495 -33.59 20.04 31.61
C THR A 495 -32.54 19.84 32.70
N GLU A 496 -32.72 18.82 33.55
CA GLU A 496 -31.72 18.54 34.57
C GLU A 496 -30.38 18.15 33.94
N LEU A 497 -30.43 17.31 32.90
CA LEU A 497 -29.21 16.86 32.25
C LEU A 497 -28.47 18.03 31.60
N PHE A 498 -29.21 18.95 31.00
CA PHE A 498 -28.59 20.10 30.37
C PHE A 498 -28.10 21.13 31.39
N SER A 499 -28.72 21.18 32.57
CA SER A 499 -28.35 22.19 33.55
C SER A 499 -27.16 21.74 34.40
N THR A 500 -27.25 20.56 35.00
CA THR A 500 -26.27 20.17 36.02
C THR A 500 -25.04 19.49 35.44
N HIS A 501 -25.21 18.64 34.42
CA HIS A 501 -24.13 17.82 33.91
C HIS A 501 -23.53 18.36 32.62
N PHE A 502 -23.82 19.60 32.27
CA PHE A 502 -23.26 20.23 31.08
C PHE A 502 -21.98 20.94 31.48
N SER A 503 -20.84 20.47 30.95
CA SER A 503 -19.56 21.03 31.33
C SER A 503 -19.50 22.52 30.98
N THR A 504 -18.96 23.31 31.90
CA THR A 504 -18.89 24.75 31.71
C THR A 504 -17.99 25.11 30.54
N LEU A 505 -16.93 24.34 30.31
CA LEU A 505 -16.03 24.64 29.20
C LEU A 505 -16.76 24.54 27.86
N VAL A 506 -17.60 23.53 27.69
CA VAL A 506 -18.36 23.39 26.46
C VAL A 506 -19.34 24.55 26.30
N TYR A 507 -19.93 25.01 27.39
CA TYR A 507 -20.82 26.17 27.31
C TYR A 507 -20.05 27.42 26.89
N ARG A 508 -18.85 27.60 27.42
CA ARG A 508 -18.03 28.73 27.00
C ARG A 508 -17.69 28.64 25.52
N ASN A 509 -17.38 27.42 25.05
CA ASN A 509 -17.13 27.22 23.63
C ASN A 509 -18.35 27.57 22.80
N LEU A 510 -19.54 27.20 23.28
CA LEU A 510 -20.77 27.56 22.57
C LEU A 510 -20.93 29.07 22.51
N GLN A 511 -20.66 29.76 23.61
CA GLN A 511 -20.76 31.22 23.62
C GLN A 511 -19.81 31.82 22.60
N ILE A 512 -18.56 31.35 22.57
CA ILE A 512 -17.58 31.88 21.64
C ILE A 512 -18.02 31.62 20.20
N ALA A 513 -18.49 30.41 19.92
CA ALA A 513 -18.91 30.06 18.57
C ALA A 513 -20.08 30.94 18.12
N LYS A 514 -21.07 31.14 18.99
CA LYS A 514 -22.18 32.00 18.61
C LYS A 514 -21.71 33.43 18.40
N ASN A 515 -20.80 33.91 19.25
CA ASN A 515 -20.33 35.29 19.13
C ASN A 515 -19.61 35.52 17.81
N SER A 516 -18.75 34.59 17.39
CA SER A 516 -17.89 34.83 16.24
C SER A 516 -18.40 34.17 14.96
N TYR A 517 -18.62 32.86 14.97
CA TYR A 517 -18.95 32.08 13.79
C TYR A 517 -20.44 31.75 13.73
N ASN A 518 -21.29 32.71 14.09
CA ASN A 518 -22.72 32.47 14.13
C ASN A 518 -23.21 31.85 12.83
N ASP A 519 -24.24 31.02 12.96
CA ASP A 519 -24.82 30.31 11.83
C ASP A 519 -26.26 29.96 12.18
N ALA A 520 -27.03 29.61 11.15
CA ALA A 520 -28.45 29.27 11.36
C ALA A 520 -28.60 28.07 12.28
N LEU A 521 -27.86 27.01 12.00
CA LEU A 521 -27.99 25.81 12.83
C LEU A 521 -27.43 26.05 14.22
N LEU A 522 -26.32 26.77 14.32
CA LEU A 522 -25.74 27.03 15.63
C LEU A 522 -26.65 27.90 16.48
N THR A 523 -27.24 28.94 15.90
CA THR A 523 -28.19 29.74 16.66
C THR A 523 -29.40 28.90 17.08
N PHE A 524 -29.86 28.01 16.19
CA PHE A 524 -30.98 27.15 16.58
C PHE A 524 -30.62 26.29 17.80
N VAL A 525 -29.46 25.62 17.76
CA VAL A 525 -29.11 24.72 18.84
C VAL A 525 -28.85 25.50 20.12
N TRP A 526 -28.24 26.68 20.01
CA TRP A 526 -28.01 27.50 21.19
C TRP A 526 -29.32 27.93 21.83
N LYS A 527 -30.30 28.29 21.00
CA LYS A 527 -31.61 28.62 21.52
C LYS A 527 -32.23 27.43 22.24
N LEU A 528 -32.10 26.24 21.67
CA LEU A 528 -32.63 25.05 22.33
C LEU A 528 -31.98 24.84 23.70
N VAL A 529 -30.65 24.96 23.75
CA VAL A 529 -29.94 24.75 25.01
C VAL A 529 -30.36 25.78 26.04
N ALA A 530 -30.47 27.05 25.61
CA ALA A 530 -30.87 28.10 26.54
C ALA A 530 -32.27 27.84 27.08
N ASN A 531 -33.19 27.40 26.21
CA ASN A 531 -34.53 27.07 26.67
C ASN A 531 -34.51 25.95 27.69
N PHE A 532 -33.70 24.91 27.45
CA PHE A 532 -33.68 23.79 28.37
C PHE A 532 -33.07 24.16 29.71
N ARG A 533 -31.99 24.95 29.71
CA ARG A 533 -31.28 25.22 30.96
C ARG A 533 -32.14 25.99 31.95
N ARG A 534 -32.89 26.97 31.48
CA ARG A 534 -33.67 27.84 32.36
C ARG A 534 -35.10 27.37 32.56
N SER A 535 -35.46 26.22 32.00
CA SER A 535 -36.83 25.70 32.11
C SER A 535 -36.82 24.18 32.22
N LEU A 556 -44.22 14.80 12.52
CA LEU A 556 -43.59 14.33 13.75
C LEU A 556 -44.00 15.18 14.95
N THR A 557 -43.75 14.66 16.14
CA THR A 557 -44.08 15.38 17.36
C THR A 557 -43.21 16.62 17.51
N THR A 558 -43.74 17.62 18.21
CA THR A 558 -43.03 18.89 18.37
C THR A 558 -41.79 18.74 19.25
N ARG A 559 -41.85 17.88 20.26
CA ARG A 559 -40.78 17.81 21.26
C ARG A 559 -39.46 17.37 20.62
N HIS A 560 -39.47 16.25 19.87
CA HIS A 560 -38.24 15.67 19.37
C HIS A 560 -37.25 15.43 20.52
N PRO A 561 -37.60 14.59 21.49
CA PRO A 561 -36.67 14.38 22.62
C PRO A 561 -35.35 13.75 22.22
N LEU A 562 -35.39 12.75 21.34
CA LEU A 562 -34.18 12.06 20.93
C LEU A 562 -33.19 13.00 20.27
N GLN A 563 -33.69 13.95 19.47
CA GLN A 563 -32.80 14.93 18.84
C GLN A 563 -32.08 15.77 19.89
N ALA A 564 -32.81 16.19 20.93
CA ALA A 564 -32.17 16.94 22.01
C ALA A 564 -31.10 16.10 22.70
N LEU A 565 -31.37 14.83 22.98
CA LEU A 565 -30.35 14.00 23.62
C LEU A 565 -29.14 13.82 22.70
N PHE A 566 -29.39 13.61 21.40
CA PHE A 566 -28.28 13.43 20.46
C PHE A 566 -27.40 14.66 20.40
N ILE A 567 -28.02 15.85 20.40
CA ILE A 567 -27.25 17.08 20.43
C ILE A 567 -26.43 17.16 21.72
N TRP A 568 -27.06 16.81 22.86
CA TRP A 568 -26.34 16.84 24.12
C TRP A 568 -25.10 15.96 24.06
N ALA A 569 -25.24 14.75 23.52
CA ALA A 569 -24.10 13.85 23.42
C ALA A 569 -23.04 14.39 22.46
N ILE A 570 -23.48 14.98 21.35
CA ILE A 570 -22.52 15.42 20.33
C ILE A 570 -21.69 16.60 20.84
N LEU A 571 -22.32 17.55 21.52
CA LEU A 571 -21.60 18.76 21.91
C LEU A 571 -20.38 18.45 22.77
N GLN A 572 -20.42 17.37 23.54
CA GLN A 572 -19.34 17.04 24.47
C GLN A 572 -18.38 15.99 23.91
N ASN A 573 -18.47 15.69 22.62
CA ASN A 573 -17.54 14.77 21.97
C ASN A 573 -17.56 13.38 22.60
N LYS A 574 -18.76 12.94 23.00
CA LYS A 574 -18.95 11.57 23.47
C LYS A 574 -19.21 10.70 22.26
N LYS A 575 -18.13 10.11 21.73
CA LYS A 575 -18.21 9.39 20.46
C LYS A 575 -19.14 8.18 20.55
N GLU A 576 -18.89 7.31 21.54
CA GLU A 576 -19.62 6.05 21.61
C GLU A 576 -21.08 6.27 21.97
N LEU A 577 -21.35 7.14 22.94
CA LEU A 577 -22.73 7.42 23.31
C LEU A 577 -23.49 8.04 22.14
N SER A 578 -22.84 8.95 21.42
CA SER A 578 -23.47 9.55 20.25
C SER A 578 -23.77 8.50 19.19
N LYS A 579 -22.82 7.59 18.95
CA LYS A 579 -23.06 6.51 18.00
C LYS A 579 -24.25 5.66 18.42
N VAL A 580 -24.34 5.32 19.71
CA VAL A 580 -25.44 4.49 20.19
C VAL A 580 -26.77 5.21 20.00
N ILE A 581 -26.82 6.50 20.36
CA ILE A 581 -28.08 7.22 20.28
C ILE A 581 -28.49 7.45 18.82
N TRP A 582 -27.53 7.61 17.93
CA TRP A 582 -27.86 7.91 16.53
C TRP A 582 -28.74 6.82 15.93
N GLU A 583 -28.47 5.55 16.26
CA GLU A 583 -29.23 4.45 15.70
C GLU A 583 -30.70 4.49 16.11
N GLN A 584 -31.04 5.22 17.17
CA GLN A 584 -32.40 5.23 17.71
C GLN A 584 -33.24 6.37 17.16
N THR A 585 -32.69 7.22 16.30
CA THR A 585 -33.38 8.41 15.82
C THR A 585 -33.95 8.18 14.42
N LYS A 586 -35.20 8.55 14.24
CA LYS A 586 -35.77 8.61 12.89
C LYS A 586 -35.11 9.72 12.10
N GLY A 587 -35.02 9.53 10.78
CA GLY A 587 -34.32 10.47 9.93
C GLY A 587 -32.85 10.52 10.27
N CYS A 588 -32.24 9.34 10.41
CA CYS A 588 -30.87 9.25 10.89
C CYS A 588 -29.89 9.96 9.96
N THR A 589 -30.10 9.87 8.66
CA THR A 589 -29.19 10.51 7.71
C THR A 589 -29.17 12.03 7.91
N LEU A 590 -30.34 12.63 8.06
CA LEU A 590 -30.42 14.06 8.31
C LEU A 590 -29.73 14.42 9.62
N ALA A 591 -29.91 13.61 10.64
CA ALA A 591 -29.23 13.85 11.92
C ALA A 591 -27.72 13.77 11.75
N ALA A 592 -27.24 12.83 10.95
CA ALA A 592 -25.81 12.71 10.70
C ALA A 592 -25.26 13.97 10.05
N LEU A 593 -25.96 14.48 9.03
CA LEU A 593 -25.49 15.70 8.37
C LEU A 593 -25.51 16.89 9.31
N GLY A 594 -26.58 17.01 10.12
CA GLY A 594 -26.64 18.09 11.09
C GLY A 594 -25.49 18.04 12.09
N ALA A 595 -25.22 16.85 12.62
CA ALA A 595 -24.09 16.69 13.54
C ALA A 595 -22.78 17.04 12.86
N SER A 596 -22.62 16.65 11.59
CA SER A 596 -21.39 16.98 10.89
C SER A 596 -21.18 18.49 10.81
N LYS A 597 -22.20 19.23 10.38
CA LYS A 597 -22.03 20.67 10.26
C LYS A 597 -21.80 21.31 11.62
N LEU A 598 -22.56 20.89 12.64
CA LEU A 598 -22.41 21.48 13.96
C LEU A 598 -21.02 21.24 14.51
N LEU A 599 -20.49 20.02 14.34
CA LEU A 599 -19.16 19.72 14.82
C LEU A 599 -18.10 20.49 14.04
N LYS A 600 -18.30 20.71 12.75
CA LYS A 600 -17.34 21.53 12.00
C LYS A 600 -17.29 22.95 12.55
N THR A 601 -18.47 23.57 12.73
CA THR A 601 -18.46 24.94 13.25
C THR A 601 -17.90 25.00 14.66
N LEU A 602 -18.12 23.96 15.47
CA LEU A 602 -17.49 23.91 16.79
C LEU A 602 -15.98 23.80 16.66
N ALA A 603 -15.49 23.00 15.71
CA ALA A 603 -14.06 22.85 15.52
C ALA A 603 -13.41 24.15 15.09
N LYS A 604 -14.14 25.00 14.37
CA LYS A 604 -13.56 26.27 13.96
C LYS A 604 -13.11 27.10 15.16
N VAL A 605 -13.72 26.90 16.33
CA VAL A 605 -13.34 27.64 17.51
C VAL A 605 -11.90 27.29 17.93
N LYS A 606 -11.21 28.26 18.52
CA LYS A 606 -9.80 28.12 18.89
C LYS A 606 -9.55 28.34 20.37
N ASN A 607 -10.60 28.35 21.20
CA ASN A 607 -10.40 28.59 22.63
C ASN A 607 -9.49 27.54 23.25
N ASP A 608 -9.71 26.27 22.90
CA ASP A 608 -8.84 25.19 23.34
C ASP A 608 -8.58 24.27 22.15
N ILE A 609 -7.31 23.91 21.95
CA ILE A 609 -6.92 23.15 20.78
C ILE A 609 -7.44 21.71 20.87
N ASN A 610 -7.38 21.11 22.05
CA ASN A 610 -7.64 19.68 22.17
C ASN A 610 -9.04 19.32 21.70
N ALA A 611 -10.04 20.11 22.11
CA ALA A 611 -11.42 19.80 21.75
C ALA A 611 -11.64 19.93 20.25
N ALA A 612 -11.01 20.93 19.61
CA ALA A 612 -11.20 21.15 18.20
C ALA A 612 -10.86 19.93 17.36
N GLY A 613 -9.79 19.22 17.71
CA GLY A 613 -9.36 18.08 16.93
C GLY A 613 -10.31 16.90 17.04
N GLU A 614 -10.76 16.61 18.25
CA GLU A 614 -11.74 15.54 18.43
C GLU A 614 -13.03 15.88 17.71
N SER A 615 -13.46 17.14 17.78
CA SER A 615 -14.67 17.55 17.08
C SER A 615 -14.53 17.39 15.57
N GLU A 616 -13.38 17.79 15.02
CA GLU A 616 -13.14 17.63 13.59
C GLU A 616 -13.17 16.16 13.19
N GLU A 617 -12.52 15.30 13.98
CA GLU A 617 -12.51 13.88 13.68
C GLU A 617 -13.94 13.30 13.68
N LEU A 618 -14.72 13.65 14.69
CA LEU A 618 -16.08 13.14 14.78
C LEU A 618 -16.93 13.64 13.62
N ALA A 619 -16.73 14.90 13.22
CA ALA A 619 -17.48 15.43 12.09
C ALA A 619 -17.15 14.66 10.82
N ASN A 620 -15.87 14.37 10.59
CA ASN A 620 -15.50 13.59 9.41
C ASN A 620 -16.14 12.21 9.44
N GLU A 621 -16.12 11.55 10.60
CA GLU A 621 -16.71 10.23 10.72
C GLU A 621 -18.19 10.27 10.38
N TYR A 622 -18.91 11.25 10.94
CA TYR A 622 -20.35 11.34 10.67
C TYR A 622 -20.63 11.69 9.22
N GLU A 623 -19.80 12.51 8.58
CA GLU A 623 -19.96 12.78 7.17
C GLU A 623 -19.90 11.50 6.35
N THR A 624 -18.89 10.66 6.61
CA THR A 624 -18.78 9.42 5.86
C THR A 624 -19.95 8.50 6.15
N ARG A 625 -20.39 8.45 7.42
CA ARG A 625 -21.55 7.64 7.77
C ARG A 625 -22.77 8.04 6.93
N ALA A 626 -23.06 9.34 6.90
CA ALA A 626 -24.24 9.81 6.18
C ALA A 626 -24.13 9.48 4.70
N VAL A 627 -22.95 9.71 4.11
CA VAL A 627 -22.81 9.47 2.68
C VAL A 627 -23.07 8.00 2.37
N GLU A 628 -22.45 7.10 3.14
CA GLU A 628 -22.63 5.68 2.87
C GLU A 628 -24.08 5.26 3.05
N LEU A 629 -24.73 5.75 4.12
CA LEU A 629 -26.11 5.36 4.36
C LEU A 629 -27.01 5.80 3.22
N PHE A 630 -26.85 7.03 2.75
CA PHE A 630 -27.72 7.50 1.67
C PHE A 630 -27.42 6.76 0.37
N THR A 631 -26.15 6.43 0.12
CA THR A 631 -25.83 5.66 -1.08
C THR A 631 -26.54 4.31 -1.05
N GLU A 632 -26.48 3.62 0.10
CA GLU A 632 -27.19 2.35 0.21
C GLU A 632 -28.69 2.52 0.01
N CYS A 633 -29.27 3.54 0.63
CA CYS A 633 -30.71 3.77 0.51
C CYS A 633 -31.09 3.98 -0.95
N TYR A 634 -30.34 4.81 -1.66
CA TYR A 634 -30.64 5.08 -3.06
C TYR A 634 -30.49 3.82 -3.91
N SER A 635 -29.43 3.05 -3.66
CA SER A 635 -29.22 1.83 -4.44
C SER A 635 -30.33 0.82 -4.20
N ASN A 636 -30.91 0.81 -3.00
CA ASN A 636 -32.03 -0.10 -2.74
C ASN A 636 -33.28 0.34 -3.49
N ASP A 637 -33.62 1.63 -3.42
CA ASP A 637 -34.78 2.16 -4.11
C ASP A 637 -34.50 3.61 -4.48
N GLU A 638 -35.16 4.06 -5.55
CA GLU A 638 -34.93 5.39 -6.11
C GLU A 638 -35.96 6.41 -5.64
N ASP A 639 -37.25 6.11 -5.85
CA ASP A 639 -38.30 7.08 -5.54
C ASP A 639 -38.32 7.41 -4.05
N LEU A 640 -38.23 6.39 -3.20
CA LEU A 640 -38.26 6.65 -1.75
C LEU A 640 -37.04 7.43 -1.32
N ALA A 641 -35.87 7.13 -1.90
CA ALA A 641 -34.67 7.89 -1.57
C ALA A 641 -34.83 9.36 -1.96
N GLU A 642 -35.37 9.61 -3.15
CA GLU A 642 -35.57 10.99 -3.58
C GLU A 642 -36.57 11.70 -2.68
N GLN A 643 -37.64 11.02 -2.28
CA GLN A 643 -38.58 11.63 -1.34
C GLN A 643 -37.89 11.96 -0.02
N LEU A 644 -37.05 11.04 0.47
CA LEU A 644 -36.32 11.27 1.71
C LEU A 644 -35.36 12.46 1.57
N LEU A 645 -34.82 12.69 0.37
CA LEU A 645 -33.79 13.70 0.20
C LEU A 645 -34.34 15.11 0.46
N VAL A 646 -35.56 15.38 0.03
CA VAL A 646 -36.15 16.71 0.17
C VAL A 646 -37.11 16.77 1.35
N TYR A 647 -37.22 15.70 2.13
CA TYR A 647 -38.19 15.67 3.22
C TYR A 647 -37.77 16.67 4.29
N SER A 648 -38.44 17.82 4.32
CA SER A 648 -38.19 18.80 5.36
C SER A 648 -38.62 18.23 6.70
N CYS A 649 -37.73 18.34 7.69
CA CYS A 649 -37.99 17.77 9.01
C CYS A 649 -39.07 18.57 9.73
N GLU A 650 -39.44 18.08 10.91
CA GLU A 650 -40.27 18.86 11.82
C GLU A 650 -39.40 19.76 12.68
N ALA A 651 -38.57 20.55 11.97
CA ALA A 651 -37.68 21.51 12.59
C ALA A 651 -36.56 20.83 13.39
N TRP A 652 -35.93 19.82 12.79
CA TRP A 652 -34.65 19.35 13.33
C TRP A 652 -33.68 20.52 13.41
N GLY A 653 -33.50 21.22 12.30
CA GLY A 653 -32.84 22.51 12.27
C GLY A 653 -33.62 23.48 11.41
N GLY A 654 -34.79 23.05 10.94
CA GLY A 654 -35.61 23.84 10.06
C GLY A 654 -35.31 23.67 8.58
N SER A 655 -34.55 22.65 8.21
CA SER A 655 -34.16 22.46 6.81
C SER A 655 -33.95 20.98 6.55
N ASN A 656 -33.99 20.62 5.27
CA ASN A 656 -33.83 19.24 4.84
C ASN A 656 -32.35 18.87 4.76
N CYS A 657 -32.08 17.60 4.45
CA CYS A 657 -30.70 17.13 4.42
C CYS A 657 -29.90 17.75 3.29
N LEU A 658 -30.55 18.08 2.18
CA LEU A 658 -29.83 18.68 1.05
C LEU A 658 -29.24 20.02 1.44
N GLU A 659 -30.03 20.86 2.10
CA GLU A 659 -29.54 22.16 2.53
C GLU A 659 -28.42 22.01 3.56
N LEU A 660 -28.56 21.06 4.49
CA LEU A 660 -27.50 20.84 5.47
C LEU A 660 -26.21 20.42 4.79
N ALA A 661 -26.30 19.55 3.79
CA ALA A 661 -25.11 19.15 3.05
C ALA A 661 -24.49 20.34 2.33
N VAL A 662 -25.33 21.20 1.76
CA VAL A 662 -24.82 22.36 1.03
C VAL A 662 -24.11 23.32 1.99
N GLU A 663 -24.71 23.59 3.15
CA GLU A 663 -24.12 24.55 4.08
C GLU A 663 -22.76 24.10 4.56
N ALA A 664 -22.62 22.81 4.89
CA ALA A 664 -21.32 22.27 5.27
C ALA A 664 -20.35 22.20 4.10
N THR A 665 -20.83 22.45 2.88
CA THR A 665 -19.98 22.39 1.68
C THR A 665 -19.33 21.02 1.54
N ASP A 666 -20.18 20.00 1.52
CA ASP A 666 -19.74 18.62 1.34
C ASP A 666 -19.81 18.28 -0.13
N GLN A 667 -18.72 18.59 -0.85
CA GLN A 667 -18.66 18.25 -2.26
C GLN A 667 -18.89 16.77 -2.47
N HIS A 668 -18.38 15.93 -1.57
CA HIS A 668 -18.50 14.49 -1.74
C HIS A 668 -19.95 14.03 -1.66
N PHE A 669 -20.73 14.57 -0.72
CA PHE A 669 -22.10 14.12 -0.55
C PHE A 669 -22.93 14.40 -1.79
N ILE A 670 -22.78 15.60 -2.38
CA ILE A 670 -23.54 15.94 -3.57
C ILE A 670 -22.95 15.30 -4.83
N ALA A 671 -21.66 14.95 -4.81
CA ALA A 671 -21.03 14.34 -5.98
C ALA A 671 -21.54 12.92 -6.23
N GLN A 672 -22.17 12.30 -5.25
CA GLN A 672 -22.59 10.91 -5.41
C GLN A 672 -23.67 10.83 -6.50
N PRO A 673 -23.76 9.69 -7.19
CA PRO A 673 -24.66 9.62 -8.36
C PRO A 673 -26.12 9.90 -8.05
N GLY A 674 -26.61 9.52 -6.88
CA GLY A 674 -28.03 9.68 -6.60
C GLY A 674 -28.46 11.13 -6.58
N VAL A 675 -27.69 11.97 -5.90
CA VAL A 675 -28.05 13.39 -5.81
C VAL A 675 -27.99 14.03 -7.18
N GLN A 676 -26.97 13.69 -7.97
CA GLN A 676 -26.86 14.23 -9.32
C GLN A 676 -28.03 13.79 -10.19
N ASN A 677 -28.46 12.54 -10.06
CA ASN A 677 -29.61 12.07 -10.81
C ASN A 677 -30.87 12.84 -10.41
N PHE A 678 -31.06 13.06 -9.11
CA PHE A 678 -32.21 13.84 -8.66
C PHE A 678 -32.17 15.25 -9.23
N LEU A 679 -31.00 15.89 -9.20
CA LEU A 679 -30.87 17.22 -9.77
C LEU A 679 -31.15 17.22 -11.26
N SER A 680 -30.67 16.20 -11.98
CA SER A 680 -30.96 16.11 -13.41
C SER A 680 -32.45 15.96 -13.67
N LYS A 681 -33.12 15.13 -12.89
CA LYS A 681 -34.57 14.98 -13.06
C LYS A 681 -35.29 16.29 -12.81
N GLN A 682 -34.88 17.02 -11.77
CA GLN A 682 -35.52 18.31 -11.50
C GLN A 682 -35.23 19.32 -12.61
N TRP A 683 -34.02 19.30 -13.15
CA TRP A 683 -33.62 20.29 -14.15
C TRP A 683 -34.34 20.04 -15.47
N TYR A 684 -34.31 18.81 -15.96
CA TYR A 684 -34.98 18.49 -17.22
C TYR A 684 -36.49 18.41 -17.05
N GLY A 685 -36.97 18.05 -15.86
CA GLY A 685 -38.41 17.98 -15.64
C GLY A 685 -39.06 16.92 -16.51
N GLU A 686 -40.13 17.31 -17.19
CA GLU A 686 -40.90 16.35 -17.97
C GLU A 686 -40.08 15.76 -19.10
N ILE A 687 -39.25 16.58 -19.76
CA ILE A 687 -38.43 16.09 -20.85
C ILE A 687 -37.60 14.91 -20.37
N SER A 688 -37.69 13.80 -21.09
CA SER A 688 -36.93 12.62 -20.73
C SER A 688 -35.45 12.82 -21.02
N ARG A 689 -34.61 12.25 -20.16
CA ARG A 689 -33.18 12.30 -20.38
C ARG A 689 -32.82 11.38 -21.55
N ASP A 690 -31.53 11.24 -21.80
CA ASP A 690 -31.05 10.50 -22.97
C ASP A 690 -31.66 11.07 -24.25
N THR A 691 -31.89 12.38 -24.25
CA THR A 691 -32.34 13.12 -25.42
C THR A 691 -31.24 14.07 -25.85
N LYS A 692 -30.78 13.94 -27.09
CA LYS A 692 -29.66 14.74 -27.56
C LYS A 692 -30.01 16.22 -27.48
N ASN A 693 -29.20 16.99 -26.74
CA ASN A 693 -29.56 18.37 -26.42
C ASN A 693 -29.84 19.17 -27.67
N TRP A 694 -29.09 18.92 -28.75
CA TRP A 694 -29.31 19.69 -29.98
C TRP A 694 -30.73 19.48 -30.50
N LYS A 695 -31.31 18.29 -30.30
CA LYS A 695 -32.69 18.07 -30.70
C LYS A 695 -33.64 18.98 -29.93
N ILE A 696 -33.44 19.10 -28.61
CA ILE A 696 -34.29 19.97 -27.82
C ILE A 696 -34.12 21.42 -28.27
N ILE A 697 -32.88 21.85 -28.49
CA ILE A 697 -32.64 23.22 -28.92
C ILE A 697 -33.31 23.49 -30.26
N LEU A 698 -33.21 22.55 -31.19
CA LEU A 698 -33.86 22.70 -32.48
C LEU A 698 -35.38 22.79 -32.32
N CYS A 699 -35.96 21.93 -31.47
CA CYS A 699 -37.40 21.98 -31.25
C CYS A 699 -37.83 23.29 -30.63
N LEU A 700 -36.95 23.93 -29.85
CA LEU A 700 -37.30 25.21 -29.25
C LEU A 700 -37.72 26.23 -30.32
N PHE A 701 -36.93 26.31 -31.40
CA PHE A 701 -37.16 27.31 -32.43
C PHE A 701 -38.11 26.82 -33.52
N ILE A 702 -37.96 25.57 -33.96
CA ILE A 702 -38.79 25.09 -35.05
C ILE A 702 -40.26 25.07 -34.64
N ILE A 703 -40.54 24.92 -33.36
CA ILE A 703 -41.90 25.01 -32.84
C ILE A 703 -41.92 26.06 -31.73
N PRO A 704 -42.05 27.35 -32.07
CA PRO A 704 -42.07 28.43 -31.06
C PRO A 704 -43.49 28.80 -30.64
N TRP A 726 -52.67 21.01 -23.69
CA TRP A 726 -51.94 20.42 -24.80
C TRP A 726 -50.64 19.78 -24.33
N TYR A 727 -49.92 19.15 -25.26
CA TYR A 727 -48.65 18.53 -24.93
C TYR A 727 -47.54 19.57 -24.74
N TYR A 728 -47.61 20.69 -25.45
CA TYR A 728 -46.55 21.69 -25.39
C TYR A 728 -46.42 22.32 -24.01
N VAL A 729 -47.48 22.27 -23.19
CA VAL A 729 -47.43 22.90 -21.88
C VAL A 729 -46.33 22.27 -21.03
N ALA A 730 -46.23 20.93 -21.05
CA ALA A 730 -45.16 20.27 -20.33
C ALA A 730 -43.79 20.68 -20.88
N PHE A 731 -43.69 20.79 -22.20
CA PHE A 731 -42.44 21.24 -22.81
C PHE A 731 -42.11 22.68 -22.40
N PHE A 732 -43.12 23.48 -22.10
CA PHE A 732 -42.94 24.88 -21.73
C PHE A 732 -42.72 25.08 -20.24
N THR A 733 -42.79 24.02 -19.44
CA THR A 733 -42.64 24.13 -18.00
C THR A 733 -41.32 23.61 -17.47
N SER A 734 -40.57 22.85 -18.27
CA SER A 734 -39.30 22.34 -17.81
C SER A 734 -38.35 23.49 -17.51
N PRO A 735 -37.59 23.43 -16.41
CA PRO A 735 -36.64 24.51 -16.12
C PRO A 735 -35.63 24.74 -17.24
N PHE A 736 -35.25 23.70 -17.96
CA PHE A 736 -34.25 23.85 -19.03
C PHE A 736 -34.75 24.80 -20.11
N VAL A 737 -36.01 24.64 -20.53
CA VAL A 737 -36.56 25.50 -21.57
C VAL A 737 -36.67 26.94 -21.07
N VAL A 738 -37.08 27.10 -19.81
CA VAL A 738 -37.16 28.44 -19.25
C VAL A 738 -35.80 29.11 -19.24
N PHE A 739 -34.76 28.34 -18.86
CA PHE A 739 -33.41 28.89 -18.85
C PHE A 739 -32.96 29.26 -20.26
N SER A 740 -33.27 28.42 -21.24
CA SER A 740 -32.88 28.73 -22.61
C SER A 740 -33.56 30.01 -23.11
N TRP A 741 -34.86 30.15 -22.82
CA TRP A 741 -35.56 31.36 -23.24
C TRP A 741 -35.02 32.58 -22.50
N ASN A 742 -34.66 32.43 -21.23
CA ASN A 742 -34.07 33.54 -20.50
C ASN A 742 -32.74 33.94 -21.12
N VAL A 743 -31.93 32.96 -21.53
CA VAL A 743 -30.66 33.27 -22.17
C VAL A 743 -30.89 34.02 -23.48
N VAL A 744 -31.85 33.56 -24.28
CA VAL A 744 -32.13 34.23 -25.55
C VAL A 744 -32.61 35.66 -25.31
N PHE A 745 -33.50 35.84 -24.33
CA PHE A 745 -33.99 37.18 -24.03
C PHE A 745 -32.87 38.09 -23.55
N TYR A 746 -31.97 37.56 -22.72
CA TYR A 746 -30.86 38.37 -22.22
C TYR A 746 -29.93 38.77 -23.35
N ILE A 747 -29.66 37.84 -24.28
CA ILE A 747 -28.83 38.18 -25.43
C ILE A 747 -29.51 39.25 -26.27
N ALA A 748 -30.83 39.13 -26.48
CA ALA A 748 -31.54 40.14 -27.23
C ALA A 748 -31.49 41.49 -26.53
N PHE A 749 -31.61 41.49 -25.20
CA PHE A 749 -31.55 42.74 -24.45
C PHE A 749 -30.16 43.39 -24.59
N LEU A 750 -29.10 42.59 -24.50
CA LEU A 750 -27.76 43.14 -24.71
C LEU A 750 -27.60 43.69 -26.12
N LEU A 751 -28.16 43.00 -27.11
CA LEU A 751 -28.09 43.48 -28.50
C LEU A 751 -28.80 44.82 -28.64
N LEU A 752 -29.99 44.96 -28.06
CA LEU A 752 -30.71 46.23 -28.11
C LEU A 752 -29.95 47.32 -27.36
N PHE A 753 -29.36 46.97 -26.21
CA PHE A 753 -28.58 47.96 -25.47
C PHE A 753 -27.41 48.46 -26.32
N ALA A 754 -26.71 47.55 -27.00
CA ALA A 754 -25.62 47.96 -27.87
C ALA A 754 -26.12 48.84 -29.00
N TYR A 755 -27.25 48.47 -29.62
CA TYR A 755 -27.80 49.29 -30.70
C TYR A 755 -28.13 50.69 -30.21
N VAL A 756 -28.80 50.78 -29.06
CA VAL A 756 -29.20 52.09 -28.53
C VAL A 756 -27.98 52.93 -28.21
N LEU A 757 -27.02 52.34 -27.50
CA LEU A 757 -25.86 53.10 -27.06
C LEU A 757 -25.02 53.57 -28.24
N LEU A 758 -24.84 52.70 -29.25
CA LEU A 758 -23.92 53.02 -30.33
C LEU A 758 -24.51 54.06 -31.29
N MET A 759 -25.81 53.94 -31.60
CA MET A 759 -26.40 54.71 -32.69
C MET A 759 -27.36 55.78 -32.20
N ASP A 760 -28.37 55.42 -31.42
CA ASP A 760 -29.46 56.33 -31.06
C ASP A 760 -29.33 56.68 -29.58
N PHE A 761 -28.56 57.71 -29.29
CA PHE A 761 -28.46 58.26 -27.94
C PHE A 761 -28.49 59.78 -27.99
N HIS A 762 -29.31 60.33 -28.87
CA HIS A 762 -29.45 61.78 -28.97
C HIS A 762 -30.24 62.32 -27.78
N SER A 763 -30.46 63.64 -27.79
CA SER A 763 -31.06 64.29 -26.62
C SER A 763 -32.43 63.70 -26.30
N VAL A 764 -33.26 63.50 -27.32
CA VAL A 764 -34.59 62.92 -27.11
C VAL A 764 -34.45 61.40 -27.07
N PRO A 765 -34.83 60.74 -25.97
CA PRO A 765 -34.61 59.27 -25.90
C PRO A 765 -35.39 58.48 -26.93
N HIS A 766 -36.69 58.74 -27.07
CA HIS A 766 -37.49 58.05 -28.08
C HIS A 766 -37.58 56.54 -27.82
N THR A 767 -38.39 55.86 -28.64
CA THR A 767 -38.78 54.47 -28.41
C THR A 767 -37.61 53.51 -28.20
N PRO A 768 -36.56 53.50 -29.05
CA PRO A 768 -35.51 52.49 -28.86
C PRO A 768 -34.81 52.62 -27.52
N GLU A 769 -34.62 53.83 -27.02
CA GLU A 769 -33.98 54.03 -25.73
C GLU A 769 -34.95 53.79 -24.58
N LEU A 770 -36.23 54.08 -24.77
CA LEU A 770 -37.23 53.92 -23.71
C LEU A 770 -37.53 52.43 -23.44
N ILE A 771 -37.57 51.62 -24.50
CA ILE A 771 -37.85 50.21 -24.32
C ILE A 771 -36.81 49.56 -23.42
N LEU A 772 -35.54 50.00 -23.55
CA LEU A 772 -34.51 49.51 -22.66
C LEU A 772 -34.78 49.88 -21.21
N TYR A 773 -35.35 51.07 -20.97
CA TYR A 773 -35.77 51.40 -19.61
C TYR A 773 -36.79 50.38 -19.12
N ALA A 774 -37.76 50.04 -19.95
CA ALA A 774 -38.76 49.06 -19.52
C ALA A 774 -38.10 47.73 -19.18
N LEU A 775 -37.16 47.28 -20.02
CA LEU A 775 -36.51 45.98 -19.79
C LEU A 775 -35.70 45.98 -18.50
N VAL A 776 -34.86 47.01 -18.31
CA VAL A 776 -34.05 47.08 -17.11
C VAL A 776 -34.94 47.22 -15.88
N PHE A 777 -36.11 47.85 -16.03
CA PHE A 777 -37.05 47.91 -14.92
C PHE A 777 -37.57 46.53 -14.55
N VAL A 778 -37.85 45.69 -15.55
CA VAL A 778 -38.27 44.32 -15.25
C VAL A 778 -37.16 43.59 -14.50
N LEU A 779 -35.92 43.73 -14.97
CA LEU A 779 -34.81 43.08 -14.28
C LEU A 779 -34.68 43.59 -12.84
N PHE A 780 -34.85 44.90 -12.65
CA PHE A 780 -34.77 45.48 -11.31
C PHE A 780 -35.85 44.92 -10.41
N CYS A 781 -37.07 44.75 -10.93
CA CYS A 781 -38.14 44.17 -10.13
C CYS A 781 -37.80 42.73 -9.73
N ASP A 782 -37.23 41.95 -10.66
CA ASP A 782 -36.83 40.59 -10.31
C ASP A 782 -35.78 40.60 -9.20
N GLU A 783 -34.78 41.47 -9.31
CA GLU A 783 -33.75 41.53 -8.28
C GLU A 783 -34.32 42.01 -6.94
N VAL A 784 -35.32 42.90 -6.99
CA VAL A 784 -35.98 43.33 -5.77
C VAL A 784 -36.68 42.14 -5.10
N ARG A 785 -37.35 41.31 -5.92
CA ARG A 785 -37.96 40.11 -5.35
C ARG A 785 -36.92 39.19 -4.74
N GLN A 786 -35.77 39.03 -5.42
CA GLN A 786 -34.70 38.20 -4.87
C GLN A 786 -34.24 38.74 -3.52
N TRP A 787 -34.06 40.05 -3.43
CA TRP A 787 -33.65 40.65 -2.15
C TRP A 787 -34.71 40.43 -1.08
N TYR A 788 -35.99 40.59 -1.45
CA TYR A 788 -37.06 40.41 -0.47
C TYR A 788 -37.09 38.99 0.07
N MET A 789 -36.88 38.00 -0.80
CA MET A 789 -36.93 36.61 -0.35
C MET A 789 -35.83 36.32 0.68
N ASN A 790 -34.62 36.83 0.44
CA ASN A 790 -33.47 36.57 1.30
C ASN A 790 -32.97 37.88 1.87
N GLY A 791 -33.13 38.06 3.20
CA GLY A 791 -32.69 39.28 3.82
C GLY A 791 -31.18 39.47 3.78
N VAL A 792 -30.42 38.41 4.06
CA VAL A 792 -28.96 38.48 4.11
C VAL A 792 -28.38 37.58 3.04
N ASN A 793 -29.10 36.50 2.70
CA ASN A 793 -28.64 35.59 1.67
C ASN A 793 -28.46 36.28 0.33
N TYR A 794 -29.14 37.42 0.13
CA TYR A 794 -29.00 38.17 -1.10
C TYR A 794 -27.54 38.56 -1.35
N PHE A 795 -26.96 39.34 -0.44
CA PHE A 795 -25.60 39.82 -0.61
C PHE A 795 -24.56 38.72 -0.44
N THR A 796 -24.96 37.53 0.00
CA THR A 796 -24.00 36.44 0.16
C THR A 796 -23.38 36.07 -1.19
N ASP A 797 -24.17 36.04 -2.25
CA ASP A 797 -23.67 35.70 -3.57
C ASP A 797 -23.07 36.93 -4.23
N LEU A 798 -21.83 36.80 -4.72
CA LEU A 798 -21.17 37.92 -5.37
C LEU A 798 -21.91 38.34 -6.64
N TRP A 799 -22.64 37.42 -7.27
CA TRP A 799 -23.42 37.78 -8.44
C TRP A 799 -24.46 38.84 -8.11
N ASN A 800 -25.09 38.72 -6.94
CA ASN A 800 -26.04 39.75 -6.50
C ASN A 800 -25.35 41.09 -6.33
N VAL A 801 -24.13 41.09 -5.80
CA VAL A 801 -23.38 42.33 -5.65
C VAL A 801 -23.12 42.96 -7.02
N MET A 802 -22.72 42.14 -7.99
CA MET A 802 -22.48 42.66 -9.34
C MET A 802 -23.75 43.25 -9.94
N ASP A 803 -24.89 42.57 -9.74
CA ASP A 803 -26.16 43.07 -10.25
C ASP A 803 -26.51 44.41 -9.62
N THR A 804 -26.33 44.53 -8.30
CA THR A 804 -26.61 45.78 -7.62
C THR A 804 -25.73 46.90 -8.16
N LEU A 805 -24.45 46.60 -8.40
CA LEU A 805 -23.56 47.62 -8.93
C LEU A 805 -23.99 48.07 -10.32
N GLY A 806 -24.42 47.13 -11.17
CA GLY A 806 -24.93 47.51 -12.47
C GLY A 806 -26.16 48.41 -12.39
N LEU A 807 -27.09 48.07 -11.50
CA LEU A 807 -28.24 48.94 -11.29
C LEU A 807 -27.81 50.35 -10.88
N PHE A 808 -26.89 50.43 -9.91
CA PHE A 808 -26.44 51.73 -9.45
C PHE A 808 -25.81 52.53 -10.58
N TYR A 809 -25.00 51.87 -11.41
CA TYR A 809 -24.40 52.57 -12.54
C TYR A 809 -25.42 52.97 -13.59
N PHE A 810 -26.53 52.23 -13.73
CA PHE A 810 -27.55 52.65 -14.68
C PHE A 810 -28.25 53.92 -14.21
N ILE A 811 -28.56 54.01 -12.92
CA ILE A 811 -29.33 55.16 -12.45
C ILE A 811 -28.52 56.44 -12.63
N ALA A 812 -27.21 56.39 -12.41
CA ALA A 812 -26.38 57.58 -12.58
C ALA A 812 -26.45 58.09 -14.01
N GLY A 813 -26.31 57.20 -14.99
CA GLY A 813 -26.41 57.61 -16.37
C GLY A 813 -27.77 58.19 -16.70
N ILE A 814 -28.83 57.59 -16.15
CA ILE A 814 -30.16 58.13 -16.36
C ILE A 814 -30.21 59.58 -15.90
N VAL A 815 -29.76 59.84 -14.67
CA VAL A 815 -29.85 61.20 -14.12
C VAL A 815 -29.03 62.16 -14.97
N PHE A 816 -27.80 61.74 -15.34
CA PHE A 816 -26.93 62.62 -16.09
C PHE A 816 -27.56 63.02 -17.42
N ARG A 817 -28.12 62.05 -18.15
CA ARG A 817 -28.72 62.41 -19.43
C ARG A 817 -29.98 63.25 -19.23
N LEU A 818 -30.78 62.94 -18.21
CA LEU A 818 -32.02 63.68 -18.01
C LEU A 818 -31.76 65.14 -17.70
N HIS A 819 -30.75 65.42 -16.88
CA HIS A 819 -30.43 66.82 -16.56
C HIS A 819 -30.16 67.61 -17.83
N SER A 820 -29.30 67.09 -18.70
CA SER A 820 -29.00 67.73 -19.99
C SER A 820 -28.66 69.20 -19.82
N SER A 821 -28.07 69.57 -18.68
CA SER A 821 -27.69 70.96 -18.45
C SER A 821 -26.68 71.42 -19.49
N ASN A 822 -25.69 70.58 -19.79
CA ASN A 822 -24.67 70.87 -20.78
C ASN A 822 -24.40 69.61 -21.60
N LYS A 823 -23.88 69.81 -22.80
CA LYS A 823 -23.47 68.67 -23.61
C LYS A 823 -22.48 67.79 -22.86
N SER A 824 -21.69 68.37 -21.96
CA SER A 824 -20.78 67.58 -21.15
C SER A 824 -21.53 66.59 -20.29
N SER A 825 -22.68 67.00 -19.74
CA SER A 825 -23.48 66.08 -18.93
C SER A 825 -23.97 64.91 -19.77
N LEU A 826 -24.44 65.19 -21.00
CA LEU A 826 -24.90 64.11 -21.87
C LEU A 826 -23.76 63.16 -22.21
N TYR A 827 -22.58 63.69 -22.51
CA TYR A 827 -21.44 62.84 -22.82
C TYR A 827 -21.05 61.98 -21.63
N SER A 828 -21.07 62.56 -20.43
CA SER A 828 -20.77 61.79 -19.22
C SER A 828 -21.78 60.68 -19.03
N GLY A 829 -23.07 60.98 -19.26
CA GLY A 829 -24.07 59.93 -19.16
C GLY A 829 -23.85 58.82 -20.17
N ARG A 830 -23.45 59.17 -21.39
CA ARG A 830 -23.15 58.16 -22.40
C ARG A 830 -22.01 57.25 -21.96
N VAL A 831 -20.95 57.84 -21.41
CA VAL A 831 -19.82 57.03 -20.96
C VAL A 831 -20.22 56.15 -19.79
N ILE A 832 -21.05 56.68 -18.89
CA ILE A 832 -21.57 55.88 -17.79
C ILE A 832 -22.39 54.71 -18.33
N PHE A 833 -23.16 54.95 -19.40
CA PHE A 833 -23.89 53.86 -20.04
C PHE A 833 -22.94 52.79 -20.55
N CYS A 834 -21.83 53.20 -21.16
CA CYS A 834 -20.86 52.21 -21.64
C CYS A 834 -20.30 51.37 -20.50
N LEU A 835 -19.97 52.01 -19.38
CA LEU A 835 -19.43 51.28 -18.23
C LEU A 835 -20.47 50.30 -17.67
N ASP A 836 -21.70 50.77 -17.51
CA ASP A 836 -22.75 49.88 -17.02
C ASP A 836 -22.97 48.73 -18.00
N TYR A 837 -22.82 49.00 -19.29
CA TYR A 837 -22.88 47.93 -20.29
C TYR A 837 -21.78 46.91 -20.04
N ILE A 838 -20.57 47.38 -19.76
CA ILE A 838 -19.48 46.45 -19.48
C ILE A 838 -19.86 45.53 -18.33
N ILE A 839 -20.41 46.09 -17.26
CA ILE A 839 -20.80 45.23 -16.14
C ILE A 839 -21.92 44.27 -16.56
N PHE A 840 -22.91 44.78 -17.30
CA PHE A 840 -24.06 43.95 -17.64
C PHE A 840 -23.65 42.75 -18.49
N THR A 841 -22.88 43.00 -19.55
CA THR A 841 -22.55 41.93 -20.49
C THR A 841 -21.67 40.86 -19.86
N LEU A 842 -20.95 41.17 -18.79
CA LEU A 842 -20.09 40.18 -18.15
C LEU A 842 -20.86 39.26 -17.21
N ARG A 843 -22.11 39.58 -16.89
CA ARG A 843 -22.92 38.64 -16.11
C ARG A 843 -23.33 37.43 -16.94
N LEU A 844 -23.13 37.47 -18.26
CA LEU A 844 -23.52 36.34 -19.09
C LEU A 844 -22.67 35.11 -18.82
N ILE A 845 -21.41 35.30 -18.44
CA ILE A 845 -20.52 34.14 -18.26
C ILE A 845 -21.14 33.14 -17.30
N HIS A 846 -21.97 33.60 -16.37
CA HIS A 846 -22.60 32.72 -15.40
C HIS A 846 -23.37 31.58 -16.05
N ILE A 847 -24.05 31.84 -17.17
CA ILE A 847 -24.84 30.79 -17.82
C ILE A 847 -23.98 29.71 -18.43
N PHE A 848 -22.65 29.80 -18.30
CA PHE A 848 -21.77 28.71 -18.69
C PHE A 848 -21.61 27.66 -17.61
N THR A 849 -22.25 27.84 -16.45
CA THR A 849 -22.16 26.82 -15.41
C THR A 849 -22.99 25.58 -15.73
N VAL A 850 -23.91 25.66 -16.68
CA VAL A 850 -24.68 24.48 -17.06
C VAL A 850 -23.80 23.48 -17.81
N SER A 851 -22.93 23.98 -18.69
CA SER A 851 -22.11 23.09 -19.50
C SER A 851 -21.06 22.40 -18.64
N ARG A 852 -20.94 21.09 -18.80
CA ARG A 852 -19.93 20.34 -18.05
C ARG A 852 -18.53 20.80 -18.41
N ASN A 853 -18.26 21.00 -19.70
CA ASN A 853 -16.91 21.37 -20.12
C ASN A 853 -16.54 22.77 -19.66
N LEU A 854 -17.48 23.71 -19.73
CA LEU A 854 -17.20 25.11 -19.42
C LEU A 854 -17.44 25.45 -17.95
N GLY A 855 -17.91 24.50 -17.15
CA GLY A 855 -18.24 24.77 -15.77
C GLY A 855 -17.04 25.17 -14.93
N PRO A 856 -15.99 24.32 -14.94
CA PRO A 856 -14.80 24.62 -14.13
C PRO A 856 -14.10 25.90 -14.54
N LYS A 857 -14.36 26.42 -15.74
CA LYS A 857 -13.58 27.55 -16.23
C LYS A 857 -13.81 28.78 -15.38
N ILE A 858 -15.08 29.08 -15.06
CA ILE A 858 -15.37 30.29 -14.32
C ILE A 858 -14.88 30.17 -12.88
N ILE A 859 -14.92 28.97 -12.30
CA ILE A 859 -14.43 28.80 -10.93
C ILE A 859 -12.91 28.96 -10.88
N MET A 860 -12.28 28.35 -11.88
CA MET A 860 -10.85 28.41 -11.96
C MET A 860 -10.52 29.84 -12.27
N LEU A 861 -11.33 30.52 -13.06
CA LEU A 861 -11.07 31.93 -13.35
C LEU A 861 -11.15 32.72 -12.07
N GLN A 862 -12.15 32.41 -11.26
CA GLN A 862 -12.37 33.09 -10.00
C GLN A 862 -11.22 32.93 -9.01
N ARG A 863 -10.66 31.73 -8.91
CA ARG A 863 -9.56 31.50 -7.98
C ARG A 863 -8.37 32.32 -8.46
N MET A 864 -8.17 32.34 -9.77
CA MET A 864 -7.11 33.14 -10.38
C MET A 864 -7.25 34.61 -10.00
N LEU A 865 -8.48 35.13 -9.98
CA LEU A 865 -8.70 36.52 -9.57
C LEU A 865 -8.28 36.74 -8.13
N ILE A 866 -8.61 35.79 -7.24
CA ILE A 866 -8.17 35.89 -5.85
C ILE A 866 -6.64 35.94 -5.79
N ASP A 867 -5.98 35.10 -6.59
CA ASP A 867 -4.52 35.10 -6.62
C ASP A 867 -3.99 36.46 -7.09
N VAL A 868 -4.63 37.05 -8.09
CA VAL A 868 -4.25 38.38 -8.55
C VAL A 868 -4.39 39.39 -7.41
N PHE A 869 -5.48 39.30 -6.66
CA PHE A 869 -5.68 40.22 -5.55
C PHE A 869 -4.53 40.12 -4.55
N PHE A 870 -4.15 38.90 -4.20
CA PHE A 870 -3.03 38.74 -3.28
C PHE A 870 -1.72 39.26 -3.86
N PHE A 871 -1.52 39.07 -5.15
CA PHE A 871 -0.30 39.54 -5.77
C PHE A 871 -0.26 41.05 -5.97
N LEU A 872 -1.40 41.70 -5.83
CA LEU A 872 -1.46 43.15 -5.98
C LEU A 872 -0.66 43.86 -4.89
N PHE A 873 -0.57 43.28 -3.70
CA PHE A 873 0.19 43.89 -2.61
C PHE A 873 1.65 44.04 -2.99
N LEU A 874 2.24 42.95 -3.44
CA LEU A 874 3.62 42.96 -3.86
C LEU A 874 3.79 43.94 -4.98
N PHE A 875 2.90 43.90 -5.96
CA PHE A 875 3.04 44.78 -7.11
C PHE A 875 2.99 46.24 -6.68
N ALA A 876 2.11 46.58 -5.75
CA ALA A 876 2.01 47.95 -5.26
C ALA A 876 3.27 48.39 -4.55
N VAL A 877 3.84 47.50 -3.73
CA VAL A 877 5.10 47.83 -3.06
C VAL A 877 6.17 48.16 -4.10
N TRP A 878 6.32 47.29 -5.10
CA TRP A 878 7.30 47.54 -6.16
C TRP A 878 7.01 48.84 -6.89
N MET A 879 5.74 49.08 -7.20
CA MET A 879 5.35 50.27 -7.95
C MET A 879 5.74 51.53 -7.22
N VAL A 880 5.38 51.63 -5.93
CA VAL A 880 5.78 52.79 -5.15
C VAL A 880 7.30 52.89 -5.12
N ALA A 881 7.97 51.79 -4.78
CA ALA A 881 9.41 51.80 -4.59
C ALA A 881 10.13 52.39 -5.79
N PHE A 882 9.75 51.98 -6.99
CA PHE A 882 10.48 52.40 -8.17
C PHE A 882 9.90 53.63 -8.86
N GLY A 883 8.61 53.91 -8.71
CA GLY A 883 8.08 55.16 -9.22
C GLY A 883 8.65 56.36 -8.50
N VAL A 884 8.70 56.30 -7.16
CA VAL A 884 9.29 57.41 -6.42
C VAL A 884 10.74 57.60 -6.82
N ALA A 885 11.47 56.50 -6.99
CA ALA A 885 12.85 56.58 -7.47
C ALA A 885 12.90 57.32 -8.81
N ARG A 886 12.29 56.74 -9.84
CA ARG A 886 12.29 57.35 -11.16
C ARG A 886 11.99 58.84 -11.08
N GLN A 887 10.99 59.23 -10.29
CA GLN A 887 10.65 60.64 -10.18
C GLN A 887 11.80 61.46 -9.59
N GLY A 888 12.41 60.96 -8.51
CA GLY A 888 13.48 61.72 -7.89
C GLY A 888 14.73 61.81 -8.76
N ILE A 889 15.08 60.73 -9.43
CA ILE A 889 16.37 60.63 -10.11
C ILE A 889 16.29 61.14 -11.55
N LEU A 890 15.28 60.69 -12.31
CA LEU A 890 15.26 60.96 -13.75
C LEU A 890 15.23 62.47 -14.03
N ARG A 891 14.39 63.21 -13.30
CA ARG A 891 14.25 64.63 -13.51
C ARG A 891 14.13 65.34 -12.17
N GLN A 892 14.46 66.63 -12.18
CA GLN A 892 14.44 67.45 -10.97
C GLN A 892 13.19 68.31 -10.94
N ASN A 893 12.46 68.24 -9.82
CA ASN A 893 11.31 69.10 -9.59
C ASN A 893 10.13 68.71 -10.47
N GLU A 894 8.96 69.28 -10.18
CA GLU A 894 7.75 69.00 -10.93
C GLU A 894 6.60 69.85 -10.39
N GLN A 895 5.44 69.80 -11.06
CA GLN A 895 4.24 70.47 -10.55
C GLN A 895 3.69 69.64 -9.41
N ARG A 896 4.39 69.70 -8.28
CA ARG A 896 4.12 68.84 -7.14
C ARG A 896 4.49 67.40 -7.49
N TRP A 897 4.14 66.46 -6.61
CA TRP A 897 4.44 65.05 -6.89
C TRP A 897 3.53 64.47 -7.95
N ARG A 898 2.28 64.94 -8.04
CA ARG A 898 1.33 64.37 -8.99
C ARG A 898 1.79 64.58 -10.42
N TRP A 899 2.29 65.79 -10.74
CA TRP A 899 2.75 66.05 -12.11
C TRP A 899 3.88 65.11 -12.49
N ILE A 900 4.91 65.04 -11.63
CA ILE A 900 6.06 64.19 -11.93
C ILE A 900 5.62 62.74 -12.07
N PHE A 901 4.75 62.28 -11.17
CA PHE A 901 4.28 60.89 -11.25
C PHE A 901 3.57 60.66 -12.57
N ARG A 902 2.48 61.37 -12.81
CA ARG A 902 1.67 61.14 -14.00
C ARG A 902 2.47 61.34 -15.28
N SER A 903 3.59 62.06 -15.23
CA SER A 903 4.41 62.24 -16.42
C SER A 903 4.76 60.90 -17.07
N VAL A 904 5.18 59.93 -16.27
CA VAL A 904 5.69 58.67 -16.80
C VAL A 904 5.09 57.48 -16.06
N ILE A 905 4.01 57.70 -15.30
CA ILE A 905 3.37 56.59 -14.60
C ILE A 905 2.88 55.54 -15.57
N TYR A 906 2.54 55.94 -16.80
CA TYR A 906 2.02 54.98 -17.77
C TYR A 906 3.06 53.91 -18.09
N GLU A 907 4.35 54.29 -18.11
CA GLU A 907 5.38 53.36 -18.58
C GLU A 907 5.53 52.17 -17.66
N PRO A 908 5.88 52.35 -16.37
CA PRO A 908 6.14 51.17 -15.53
C PRO A 908 4.98 50.20 -15.45
N TYR A 909 3.74 50.70 -15.47
CA TYR A 909 2.59 49.82 -15.21
C TYR A 909 2.27 48.95 -16.41
N LEU A 910 2.35 49.51 -17.63
CA LEU A 910 1.88 48.80 -18.82
C LEU A 910 2.97 48.64 -19.89
N ALA A 911 3.80 49.67 -20.11
CA ALA A 911 4.78 49.59 -21.18
C ALA A 911 5.73 48.43 -20.98
N MET A 912 6.19 48.22 -19.75
CA MET A 912 7.14 47.14 -19.48
C MET A 912 6.63 45.81 -20.01
N PHE A 913 5.36 45.49 -19.71
CA PHE A 913 4.77 44.29 -20.28
C PHE A 913 4.62 44.42 -21.79
N GLY A 914 4.30 45.61 -22.27
CA GLY A 914 4.07 45.81 -23.69
C GLY A 914 5.35 45.96 -24.50
N GLN A 915 6.14 46.98 -24.20
CA GLN A 915 7.32 47.32 -24.98
C GLN A 915 8.49 47.62 -24.06
N VAL A 916 9.70 47.41 -24.58
CA VAL A 916 10.91 47.66 -23.80
C VAL A 916 11.12 49.16 -23.68
N PRO A 917 11.70 49.64 -22.58
CA PRO A 917 12.00 51.08 -22.45
C PRO A 917 13.17 51.47 -23.36
N SER A 918 12.91 52.38 -24.30
CA SER A 918 13.90 52.83 -25.25
C SER A 918 14.44 54.22 -24.91
N ASP A 919 13.54 55.19 -24.74
CA ASP A 919 13.95 56.55 -24.40
C ASP A 919 14.41 56.69 -22.96
N VAL A 920 14.01 55.77 -22.08
CA VAL A 920 14.35 55.90 -20.67
C VAL A 920 15.86 55.83 -20.48
N ASP A 921 16.50 54.85 -21.14
CA ASP A 921 17.95 54.71 -21.01
C ASP A 921 18.68 55.93 -21.57
N SER A 922 18.22 56.45 -22.72
CA SER A 922 18.86 57.61 -23.32
C SER A 922 18.72 58.85 -22.44
N THR A 923 17.56 59.02 -21.82
CA THR A 923 17.33 60.21 -21.00
C THR A 923 18.31 60.28 -19.83
N THR A 924 18.56 59.15 -19.18
CA THR A 924 19.48 59.10 -18.05
C THR A 924 20.85 59.66 -18.44
N ARG A 951 31.95 61.84 -13.17
CA ARG A 951 30.55 61.68 -13.57
C ARG A 951 29.89 60.58 -12.75
N PHE A 952 29.82 60.78 -11.44
CA PHE A 952 29.18 59.80 -10.57
C PHE A 952 27.74 59.52 -10.96
N PRO A 953 26.91 60.52 -11.31
CA PRO A 953 25.54 60.20 -11.72
C PRO A 953 25.48 59.23 -12.89
N GLU A 954 26.38 59.36 -13.86
CA GLU A 954 26.37 58.45 -15.00
C GLU A 954 26.65 57.01 -14.55
N TRP A 955 27.61 56.84 -13.64
CA TRP A 955 27.94 55.50 -13.16
C TRP A 955 26.82 54.91 -12.32
N ILE A 956 26.14 55.74 -11.53
CA ILE A 956 25.11 55.24 -10.62
C ILE A 956 23.76 55.08 -11.31
N THR A 957 23.57 55.67 -12.49
CA THR A 957 22.30 55.51 -13.19
C THR A 957 22.07 54.06 -13.63
N ILE A 958 23.11 53.40 -14.15
CA ILE A 958 22.92 52.07 -14.73
C ILE A 958 22.37 51.08 -13.71
N PRO A 959 22.94 50.93 -12.51
CA PRO A 959 22.37 49.97 -11.55
C PRO A 959 20.91 50.27 -11.23
N LEU A 960 20.54 51.55 -11.16
CA LEU A 960 19.16 51.90 -10.87
C LEU A 960 18.21 51.20 -11.83
N VAL A 961 18.33 51.48 -13.12
CA VAL A 961 17.42 50.89 -14.10
C VAL A 961 17.57 49.37 -14.12
N CYS A 962 18.82 48.89 -14.06
CA CYS A 962 19.06 47.46 -14.15
C CYS A 962 18.29 46.70 -13.08
N ILE A 963 18.40 47.13 -11.82
CA ILE A 963 17.64 46.50 -10.75
C ILE A 963 16.16 46.84 -10.89
N TYR A 964 15.84 47.97 -11.50
CA TYR A 964 14.45 48.44 -11.53
C TYR A 964 13.57 47.57 -12.40
N MET A 965 14.03 47.21 -13.59
CA MET A 965 13.16 46.49 -14.53
C MET A 965 13.56 45.04 -14.72
N LEU A 966 14.80 44.78 -15.14
CA LEU A 966 15.17 43.42 -15.53
C LEU A 966 15.29 42.48 -14.34
N SER A 967 15.50 43.02 -13.14
CA SER A 967 15.73 42.19 -11.96
C SER A 967 14.43 41.85 -11.24
N THR A 968 13.59 42.85 -10.96
CA THR A 968 12.42 42.68 -10.10
C THR A 968 11.13 42.48 -10.88
N ASN A 969 10.88 43.31 -11.91
CA ASN A 969 9.60 43.25 -12.61
C ASN A 969 9.40 41.89 -13.29
N ILE A 970 10.46 41.44 -13.92
CA ILE A 970 10.47 40.16 -14.59
C ILE A 970 10.26 39.11 -13.55
N LEU A 971 10.91 39.29 -12.41
CA LEU A 971 10.77 38.34 -11.34
C LEU A 971 9.32 38.31 -10.87
N LEU A 972 8.74 39.47 -10.61
CA LEU A 972 7.37 39.50 -10.14
C LEU A 972 6.39 38.95 -11.14
N VAL A 973 6.49 39.34 -12.41
CA VAL A 973 5.52 38.88 -13.37
C VAL A 973 5.58 37.37 -13.54
N ASN A 974 6.77 36.80 -13.54
CA ASN A 974 6.90 35.37 -13.66
C ASN A 974 6.32 34.66 -12.47
N LEU A 975 6.52 35.23 -11.29
CA LEU A 975 5.99 34.65 -10.07
C LEU A 975 4.48 34.58 -10.14
N LEU A 976 3.83 35.64 -10.63
CA LEU A 976 2.39 35.64 -10.78
C LEU A 976 1.96 34.57 -11.76
N VAL A 977 2.70 34.45 -12.86
CA VAL A 977 2.39 33.48 -13.88
C VAL A 977 2.50 32.07 -13.33
N ALA A 978 3.49 31.81 -12.48
CA ALA A 978 3.63 30.50 -11.89
C ALA A 978 2.41 30.19 -11.03
N MET A 979 1.92 31.17 -10.28
CA MET A 979 0.75 30.97 -9.43
C MET A 979 -0.47 30.64 -10.28
N PHE A 980 -0.62 31.30 -11.42
CA PHE A 980 -1.76 31.01 -12.28
C PHE A 980 -1.70 29.57 -12.75
N GLY A 981 -0.52 29.12 -13.13
CA GLY A 981 -0.35 27.75 -13.60
C GLY A 981 -0.71 26.75 -12.54
N TYR A 982 -0.35 27.01 -11.30
CA TYR A 982 -0.68 26.07 -10.25
C TYR A 982 -2.16 26.08 -9.92
N THR A 983 -2.78 27.24 -9.93
CA THR A 983 -4.21 27.28 -9.62
C THR A 983 -5.01 26.52 -10.67
N VAL A 984 -4.73 26.77 -11.94
CA VAL A 984 -5.42 26.05 -13.01
C VAL A 984 -5.16 24.56 -12.89
N GLY A 985 -3.92 24.18 -12.57
CA GLY A 985 -3.60 22.76 -12.46
C GLY A 985 -4.42 22.08 -11.39
N ILE A 986 -4.50 22.69 -10.20
CA ILE A 986 -5.22 22.04 -9.11
C ILE A 986 -6.72 22.00 -9.42
N VAL A 987 -7.26 23.06 -10.03
CA VAL A 987 -8.69 23.06 -10.33
C VAL A 987 -9.02 21.99 -11.36
N GLN A 988 -8.28 21.96 -12.47
CA GLN A 988 -8.57 20.99 -13.51
C GLN A 988 -8.28 19.56 -13.05
N GLU A 989 -7.36 19.39 -12.10
CA GLU A 989 -7.08 18.06 -11.58
C GLU A 989 -8.30 17.46 -10.90
N ASN A 990 -9.03 18.28 -10.13
CA ASN A 990 -10.20 17.83 -9.39
C ASN A 990 -11.50 18.11 -10.14
N ASN A 991 -11.46 18.06 -11.46
CA ASN A 991 -12.65 18.31 -12.27
C ASN A 991 -13.68 17.21 -12.04
N ASP A 992 -14.93 17.52 -12.40
CA ASP A 992 -16.12 16.68 -12.33
C ASP A 992 -16.64 16.53 -10.91
N GLN A 993 -15.97 17.09 -9.90
CA GLN A 993 -16.52 17.21 -8.56
C GLN A 993 -16.89 18.64 -8.22
N VAL A 994 -16.09 19.60 -8.66
CA VAL A 994 -16.42 21.01 -8.50
C VAL A 994 -17.64 21.37 -9.34
N TRP A 995 -17.72 20.82 -10.56
CA TRP A 995 -18.80 21.19 -11.46
C TRP A 995 -20.15 20.78 -10.89
N LYS A 996 -20.22 19.60 -10.28
CA LYS A 996 -21.50 19.12 -9.75
C LYS A 996 -21.99 20.03 -8.62
N PHE A 997 -21.10 20.37 -7.69
CA PHE A 997 -21.47 21.25 -6.60
C PHE A 997 -21.88 22.62 -7.12
N GLN A 998 -21.16 23.14 -8.12
CA GLN A 998 -21.53 24.41 -8.71
C GLN A 998 -22.90 24.33 -9.38
N ARG A 999 -23.15 23.23 -10.09
CA ARG A 999 -24.42 23.06 -10.80
C ARG A 999 -25.59 22.96 -9.85
N TYR A 1000 -25.35 22.50 -8.61
CA TYR A 1000 -26.44 22.45 -7.64
C TYR A 1000 -27.11 23.81 -7.51
N PHE A 1001 -26.30 24.87 -7.42
CA PHE A 1001 -26.86 26.21 -7.24
C PHE A 1001 -27.68 26.63 -8.46
N LEU A 1002 -27.19 26.32 -9.66
CA LEU A 1002 -27.93 26.66 -10.86
C LEU A 1002 -29.28 25.95 -10.87
N VAL A 1003 -29.30 24.67 -10.53
CA VAL A 1003 -30.56 23.93 -10.49
C VAL A 1003 -31.48 24.52 -9.44
N GLN A 1004 -30.94 24.86 -8.27
CA GLN A 1004 -31.76 25.40 -7.19
C GLN A 1004 -32.39 26.72 -7.59
N GLU A 1005 -31.64 27.57 -8.29
CA GLU A 1005 -32.13 28.93 -8.57
C GLU A 1005 -33.47 28.89 -9.32
N TYR A 1006 -33.59 28.00 -10.29
CA TYR A 1006 -34.79 27.96 -11.13
C TYR A 1006 -35.96 27.22 -10.49
N CYS A 1007 -35.74 26.54 -9.35
CA CYS A 1007 -36.87 25.96 -8.64
C CYS A 1007 -37.80 27.03 -8.09
N ASN A 1008 -37.22 28.13 -7.61
CA ASN A 1008 -38.01 29.18 -6.97
C ASN A 1008 -38.75 30.06 -7.97
N ARG A 1009 -38.36 30.04 -9.24
CA ARG A 1009 -38.99 30.90 -10.24
C ARG A 1009 -40.44 30.48 -10.47
N LEU A 1010 -41.13 31.23 -11.32
CA LEU A 1010 -42.50 30.97 -11.69
C LEU A 1010 -42.63 30.17 -12.97
N ASN A 1011 -41.51 29.70 -13.53
CA ASN A 1011 -41.50 28.90 -14.75
C ASN A 1011 -42.13 29.67 -15.92
N ILE A 1012 -41.71 30.92 -16.06
CA ILE A 1012 -42.14 31.76 -17.18
C ILE A 1012 -40.90 32.43 -17.76
N PRO A 1013 -40.87 32.71 -19.06
CA PRO A 1013 -39.72 33.46 -19.61
C PRO A 1013 -39.60 34.82 -18.96
N PHE A 1014 -38.36 35.29 -18.85
CA PHE A 1014 -38.08 36.49 -18.06
C PHE A 1014 -38.86 37.71 -18.52
N PRO A 1015 -38.90 38.07 -19.80
CA PRO A 1015 -39.55 39.33 -20.18
C PRO A 1015 -41.03 39.39 -19.83
N PHE A 1016 -41.70 38.23 -19.74
CA PHE A 1016 -43.13 38.18 -19.49
C PHE A 1016 -43.49 37.86 -18.04
N VAL A 1017 -42.49 37.67 -17.17
CA VAL A 1017 -42.78 37.38 -15.76
C VAL A 1017 -43.22 38.62 -14.99
N VAL A 1018 -43.11 39.80 -15.58
CA VAL A 1018 -43.61 41.02 -14.94
C VAL A 1018 -45.13 40.92 -14.75
N PHE A 1019 -45.83 40.39 -15.74
CA PHE A 1019 -47.28 40.22 -15.61
C PHE A 1019 -47.62 39.25 -14.49
N ALA A 1020 -46.84 38.17 -14.36
CA ALA A 1020 -47.05 37.23 -13.26
C ALA A 1020 -46.80 37.91 -11.92
N TYR A 1021 -45.76 38.74 -11.83
CA TYR A 1021 -45.50 39.47 -10.59
C TYR A 1021 -46.65 40.39 -10.24
N PHE A 1022 -47.18 41.12 -11.23
CA PHE A 1022 -48.31 42.01 -10.97
C PHE A 1022 -49.53 41.22 -10.53
N TYR A 1023 -49.78 40.08 -11.18
CA TYR A 1023 -50.91 39.24 -10.78
C TYR A 1023 -50.74 38.74 -9.36
N MET A 1024 -49.52 38.34 -8.98
CA MET A 1024 -49.26 37.92 -7.61
C MET A 1024 -49.50 39.06 -6.63
N VAL A 1025 -49.03 40.26 -6.97
CA VAL A 1025 -49.22 41.40 -6.08
C VAL A 1025 -50.71 41.66 -5.87
N VAL A 1026 -51.49 41.61 -6.95
CA VAL A 1026 -52.94 41.80 -6.81
C VAL A 1026 -53.53 40.69 -5.95
N LYS A 1027 -53.09 39.45 -6.17
CA LYS A 1027 -53.66 38.32 -5.44
C LYS A 1027 -53.40 38.43 -3.95
N LYS A 1028 -52.19 38.83 -3.55
CA LYS A 1028 -51.86 38.89 -2.13
C LYS A 1028 -52.75 39.90 -1.41
N CYS A 1029 -52.96 41.07 -2.01
CA CYS A 1029 -53.80 42.10 -1.41
C CYS A 1029 -55.14 42.20 -2.11
N ASN A 1051 -43.66 9.91 7.07
CA ASN A 1051 -43.85 8.92 8.12
C ASN A 1051 -43.41 7.55 7.64
N GLU A 1052 -44.07 7.05 6.58
CA GLU A 1052 -43.69 5.76 6.01
C GLU A 1052 -42.27 5.79 5.47
N THR A 1053 -41.90 6.90 4.82
CA THR A 1053 -40.53 7.04 4.32
C THR A 1053 -39.53 6.90 5.45
N LEU A 1054 -39.86 7.41 6.63
CA LEU A 1054 -38.97 7.28 7.78
C LEU A 1054 -38.83 5.83 8.21
N ALA A 1055 -39.91 5.05 8.16
CA ALA A 1055 -39.82 3.63 8.48
C ALA A 1055 -38.93 2.90 7.48
N TRP A 1056 -39.09 3.20 6.20
CA TRP A 1056 -38.22 2.60 5.19
C TRP A 1056 -36.77 3.00 5.44
N GLU A 1057 -36.54 4.25 5.82
CA GLU A 1057 -35.19 4.71 6.15
C GLU A 1057 -34.61 3.92 7.31
N GLY A 1058 -35.44 3.66 8.33
CA GLY A 1058 -34.97 2.86 9.45
C GLY A 1058 -34.60 1.45 9.04
N VAL A 1059 -35.39 0.85 8.16
CA VAL A 1059 -35.07 -0.50 7.66
C VAL A 1059 -33.74 -0.48 6.93
N MET A 1060 -33.54 0.50 6.06
CA MET A 1060 -32.27 0.60 5.32
C MET A 1060 -31.11 0.81 6.28
N LYS A 1061 -31.31 1.62 7.32
CA LYS A 1061 -30.27 1.78 8.34
C LYS A 1061 -29.98 0.46 9.04
N GLU A 1062 -31.02 -0.33 9.29
CA GLU A 1062 -30.81 -1.65 9.88
C GLU A 1062 -29.87 -2.48 9.03
N ASN A 1063 -30.15 -2.54 7.73
CA ASN A 1063 -29.30 -3.31 6.83
C ASN A 1063 -27.88 -2.75 6.81
N TYR A 1064 -27.73 -1.43 6.80
CA TYR A 1064 -26.41 -0.82 6.76
C TYR A 1064 -25.60 -1.14 8.02
N LEU A 1065 -26.24 -1.03 9.18
CA LEU A 1065 -25.55 -1.31 10.44
C LEU A 1065 -25.13 -2.77 10.50
N VAL A 1066 -26.01 -3.68 10.06
CA VAL A 1066 -25.60 -5.08 9.95
C VAL A 1066 -24.36 -5.19 9.07
N LYS A 1067 -24.40 -4.54 7.90
CA LYS A 1067 -23.33 -4.67 6.92
C LYS A 1067 -21.98 -4.29 7.52
N ILE A 1068 -21.93 -3.16 8.21
CA ILE A 1068 -20.65 -2.69 8.74
C ILE A 1068 -20.26 -3.45 10.00
N ASN A 1069 -21.17 -3.60 10.96
CA ASN A 1069 -20.82 -4.23 12.24
C ASN A 1069 -20.35 -5.67 12.04
N THR A 1070 -21.18 -6.50 11.42
CA THR A 1070 -20.84 -7.92 11.31
C THR A 1070 -19.59 -8.10 10.47
N LYS A 1071 -19.51 -7.40 9.33
CA LYS A 1071 -18.33 -7.50 8.48
C LYS A 1071 -17.07 -7.05 9.20
N ALA A 1072 -17.18 -6.04 10.08
CA ALA A 1072 -16.01 -5.59 10.82
C ALA A 1072 -15.55 -6.64 11.82
N ASN A 1073 -16.49 -7.21 12.59
CA ASN A 1073 -16.11 -8.07 13.71
C ASN A 1073 -15.95 -9.54 13.32
N ASP A 1074 -17.03 -10.17 12.87
CA ASP A 1074 -17.06 -11.62 12.75
C ASP A 1074 -16.06 -12.12 11.71
N ASN A 1075 -15.92 -11.40 10.59
CA ASN A 1075 -15.04 -11.89 9.53
C ASN A 1075 -13.61 -12.06 10.05
N SER A 1076 -13.13 -11.11 10.84
CA SER A 1076 -11.79 -11.22 11.39
C SER A 1076 -11.72 -12.20 12.55
N GLU A 1077 -12.77 -12.27 13.39
CA GLU A 1077 -12.69 -13.05 14.61
C GLU A 1077 -13.07 -14.52 14.44
N GLU A 1078 -13.56 -14.93 13.27
CA GLU A 1078 -14.08 -16.28 13.12
C GLU A 1078 -12.99 -17.34 13.31
N MET A 1079 -11.82 -17.13 12.69
CA MET A 1079 -10.75 -18.12 12.79
C MET A 1079 -10.29 -18.31 14.22
N ARG A 1080 -10.06 -17.19 14.92
CA ARG A 1080 -9.60 -17.26 16.30
C ARG A 1080 -10.66 -17.90 17.19
N HIS A 1081 -11.93 -17.58 16.96
CA HIS A 1081 -13.01 -18.21 17.72
C HIS A 1081 -13.05 -19.71 17.48
N ARG A 1082 -12.86 -20.13 16.22
CA ARG A 1082 -12.83 -21.55 15.91
C ARG A 1082 -11.71 -22.25 16.67
N PHE A 1083 -10.50 -21.67 16.64
CA PHE A 1083 -9.39 -22.29 17.35
C PHE A 1083 -9.67 -22.36 18.84
N ARG A 1084 -10.19 -21.27 19.42
CA ARG A 1084 -10.45 -21.25 20.85
C ARG A 1084 -11.49 -22.30 21.24
N GLN A 1085 -12.58 -22.39 20.47
CA GLN A 1085 -13.61 -23.37 20.78
C GLN A 1085 -13.09 -24.79 20.63
N LEU A 1086 -12.31 -25.05 19.58
CA LEU A 1086 -11.75 -26.39 19.41
C LEU A 1086 -10.86 -26.76 20.59
N ASP A 1087 -10.00 -25.83 21.01
CA ASP A 1087 -9.11 -26.11 22.14
C ASP A 1087 -9.91 -26.36 23.41
N SER A 1088 -10.92 -25.52 23.67
CA SER A 1088 -11.71 -25.68 24.89
C SER A 1088 -12.45 -27.00 24.89
N LYS A 1089 -13.07 -27.36 23.77
CA LYS A 1089 -13.80 -28.62 23.70
C LYS A 1089 -12.86 -29.81 23.88
N LEU A 1090 -11.70 -29.77 23.23
CA LEU A 1090 -10.76 -30.87 23.38
C LEU A 1090 -10.28 -31.00 24.82
N ASN A 1091 -10.00 -29.87 25.48
CA ASN A 1091 -9.57 -29.92 26.87
C ASN A 1091 -10.67 -30.47 27.76
N ASP A 1092 -11.92 -30.06 27.53
CA ASP A 1092 -13.02 -30.58 28.34
C ASP A 1092 -13.18 -32.08 28.14
N LEU A 1093 -13.09 -32.54 26.89
CA LEU A 1093 -13.20 -33.97 26.63
C LEU A 1093 -12.05 -34.74 27.27
N LYS A 1094 -10.84 -34.18 27.23
CA LYS A 1094 -9.70 -34.83 27.88
C LYS A 1094 -9.92 -34.93 29.39
N SER A 1095 -10.44 -33.86 30.00
CA SER A 1095 -10.72 -33.91 31.43
C SER A 1095 -11.78 -34.95 31.75
N LEU A 1096 -12.82 -35.04 30.92
CA LEU A 1096 -13.85 -36.05 31.14
C LEU A 1096 -13.28 -37.46 31.02
N LEU A 1097 -12.41 -37.67 30.02
CA LEU A 1097 -11.78 -38.97 29.85
C LEU A 1097 -10.90 -39.30 31.05
N LYS A 1098 -10.17 -38.32 31.57
CA LYS A 1098 -9.37 -38.55 32.77
C LYS A 1098 -10.26 -38.93 33.95
N GLU A 1099 -11.40 -38.24 34.08
CA GLU A 1099 -12.32 -38.56 35.18
C GLU A 1099 -12.85 -39.98 35.06
N ILE A 1100 -13.24 -40.39 33.85
CA ILE A 1100 -13.77 -41.74 33.69
C ILE A 1100 -12.69 -42.78 33.92
N ALA A 1101 -11.46 -42.48 33.48
CA ALA A 1101 -10.35 -43.40 33.74
C ALA A 1101 -10.09 -43.54 35.23
N ASN A 1102 -10.12 -42.43 35.96
CA ASN A 1102 -9.96 -42.51 37.42
C ASN A 1102 -11.10 -43.32 38.03
N ASN A 1103 -12.33 -43.13 37.54
CA ASN A 1103 -13.46 -43.90 38.05
C ASN A 1103 -13.26 -45.39 37.80
N ILE A 1104 -12.65 -45.75 36.67
CA ILE A 1104 -12.46 -47.16 36.34
C ILE A 1104 -11.57 -47.83 37.39
N LYS A 1105 -10.49 -47.17 37.75
CA LYS A 1105 -9.56 -47.71 38.75
C LYS A 1105 -9.93 -47.21 40.15
N ASP B 41 -71.52 -10.30 3.86
CA ASP B 41 -71.43 -11.56 3.13
C ASP B 41 -70.55 -12.57 3.86
N LEU B 42 -69.24 -12.36 3.77
CA LEU B 42 -68.31 -13.27 4.43
C LEU B 42 -68.48 -13.24 5.94
N VAL B 43 -68.65 -12.05 6.52
CA VAL B 43 -68.81 -11.94 7.96
C VAL B 43 -70.08 -12.65 8.41
N ASN B 44 -71.19 -12.44 7.69
CA ASN B 44 -72.43 -13.12 8.02
C ASN B 44 -72.28 -14.63 7.88
N PHE B 45 -71.56 -15.08 6.86
CA PHE B 45 -71.33 -16.51 6.69
C PHE B 45 -70.55 -17.08 7.86
N ILE B 46 -69.51 -16.37 8.32
CA ILE B 46 -68.73 -16.83 9.46
C ILE B 46 -69.61 -16.91 10.71
N GLN B 47 -70.41 -15.86 10.94
CA GLN B 47 -71.27 -15.84 12.12
C GLN B 47 -72.27 -16.98 12.08
N ALA B 48 -72.86 -17.25 10.92
CA ALA B 48 -73.78 -18.37 10.78
C ALA B 48 -73.07 -19.70 11.03
N ASN B 49 -71.86 -19.86 10.49
CA ASN B 49 -71.13 -21.11 10.66
C ASN B 49 -70.85 -21.38 12.12
N PHE B 50 -70.43 -20.35 12.86
CA PHE B 50 -70.14 -20.55 14.29
C PHE B 50 -71.42 -20.65 15.10
N LYS B 51 -72.44 -19.88 14.73
CA LYS B 51 -73.72 -19.90 15.43
C LYS B 51 -73.54 -19.46 16.89
N ASP B 102 -71.53 -14.01 17.87
CA ASP B 102 -70.41 -13.66 17.00
C ASP B 102 -69.19 -13.24 17.83
N ALA B 103 -69.26 -12.04 18.41
CA ALA B 103 -68.17 -11.51 19.22
C ALA B 103 -66.87 -11.44 18.43
N PHE B 104 -66.98 -11.10 17.15
CA PHE B 104 -65.82 -10.96 16.27
C PHE B 104 -65.85 -9.58 15.63
N GLY B 105 -64.68 -8.98 15.49
CA GLY B 105 -64.58 -7.67 14.88
C GLY B 105 -63.34 -7.47 14.04
N ASP B 106 -63.48 -6.78 12.92
CA ASP B 106 -62.32 -6.40 12.11
C ASP B 106 -61.58 -5.28 12.82
N ILE B 107 -60.87 -5.63 13.90
CA ILE B 107 -60.23 -4.64 14.74
C ILE B 107 -59.19 -3.86 13.97
N GLN B 108 -59.20 -2.54 14.15
CA GLN B 108 -58.20 -1.65 13.56
C GLN B 108 -57.88 -0.56 14.57
N PHE B 109 -56.62 -0.45 14.96
CA PHE B 109 -56.22 0.52 15.98
C PHE B 109 -56.01 1.89 15.34
N GLY B 116 -55.45 -6.52 12.57
CA GLY B 116 -56.12 -6.37 11.30
C GLY B 116 -57.52 -6.96 11.31
N LYS B 117 -57.62 -8.27 11.49
CA LYS B 117 -58.91 -8.95 11.54
C LYS B 117 -58.87 -9.99 12.66
N TYR B 118 -59.72 -9.81 13.66
CA TYR B 118 -59.78 -10.70 14.81
C TYR B 118 -61.05 -11.54 14.75
N LEU B 119 -60.93 -12.80 15.16
CA LEU B 119 -62.07 -13.71 15.15
C LEU B 119 -62.04 -14.58 16.40
N ARG B 120 -63.20 -15.17 16.71
CA ARG B 120 -63.35 -16.09 17.83
C ARG B 120 -63.71 -17.48 17.30
N LEU B 121 -63.14 -18.51 17.92
CA LEU B 121 -63.34 -19.88 17.49
C LEU B 121 -63.57 -20.77 18.70
N SER B 122 -64.36 -21.82 18.51
CA SER B 122 -64.60 -22.80 19.56
C SER B 122 -63.51 -23.87 19.52
N CYS B 123 -63.21 -24.42 20.70
CA CYS B 123 -62.19 -25.46 20.78
C CYS B 123 -62.55 -26.67 19.94
N ASP B 124 -63.85 -26.92 19.74
CA ASP B 124 -64.32 -28.04 18.94
C ASP B 124 -64.53 -27.67 17.48
N THR B 125 -64.20 -26.44 17.09
CA THR B 125 -64.43 -26.01 15.71
C THR B 125 -63.64 -26.86 14.73
N ASP B 126 -64.28 -27.20 13.62
CA ASP B 126 -63.64 -27.98 12.57
C ASP B 126 -62.48 -27.21 11.95
N SER B 127 -61.35 -27.91 11.76
CA SER B 127 -60.16 -27.28 11.18
C SER B 127 -60.38 -26.91 9.72
N GLU B 128 -61.04 -27.80 8.96
CA GLU B 128 -61.29 -27.51 7.56
C GLU B 128 -62.05 -26.22 7.38
N THR B 129 -62.94 -25.88 8.32
CA THR B 129 -63.64 -24.60 8.22
C THR B 129 -62.67 -23.44 8.26
N LEU B 130 -61.70 -23.48 9.18
CA LEU B 130 -60.70 -22.42 9.26
C LEU B 130 -59.90 -22.34 7.97
N TYR B 131 -59.43 -23.48 7.47
CA TYR B 131 -58.61 -23.43 6.25
C TYR B 131 -59.42 -22.90 5.07
N GLU B 132 -60.68 -23.34 4.95
CA GLU B 132 -61.54 -22.86 3.88
C GLU B 132 -61.76 -21.35 3.98
N LEU B 133 -62.05 -20.86 5.19
CA LEU B 133 -62.25 -19.43 5.37
C LEU B 133 -61.01 -18.65 4.95
N LEU B 134 -59.84 -19.10 5.39
CA LEU B 134 -58.62 -18.38 5.04
C LEU B 134 -58.36 -18.39 3.55
N THR B 135 -58.57 -19.54 2.89
CA THR B 135 -58.21 -19.65 1.48
C THR B 135 -59.21 -18.90 0.59
N GLN B 136 -60.51 -19.05 0.85
CA GLN B 136 -61.52 -18.57 -0.07
C GLN B 136 -61.98 -17.14 0.20
N HIS B 137 -61.60 -16.54 1.32
CA HIS B 137 -62.01 -15.19 1.66
C HIS B 137 -60.84 -14.21 1.77
N TRP B 138 -59.82 -14.56 2.54
CA TRP B 138 -58.77 -13.61 2.91
C TRP B 138 -57.47 -13.85 2.18
N HIS B 139 -56.91 -15.06 2.25
CA HIS B 139 -55.54 -15.32 1.83
C HIS B 139 -55.48 -16.36 0.73
N LEU B 140 -54.40 -16.31 -0.04
CA LEU B 140 -54.09 -17.29 -1.05
C LEU B 140 -53.32 -18.45 -0.44
N LYS B 141 -53.51 -19.64 -1.02
CA LYS B 141 -52.85 -20.83 -0.47
C LYS B 141 -51.34 -20.62 -0.43
N THR B 142 -50.73 -21.03 0.68
CA THR B 142 -49.33 -20.72 0.95
C THR B 142 -48.47 -21.95 0.78
N PRO B 143 -47.46 -21.92 -0.10
CA PRO B 143 -46.58 -23.08 -0.24
C PRO B 143 -45.86 -23.47 1.03
N ASN B 144 -45.51 -22.51 1.89
CA ASN B 144 -44.66 -22.77 3.04
C ASN B 144 -45.30 -22.23 4.31
N LEU B 145 -45.18 -23.01 5.39
CA LEU B 145 -45.68 -22.65 6.71
C LEU B 145 -44.56 -22.75 7.73
N VAL B 146 -44.55 -21.79 8.66
CA VAL B 146 -43.62 -21.79 9.78
C VAL B 146 -44.42 -21.56 11.06
N ILE B 147 -44.10 -22.30 12.09
CA ILE B 147 -44.77 -22.20 13.39
C ILE B 147 -43.72 -21.85 14.42
N SER B 148 -43.80 -20.64 14.96
CA SER B 148 -42.86 -20.17 15.97
C SER B 148 -43.54 -20.30 17.33
N VAL B 149 -42.89 -21.03 18.24
CA VAL B 149 -43.48 -21.28 19.55
C VAL B 149 -43.51 -19.96 20.33
N THR B 150 -44.68 -19.65 20.90
CA THR B 150 -44.88 -18.41 21.64
C THR B 150 -45.37 -18.72 23.05
N GLY B 151 -45.28 -17.70 23.90
CA GLY B 151 -45.67 -17.83 25.29
C GLY B 151 -44.60 -18.40 26.20
N GLY B 152 -43.46 -18.80 25.65
CA GLY B 152 -42.41 -19.37 26.50
C GLY B 152 -41.87 -18.38 27.50
N ALA B 153 -41.62 -17.15 27.07
CA ALA B 153 -41.09 -16.10 27.92
C ALA B 153 -41.99 -14.87 27.81
N LYS B 154 -42.40 -14.34 28.97
CA LYS B 154 -43.19 -13.11 28.97
C LYS B 154 -42.37 -11.94 28.45
N ASN B 155 -41.08 -11.90 28.79
CA ASN B 155 -40.17 -10.87 28.34
C ASN B 155 -39.16 -11.46 27.37
N PHE B 156 -38.88 -10.73 26.30
CA PHE B 156 -37.97 -11.17 25.25
C PHE B 156 -36.80 -10.20 25.15
N ALA B 157 -35.59 -10.77 25.01
CA ALA B 157 -34.37 -9.98 24.90
C ALA B 157 -34.01 -9.85 23.43
N LEU B 158 -33.87 -8.61 22.96
CA LEU B 158 -33.54 -8.33 21.57
C LEU B 158 -32.02 -8.45 21.38
N LYS B 159 -31.55 -9.69 21.53
CA LYS B 159 -30.14 -9.97 21.30
C LYS B 159 -29.86 -10.05 19.81
N PRO B 160 -28.73 -9.54 19.33
CA PRO B 160 -28.44 -9.60 17.89
C PRO B 160 -28.50 -11.02 17.34
N ARG B 161 -27.97 -12.00 18.09
CA ARG B 161 -28.03 -13.38 17.66
C ARG B 161 -29.47 -13.85 17.52
N MET B 162 -30.30 -13.53 18.50
CA MET B 162 -31.71 -13.92 18.48
C MET B 162 -32.56 -13.02 17.60
N ARG B 163 -32.04 -11.86 17.20
CA ARG B 163 -32.80 -10.88 16.43
C ARG B 163 -32.62 -11.05 14.92
N LYS B 164 -31.36 -11.10 14.48
CA LYS B 164 -31.09 -11.22 13.05
C LYS B 164 -31.66 -12.52 12.49
N ILE B 165 -31.67 -13.58 13.29
CA ILE B 165 -32.22 -14.85 12.82
C ILE B 165 -33.68 -14.69 12.45
N PHE B 166 -34.48 -14.07 13.33
CA PHE B 166 -35.88 -13.89 13.03
C PHE B 166 -36.12 -12.87 11.92
N SER B 167 -35.27 -11.84 11.83
CA SER B 167 -35.40 -10.92 10.71
C SER B 167 -35.19 -11.65 9.39
N ARG B 168 -34.17 -12.49 9.33
CA ARG B 168 -33.92 -13.28 8.12
C ARG B 168 -35.06 -14.26 7.86
N LEU B 169 -35.60 -14.86 8.91
CA LEU B 169 -36.72 -15.79 8.74
C LEU B 169 -37.92 -15.07 8.12
N ILE B 170 -38.21 -13.86 8.60
CA ILE B 170 -39.34 -13.10 8.06
C ILE B 170 -39.06 -12.71 6.62
N TYR B 171 -37.81 -12.34 6.31
CA TYR B 171 -37.46 -12.03 4.93
C TYR B 171 -37.67 -13.24 4.03
N ILE B 172 -37.27 -14.43 4.49
CA ILE B 172 -37.47 -15.65 3.71
C ILE B 172 -38.95 -15.91 3.50
N ALA B 173 -39.74 -15.75 4.56
CA ALA B 173 -41.19 -15.99 4.45
C ALA B 173 -41.81 -15.04 3.43
N GLN B 174 -41.40 -13.77 3.45
CA GLN B 174 -41.89 -12.82 2.46
C GLN B 174 -41.46 -13.25 1.05
N SER B 175 -40.22 -13.69 0.90
CA SER B 175 -39.74 -14.10 -0.42
C SER B 175 -40.56 -15.27 -0.96
N LYS B 176 -40.86 -16.25 -0.12
CA LYS B 176 -41.61 -17.43 -0.54
C LYS B 176 -43.10 -17.33 -0.22
N GLY B 177 -43.56 -16.21 0.31
CA GLY B 177 -44.97 -16.06 0.61
C GLY B 177 -45.49 -17.06 1.61
N ALA B 178 -44.74 -17.31 2.68
CA ALA B 178 -45.09 -18.30 3.68
C ALA B 178 -45.97 -17.69 4.76
N TRP B 179 -46.63 -18.57 5.50
CA TRP B 179 -47.35 -18.18 6.72
C TRP B 179 -46.44 -18.34 7.93
N ILE B 180 -46.66 -17.50 8.93
CA ILE B 180 -46.00 -17.63 10.22
C ILE B 180 -47.07 -17.63 11.30
N LEU B 181 -47.01 -18.63 12.18
CA LEU B 181 -48.00 -18.80 13.23
C LEU B 181 -47.34 -18.52 14.58
N THR B 182 -47.89 -17.57 15.32
CA THR B 182 -47.37 -17.15 16.62
C THR B 182 -48.53 -16.97 17.59
N GLY B 183 -48.18 -16.75 18.86
CA GLY B 183 -49.20 -16.52 19.86
C GLY B 183 -49.95 -15.21 19.65
N GLY B 184 -49.22 -14.15 19.34
CA GLY B 184 -49.83 -12.84 19.13
C GLY B 184 -49.86 -11.94 20.35
N THR B 185 -49.18 -12.31 21.42
CA THR B 185 -49.16 -11.47 22.61
C THR B 185 -48.41 -10.17 22.34
N HIS B 186 -48.84 -9.10 23.02
CA HIS B 186 -48.19 -7.81 22.85
C HIS B 186 -46.77 -7.83 23.40
N TYR B 187 -46.54 -8.56 24.49
CA TYR B 187 -45.26 -8.57 25.16
C TYR B 187 -44.47 -9.81 24.75
N GLY B 188 -43.21 -9.61 24.37
CA GLY B 188 -42.31 -10.69 24.04
C GLY B 188 -41.87 -10.66 22.59
N LEU B 189 -41.60 -11.83 22.05
CA LEU B 189 -41.11 -11.93 20.67
C LEU B 189 -42.22 -11.63 19.67
N MET B 190 -43.47 -11.84 20.05
CA MET B 190 -44.57 -11.61 19.11
C MET B 190 -44.62 -10.15 18.66
N LYS B 191 -44.42 -9.22 19.59
CA LYS B 191 -44.43 -7.80 19.22
C LYS B 191 -43.30 -7.48 18.26
N TYR B 192 -42.12 -8.05 18.50
CA TYR B 192 -40.99 -7.81 17.60
C TYR B 192 -41.29 -8.34 16.20
N ILE B 193 -41.86 -9.55 16.12
CA ILE B 193 -42.20 -10.10 14.81
C ILE B 193 -43.25 -9.23 14.13
N GLY B 194 -44.24 -8.76 14.88
CA GLY B 194 -45.25 -7.89 14.30
C GLY B 194 -44.67 -6.61 13.76
N GLU B 195 -43.76 -5.99 14.51
CA GLU B 195 -43.10 -4.77 14.03
C GLU B 195 -42.29 -5.04 12.78
N VAL B 196 -41.58 -6.18 12.75
CA VAL B 196 -40.78 -6.51 11.56
C VAL B 196 -41.70 -6.66 10.36
N VAL B 197 -42.82 -7.36 10.53
CA VAL B 197 -43.76 -7.56 9.43
C VAL B 197 -44.31 -6.22 8.98
N ARG B 198 -44.65 -5.35 9.93
CA ARG B 198 -45.22 -4.05 9.58
C ARG B 198 -44.23 -3.23 8.76
N ASP B 199 -42.96 -3.20 9.17
CA ASP B 199 -41.98 -2.43 8.41
C ASP B 199 -41.73 -3.05 7.05
N ASN B 200 -41.69 -4.38 6.97
CA ASN B 200 -41.51 -5.01 5.66
C ASN B 200 -42.65 -4.69 4.72
N THR B 201 -43.89 -4.72 5.23
CA THR B 201 -45.02 -4.31 4.40
C THR B 201 -44.88 -2.86 3.99
N ILE B 202 -44.45 -1.99 4.91
CA ILE B 202 -44.16 -0.61 4.54
C ILE B 202 -43.03 -0.56 3.51
N SER B 203 -42.01 -1.38 3.71
CA SER B 203 -40.90 -1.46 2.76
C SER B 203 -41.34 -2.06 1.44
N GLU B 208 -48.53 -7.41 2.94
CA GLU B 208 -49.19 -7.71 1.66
C GLU B 208 -48.76 -9.08 1.15
N ASN B 209 -47.52 -9.15 0.64
CA ASN B 209 -46.98 -10.43 0.19
C ASN B 209 -46.66 -11.37 1.34
N ILE B 210 -46.48 -10.86 2.56
CA ILE B 210 -46.20 -11.67 3.72
C ILE B 210 -47.44 -11.68 4.62
N VAL B 211 -47.82 -12.87 5.09
CA VAL B 211 -49.01 -13.05 5.92
C VAL B 211 -48.57 -13.67 7.25
N ALA B 212 -48.98 -13.06 8.35
CA ALA B 212 -48.73 -13.54 9.69
C ALA B 212 -50.07 -13.73 10.39
N ILE B 213 -50.25 -14.89 11.02
CA ILE B 213 -51.50 -15.22 11.72
C ILE B 213 -51.17 -15.56 13.16
N GLY B 214 -51.92 -15.00 14.09
CA GLY B 214 -51.73 -15.23 15.50
C GLY B 214 -52.88 -16.01 16.10
N ILE B 215 -52.58 -16.84 17.10
CA ILE B 215 -53.57 -17.66 17.78
C ILE B 215 -53.56 -17.31 19.26
N ALA B 216 -54.73 -16.98 19.79
CA ALA B 216 -54.88 -16.53 21.17
C ALA B 216 -56.02 -17.29 21.83
N ALA B 217 -56.32 -16.90 23.07
CA ALA B 217 -57.39 -17.50 23.86
C ALA B 217 -58.42 -16.42 24.17
N TRP B 218 -59.66 -16.63 23.73
CA TRP B 218 -60.69 -15.60 23.92
C TRP B 218 -60.98 -15.34 25.39
N GLY B 219 -60.80 -16.33 26.25
CA GLY B 219 -61.04 -16.16 27.67
C GLY B 219 -59.91 -15.44 28.37
N MET B 220 -58.67 -15.75 27.98
CA MET B 220 -57.52 -15.14 28.62
C MET B 220 -57.30 -13.70 28.18
N VAL B 221 -57.64 -13.38 26.93
CA VAL B 221 -57.41 -12.05 26.39
C VAL B 221 -58.33 -11.04 27.06
N SER B 222 -58.04 -9.76 26.88
CA SER B 222 -58.87 -8.71 27.44
C SER B 222 -60.24 -8.70 26.75
N ASN B 223 -61.22 -8.14 27.45
CA ASN B 223 -62.57 -8.07 26.90
C ASN B 223 -62.57 -7.33 25.57
N ARG B 224 -63.23 -7.91 24.58
CA ARG B 224 -63.34 -7.33 23.25
C ARG B 224 -64.78 -6.98 22.95
N ASP B 225 -64.99 -5.78 22.41
CA ASP B 225 -66.34 -5.32 22.12
C ASP B 225 -67.01 -6.22 21.09
N THR B 226 -68.25 -6.61 21.37
CA THR B 226 -68.99 -7.48 20.47
C THR B 226 -69.34 -6.74 19.18
N LEU B 227 -69.38 -7.49 18.08
CA LEU B 227 -69.74 -6.92 16.78
C LEU B 227 -71.20 -6.46 16.79
N PHE B 237 -69.70 -2.56 14.31
CA PHE B 237 -69.10 -3.55 13.42
C PHE B 237 -67.62 -3.74 13.73
N SER B 238 -66.78 -2.85 13.19
CA SER B 238 -65.34 -2.92 13.41
C SER B 238 -64.98 -2.13 14.65
N ALA B 239 -65.10 -2.79 15.80
CA ALA B 239 -64.75 -2.17 17.07
C ALA B 239 -63.24 -1.93 17.15
N GLN B 240 -62.87 -0.91 17.92
CA GLN B 240 -61.48 -0.51 18.07
C GLN B 240 -61.06 -0.62 19.53
N TYR B 241 -59.86 -1.13 19.76
CA TYR B 241 -59.30 -1.30 21.09
C TYR B 241 -57.88 -0.75 21.10
N ILE B 242 -57.56 0.06 22.10
CA ILE B 242 -56.23 0.64 22.24
C ILE B 242 -55.77 0.43 23.68
N MET B 243 -54.54 -0.05 23.85
CA MET B 243 -53.98 -0.29 25.17
C MET B 243 -52.56 -0.83 25.05
N LEU B 251 -56.04 -9.59 31.68
CA LEU B 251 -54.91 -10.34 32.21
C LEU B 251 -53.86 -10.60 31.13
N TYR B 252 -54.28 -10.52 29.87
CA TYR B 252 -53.40 -10.74 28.73
C TYR B 252 -53.44 -9.54 27.81
N ILE B 253 -52.31 -9.29 27.14
CA ILE B 253 -52.18 -8.20 26.19
C ILE B 253 -51.83 -8.79 24.84
N LEU B 254 -52.55 -8.37 23.80
CA LEU B 254 -52.35 -8.86 22.44
C LEU B 254 -51.80 -7.75 21.56
N ASP B 255 -50.86 -8.11 20.68
CA ASP B 255 -50.21 -7.12 19.83
C ASP B 255 -51.19 -6.51 18.85
N ASN B 256 -51.85 -7.35 18.05
CA ASN B 256 -52.67 -6.89 16.93
C ASN B 256 -51.82 -6.29 15.81
N ASN B 257 -50.50 -6.48 15.87
CA ASN B 257 -49.64 -6.13 14.74
C ASN B 257 -49.75 -7.17 13.63
N HIS B 258 -50.06 -8.41 13.99
CA HIS B 258 -50.30 -9.46 13.01
C HIS B 258 -51.60 -9.15 12.26
N THR B 259 -51.62 -9.49 10.98
CA THR B 259 -52.76 -9.14 10.14
C THR B 259 -54.04 -9.79 10.63
N HIS B 260 -53.97 -11.06 11.02
CA HIS B 260 -55.15 -11.82 11.43
C HIS B 260 -54.88 -12.52 12.75
N LEU B 261 -55.86 -12.49 13.65
CA LEU B 261 -55.77 -13.13 14.95
C LEU B 261 -57.02 -13.96 15.22
N LEU B 262 -56.80 -15.09 15.90
CA LEU B 262 -57.88 -16.00 16.26
C LEU B 262 -57.82 -16.26 17.76
N LEU B 263 -58.96 -16.13 18.43
CA LEU B 263 -59.07 -16.37 19.85
C LEU B 263 -59.80 -17.69 20.11
N VAL B 264 -59.47 -18.32 21.23
CA VAL B 264 -60.01 -19.63 21.57
C VAL B 264 -61.22 -19.43 22.49
N ASP B 265 -62.40 -19.85 22.01
CA ASP B 265 -63.64 -19.67 22.77
C ASP B 265 -63.73 -20.73 23.87
N ASN B 266 -62.76 -20.69 24.78
CA ASN B 266 -62.77 -21.58 25.92
C ASN B 266 -63.97 -21.30 26.81
N GLY B 267 -64.51 -22.35 27.41
CA GLY B 267 -65.69 -22.20 28.25
C GLY B 267 -65.46 -21.24 29.41
N CYS B 268 -64.32 -21.39 30.09
CA CYS B 268 -63.96 -20.54 31.22
C CYS B 268 -62.59 -19.94 30.98
N HIS B 269 -62.48 -18.63 31.15
CA HIS B 269 -61.20 -17.95 30.98
C HIS B 269 -60.20 -18.47 32.01
N GLY B 270 -59.00 -18.76 31.56
CA GLY B 270 -57.96 -19.26 32.44
C GLY B 270 -56.58 -18.95 31.90
N HIS B 271 -55.64 -18.74 32.82
CA HIS B 271 -54.26 -18.48 32.42
C HIS B 271 -53.65 -19.62 31.61
N PRO B 272 -53.76 -20.89 32.02
CA PRO B 272 -53.12 -21.96 31.24
C PRO B 272 -53.66 -22.03 29.83
N THR B 273 -52.79 -22.41 28.90
CA THR B 273 -53.16 -22.47 27.49
C THR B 273 -54.33 -23.43 27.29
N VAL B 274 -55.33 -22.97 26.56
CA VAL B 274 -56.52 -23.77 26.27
C VAL B 274 -56.78 -23.76 24.77
N GLU B 275 -55.73 -23.49 23.99
CA GLU B 275 -55.85 -23.39 22.55
C GLU B 275 -54.81 -24.21 21.79
N ALA B 276 -53.83 -24.80 22.48
CA ALA B 276 -52.82 -25.61 21.79
C ALA B 276 -53.47 -26.73 20.97
N LYS B 277 -54.60 -27.26 21.43
CA LYS B 277 -55.28 -28.31 20.68
C LYS B 277 -55.66 -27.82 19.29
N LEU B 278 -56.23 -26.62 19.20
CA LEU B 278 -56.62 -26.08 17.90
C LEU B 278 -55.39 -25.88 17.01
N ARG B 279 -54.30 -25.37 17.58
CA ARG B 279 -53.08 -25.16 16.81
C ARG B 279 -52.57 -26.47 16.22
N ASN B 280 -52.48 -27.51 17.06
CA ASN B 280 -51.99 -28.80 16.58
C ASN B 280 -52.92 -29.39 15.53
N GLN B 281 -54.23 -29.30 15.76
CA GLN B 281 -55.18 -29.81 14.78
C GLN B 281 -55.04 -29.08 13.45
N LEU B 282 -54.89 -27.75 13.49
CA LEU B 282 -54.80 -26.98 12.25
C LEU B 282 -53.54 -27.34 11.49
N GLU B 283 -52.39 -27.41 12.18
CA GLU B 283 -51.16 -27.76 11.48
C GLU B 283 -51.25 -29.15 10.87
N LYS B 284 -51.78 -30.12 11.65
CA LYS B 284 -51.91 -31.47 11.13
C LYS B 284 -52.82 -31.50 9.91
N TYR B 285 -53.95 -30.79 9.96
CA TYR B 285 -54.86 -30.77 8.83
C TYR B 285 -54.20 -30.14 7.60
N ILE B 286 -53.48 -29.03 7.80
CA ILE B 286 -52.83 -28.39 6.66
C ILE B 286 -51.83 -29.35 6.03
N SER B 287 -51.12 -30.11 6.85
CA SER B 287 -50.23 -31.13 6.28
C SER B 287 -50.99 -32.12 5.42
N GLU B 288 -52.23 -32.43 5.79
CA GLU B 288 -53.03 -33.39 5.03
C GLU B 288 -53.73 -32.72 3.86
N ARG B 289 -52.97 -32.07 2.99
CA ARG B 289 -53.49 -31.45 1.78
C ARG B 289 -52.39 -31.42 0.74
N THR B 290 -52.78 -31.23 -0.51
CA THR B 290 -51.86 -31.31 -1.64
C THR B 290 -51.84 -30.00 -2.40
N SER B 291 -50.63 -29.53 -2.72
CA SER B 291 -50.43 -28.35 -3.56
C SER B 291 -49.38 -28.69 -4.61
N GLN B 292 -49.78 -28.65 -5.88
CA GLN B 292 -48.89 -29.05 -6.97
C GLN B 292 -47.84 -27.98 -7.27
N ASP B 293 -48.18 -26.71 -7.07
CA ASP B 293 -47.27 -25.63 -7.45
C ASP B 293 -45.92 -25.77 -6.76
N SER B 294 -45.91 -26.18 -5.50
CA SER B 294 -44.69 -26.19 -4.72
C SER B 294 -43.73 -27.26 -5.21
N ASN B 295 -42.44 -27.01 -5.00
CA ASN B 295 -41.43 -28.00 -5.36
C ASN B 295 -41.52 -29.24 -4.48
N TYR B 296 -42.04 -29.09 -3.26
CA TYR B 296 -42.28 -30.24 -2.40
C TYR B 296 -43.17 -31.25 -3.11
N GLY B 297 -43.13 -32.49 -2.64
CA GLY B 297 -43.80 -33.55 -3.37
C GLY B 297 -45.29 -33.61 -3.10
N GLY B 298 -46.02 -32.63 -3.63
CA GLY B 298 -47.46 -32.63 -3.49
C GLY B 298 -47.95 -32.44 -2.07
N LYS B 299 -47.14 -31.84 -1.21
CA LYS B 299 -47.55 -31.52 0.15
C LYS B 299 -47.01 -30.14 0.52
N ILE B 300 -47.61 -29.55 1.55
CA ILE B 300 -47.24 -28.22 2.02
C ILE B 300 -46.28 -28.41 3.20
N PRO B 301 -45.02 -27.98 3.08
CA PRO B 301 -44.08 -28.14 4.21
C PRO B 301 -44.53 -27.38 5.44
N ILE B 302 -44.25 -27.97 6.62
CA ILE B 302 -44.58 -27.37 7.91
C ILE B 302 -43.39 -27.63 8.85
N VAL B 303 -42.67 -26.58 9.23
CA VAL B 303 -41.50 -26.72 10.09
C VAL B 303 -41.67 -25.86 11.33
N CYS B 304 -41.42 -26.45 12.50
CA CYS B 304 -41.50 -25.72 13.76
C CYS B 304 -40.26 -24.85 13.95
N PHE B 305 -40.42 -23.74 14.68
CA PHE B 305 -39.29 -22.88 15.06
C PHE B 305 -39.35 -22.69 16.58
N ALA B 306 -38.53 -23.45 17.31
CA ALA B 306 -38.44 -23.36 18.77
C ALA B 306 -37.10 -22.72 19.13
N GLN B 307 -37.11 -21.42 19.38
CA GLN B 307 -35.94 -20.69 19.85
C GLN B 307 -36.03 -20.33 21.33
N GLY B 308 -37.22 -19.94 21.80
CA GLY B 308 -37.46 -19.71 23.21
C GLY B 308 -38.14 -20.89 23.87
N GLY B 309 -37.39 -21.68 24.63
CA GLY B 309 -37.93 -22.88 25.22
C GLY B 309 -38.82 -22.61 26.42
N GLY B 310 -39.54 -23.64 26.82
CA GLY B 310 -40.45 -23.55 27.95
C GLY B 310 -41.21 -24.85 28.11
N ARG B 311 -42.11 -24.86 29.08
CA ARG B 311 -42.92 -26.05 29.34
C ARG B 311 -43.86 -26.31 28.16
N GLU B 312 -44.73 -25.34 27.85
CA GLU B 312 -45.64 -25.50 26.72
C GLU B 312 -44.88 -25.68 25.42
N THR B 313 -43.69 -25.07 25.30
CA THR B 313 -42.87 -25.28 24.12
C THR B 313 -42.43 -26.74 24.01
N LEU B 314 -42.01 -27.33 25.12
CA LEU B 314 -41.64 -28.74 25.13
C LEU B 314 -42.84 -29.61 24.75
N LYS B 315 -44.01 -29.30 25.30
CA LYS B 315 -45.19 -30.09 24.98
C LYS B 315 -45.54 -29.98 23.49
N ALA B 316 -45.42 -28.77 22.93
CA ALA B 316 -45.69 -28.58 21.51
C ALA B 316 -44.72 -29.38 20.65
N ILE B 317 -43.44 -29.39 21.04
CA ILE B 317 -42.44 -30.16 20.29
C ILE B 317 -42.75 -31.65 20.35
N ASN B 318 -43.10 -32.15 21.54
CA ASN B 318 -43.45 -33.55 21.68
C ASN B 318 -44.66 -33.91 20.83
N THR B 319 -45.68 -33.04 20.82
CA THR B 319 -46.82 -33.26 19.94
C THR B 319 -46.42 -33.16 18.48
N SER B 320 -45.43 -32.34 18.16
CA SER B 320 -44.97 -32.24 16.79
C SER B 320 -44.43 -33.57 16.29
N VAL B 321 -43.67 -34.27 17.13
CA VAL B 321 -43.16 -35.58 16.70
C VAL B 321 -44.32 -36.47 16.30
N LYS B 322 -45.35 -36.54 17.15
CA LYS B 322 -46.53 -37.34 16.81
C LYS B 322 -47.16 -36.84 15.52
N SER B 323 -47.16 -35.52 15.30
CA SER B 323 -47.68 -34.95 14.07
C SER B 323 -46.81 -35.27 12.87
N LYS B 324 -45.62 -35.82 13.08
CA LYS B 324 -44.71 -36.18 11.99
C LYS B 324 -44.36 -34.97 11.12
N ILE B 325 -44.08 -33.84 11.78
CA ILE B 325 -43.68 -32.62 11.07
C ILE B 325 -42.30 -32.19 11.58
N PRO B 326 -41.44 -31.67 10.71
CA PRO B 326 -40.11 -31.24 11.18
C PRO B 326 -40.18 -30.08 12.15
N CYS B 327 -39.24 -30.08 13.09
CA CYS B 327 -39.04 -28.98 14.03
C CYS B 327 -37.57 -28.59 14.02
N VAL B 328 -37.31 -27.29 14.16
CA VAL B 328 -35.96 -26.75 14.25
C VAL B 328 -35.85 -26.00 15.56
N VAL B 329 -34.78 -26.28 16.31
CA VAL B 329 -34.57 -25.73 17.64
C VAL B 329 -33.27 -24.94 17.64
N VAL B 330 -33.33 -23.74 18.21
CA VAL B 330 -32.15 -22.89 18.30
C VAL B 330 -31.26 -23.36 19.44
N GLU B 331 -29.94 -23.19 19.27
CA GLU B 331 -28.96 -23.53 20.27
C GLU B 331 -28.18 -22.29 20.67
N GLY B 332 -27.74 -22.26 21.92
CA GLY B 332 -27.07 -21.10 22.46
C GLY B 332 -28.00 -20.02 23.00
N SER B 333 -29.30 -20.24 22.94
CA SER B 333 -30.27 -19.27 23.44
C SER B 333 -31.56 -19.99 23.79
N GLY B 334 -32.39 -19.32 24.57
CA GLY B 334 -33.67 -19.87 24.96
C GLY B 334 -33.63 -20.49 26.34
N GLN B 335 -34.77 -20.45 27.03
CA GLN B 335 -34.85 -21.01 28.37
C GLN B 335 -34.60 -22.52 28.35
N ILE B 336 -35.33 -23.24 27.50
CA ILE B 336 -35.21 -24.69 27.41
C ILE B 336 -34.62 -25.14 26.08
N ALA B 337 -34.53 -24.27 25.08
CA ALA B 337 -33.99 -24.67 23.79
C ALA B 337 -32.54 -25.15 23.92
N ASP B 338 -31.76 -24.44 24.74
CA ASP B 338 -30.38 -24.85 24.95
C ASP B 338 -30.30 -26.24 25.54
N VAL B 339 -31.26 -26.59 26.40
CA VAL B 339 -31.28 -27.93 26.98
C VAL B 339 -31.42 -28.99 25.90
N ILE B 340 -32.34 -28.77 24.96
CA ILE B 340 -32.52 -29.70 23.85
C ILE B 340 -31.24 -29.78 23.02
N ALA B 341 -30.69 -28.62 22.66
CA ALA B 341 -29.49 -28.59 21.84
C ALA B 341 -28.33 -29.31 22.50
N SER B 342 -28.24 -29.25 23.83
CA SER B 342 -27.20 -29.98 24.54
C SER B 342 -27.52 -31.46 24.65
N LEU B 343 -28.80 -31.80 24.82
CA LEU B 343 -29.19 -33.20 25.00
C LEU B 343 -28.92 -34.02 23.74
N VAL B 344 -29.16 -33.45 22.56
CA VAL B 344 -28.95 -34.24 21.34
C VAL B 344 -27.51 -34.73 21.28
N GLU B 345 -26.57 -33.87 21.65
CA GLU B 345 -25.16 -34.25 21.64
C GLU B 345 -24.85 -35.25 22.75
N VAL B 349 -26.73 -45.61 23.32
CA VAL B 349 -28.08 -45.91 23.78
C VAL B 349 -28.64 -44.72 24.54
N LEU B 350 -29.84 -44.89 25.10
CA LEU B 350 -30.51 -43.86 25.87
C LEU B 350 -30.46 -44.21 27.35
N THR B 351 -29.99 -43.26 28.16
CA THR B 351 -29.89 -43.42 29.60
C THR B 351 -30.75 -42.37 30.28
N SER B 352 -31.59 -42.81 31.22
CA SER B 352 -32.48 -41.88 31.91
C SER B 352 -31.69 -40.84 32.70
N SER B 353 -30.62 -41.26 33.37
CA SER B 353 -29.84 -40.33 34.17
C SER B 353 -29.22 -39.24 33.30
N MET B 354 -28.72 -39.61 32.12
CA MET B 354 -28.10 -38.64 31.24
C MET B 354 -29.09 -37.56 30.80
N VAL B 355 -30.31 -37.98 30.46
CA VAL B 355 -31.33 -37.02 30.03
C VAL B 355 -31.99 -36.30 31.20
N LYS B 356 -31.79 -36.77 32.43
CA LYS B 356 -32.42 -36.14 33.59
C LYS B 356 -31.51 -35.13 34.27
N GLU B 357 -30.21 -35.43 34.40
CA GLU B 357 -29.33 -34.59 35.20
C GLU B 357 -29.20 -33.19 34.61
N LYS B 358 -28.99 -33.09 33.30
CA LYS B 358 -28.67 -31.81 32.67
C LYS B 358 -29.80 -30.79 32.85
N LEU B 359 -31.04 -31.23 32.64
CA LEU B 359 -32.17 -30.31 32.65
C LEU B 359 -32.27 -29.60 34.00
N VAL B 360 -32.17 -30.36 35.09
CA VAL B 360 -32.33 -29.78 36.42
C VAL B 360 -31.27 -28.71 36.65
N ARG B 361 -30.02 -29.02 36.31
CA ARG B 361 -28.95 -28.07 36.53
C ARG B 361 -29.14 -26.81 35.70
N PHE B 362 -29.53 -26.95 34.43
CA PHE B 362 -29.55 -25.77 33.56
C PHE B 362 -30.58 -24.74 34.01
N LEU B 363 -31.68 -25.18 34.63
CA LEU B 363 -32.80 -24.31 34.98
C LEU B 363 -33.19 -24.50 36.44
N PRO B 364 -32.38 -23.99 37.37
CA PRO B 364 -32.73 -24.18 38.80
C PRO B 364 -34.06 -23.59 39.20
N ARG B 365 -34.42 -22.40 38.70
CA ARG B 365 -35.68 -21.79 39.09
C ARG B 365 -36.87 -22.58 38.57
N THR B 366 -36.82 -23.01 37.31
CA THR B 366 -37.95 -23.74 36.73
C THR B 366 -38.18 -25.05 37.47
N VAL B 367 -37.11 -25.78 37.78
CA VAL B 367 -37.26 -27.02 38.52
C VAL B 367 -37.71 -26.74 39.95
N SER B 368 -37.21 -25.66 40.55
CA SER B 368 -37.60 -25.32 41.92
C SER B 368 -39.10 -25.05 42.00
N ARG B 369 -39.63 -24.27 41.06
CA ARG B 369 -41.05 -23.95 41.09
C ARG B 369 -41.91 -25.19 40.88
N LEU B 370 -41.52 -26.05 39.94
CA LEU B 370 -42.35 -27.19 39.60
C LEU B 370 -42.32 -28.25 40.71
N PRO B 371 -43.41 -28.99 40.88
CA PRO B 371 -43.41 -30.08 41.86
C PRO B 371 -42.65 -31.30 41.34
N GLU B 372 -42.41 -32.24 42.26
CA GLU B 372 -41.73 -33.48 41.89
C GLU B 372 -42.53 -34.27 40.85
N GLU B 373 -43.86 -34.09 40.83
CA GLU B 373 -44.67 -34.80 39.85
C GLU B 373 -44.43 -34.28 38.44
N GLU B 374 -44.01 -33.02 38.30
CA GLU B 374 -43.77 -32.45 36.97
C GLU B 374 -42.46 -32.93 36.37
N ILE B 375 -41.44 -33.16 37.19
CA ILE B 375 -40.12 -33.48 36.67
C ILE B 375 -40.13 -34.82 35.95
N GLU B 376 -40.87 -35.80 36.49
CA GLU B 376 -40.96 -37.10 35.83
C GLU B 376 -41.59 -36.99 34.46
N SER B 377 -42.67 -36.21 34.35
CA SER B 377 -43.31 -35.98 33.06
C SER B 377 -42.36 -35.29 32.09
N TRP B 378 -41.61 -34.31 32.58
CA TRP B 378 -40.65 -33.62 31.72
C TRP B 378 -39.60 -34.59 31.19
N ILE B 379 -39.08 -35.47 32.05
CA ILE B 379 -38.07 -36.42 31.61
C ILE B 379 -38.67 -37.39 30.60
N LYS B 380 -39.92 -37.80 30.80
CA LYS B 380 -40.58 -38.66 29.83
C LYS B 380 -40.70 -37.98 28.47
N TRP B 381 -41.07 -36.70 28.46
CA TRP B 381 -41.15 -35.97 27.20
C TRP B 381 -39.78 -35.86 26.53
N LEU B 382 -38.73 -35.61 27.31
CA LEU B 382 -37.39 -35.57 26.73
C LEU B 382 -37.02 -36.93 26.14
N LYS B 383 -37.35 -38.01 26.83
CA LYS B 383 -37.18 -39.33 26.25
C LYS B 383 -37.95 -39.48 24.96
N GLU B 384 -39.15 -38.89 24.87
CA GLU B 384 -39.87 -38.90 23.60
C GLU B 384 -39.06 -38.22 22.51
N ILE B 385 -38.47 -37.07 22.81
CA ILE B 385 -37.64 -36.41 21.81
C ILE B 385 -36.51 -37.33 21.40
N LEU B 386 -35.84 -37.93 22.38
CA LEU B 386 -34.75 -38.86 22.10
C LEU B 386 -35.21 -40.04 21.26
N GLU B 387 -36.51 -40.36 21.30
CA GLU B 387 -37.02 -41.49 20.54
C GLU B 387 -36.82 -41.30 19.05
N SER B 388 -37.06 -40.09 18.54
CA SER B 388 -37.01 -39.80 17.11
C SER B 388 -36.04 -38.65 16.89
N SER B 389 -34.82 -38.99 16.47
CA SER B 389 -33.79 -37.98 16.21
C SER B 389 -33.85 -37.42 14.81
N HIS B 390 -34.41 -38.17 13.85
CA HIS B 390 -34.42 -37.71 12.46
C HIS B 390 -35.23 -36.43 12.31
N LEU B 391 -36.43 -36.39 12.89
CA LEU B 391 -37.33 -35.27 12.65
C LEU B 391 -36.75 -33.97 13.19
N LEU B 392 -36.22 -33.99 14.40
CA LEU B 392 -35.71 -32.77 15.02
C LEU B 392 -34.45 -32.30 14.31
N THR B 393 -34.26 -30.99 14.27
CA THR B 393 -33.04 -30.39 13.77
C THR B 393 -32.59 -29.29 14.71
N VAL B 394 -31.28 -29.09 14.79
CA VAL B 394 -30.68 -28.10 15.68
C VAL B 394 -29.93 -27.08 14.83
N ILE B 395 -30.11 -25.80 15.16
CA ILE B 395 -29.38 -24.72 14.52
C ILE B 395 -28.52 -24.05 15.59
N LYS B 396 -27.21 -24.21 15.49
CA LYS B 396 -26.26 -23.61 16.43
C LYS B 396 -25.81 -22.27 15.84
N MET B 397 -26.18 -21.18 16.48
CA MET B 397 -25.85 -19.85 16.00
C MET B 397 -24.46 -19.39 16.43
N GLU B 398 -23.74 -20.20 17.20
CA GLU B 398 -22.42 -19.80 17.67
C GLU B 398 -21.44 -19.58 16.52
N GLU B 399 -21.68 -20.22 15.38
CA GLU B 399 -20.78 -20.14 14.23
C GLU B 399 -21.59 -19.90 12.97
N ALA B 400 -20.88 -19.77 11.84
CA ALA B 400 -21.48 -19.62 10.52
C ALA B 400 -22.16 -18.27 10.38
N GLY B 401 -22.52 -17.90 9.15
CA GLY B 401 -23.03 -16.58 8.86
C GLY B 401 -24.54 -16.53 8.69
N ASP B 402 -24.99 -15.91 7.59
CA ASP B 402 -26.42 -15.71 7.37
C ASP B 402 -27.12 -16.99 6.91
N GLU B 403 -26.48 -17.76 6.00
CA GLU B 403 -27.17 -18.86 5.35
C GLU B 403 -27.79 -19.83 6.37
N ILE B 404 -27.30 -19.85 7.61
CA ILE B 404 -27.85 -20.77 8.59
C ILE B 404 -29.36 -20.63 8.66
N VAL B 405 -29.86 -19.39 8.67
CA VAL B 405 -31.30 -19.19 8.82
C VAL B 405 -32.03 -19.90 7.70
N SER B 406 -31.53 -19.79 6.47
CA SER B 406 -32.17 -20.44 5.34
C SER B 406 -31.66 -21.86 5.09
N ASN B 407 -30.63 -22.30 5.80
CA ASN B 407 -30.09 -23.64 5.59
C ASN B 407 -30.83 -24.67 6.44
N ALA B 408 -30.79 -24.50 7.76
CA ALA B 408 -31.40 -25.47 8.65
C ALA B 408 -32.83 -25.76 8.24
N ILE B 409 -33.62 -24.71 8.04
CA ILE B 409 -35.01 -24.87 7.60
C ILE B 409 -35.06 -25.84 6.42
N SER B 410 -34.36 -25.48 5.34
CA SER B 410 -34.35 -26.33 4.16
C SER B 410 -33.89 -27.73 4.54
N TYR B 411 -32.80 -27.83 5.30
CA TYR B 411 -32.32 -29.13 5.73
C TYR B 411 -33.43 -29.91 6.42
N ALA B 412 -34.12 -29.24 7.36
CA ALA B 412 -35.19 -29.90 8.08
C ALA B 412 -36.20 -30.52 7.12
N LEU B 413 -36.53 -29.81 6.04
CA LEU B 413 -37.48 -30.34 5.08
C LEU B 413 -36.92 -31.58 4.39
N TYR B 414 -35.66 -31.51 3.96
CA TYR B 414 -35.10 -32.60 3.15
C TYR B 414 -35.22 -33.93 3.88
N LYS B 415 -34.79 -33.97 5.14
CA LYS B 415 -34.89 -35.20 5.92
C LYS B 415 -36.31 -35.76 5.86
N ALA B 416 -37.30 -34.90 6.07
CA ALA B 416 -38.68 -35.37 6.03
C ALA B 416 -39.00 -35.99 4.67
N PHE B 417 -38.60 -35.31 3.59
CA PHE B 417 -38.87 -35.85 2.26
C PHE B 417 -38.19 -37.19 2.04
N SER B 418 -37.12 -37.47 2.78
CA SER B 418 -36.47 -38.77 2.68
C SER B 418 -37.23 -39.86 3.42
N THR B 419 -37.95 -39.50 4.48
CA THR B 419 -38.61 -40.52 5.29
C THR B 419 -39.66 -41.28 4.49
N ASN B 420 -40.46 -40.58 3.69
CA ASN B 420 -41.44 -41.23 2.85
C ASN B 420 -40.76 -42.17 1.86
N GLU B 421 -41.25 -43.42 1.79
CA GLU B 421 -40.68 -44.39 0.86
C GLU B 421 -40.94 -43.98 -0.58
N GLN B 422 -42.17 -43.56 -0.90
CA GLN B 422 -42.46 -43.11 -2.25
C GLN B 422 -41.60 -41.90 -2.61
N ASP B 423 -41.42 -40.97 -1.68
CA ASP B 423 -40.53 -39.84 -1.92
C ASP B 423 -39.11 -40.31 -2.11
N LYS B 424 -38.64 -41.25 -1.29
CA LYS B 424 -37.30 -41.77 -1.46
C LYS B 424 -37.13 -42.44 -2.82
N ASP B 425 -38.23 -42.98 -3.38
CA ASP B 425 -38.14 -43.64 -4.68
C ASP B 425 -37.66 -42.69 -5.76
N ASN B 426 -38.14 -41.45 -5.76
CA ASN B 426 -37.87 -40.50 -6.83
C ASN B 426 -36.74 -39.55 -6.45
N TRP B 427 -35.72 -39.49 -7.30
CA TRP B 427 -34.68 -38.46 -7.18
C TRP B 427 -35.22 -37.07 -7.47
N ASN B 428 -36.22 -36.97 -8.35
CA ASN B 428 -36.64 -35.67 -8.85
C ASN B 428 -37.17 -34.77 -7.75
N GLY B 429 -37.93 -35.33 -6.82
CA GLY B 429 -38.49 -34.51 -5.75
C GLY B 429 -37.40 -33.87 -4.90
N GLN B 430 -36.43 -34.67 -4.45
CA GLN B 430 -35.34 -34.15 -3.65
C GLN B 430 -34.52 -33.14 -4.44
N LEU B 431 -34.25 -33.44 -5.72
CA LEU B 431 -33.47 -32.52 -6.53
C LEU B 431 -34.16 -31.18 -6.67
N LYS B 432 -35.45 -31.20 -7.03
CA LYS B 432 -36.18 -29.95 -7.18
C LYS B 432 -36.25 -29.18 -5.87
N LEU B 433 -36.45 -29.88 -4.76
CA LEU B 433 -36.51 -29.21 -3.46
C LEU B 433 -35.19 -28.51 -3.15
N LEU B 434 -34.08 -29.22 -3.27
CA LEU B 434 -32.77 -28.63 -2.97
C LEU B 434 -32.49 -27.46 -3.91
N LEU B 435 -32.84 -27.61 -5.19
CA LEU B 435 -32.65 -26.53 -6.14
C LEU B 435 -33.47 -25.30 -5.74
N GLU B 436 -34.70 -25.51 -5.31
CA GLU B 436 -35.54 -24.39 -4.88
C GLU B 436 -34.92 -23.70 -3.68
N TRP B 437 -34.38 -24.46 -2.73
CA TRP B 437 -33.77 -23.87 -1.55
C TRP B 437 -32.29 -23.54 -1.73
N ASN B 438 -31.70 -23.89 -2.86
CA ASN B 438 -30.35 -23.43 -3.22
C ASN B 438 -29.32 -23.92 -2.21
N GLN B 439 -29.32 -25.24 -1.95
CA GLN B 439 -28.31 -25.89 -1.14
C GLN B 439 -27.47 -26.78 -2.06
N LEU B 440 -26.39 -26.21 -2.58
CA LEU B 440 -25.56 -26.92 -3.56
C LEU B 440 -24.93 -28.16 -2.93
N ASP B 441 -24.40 -28.03 -1.72
CA ASP B 441 -23.60 -29.11 -1.14
C ASP B 441 -24.45 -30.37 -0.95
N LEU B 442 -25.65 -30.21 -0.41
CA LEU B 442 -26.49 -31.37 -0.12
C LEU B 442 -26.83 -32.14 -1.39
N ALA B 443 -27.23 -31.43 -2.44
CA ALA B 443 -27.58 -32.09 -3.69
C ALA B 443 -26.36 -32.71 -4.35
N SER B 444 -25.24 -31.98 -4.34
CA SER B 444 -24.02 -32.49 -4.99
C SER B 444 -23.55 -33.77 -4.31
N ASP B 445 -23.59 -33.82 -2.98
CA ASP B 445 -23.04 -34.97 -2.27
C ASP B 445 -24.03 -36.12 -2.21
N GLU B 446 -25.22 -35.88 -1.65
CA GLU B 446 -26.13 -36.97 -1.36
C GLU B 446 -26.82 -37.49 -2.62
N ILE B 447 -27.16 -36.61 -3.56
CA ILE B 447 -27.95 -37.02 -4.72
C ILE B 447 -27.04 -37.41 -5.87
N PHE B 448 -26.22 -36.47 -6.35
CA PHE B 448 -25.43 -36.71 -7.55
C PHE B 448 -24.30 -37.70 -7.34
N THR B 449 -23.98 -38.06 -6.10
CA THR B 449 -22.99 -39.09 -5.83
C THR B 449 -23.58 -40.50 -5.91
N ASN B 450 -24.89 -40.62 -6.17
CA ASN B 450 -25.51 -41.94 -6.26
C ASN B 450 -24.84 -42.79 -7.33
N ASP B 451 -24.38 -42.18 -8.42
CA ASP B 451 -23.71 -42.82 -9.54
C ASP B 451 -24.70 -43.50 -10.48
N ARG B 452 -26.01 -43.42 -10.23
CA ARG B 452 -26.98 -44.01 -11.14
C ARG B 452 -27.02 -43.21 -12.44
N ARG B 453 -27.52 -43.85 -13.49
CA ARG B 453 -27.54 -43.23 -14.81
C ARG B 453 -28.29 -41.90 -14.78
N TRP B 454 -27.69 -40.88 -15.38
CA TRP B 454 -28.28 -39.54 -15.48
C TRP B 454 -28.58 -39.28 -16.95
N GLU B 455 -29.85 -39.42 -17.32
CA GLU B 455 -30.25 -39.23 -18.71
C GLU B 455 -30.39 -37.74 -19.03
N SER B 456 -30.39 -37.43 -20.33
CA SER B 456 -30.35 -36.04 -20.77
C SER B 456 -31.61 -35.28 -20.36
N ALA B 457 -32.79 -35.90 -20.50
CA ALA B 457 -34.04 -35.19 -20.28
C ALA B 457 -34.17 -34.71 -18.83
N ASP B 458 -33.75 -35.53 -17.87
CA ASP B 458 -33.73 -35.12 -16.48
C ASP B 458 -33.09 -33.75 -16.32
N LEU B 459 -31.80 -33.68 -16.65
CA LEU B 459 -31.07 -32.44 -16.46
C LEU B 459 -31.57 -31.35 -17.41
N GLN B 460 -32.18 -31.73 -18.52
CA GLN B 460 -32.81 -30.74 -19.38
C GLN B 460 -33.90 -29.98 -18.60
N GLU B 461 -34.81 -30.72 -17.97
CA GLU B 461 -35.87 -30.09 -17.19
C GLU B 461 -35.32 -29.30 -16.01
N VAL B 462 -34.38 -29.91 -15.28
CA VAL B 462 -33.89 -29.21 -14.07
C VAL B 462 -33.04 -28.00 -14.46
N MET B 463 -32.37 -28.05 -15.60
CA MET B 463 -31.61 -26.90 -16.08
C MET B 463 -32.53 -25.77 -16.52
N PHE B 464 -33.61 -26.11 -17.21
CA PHE B 464 -34.57 -25.08 -17.59
C PHE B 464 -35.14 -24.40 -16.36
N THR B 465 -35.50 -25.18 -15.33
CA THR B 465 -36.03 -24.56 -14.12
C THR B 465 -34.95 -23.84 -13.32
N ALA B 466 -33.69 -24.21 -13.48
CA ALA B 466 -32.61 -23.53 -12.77
C ALA B 466 -32.29 -22.18 -13.37
N LEU B 467 -32.29 -22.08 -14.71
CA LEU B 467 -31.91 -20.83 -15.36
C LEU B 467 -32.86 -19.70 -14.96
N ILE B 468 -34.16 -19.98 -14.92
CA ILE B 468 -35.14 -18.94 -14.63
C ILE B 468 -34.91 -18.35 -13.24
N LYS B 469 -34.68 -19.21 -12.25
CA LYS B 469 -34.60 -18.77 -10.85
C LYS B 469 -33.23 -18.21 -10.48
N ASP B 470 -32.33 -18.03 -11.44
CA ASP B 470 -31.03 -17.42 -11.19
C ASP B 470 -30.22 -18.24 -10.17
N ARG B 471 -29.92 -19.48 -10.56
CA ARG B 471 -29.12 -20.40 -9.76
C ARG B 471 -27.89 -20.77 -10.58
N PRO B 472 -26.81 -19.99 -10.47
CA PRO B 472 -25.63 -20.28 -11.30
C PRO B 472 -24.87 -21.53 -10.86
N LYS B 473 -24.72 -21.74 -9.56
CA LYS B 473 -23.95 -22.87 -9.08
C LYS B 473 -24.58 -24.19 -9.51
N PHE B 474 -25.91 -24.28 -9.46
CA PHE B 474 -26.59 -25.48 -9.92
C PHE B 474 -26.40 -25.68 -11.43
N VAL B 475 -26.38 -24.60 -12.19
CA VAL B 475 -26.10 -24.70 -13.62
C VAL B 475 -24.71 -25.30 -13.84
N ARG B 476 -23.72 -24.81 -13.09
CA ARG B 476 -22.37 -25.36 -13.21
C ARG B 476 -22.35 -26.83 -12.82
N LEU B 477 -23.07 -27.19 -11.76
CA LEU B 477 -23.11 -28.58 -11.32
C LEU B 477 -23.71 -29.48 -12.39
N PHE B 478 -24.81 -29.05 -13.01
CA PHE B 478 -25.42 -29.84 -14.07
C PHE B 478 -24.47 -29.99 -15.25
N LEU B 479 -23.83 -28.90 -15.66
CA LEU B 479 -22.89 -28.99 -16.77
C LEU B 479 -21.76 -29.95 -16.45
N GLU B 480 -21.23 -29.90 -15.22
CA GLU B 480 -20.16 -30.81 -14.83
C GLU B 480 -20.65 -32.25 -14.87
N ASN B 481 -21.82 -32.52 -14.30
CA ASN B 481 -22.34 -33.89 -14.25
C ASN B 481 -22.78 -34.39 -15.61
N GLY B 482 -22.89 -33.52 -16.61
CA GLY B 482 -23.09 -33.99 -17.97
C GLY B 482 -24.40 -33.55 -18.58
N LEU B 483 -24.34 -32.54 -19.45
CA LEU B 483 -25.52 -32.04 -20.13
C LEU B 483 -25.07 -31.35 -21.41
N ASN B 484 -25.46 -31.91 -22.56
CA ASN B 484 -25.11 -31.31 -23.84
C ASN B 484 -25.89 -30.01 -23.99
N LEU B 485 -25.22 -28.89 -23.73
CA LEU B 485 -25.91 -27.60 -23.74
C LEU B 485 -26.44 -27.27 -25.12
N GLN B 486 -25.67 -27.60 -26.17
CA GLN B 486 -26.15 -27.34 -27.53
C GLN B 486 -27.43 -28.09 -27.82
N LYS B 487 -27.51 -29.36 -27.39
CA LYS B 487 -28.76 -30.10 -27.54
C LYS B 487 -29.89 -29.44 -26.76
N PHE B 488 -29.60 -28.98 -25.55
CA PHE B 488 -30.65 -28.41 -24.70
C PHE B 488 -31.21 -27.13 -25.31
N LEU B 489 -30.33 -26.26 -25.82
CA LEU B 489 -30.75 -24.95 -26.33
C LEU B 489 -31.42 -25.13 -27.69
N THR B 490 -32.68 -25.55 -27.64
CA THR B 490 -33.51 -25.62 -28.84
C THR B 490 -34.01 -24.23 -29.19
N ASN B 491 -34.54 -24.10 -30.41
CA ASN B 491 -35.13 -22.82 -30.82
C ASN B 491 -36.32 -22.47 -29.94
N GLU B 492 -37.14 -23.47 -29.61
CA GLU B 492 -38.31 -23.22 -28.76
C GLU B 492 -37.88 -22.70 -27.39
N VAL B 493 -36.87 -23.33 -26.79
CA VAL B 493 -36.43 -22.91 -25.46
C VAL B 493 -35.94 -21.47 -25.50
N LEU B 494 -35.13 -21.13 -26.51
CA LEU B 494 -34.58 -19.78 -26.59
C LEU B 494 -35.67 -18.75 -26.82
N THR B 495 -36.61 -19.02 -27.72
CA THR B 495 -37.67 -18.06 -27.98
C THR B 495 -38.55 -17.87 -26.74
N GLU B 496 -38.87 -18.96 -26.05
CA GLU B 496 -39.65 -18.83 -24.83
C GLU B 496 -38.90 -18.04 -23.78
N LEU B 497 -37.60 -18.32 -23.62
CA LEU B 497 -36.80 -17.61 -22.61
C LEU B 497 -36.72 -16.13 -22.91
N PHE B 498 -36.58 -15.77 -24.20
CA PHE B 498 -36.51 -14.36 -24.57
C PHE B 498 -37.87 -13.67 -24.49
N SER B 499 -38.96 -14.43 -24.65
CA SER B 499 -40.28 -13.80 -24.67
C SER B 499 -40.83 -13.62 -23.26
N THR B 500 -40.87 -14.69 -22.47
CA THR B 500 -41.60 -14.66 -21.20
C THR B 500 -40.76 -14.14 -20.04
N HIS B 501 -39.48 -14.51 -19.97
CA HIS B 501 -38.65 -14.21 -18.81
C HIS B 501 -37.72 -13.03 -19.05
N PHE B 502 -37.94 -12.24 -20.10
CA PHE B 502 -37.13 -11.07 -20.38
C PHE B 502 -37.78 -9.87 -19.70
N SER B 503 -37.10 -9.29 -18.71
CA SER B 503 -37.66 -8.19 -17.95
C SER B 503 -37.99 -7.01 -18.87
N THR B 504 -39.17 -6.42 -18.63
CA THR B 504 -39.62 -5.32 -19.47
C THR B 504 -38.71 -4.10 -19.35
N LEU B 505 -38.15 -3.88 -18.16
CA LEU B 505 -37.27 -2.73 -17.96
C LEU B 505 -36.04 -2.84 -18.86
N VAL B 506 -35.45 -4.02 -18.96
CA VAL B 506 -34.29 -4.21 -19.82
C VAL B 506 -34.67 -3.99 -21.28
N TYR B 507 -35.86 -4.41 -21.68
CA TYR B 507 -36.31 -4.17 -23.05
C TYR B 507 -36.46 -2.67 -23.32
N ARG B 508 -36.99 -1.94 -22.34
CA ARG B 508 -37.10 -0.49 -22.49
C ARG B 508 -35.72 0.14 -22.61
N ASN B 509 -34.77 -0.34 -21.81
CA ASN B 509 -33.40 0.15 -21.92
C ASN B 509 -32.82 -0.13 -23.30
N LEU B 510 -33.11 -1.31 -23.84
CA LEU B 510 -32.65 -1.63 -25.20
C LEU B 510 -33.24 -0.67 -26.21
N GLN B 511 -34.54 -0.38 -26.08
CA GLN B 511 -35.18 0.56 -27.01
C GLN B 511 -34.51 1.92 -26.93
N ILE B 512 -34.27 2.41 -25.70
CA ILE B 512 -33.63 3.71 -25.54
C ILE B 512 -32.24 3.72 -26.15
N ALA B 513 -31.46 2.66 -25.89
CA ALA B 513 -30.11 2.59 -26.40
C ALA B 513 -30.10 2.59 -27.92
N LYS B 514 -30.98 1.81 -28.54
CA LYS B 514 -31.03 1.79 -29.99
C LYS B 514 -31.46 3.15 -30.53
N ASN B 515 -32.42 3.80 -29.86
CA ASN B 515 -32.91 5.09 -30.34
C ASN B 515 -31.81 6.15 -30.31
N SER B 516 -31.01 6.20 -29.24
CA SER B 516 -30.07 7.29 -29.06
C SER B 516 -28.64 6.92 -29.43
N TYR B 517 -28.08 5.87 -28.83
CA TYR B 517 -26.68 5.51 -28.99
C TYR B 517 -26.50 4.34 -29.95
N ASN B 518 -27.26 4.33 -31.05
CA ASN B 518 -27.21 3.22 -31.99
C ASN B 518 -25.78 2.89 -32.38
N ASP B 519 -25.54 1.62 -32.64
CA ASP B 519 -24.22 1.12 -33.00
C ASP B 519 -24.41 -0.17 -33.79
N ALA B 520 -23.33 -0.57 -34.48
CA ALA B 520 -23.40 -1.79 -35.29
C ALA B 520 -23.71 -3.02 -34.45
N LEU B 521 -22.98 -3.19 -33.36
CA LEU B 521 -23.20 -4.36 -32.53
C LEU B 521 -24.55 -4.29 -31.83
N LEU B 522 -24.94 -3.10 -31.37
CA LEU B 522 -26.23 -2.97 -30.69
C LEU B 522 -27.38 -3.23 -31.65
N THR B 523 -27.32 -2.71 -32.88
CA THR B 523 -28.38 -3.03 -33.84
C THR B 523 -28.39 -4.51 -34.15
N PHE B 524 -27.23 -5.15 -34.24
CA PHE B 524 -27.20 -6.59 -34.48
C PHE B 524 -27.92 -7.34 -33.36
N VAL B 525 -27.58 -7.03 -32.10
CA VAL B 525 -28.16 -7.79 -30.99
C VAL B 525 -29.65 -7.49 -30.87
N TRP B 526 -30.05 -6.25 -31.13
CA TRP B 526 -31.48 -5.92 -31.08
C TRP B 526 -32.24 -6.68 -32.15
N LYS B 527 -31.66 -6.80 -33.34
CA LYS B 527 -32.30 -7.59 -34.39
C LYS B 527 -32.44 -9.04 -33.95
N LEU B 528 -31.40 -9.60 -33.33
CA LEU B 528 -31.49 -10.98 -32.85
C LEU B 528 -32.61 -11.14 -31.84
N VAL B 529 -32.70 -10.21 -30.87
CA VAL B 529 -33.73 -10.30 -29.85
C VAL B 529 -35.12 -10.20 -30.47
N ALA B 530 -35.29 -9.26 -31.40
CA ALA B 530 -36.58 -9.10 -32.05
C ALA B 530 -36.97 -10.35 -32.82
N ASN B 531 -36.01 -10.97 -33.51
CA ASN B 531 -36.30 -12.21 -34.21
C ASN B 531 -36.73 -13.30 -33.24
N PHE B 532 -36.05 -13.41 -32.10
CA PHE B 532 -36.39 -14.47 -31.16
C PHE B 532 -37.75 -14.26 -30.52
N ARG B 533 -38.08 -13.01 -30.16
CA ARG B 533 -39.31 -12.77 -29.41
C ARG B 533 -40.55 -13.13 -30.22
N ARG B 534 -40.57 -12.78 -31.51
CA ARG B 534 -41.74 -12.97 -32.34
C ARG B 534 -41.73 -14.29 -33.11
N SER B 535 -40.74 -15.14 -32.87
CA SER B 535 -40.64 -16.41 -33.57
C SER B 535 -40.06 -17.49 -32.67
N LEU B 556 -18.35 -22.37 -38.61
CA LEU B 556 -19.24 -22.67 -37.49
C LEU B 556 -20.69 -22.75 -37.94
N THR B 557 -21.53 -23.32 -37.11
CA THR B 557 -22.95 -23.44 -37.42
C THR B 557 -23.61 -22.07 -37.43
N THR B 558 -24.69 -21.95 -38.21
CA THR B 558 -25.37 -20.67 -38.36
C THR B 558 -26.09 -20.26 -37.08
N ARG B 559 -26.62 -21.21 -36.33
CA ARG B 559 -27.47 -20.89 -35.18
C ARG B 559 -26.70 -20.14 -34.09
N HIS B 560 -25.54 -20.67 -33.69
CA HIS B 560 -24.81 -20.11 -32.55
C HIS B 560 -25.73 -20.01 -31.33
N PRO B 561 -26.24 -21.13 -30.82
CA PRO B 561 -27.15 -21.04 -29.67
C PRO B 561 -26.50 -20.49 -28.41
N LEU B 562 -25.27 -20.92 -28.12
CA LEU B 562 -24.59 -20.48 -26.92
C LEU B 562 -24.39 -18.96 -26.90
N GLN B 563 -24.09 -18.38 -28.06
CA GLN B 563 -23.94 -16.92 -28.13
C GLN B 563 -25.24 -16.23 -27.77
N ALA B 564 -26.37 -16.74 -28.26
CA ALA B 564 -27.66 -16.17 -27.90
C ALA B 564 -27.90 -16.26 -26.40
N LEU B 565 -27.61 -17.41 -25.79
CA LEU B 565 -27.79 -17.52 -24.34
C LEU B 565 -26.87 -16.57 -23.59
N PHE B 566 -25.62 -16.45 -24.04
CA PHE B 566 -24.68 -15.56 -23.36
C PHE B 566 -25.16 -14.12 -23.42
N ILE B 567 -25.68 -13.70 -24.58
CA ILE B 567 -26.23 -12.35 -24.69
C ILE B 567 -27.42 -12.20 -23.74
N TRP B 568 -28.29 -13.21 -23.69
CA TRP B 568 -29.44 -13.13 -22.79
C TRP B 568 -28.99 -12.92 -21.35
N ALA B 569 -27.98 -13.67 -20.91
CA ALA B 569 -27.47 -13.52 -19.56
C ALA B 569 -26.83 -12.15 -19.35
N ILE B 570 -26.09 -11.67 -20.33
CA ILE B 570 -25.37 -10.41 -20.17
C ILE B 570 -26.31 -9.23 -20.06
N LEU B 571 -27.35 -9.21 -20.89
CA LEU B 571 -28.23 -8.03 -20.94
C LEU B 571 -28.84 -7.73 -19.57
N GLN B 572 -29.07 -8.75 -18.76
CA GLN B 572 -29.75 -8.58 -17.47
C GLN B 572 -28.78 -8.49 -16.30
N ASN B 573 -27.49 -8.35 -16.57
CA ASN B 573 -26.49 -8.16 -15.52
C ASN B 573 -26.45 -9.34 -14.55
N LYS B 574 -26.62 -10.55 -15.08
CA LYS B 574 -26.46 -11.77 -14.30
C LYS B 574 -24.99 -12.14 -14.34
N LYS B 575 -24.25 -11.69 -13.33
CA LYS B 575 -22.79 -11.83 -13.36
C LYS B 575 -22.37 -13.29 -13.32
N GLU B 576 -22.87 -14.05 -12.35
CA GLU B 576 -22.38 -15.41 -12.15
C GLU B 576 -22.82 -16.32 -13.29
N LEU B 577 -24.08 -16.20 -13.72
CA LEU B 577 -24.55 -17.03 -14.82
C LEU B 577 -23.79 -16.71 -16.10
N SER B 578 -23.52 -15.43 -16.34
CA SER B 578 -22.74 -15.05 -17.51
C SER B 578 -21.33 -15.62 -17.44
N LYS B 579 -20.71 -15.56 -16.25
CA LYS B 579 -19.38 -16.15 -16.10
C LYS B 579 -19.42 -17.65 -16.38
N VAL B 580 -20.43 -18.34 -15.88
CA VAL B 580 -20.51 -19.79 -16.09
C VAL B 580 -20.67 -20.09 -17.58
N ILE B 581 -21.55 -19.36 -18.26
CA ILE B 581 -21.82 -19.65 -19.66
C ILE B 581 -20.61 -19.29 -20.53
N TRP B 582 -19.85 -18.26 -20.15
CA TRP B 582 -18.73 -17.81 -20.98
C TRP B 582 -17.73 -18.93 -21.20
N GLU B 583 -17.48 -19.75 -20.17
CA GLU B 583 -16.50 -20.82 -20.28
C GLU B 583 -16.91 -21.88 -21.30
N GLN B 584 -18.19 -21.94 -21.66
CA GLN B 584 -18.69 -22.98 -22.55
C GLN B 584 -18.71 -22.57 -24.02
N THR B 585 -18.29 -21.35 -24.34
CA THR B 585 -18.38 -20.82 -25.69
C THR B 585 -17.04 -20.89 -26.39
N LYS B 586 -17.05 -21.39 -27.62
CA LYS B 586 -15.87 -21.29 -28.46
C LYS B 586 -15.63 -19.83 -28.85
N GLY B 587 -14.36 -19.48 -29.05
CA GLY B 587 -14.00 -18.11 -29.31
C GLY B 587 -14.30 -17.22 -28.12
N CYS B 588 -13.90 -17.68 -26.94
CA CYS B 588 -14.28 -17.01 -25.70
C CYS B 588 -13.75 -15.59 -25.63
N THR B 589 -12.53 -15.36 -26.12
CA THR B 589 -11.94 -14.02 -26.08
C THR B 589 -12.79 -13.03 -26.88
N LEU B 590 -13.20 -13.42 -28.09
CA LEU B 590 -14.06 -12.57 -28.89
C LEU B 590 -15.37 -12.29 -28.19
N ALA B 591 -15.95 -13.31 -27.55
CA ALA B 591 -17.19 -13.12 -26.81
C ALA B 591 -16.99 -12.14 -25.66
N ALA B 592 -15.85 -12.21 -24.99
CA ALA B 592 -15.55 -11.29 -23.90
C ALA B 592 -15.51 -9.85 -24.41
N LEU B 593 -14.83 -9.63 -25.53
CA LEU B 593 -14.75 -8.27 -26.06
C LEU B 593 -16.12 -7.77 -26.50
N GLY B 594 -16.92 -8.63 -27.14
CA GLY B 594 -18.26 -8.24 -27.53
C GLY B 594 -19.11 -7.86 -26.34
N ALA B 595 -19.07 -8.68 -25.28
CA ALA B 595 -19.82 -8.36 -24.08
C ALA B 595 -19.35 -7.04 -23.48
N SER B 596 -18.04 -6.79 -23.49
CA SER B 596 -17.52 -5.54 -22.95
C SER B 596 -18.11 -4.35 -23.68
N LYS B 597 -18.05 -4.35 -25.02
CA LYS B 597 -18.57 -3.21 -25.76
C LYS B 597 -20.08 -3.06 -25.56
N LEU B 598 -20.82 -4.17 -25.60
CA LEU B 598 -22.27 -4.10 -25.44
C LEU B 598 -22.64 -3.54 -24.07
N LEU B 599 -21.95 -3.98 -23.03
CA LEU B 599 -22.23 -3.48 -21.70
C LEU B 599 -21.85 -2.02 -21.56
N LYS B 600 -20.78 -1.57 -22.21
CA LYS B 600 -20.46 -0.14 -22.18
C LYS B 600 -21.57 0.69 -22.81
N THR B 601 -22.02 0.29 -24.00
CA THR B 601 -23.08 1.07 -24.64
C THR B 601 -24.37 1.02 -23.84
N LEU B 602 -24.65 -0.10 -23.17
CA LEU B 602 -25.80 -0.15 -22.27
C LEU B 602 -25.62 0.80 -21.10
N ALA B 603 -24.41 0.86 -20.53
CA ALA B 603 -24.16 1.75 -19.41
C ALA B 603 -24.34 3.21 -19.80
N LYS B 604 -24.06 3.55 -21.05
CA LYS B 604 -24.24 4.94 -21.47
C LYS B 604 -25.67 5.42 -21.26
N VAL B 605 -26.64 4.50 -21.26
CA VAL B 605 -28.03 4.89 -21.06
C VAL B 605 -28.23 5.43 -19.64
N LYS B 606 -29.17 6.36 -19.50
CA LYS B 606 -29.43 7.05 -18.24
C LYS B 606 -30.86 6.87 -17.75
N ASN B 607 -31.62 5.93 -18.31
CA ASN B 607 -33.01 5.78 -17.89
C ASN B 607 -33.09 5.43 -16.40
N ASP B 608 -32.23 4.54 -15.93
CA ASP B 608 -32.14 4.20 -14.52
C ASP B 608 -30.67 4.12 -14.13
N ILE B 609 -30.32 4.77 -13.01
CA ILE B 609 -28.93 4.87 -12.61
C ILE B 609 -28.38 3.52 -12.16
N ASN B 610 -29.19 2.76 -11.42
CA ASN B 610 -28.67 1.57 -10.76
C ASN B 610 -28.11 0.57 -11.76
N ALA B 611 -28.84 0.32 -12.85
CA ALA B 611 -28.39 -0.66 -13.82
C ALA B 611 -27.10 -0.22 -14.51
N ALA B 612 -26.97 1.07 -14.79
CA ALA B 612 -25.78 1.56 -15.48
C ALA B 612 -24.50 1.22 -14.75
N GLY B 613 -24.49 1.29 -13.42
CA GLY B 613 -23.28 1.05 -12.66
C GLY B 613 -22.88 -0.41 -12.67
N GLU B 614 -23.85 -1.30 -12.49
CA GLU B 614 -23.56 -2.72 -12.56
C GLU B 614 -23.07 -3.10 -13.96
N SER B 615 -23.70 -2.53 -15.00
CA SER B 615 -23.26 -2.80 -16.36
C SER B 615 -21.83 -2.33 -16.59
N GLU B 616 -21.49 -1.13 -16.11
CA GLU B 616 -20.13 -0.63 -16.25
C GLU B 616 -19.13 -1.52 -15.55
N GLU B 617 -19.46 -1.96 -14.33
CA GLU B 617 -18.56 -2.84 -13.59
C GLU B 617 -18.34 -4.15 -14.33
N LEU B 618 -19.42 -4.75 -14.84
CA LEU B 618 -19.29 -6.01 -15.55
C LEU B 618 -18.47 -5.84 -16.83
N ALA B 619 -18.66 -4.72 -17.53
CA ALA B 619 -17.88 -4.46 -18.72
C ALA B 619 -16.39 -4.37 -18.40
N ASN B 620 -16.05 -3.66 -17.32
CA ASN B 620 -14.64 -3.58 -16.92
C ASN B 620 -14.08 -4.96 -16.62
N GLU B 621 -14.83 -5.77 -15.88
CA GLU B 621 -14.37 -7.11 -15.53
C GLU B 621 -14.10 -7.93 -16.78
N TYR B 622 -15.04 -7.91 -17.74
CA TYR B 622 -14.86 -8.69 -18.95
C TYR B 622 -13.70 -8.16 -19.80
N GLU B 623 -13.48 -6.85 -19.81
CA GLU B 623 -12.33 -6.31 -20.52
C GLU B 623 -11.04 -6.90 -19.96
N THR B 624 -10.89 -6.88 -18.64
CA THR B 624 -9.67 -7.44 -18.04
C THR B 624 -9.55 -8.93 -18.33
N ARG B 625 -10.67 -9.65 -18.26
CA ARG B 625 -10.66 -11.07 -18.58
C ARG B 625 -10.10 -11.32 -19.97
N ALA B 626 -10.64 -10.60 -20.96
CA ALA B 626 -10.21 -10.80 -22.34
C ALA B 626 -8.73 -10.48 -22.51
N VAL B 627 -8.28 -9.37 -21.91
CA VAL B 627 -6.88 -8.97 -22.07
C VAL B 627 -5.96 -10.05 -21.51
N GLU B 628 -6.26 -10.52 -20.30
CA GLU B 628 -5.40 -11.53 -19.69
C GLU B 628 -5.41 -12.83 -20.50
N LEU B 629 -6.58 -13.26 -20.97
CA LEU B 629 -6.64 -14.50 -21.72
C LEU B 629 -5.82 -14.41 -23.00
N PHE B 630 -5.94 -13.29 -23.73
CA PHE B 630 -5.18 -13.19 -24.97
C PHE B 630 -3.69 -13.08 -24.70
N THR B 631 -3.29 -12.40 -23.61
CA THR B 631 -1.88 -12.34 -23.28
C THR B 631 -1.33 -13.73 -23.01
N GLU B 632 -2.07 -14.55 -22.25
CA GLU B 632 -1.62 -15.92 -22.00
C GLU B 632 -1.54 -16.70 -23.31
N CYS B 633 -2.55 -16.58 -24.17
CA CYS B 633 -2.55 -17.32 -25.43
C CYS B 633 -1.34 -16.95 -26.27
N TYR B 634 -1.04 -15.66 -26.37
CA TYR B 634 0.10 -15.22 -27.17
C TYR B 634 1.41 -15.70 -26.57
N SER B 635 1.54 -15.63 -25.25
CA SER B 635 2.77 -16.09 -24.62
C SER B 635 2.98 -17.59 -24.81
N ASN B 636 1.89 -18.35 -24.90
CA ASN B 636 2.03 -19.78 -25.14
C ASN B 636 2.51 -20.05 -26.57
N ASP B 637 1.89 -19.40 -27.55
CA ASP B 637 2.25 -19.57 -28.94
C ASP B 637 1.97 -18.27 -29.67
N GLU B 638 2.72 -18.04 -30.75
CA GLU B 638 2.64 -16.80 -31.51
C GLU B 638 1.76 -16.91 -32.74
N ASP B 639 2.07 -17.88 -33.61
CA ASP B 639 1.35 -18.00 -34.88
C ASP B 639 -0.13 -18.26 -34.67
N LEU B 640 -0.46 -19.18 -33.75
CA LEU B 640 -1.86 -19.49 -33.50
C LEU B 640 -2.58 -18.30 -32.89
N ALA B 641 -1.92 -17.57 -32.00
CA ALA B 641 -2.52 -16.38 -31.43
C ALA B 641 -2.82 -15.34 -32.51
N GLU B 642 -1.86 -15.13 -33.43
CA GLU B 642 -2.08 -14.17 -34.50
C GLU B 642 -3.22 -14.61 -35.41
N GLN B 643 -3.29 -15.91 -35.72
CA GLN B 643 -4.42 -16.40 -36.51
C GLN B 643 -5.73 -16.16 -35.80
N LEU B 644 -5.76 -16.41 -34.48
CA LEU B 644 -6.97 -16.16 -33.70
C LEU B 644 -7.35 -14.69 -33.69
N LEU B 645 -6.37 -13.79 -33.77
CA LEU B 645 -6.64 -12.37 -33.62
C LEU B 645 -7.49 -11.83 -34.76
N VAL B 646 -7.24 -12.29 -35.99
CA VAL B 646 -7.96 -11.81 -37.16
C VAL B 646 -9.06 -12.78 -37.59
N TYR B 647 -9.30 -13.83 -36.82
CA TYR B 647 -10.28 -14.84 -37.22
C TYR B 647 -11.67 -14.23 -37.17
N SER B 648 -12.19 -13.88 -38.33
CA SER B 648 -13.56 -13.38 -38.41
C SER B 648 -14.54 -14.48 -38.02
N CYS B 649 -15.45 -14.15 -37.11
CA CYS B 649 -16.39 -15.13 -36.59
C CYS B 649 -17.40 -15.53 -37.67
N GLU B 650 -18.26 -16.48 -37.33
CA GLU B 650 -19.42 -16.79 -38.15
C GLU B 650 -20.58 -15.86 -37.76
N ALA B 651 -20.28 -14.57 -37.78
CA ALA B 651 -21.24 -13.52 -37.48
C ALA B 651 -21.65 -13.52 -36.01
N TRP B 652 -20.66 -13.61 -35.12
CA TRP B 652 -20.92 -13.29 -33.72
C TRP B 652 -21.50 -11.88 -33.63
N GLY B 653 -20.80 -10.92 -34.22
CA GLY B 653 -21.32 -9.60 -34.47
C GLY B 653 -20.99 -9.15 -35.88
N GLY B 654 -20.39 -10.06 -36.65
CA GLY B 654 -19.95 -9.75 -38.00
C GLY B 654 -18.54 -9.20 -38.11
N SER B 655 -17.76 -9.29 -37.03
CA SER B 655 -16.42 -8.71 -37.04
C SER B 655 -15.53 -9.52 -36.10
N ASN B 656 -14.21 -9.37 -36.29
CA ASN B 656 -13.23 -10.09 -35.49
C ASN B 656 -12.98 -9.34 -34.18
N CYS B 657 -12.14 -9.96 -33.33
CA CYS B 657 -11.89 -9.38 -32.01
C CYS B 657 -11.14 -8.06 -32.09
N LEU B 658 -10.28 -7.89 -33.10
CA LEU B 658 -9.52 -6.65 -33.23
C LEU B 658 -10.45 -5.47 -33.44
N GLU B 659 -11.42 -5.61 -34.34
CA GLU B 659 -12.37 -4.53 -34.58
C GLU B 659 -13.21 -4.25 -33.35
N LEU B 660 -13.64 -5.30 -32.63
CA LEU B 660 -14.41 -5.09 -31.42
C LEU B 660 -13.60 -4.32 -30.39
N ALA B 661 -12.31 -4.66 -30.24
CA ALA B 661 -11.45 -3.92 -29.32
C ALA B 661 -11.33 -2.46 -29.75
N VAL B 662 -11.20 -2.22 -31.06
CA VAL B 662 -11.05 -0.86 -31.55
C VAL B 662 -12.31 -0.04 -31.28
N GLU B 663 -13.48 -0.62 -31.55
CA GLU B 663 -14.73 0.11 -31.40
C GLU B 663 -14.94 0.53 -29.95
N ALA B 664 -14.68 -0.37 -29.00
CA ALA B 664 -14.77 -0.03 -27.60
C ALA B 664 -13.68 0.94 -27.16
N THR B 665 -12.69 1.19 -28.02
CA THR B 665 -11.58 2.09 -27.69
C THR B 665 -10.84 1.61 -26.44
N ASP B 666 -10.39 0.36 -26.51
CA ASP B 666 -9.63 -0.26 -25.42
C ASP B 666 -8.15 -0.05 -25.71
N GLN B 667 -7.63 1.11 -25.27
CA GLN B 667 -6.20 1.37 -25.44
C GLN B 667 -5.37 0.26 -24.82
N HIS B 668 -5.81 -0.27 -23.68
CA HIS B 668 -5.03 -1.29 -22.99
C HIS B 668 -4.92 -2.57 -23.81
N PHE B 669 -6.02 -3.00 -24.43
CA PHE B 669 -5.99 -4.26 -25.16
C PHE B 669 -5.01 -4.21 -26.33
N ILE B 670 -5.00 -3.10 -27.07
CA ILE B 670 -4.08 -2.96 -28.19
C ILE B 670 -2.68 -2.62 -27.74
N ALA B 671 -2.52 -2.02 -26.56
CA ALA B 671 -1.19 -1.66 -26.06
C ALA B 671 -0.35 -2.88 -25.71
N GLN B 672 -0.98 -4.05 -25.53
CA GLN B 672 -0.23 -5.22 -25.11
C GLN B 672 0.77 -5.63 -26.19
N PRO B 673 1.89 -6.23 -25.81
CA PRO B 673 2.96 -6.49 -26.78
C PRO B 673 2.54 -7.34 -27.97
N GLY B 674 1.65 -8.30 -27.78
CA GLY B 674 1.31 -9.20 -28.87
C GLY B 674 0.66 -8.49 -30.05
N VAL B 675 -0.32 -7.63 -29.74
CA VAL B 675 -1.03 -6.92 -30.81
C VAL B 675 -0.06 -5.98 -31.54
N GLN B 676 0.81 -5.31 -30.79
CA GLN B 676 1.79 -4.43 -31.41
C GLN B 676 2.74 -5.20 -32.30
N ASN B 677 3.17 -6.39 -31.87
CA ASN B 677 4.03 -7.22 -32.70
C ASN B 677 3.32 -7.64 -33.98
N PHE B 678 2.05 -8.02 -33.87
CA PHE B 678 1.29 -8.37 -35.07
C PHE B 678 1.19 -7.20 -36.02
N LEU B 679 0.91 -6.01 -35.48
CA LEU B 679 0.83 -4.81 -36.32
C LEU B 679 2.18 -4.52 -36.98
N SER B 680 3.28 -4.68 -36.23
CA SER B 680 4.61 -4.46 -36.80
C SER B 680 4.88 -5.44 -37.93
N LYS B 681 4.53 -6.72 -37.74
CA LYS B 681 4.73 -7.70 -38.81
C LYS B 681 3.92 -7.34 -40.04
N GLN B 682 2.67 -6.90 -39.85
CA GLN B 682 1.86 -6.52 -41.00
C GLN B 682 2.42 -5.28 -41.69
N TRP B 683 2.94 -4.33 -40.91
CA TRP B 683 3.40 -3.07 -41.48
C TRP B 683 4.70 -3.26 -42.26
N TYR B 684 5.67 -3.95 -41.67
CA TYR B 684 6.93 -4.19 -42.37
C TYR B 684 6.80 -5.28 -43.42
N GLY B 685 5.89 -6.22 -43.22
CA GLY B 685 5.69 -7.27 -44.21
C GLY B 685 6.92 -8.15 -44.35
N GLU B 686 7.35 -8.35 -45.60
CA GLU B 686 8.46 -9.26 -45.86
C GLU B 686 9.75 -8.77 -45.21
N ILE B 687 9.99 -7.45 -45.26
CA ILE B 687 11.21 -6.90 -44.66
C ILE B 687 11.29 -7.33 -43.21
N SER B 688 12.43 -7.92 -42.84
CA SER B 688 12.63 -8.37 -41.47
C SER B 688 12.82 -7.17 -40.54
N ARG B 689 12.31 -7.30 -39.33
CA ARG B 689 12.51 -6.27 -38.32
C ARG B 689 13.96 -6.29 -37.86
N ASP B 690 14.27 -5.46 -36.88
CA ASP B 690 15.65 -5.29 -36.43
C ASP B 690 16.54 -4.87 -37.59
N THR B 691 15.97 -4.12 -38.52
CA THR B 691 16.70 -3.53 -39.64
C THR B 691 16.68 -2.01 -39.47
N LYS B 692 17.86 -1.40 -39.40
CA LYS B 692 17.95 0.03 -39.15
C LYS B 692 17.22 0.79 -40.25
N ASN B 693 16.24 1.60 -39.87
CA ASN B 693 15.34 2.22 -40.84
C ASN B 693 16.11 3.00 -41.89
N TRP B 694 17.20 3.66 -41.49
CA TRP B 694 17.98 4.43 -42.45
C TRP B 694 18.52 3.55 -43.57
N LYS B 695 18.85 2.30 -43.26
CA LYS B 695 19.29 1.37 -44.30
C LYS B 695 18.18 1.13 -45.33
N ILE B 696 16.95 0.91 -44.86
CA ILE B 696 15.83 0.72 -45.78
C ILE B 696 15.61 1.97 -46.62
N ILE B 697 15.65 3.14 -45.99
CA ILE B 697 15.43 4.38 -46.72
C ILE B 697 16.52 4.56 -47.78
N LEU B 698 17.76 4.28 -47.43
CA LEU B 698 18.86 4.38 -48.39
C LEU B 698 18.65 3.42 -49.55
N CYS B 699 18.25 2.18 -49.25
CA CYS B 699 18.01 1.19 -50.31
C CYS B 699 16.87 1.62 -51.22
N LEU B 700 15.91 2.37 -50.69
CA LEU B 700 14.80 2.84 -51.53
C LEU B 700 15.32 3.61 -52.73
N PHE B 701 16.26 4.53 -52.50
CA PHE B 701 16.76 5.41 -53.55
C PHE B 701 17.93 4.82 -54.31
N ILE B 702 18.88 4.19 -53.60
CA ILE B 702 20.07 3.67 -54.28
C ILE B 702 19.68 2.58 -55.27
N ILE B 703 18.59 1.87 -55.02
CA ILE B 703 18.06 0.88 -55.96
C ILE B 703 16.61 1.24 -56.25
N PRO B 704 16.35 2.16 -57.20
CA PRO B 704 14.98 2.55 -57.54
C PRO B 704 14.41 1.76 -58.72
N TRP B 726 11.43 -11.82 -59.17
CA TRP B 726 12.71 -11.39 -58.61
C TRP B 726 12.57 -11.14 -57.11
N TYR B 727 13.69 -10.81 -56.47
CA TYR B 727 13.68 -10.51 -55.04
C TYR B 727 13.06 -9.15 -54.75
N TYR B 728 13.23 -8.17 -55.65
CA TYR B 728 12.74 -6.83 -55.41
C TYR B 728 11.23 -6.76 -55.28
N VAL B 729 10.50 -7.75 -55.81
CA VAL B 729 9.05 -7.70 -55.75
C VAL B 729 8.58 -7.70 -54.31
N ALA B 730 9.17 -8.55 -53.46
CA ALA B 730 8.83 -8.54 -52.05
C ALA B 730 9.16 -7.20 -51.42
N PHE B 731 10.31 -6.62 -51.78
CA PHE B 731 10.67 -5.30 -51.27
C PHE B 731 9.69 -4.24 -51.73
N PHE B 732 9.04 -4.44 -52.88
CA PHE B 732 8.11 -3.47 -53.44
C PHE B 732 6.69 -3.67 -52.95
N THR B 733 6.42 -4.71 -52.16
CA THR B 733 5.08 -5.02 -51.69
C THR B 733 4.85 -4.68 -50.22
N SER B 734 5.91 -4.46 -49.45
CA SER B 734 5.74 -4.14 -48.05
C SER B 734 4.98 -2.83 -47.90
N PRO B 735 4.02 -2.73 -46.97
CA PRO B 735 3.31 -1.47 -46.79
C PRO B 735 4.21 -0.30 -46.48
N PHE B 736 5.34 -0.53 -45.80
CA PHE B 736 6.24 0.56 -45.44
C PHE B 736 6.80 1.25 -46.68
N VAL B 737 7.23 0.45 -47.67
CA VAL B 737 7.78 1.03 -48.89
C VAL B 737 6.70 1.78 -49.66
N VAL B 738 5.49 1.23 -49.70
CA VAL B 738 4.39 1.92 -50.38
C VAL B 738 4.12 3.25 -49.72
N PHE B 739 4.12 3.28 -48.38
CA PHE B 739 3.89 4.52 -47.66
C PHE B 739 5.00 5.53 -47.94
N SER B 740 6.25 5.07 -47.98
CA SER B 740 7.36 5.97 -48.26
C SER B 740 7.24 6.58 -49.66
N TRP B 741 6.91 5.74 -50.65
CA TRP B 741 6.74 6.25 -52.00
C TRP B 741 5.56 7.21 -52.08
N ASN B 742 4.48 6.92 -51.35
CA ASN B 742 3.34 7.84 -51.33
C ASN B 742 3.75 9.19 -50.73
N VAL B 743 4.56 9.16 -49.67
CA VAL B 743 5.02 10.41 -49.07
C VAL B 743 5.85 11.20 -50.06
N VAL B 744 6.77 10.51 -50.76
CA VAL B 744 7.61 11.21 -51.73
C VAL B 744 6.77 11.81 -52.84
N PHE B 745 5.80 11.04 -53.34
CA PHE B 745 4.94 11.54 -54.40
C PHE B 745 4.12 12.73 -53.94
N TYR B 746 3.62 12.69 -52.70
CA TYR B 746 2.83 13.80 -52.18
C TYR B 746 3.69 15.05 -52.04
N ILE B 747 4.93 14.89 -51.57
CA ILE B 747 5.83 16.04 -51.46
C ILE B 747 6.11 16.61 -52.85
N ALA B 748 6.33 15.73 -53.84
CA ALA B 748 6.56 16.21 -55.20
C ALA B 748 5.34 16.95 -55.73
N PHE B 749 4.14 16.44 -55.43
CA PHE B 749 2.92 17.10 -55.88
C PHE B 749 2.78 18.48 -55.25
N LEU B 750 3.07 18.60 -53.95
CA LEU B 750 3.03 19.91 -53.31
C LEU B 750 4.07 20.85 -53.92
N LEU B 751 5.26 20.34 -54.23
CA LEU B 751 6.29 21.15 -54.86
C LEU B 751 5.83 21.68 -56.22
N LEU B 752 5.23 20.80 -57.03
CA LEU B 752 4.71 21.22 -58.33
C LEU B 752 3.57 22.23 -58.16
N PHE B 753 2.69 22.01 -57.19
CA PHE B 753 1.61 22.95 -56.94
C PHE B 753 2.17 24.32 -56.59
N ALA B 754 3.19 24.37 -55.73
CA ALA B 754 3.81 25.64 -55.38
C ALA B 754 4.43 26.30 -56.62
N TYR B 755 5.13 25.51 -57.44
CA TYR B 755 5.74 26.07 -58.64
C TYR B 755 4.70 26.67 -59.56
N VAL B 756 3.61 25.92 -59.79
CA VAL B 756 2.57 26.38 -60.70
C VAL B 756 1.92 27.65 -60.16
N LEU B 757 1.54 27.63 -58.88
CA LEU B 757 0.84 28.78 -58.31
C LEU B 757 1.71 30.02 -58.28
N LEU B 758 2.99 29.87 -57.93
CA LEU B 758 3.84 31.04 -57.74
C LEU B 758 4.25 31.67 -59.06
N MET B 759 4.56 30.86 -60.08
CA MET B 759 5.20 31.35 -61.30
C MET B 759 4.28 31.32 -62.50
N ASP B 760 3.72 30.16 -62.83
CA ASP B 760 2.98 29.96 -64.08
C ASP B 760 1.49 29.81 -63.75
N PHE B 761 0.79 30.93 -63.68
CA PHE B 761 -0.66 30.93 -63.53
C PHE B 761 -1.27 31.97 -64.45
N HIS B 762 -0.73 32.11 -65.66
CA HIS B 762 -1.27 33.05 -66.63
C HIS B 762 -2.59 32.53 -67.18
N SER B 763 -3.16 33.28 -68.12
CA SER B 763 -4.50 32.97 -68.62
C SER B 763 -4.55 31.58 -69.22
N VAL B 764 -3.56 31.23 -70.04
CA VAL B 764 -3.50 29.90 -70.65
C VAL B 764 -2.88 28.93 -69.66
N PRO B 765 -3.58 27.87 -69.25
CA PRO B 765 -3.01 26.99 -68.21
C PRO B 765 -1.74 26.27 -68.65
N HIS B 766 -1.75 25.63 -69.82
CA HIS B 766 -0.55 24.98 -70.33
C HIS B 766 -0.13 23.80 -69.45
N THR B 767 0.89 23.08 -69.92
CA THR B 767 1.28 21.79 -69.33
C THR B 767 1.53 21.82 -67.83
N PRO B 768 2.32 22.75 -67.27
CA PRO B 768 2.59 22.68 -65.83
C PRO B 768 1.35 22.79 -64.98
N GLU B 769 0.37 23.59 -65.39
CA GLU B 769 -0.87 23.72 -64.65
C GLU B 769 -1.82 22.54 -64.91
N LEU B 770 -1.78 21.98 -66.12
CA LEU B 770 -2.69 20.87 -66.47
C LEU B 770 -2.29 19.58 -65.76
N ILE B 771 -0.98 19.35 -65.62
CA ILE B 771 -0.54 18.11 -64.97
C ILE B 771 -1.04 18.07 -63.53
N LEU B 772 -1.10 19.23 -62.87
CA LEU B 772 -1.67 19.27 -61.53
C LEU B 772 -3.14 18.87 -61.54
N TYR B 773 -3.88 19.25 -62.59
CA TYR B 773 -5.25 18.76 -62.71
C TYR B 773 -5.27 17.24 -62.75
N ALA B 774 -4.38 16.65 -63.54
CA ALA B 774 -4.35 15.19 -63.60
C ALA B 774 -4.07 14.58 -62.22
N LEU B 775 -3.11 15.15 -61.50
CA LEU B 775 -2.75 14.61 -60.19
C LEU B 775 -3.90 14.72 -59.20
N VAL B 776 -4.50 15.90 -59.10
CA VAL B 776 -5.61 16.08 -58.17
C VAL B 776 -6.78 15.21 -58.57
N PHE B 777 -6.94 14.94 -59.87
CA PHE B 777 -7.97 14.01 -60.30
C PHE B 777 -7.71 12.60 -59.78
N VAL B 778 -6.45 12.17 -59.80
CA VAL B 778 -6.13 10.85 -59.24
C VAL B 778 -6.47 10.82 -57.75
N LEU B 779 -6.10 11.87 -57.03
CA LEU B 779 -6.42 11.92 -55.60
C LEU B 779 -7.93 11.90 -55.38
N PHE B 780 -8.67 12.62 -56.22
CA PHE B 780 -10.13 12.64 -56.11
C PHE B 780 -10.72 11.25 -56.34
N CYS B 781 -10.19 10.53 -57.32
CA CYS B 781 -10.67 9.17 -57.56
C CYS B 781 -10.40 8.27 -56.36
N ASP B 782 -9.21 8.41 -55.74
CA ASP B 782 -8.93 7.61 -54.56
C ASP B 782 -9.91 7.93 -53.43
N GLU B 783 -10.18 9.22 -53.20
CA GLU B 783 -11.12 9.59 -52.15
C GLU B 783 -12.55 9.12 -52.48
N VAL B 784 -12.91 9.10 -53.76
CA VAL B 784 -14.21 8.57 -54.16
C VAL B 784 -14.29 7.09 -53.82
N ARG B 785 -13.22 6.34 -54.07
CA ARG B 785 -13.19 4.94 -53.70
C ARG B 785 -13.35 4.79 -52.18
N GLN B 786 -12.64 5.63 -51.42
CA GLN B 786 -12.76 5.57 -49.97
C GLN B 786 -14.20 5.81 -49.52
N TRP B 787 -14.86 6.80 -50.12
CA TRP B 787 -16.26 7.07 -49.79
C TRP B 787 -17.14 5.87 -50.16
N TYR B 788 -16.90 5.28 -51.32
CA TYR B 788 -17.71 4.14 -51.76
C TYR B 788 -17.58 2.97 -50.80
N MET B 789 -16.36 2.71 -50.32
CA MET B 789 -16.16 1.57 -49.42
C MET B 789 -16.94 1.75 -48.12
N ASN B 790 -16.94 2.96 -47.57
CA ASN B 790 -17.58 3.24 -46.28
C ASN B 790 -18.67 4.29 -46.50
N GLY B 791 -19.93 3.88 -46.33
CA GLY B 791 -21.03 4.81 -46.52
C GLY B 791 -21.05 5.93 -45.49
N VAL B 792 -20.84 5.60 -44.22
CA VAL B 792 -20.88 6.57 -43.14
C VAL B 792 -19.52 6.67 -42.49
N ASN B 793 -18.77 5.57 -42.50
CA ASN B 793 -17.43 5.58 -41.91
C ASN B 793 -16.53 6.61 -42.58
N TYR B 794 -16.85 7.02 -43.82
CA TYR B 794 -16.06 8.03 -44.50
C TYR B 794 -15.99 9.32 -43.70
N PHE B 795 -17.14 9.93 -43.43
CA PHE B 795 -17.18 11.20 -42.72
C PHE B 795 -16.84 11.07 -41.25
N THR B 796 -16.73 9.85 -40.73
CA THR B 796 -16.38 9.67 -39.33
C THR B 796 -15.00 10.25 -39.03
N ASP B 797 -14.04 10.05 -39.92
CA ASP B 797 -12.70 10.57 -39.73
C ASP B 797 -12.63 12.03 -40.18
N LEU B 798 -12.12 12.90 -39.31
CA LEU B 798 -12.01 14.31 -39.64
C LEU B 798 -11.06 14.54 -40.81
N TRP B 799 -10.11 13.62 -41.02
CA TRP B 799 -9.21 13.74 -42.16
C TRP B 799 -9.98 13.69 -43.48
N ASN B 800 -11.00 12.83 -43.55
CA ASN B 800 -11.84 12.78 -44.73
C ASN B 800 -12.58 14.09 -44.94
N VAL B 801 -13.04 14.71 -43.84
CA VAL B 801 -13.70 16.01 -43.95
C VAL B 801 -12.75 17.05 -44.52
N MET B 802 -11.51 17.07 -44.02
CA MET B 802 -10.52 18.01 -44.54
C MET B 802 -10.26 17.78 -46.02
N ASP B 803 -10.15 16.51 -46.43
CA ASP B 803 -9.94 16.20 -47.84
C ASP B 803 -11.09 16.70 -48.70
N THR B 804 -12.32 16.47 -48.25
CA THR B 804 -13.48 16.93 -48.98
C THR B 804 -13.47 18.45 -49.12
N LEU B 805 -13.12 19.15 -48.05
CA LEU B 805 -13.07 20.61 -48.10
C LEU B 805 -12.02 21.09 -49.10
N GLY B 806 -10.85 20.44 -49.12
CA GLY B 806 -9.85 20.79 -50.11
C GLY B 806 -10.33 20.58 -51.54
N LEU B 807 -11.00 19.45 -51.80
CA LEU B 807 -11.58 19.24 -53.12
C LEU B 807 -12.55 20.36 -53.49
N PHE B 808 -13.44 20.69 -52.56
CA PHE B 808 -14.43 21.74 -52.83
C PHE B 808 -13.75 23.07 -53.14
N TYR B 809 -12.70 23.40 -52.38
CA TYR B 809 -11.98 24.64 -52.67
C TYR B 809 -11.23 24.60 -53.98
N PHE B 810 -10.79 23.41 -54.43
CA PHE B 810 -10.13 23.35 -55.73
C PHE B 810 -11.11 23.61 -56.87
N ILE B 811 -12.32 23.06 -56.77
CA ILE B 811 -13.26 23.21 -57.88
C ILE B 811 -13.65 24.67 -58.07
N ALA B 812 -13.79 25.41 -56.98
CA ALA B 812 -14.16 26.82 -57.08
C ALA B 812 -13.10 27.60 -57.85
N GLY B 813 -11.82 27.39 -57.51
CA GLY B 813 -10.76 28.06 -58.23
C GLY B 813 -10.74 27.68 -59.70
N ILE B 814 -10.98 26.40 -59.99
CA ILE B 814 -11.05 25.98 -61.39
C ILE B 814 -12.09 26.80 -62.13
N VAL B 815 -13.30 26.88 -61.58
CA VAL B 815 -14.39 27.58 -62.27
C VAL B 815 -14.04 29.05 -62.44
N PHE B 816 -13.51 29.67 -61.38
CA PHE B 816 -13.20 31.10 -61.44
C PHE B 816 -12.19 31.38 -62.54
N ARG B 817 -11.12 30.60 -62.62
CA ARG B 817 -10.12 30.87 -63.66
C ARG B 817 -10.68 30.56 -65.04
N LEU B 818 -11.48 29.50 -65.18
CA LEU B 818 -12.00 29.13 -66.49
C LEU B 818 -12.91 30.21 -67.05
N HIS B 819 -13.77 30.80 -66.20
CA HIS B 819 -14.65 31.85 -66.68
C HIS B 819 -13.86 32.99 -67.30
N SER B 820 -12.84 33.48 -66.59
CA SER B 820 -11.95 34.53 -67.10
C SER B 820 -12.73 35.72 -67.65
N SER B 821 -13.91 35.98 -67.09
CA SER B 821 -14.72 37.10 -67.54
C SER B 821 -13.97 38.41 -67.33
N ASN B 822 -13.32 38.57 -66.18
CA ASN B 822 -12.54 39.75 -65.86
C ASN B 822 -11.25 39.33 -65.17
N LYS B 823 -10.26 40.19 -65.23
CA LYS B 823 -9.02 39.94 -64.49
C LYS B 823 -9.29 39.72 -63.01
N SER B 824 -10.35 40.35 -62.49
CA SER B 824 -10.73 40.13 -61.10
C SER B 824 -11.08 38.68 -60.85
N SER B 825 -11.77 38.04 -61.79
CA SER B 825 -12.10 36.62 -61.65
C SER B 825 -10.85 35.77 -61.59
N LEU B 826 -9.87 36.06 -62.46
CA LEU B 826 -8.62 35.31 -62.45
C LEU B 826 -7.88 35.49 -61.12
N TYR B 827 -7.83 36.72 -60.62
CA TYR B 827 -7.17 36.98 -59.34
C TYR B 827 -7.86 36.23 -58.21
N SER B 828 -9.19 36.25 -58.20
CA SER B 828 -9.94 35.52 -57.18
C SER B 828 -9.65 34.03 -57.25
N GLY B 829 -9.58 33.48 -58.47
CA GLY B 829 -9.22 32.07 -58.61
C GLY B 829 -7.83 31.78 -58.09
N ARG B 830 -6.89 32.69 -58.33
CA ARG B 830 -5.52 32.50 -57.81
C ARG B 830 -5.52 32.47 -56.29
N VAL B 831 -6.25 33.39 -55.66
CA VAL B 831 -6.28 33.42 -54.20
C VAL B 831 -6.97 32.16 -53.66
N ILE B 832 -8.01 31.70 -54.34
CA ILE B 832 -8.66 30.45 -53.95
C ILE B 832 -7.68 29.30 -54.06
N PHE B 833 -6.83 29.30 -55.09
CA PHE B 833 -5.79 28.29 -55.21
C PHE B 833 -4.85 28.34 -54.01
N CYS B 834 -4.48 29.54 -53.58
CA CYS B 834 -3.59 29.64 -52.42
C CYS B 834 -4.25 29.05 -51.16
N LEU B 835 -5.53 29.35 -50.95
CA LEU B 835 -6.23 28.82 -49.79
C LEU B 835 -6.33 27.29 -49.84
N ASP B 836 -6.70 26.75 -51.01
CA ASP B 836 -6.75 25.30 -51.16
C ASP B 836 -5.38 24.69 -50.95
N TYR B 837 -4.32 25.39 -51.36
CA TYR B 837 -2.97 24.93 -51.08
C TYR B 837 -2.73 24.86 -49.58
N ILE B 838 -3.17 25.89 -48.84
CA ILE B 838 -3.01 25.87 -47.39
C ILE B 838 -3.64 24.60 -46.82
N ILE B 839 -4.86 24.29 -47.25
CA ILE B 839 -5.50 23.07 -46.72
C ILE B 839 -4.71 21.83 -47.14
N PHE B 840 -4.29 21.78 -48.40
CA PHE B 840 -3.63 20.57 -48.90
C PHE B 840 -2.34 20.29 -48.15
N THR B 841 -1.49 21.30 -48.00
CA THR B 841 -0.18 21.08 -47.41
C THR B 841 -0.24 20.71 -45.94
N LEU B 842 -1.35 21.05 -45.26
CA LEU B 842 -1.48 20.71 -43.85
C LEU B 842 -1.94 19.27 -43.62
N ARG B 843 -2.39 18.57 -44.66
CA ARG B 843 -2.68 17.16 -44.51
C ARG B 843 -1.42 16.32 -44.36
N LEU B 844 -0.24 16.91 -44.62
CA LEU B 844 0.99 16.15 -44.52
C LEU B 844 1.30 15.77 -43.07
N ILE B 845 0.89 16.59 -42.10
CA ILE B 845 1.25 16.31 -40.71
C ILE B 845 0.81 14.90 -40.31
N HIS B 846 -0.24 14.38 -40.95
CA HIS B 846 -0.75 13.05 -40.64
C HIS B 846 0.34 11.97 -40.76
N ILE B 847 1.22 12.08 -41.76
CA ILE B 847 2.25 11.06 -41.93
C ILE B 847 3.29 11.07 -40.82
N PHE B 848 3.14 11.94 -39.83
CA PHE B 848 3.98 11.90 -38.64
C PHE B 848 3.47 10.92 -37.60
N THR B 849 2.34 10.24 -37.85
CA THR B 849 1.85 9.27 -36.89
C THR B 849 2.67 7.98 -36.89
N VAL B 850 3.48 7.75 -37.93
CA VAL B 850 4.33 6.56 -37.93
C VAL B 850 5.44 6.69 -36.90
N SER B 851 6.02 7.88 -36.79
CA SER B 851 7.15 8.06 -35.88
C SER B 851 6.69 7.98 -34.43
N ARG B 852 7.41 7.21 -33.62
CA ARG B 852 7.08 7.10 -32.21
C ARG B 852 7.21 8.44 -31.51
N ASN B 853 8.30 9.18 -31.79
CA ASN B 853 8.53 10.43 -31.10
C ASN B 853 7.51 11.50 -31.50
N LEU B 854 7.16 11.56 -32.78
CA LEU B 854 6.27 12.60 -33.28
C LEU B 854 4.79 12.21 -33.24
N GLY B 855 4.47 10.99 -32.82
CA GLY B 855 3.10 10.51 -32.82
C GLY B 855 2.20 11.30 -31.89
N PRO B 856 2.60 11.39 -30.62
CA PRO B 856 1.75 12.10 -29.64
C PRO B 856 1.57 13.58 -29.96
N LYS B 857 2.42 14.16 -30.80
CA LYS B 857 2.39 15.60 -31.01
C LYS B 857 1.08 16.02 -31.66
N ILE B 858 0.65 15.30 -32.70
CA ILE B 858 -0.56 15.69 -33.41
C ILE B 858 -1.80 15.48 -32.54
N ILE B 859 -1.80 14.43 -31.71
CA ILE B 859 -2.94 14.19 -30.84
C ILE B 859 -3.03 15.27 -29.76
N MET B 860 -1.87 15.59 -29.22
CA MET B 860 -1.80 16.57 -28.19
C MET B 860 -2.14 17.87 -28.85
N LEU B 861 -1.73 18.08 -30.11
CA LEU B 861 -2.08 19.32 -30.79
C LEU B 861 -3.59 19.39 -30.95
N GLN B 862 -4.20 18.25 -31.29
CA GLN B 862 -5.63 18.17 -31.49
C GLN B 862 -6.43 18.48 -30.23
N ARG B 863 -5.99 17.99 -29.08
CA ARG B 863 -6.70 18.25 -27.84
C ARG B 863 -6.62 19.74 -27.54
N MET B 864 -5.45 20.31 -27.79
CA MET B 864 -5.24 21.75 -27.62
C MET B 864 -6.22 22.55 -28.47
N LEU B 865 -6.49 22.10 -29.69
CA LEU B 865 -7.45 22.78 -30.55
C LEU B 865 -8.84 22.73 -29.93
N ILE B 866 -9.23 21.59 -29.38
CA ILE B 866 -10.52 21.49 -28.70
C ILE B 866 -10.58 22.49 -27.54
N ASP B 867 -9.49 22.60 -26.79
CA ASP B 867 -9.45 23.56 -25.69
C ASP B 867 -9.60 24.98 -26.20
N VAL B 868 -8.96 25.29 -27.33
CA VAL B 868 -9.13 26.61 -27.95
C VAL B 868 -10.59 26.85 -28.29
N PHE B 869 -11.24 25.84 -28.86
CA PHE B 869 -12.65 25.98 -29.23
C PHE B 869 -13.49 26.34 -28.01
N PHE B 870 -13.26 25.63 -26.89
CA PHE B 870 -14.02 25.93 -25.68
C PHE B 870 -13.70 27.35 -25.17
N PHE B 871 -12.46 27.76 -25.27
CA PHE B 871 -12.08 29.07 -24.79
C PHE B 871 -12.57 30.20 -25.70
N LEU B 872 -12.99 29.87 -26.89
CA LEU B 872 -13.48 30.88 -27.82
C LEU B 872 -14.76 31.54 -27.31
N PHE B 873 -15.58 30.80 -26.57
CA PHE B 873 -16.82 31.37 -26.02
C PHE B 873 -16.53 32.54 -25.09
N LEU B 874 -15.63 32.30 -24.15
CA LEU B 874 -15.24 33.35 -23.23
C LEU B 874 -14.66 34.50 -23.99
N PHE B 875 -13.77 34.21 -24.93
CA PHE B 875 -13.12 35.29 -25.67
C PHE B 875 -14.14 36.12 -26.43
N ALA B 876 -15.14 35.47 -27.02
CA ALA B 876 -16.16 36.20 -27.77
C ALA B 876 -16.99 37.09 -26.83
N VAL B 877 -17.33 36.58 -25.65
CA VAL B 877 -18.06 37.41 -24.69
C VAL B 877 -17.26 38.66 -24.36
N TRP B 878 -15.97 38.48 -24.04
CA TRP B 878 -15.13 39.63 -23.74
C TRP B 878 -15.03 40.58 -24.93
N MET B 879 -14.88 40.02 -26.13
CA MET B 879 -14.71 40.84 -27.33
C MET B 879 -15.93 41.73 -27.55
N VAL B 880 -17.13 41.14 -27.51
CA VAL B 880 -18.34 41.95 -27.65
C VAL B 880 -18.39 42.99 -26.55
N ALA B 881 -18.20 42.55 -25.30
CA ALA B 881 -18.37 43.44 -24.15
C ALA B 881 -17.53 44.69 -24.29
N PHE B 882 -16.27 44.56 -24.69
CA PHE B 882 -15.39 45.71 -24.73
C PHE B 882 -15.31 46.40 -26.08
N GLY B 883 -15.59 45.70 -27.18
CA GLY B 883 -15.68 46.39 -28.46
C GLY B 883 -16.84 47.35 -28.50
N VAL B 884 -18.01 46.91 -28.04
CA VAL B 884 -19.16 47.82 -28.02
C VAL B 884 -18.86 49.02 -27.14
N ALA B 885 -18.21 48.79 -26.00
CA ALA B 885 -17.80 49.90 -25.14
C ALA B 885 -16.93 50.86 -25.91
N ARG B 886 -15.75 50.40 -26.34
CA ARG B 886 -14.82 51.26 -27.08
C ARG B 886 -15.55 52.07 -28.14
N GLN B 887 -16.44 51.43 -28.90
CA GLN B 887 -17.16 52.15 -29.95
C GLN B 887 -18.03 53.26 -29.37
N GLY B 888 -18.78 52.97 -28.30
CA GLY B 888 -19.65 53.98 -27.74
C GLY B 888 -18.89 55.13 -27.10
N ILE B 889 -17.81 54.83 -26.39
CA ILE B 889 -17.13 55.82 -25.56
C ILE B 889 -16.07 56.58 -26.34
N LEU B 890 -15.21 55.87 -27.08
CA LEU B 890 -14.04 56.51 -27.67
C LEU B 890 -14.43 57.61 -28.64
N ARG B 891 -15.43 57.35 -29.48
CA ARG B 891 -15.86 58.31 -30.49
C ARG B 891 -17.37 58.29 -30.59
N GLN B 892 -17.93 59.39 -31.09
CA GLN B 892 -19.37 59.56 -31.23
C GLN B 892 -19.79 59.32 -32.67
N ASN B 893 -20.76 58.44 -32.86
CA ASN B 893 -21.38 58.21 -34.17
C ASN B 893 -20.42 57.46 -35.10
N GLU B 894 -20.96 57.01 -36.23
CA GLU B 894 -20.17 56.28 -37.21
C GLU B 894 -21.04 55.94 -38.42
N GLN B 895 -20.43 55.38 -39.47
CA GLN B 895 -21.19 54.90 -40.62
C GLN B 895 -21.87 53.59 -40.23
N ARG B 896 -22.90 53.72 -39.40
CA ARG B 896 -23.56 52.58 -38.77
C ARG B 896 -22.61 51.95 -37.76
N TRP B 897 -22.98 50.78 -37.23
CA TRP B 897 -22.13 50.10 -36.27
C TRP B 897 -20.92 49.44 -36.93
N ARG B 898 -21.07 49.00 -38.19
CA ARG B 898 -19.98 48.30 -38.86
C ARG B 898 -18.77 49.20 -39.05
N TRP B 899 -19.01 50.46 -39.46
CA TRP B 899 -17.89 51.38 -39.66
C TRP B 899 -17.12 51.60 -38.36
N ILE B 900 -17.85 51.92 -37.29
CA ILE B 900 -17.20 52.19 -36.01
C ILE B 900 -16.45 50.94 -35.55
N PHE B 901 -17.07 49.77 -35.67
CA PHE B 901 -16.39 48.54 -35.26
C PHE B 901 -15.10 48.35 -36.05
N ARG B 902 -15.22 48.20 -37.37
CA ARG B 902 -14.06 47.91 -38.19
C ARG B 902 -12.98 48.98 -38.07
N SER B 903 -13.34 50.19 -37.61
CA SER B 903 -12.33 51.23 -37.45
C SER B 903 -11.16 50.74 -36.59
N VAL B 904 -11.45 50.08 -35.47
CA VAL B 904 -10.41 49.72 -34.51
C VAL B 904 -10.57 48.27 -34.06
N ILE B 905 -11.36 47.48 -34.80
CA ILE B 905 -11.52 46.07 -34.43
C ILE B 905 -10.19 45.34 -34.49
N TYR B 906 -9.26 45.79 -35.33
CA TYR B 906 -7.98 45.11 -35.45
C TYR B 906 -7.21 45.16 -34.13
N GLU B 907 -7.33 46.26 -33.38
CA GLU B 907 -6.49 46.44 -32.20
C GLU B 907 -6.82 45.41 -31.11
N PRO B 908 -8.04 45.34 -30.58
CA PRO B 908 -8.28 44.43 -29.46
C PRO B 908 -7.94 42.98 -29.76
N TYR B 909 -8.17 42.53 -30.99
CA TYR B 909 -8.03 41.10 -31.29
C TYR B 909 -6.57 40.68 -31.38
N LEU B 910 -5.72 41.50 -31.99
CA LEU B 910 -4.34 41.12 -32.29
C LEU B 910 -3.30 42.04 -31.69
N ALA B 911 -3.53 43.36 -31.71
CA ALA B 911 -2.53 44.30 -31.24
C ALA B 911 -2.19 44.04 -29.77
N MET B 912 -3.20 43.80 -28.94
CA MET B 912 -2.96 43.58 -27.51
C MET B 912 -1.91 42.50 -27.29
N PHE B 913 -2.06 41.37 -27.98
CA PHE B 913 -1.03 40.34 -27.91
C PHE B 913 0.27 40.81 -28.54
N GLY B 914 0.18 41.58 -29.61
CA GLY B 914 1.37 42.04 -30.31
C GLY B 914 2.05 43.23 -29.67
N GLN B 915 1.35 44.36 -29.57
CA GLN B 915 1.93 45.60 -29.09
C GLN B 915 0.98 46.26 -28.10
N VAL B 916 1.54 47.07 -27.21
CA VAL B 916 0.76 47.78 -26.20
C VAL B 916 -0.01 48.91 -26.88
N PRO B 917 -1.20 49.27 -26.38
CA PRO B 917 -1.93 50.40 -26.96
C PRO B 917 -1.28 51.72 -26.56
N SER B 918 -0.83 52.48 -27.56
CA SER B 918 -0.16 53.76 -27.34
C SER B 918 -1.05 54.95 -27.64
N ASP B 919 -1.65 54.98 -28.83
CA ASP B 919 -2.53 56.08 -29.20
C ASP B 919 -3.89 56.00 -28.51
N VAL B 920 -4.29 54.82 -28.04
CA VAL B 920 -5.61 54.67 -27.43
C VAL B 920 -5.72 55.55 -26.18
N ASP B 921 -4.70 55.50 -25.32
CA ASP B 921 -4.73 56.30 -24.10
C ASP B 921 -4.75 57.79 -24.42
N SER B 922 -3.95 58.22 -25.40
CA SER B 922 -3.91 59.63 -25.75
C SER B 922 -5.24 60.10 -26.33
N THR B 923 -5.90 59.27 -27.13
CA THR B 923 -7.15 59.68 -27.76
C THR B 923 -8.21 59.98 -26.71
N THR B 924 -8.30 59.15 -25.68
CA THR B 924 -9.30 59.36 -24.63
C THR B 924 -9.17 60.75 -24.01
N ARG B 951 -14.72 67.73 -15.29
CA ARG B 951 -14.31 66.85 -16.37
C ARG B 951 -14.58 65.40 -16.00
N PHE B 952 -15.85 65.07 -15.79
CA PHE B 952 -16.21 63.69 -15.45
C PHE B 952 -15.75 62.69 -16.50
N PRO B 953 -15.88 62.96 -17.80
CA PRO B 953 -15.38 61.98 -18.79
C PRO B 953 -13.91 61.65 -18.62
N GLU B 954 -13.09 62.64 -18.29
CA GLU B 954 -11.67 62.38 -18.10
C GLU B 954 -11.44 61.42 -16.93
N TRP B 955 -12.17 61.63 -15.83
CA TRP B 955 -12.02 60.77 -14.67
C TRP B 955 -12.53 59.36 -14.94
N ILE B 956 -13.61 59.24 -15.70
CA ILE B 956 -14.23 57.93 -15.93
C ILE B 956 -13.56 57.16 -17.07
N THR B 957 -12.75 57.83 -17.90
CA THR B 957 -12.06 57.12 -18.98
C THR B 957 -11.05 56.12 -18.45
N ILE B 958 -10.28 56.51 -17.42
CA ILE B 958 -9.18 55.65 -16.96
C ILE B 958 -9.67 54.29 -16.51
N PRO B 959 -10.68 54.17 -15.63
CA PRO B 959 -11.13 52.83 -15.25
C PRO B 959 -11.57 51.98 -16.43
N LEU B 960 -12.19 52.59 -17.43
CA LEU B 960 -12.62 51.85 -18.61
C LEU B 960 -11.47 51.06 -19.20
N VAL B 961 -10.43 51.75 -19.65
CA VAL B 961 -9.30 51.07 -20.29
C VAL B 961 -8.61 50.14 -19.30
N CYS B 962 -8.45 50.59 -18.05
CA CYS B 962 -7.74 49.79 -17.06
C CYS B 962 -8.38 48.42 -16.90
N ILE B 963 -9.70 48.39 -16.70
CA ILE B 963 -10.40 47.11 -16.61
C ILE B 963 -10.44 46.42 -17.97
N TYR B 964 -10.38 47.19 -19.05
CA TYR B 964 -10.59 46.63 -20.38
C TYR B 964 -9.44 45.74 -20.80
N MET B 965 -8.20 46.17 -20.60
CA MET B 965 -7.06 45.43 -21.11
C MET B 965 -6.25 44.75 -20.01
N LEU B 966 -5.74 45.51 -19.04
CA LEU B 966 -4.78 44.93 -18.09
C LEU B 966 -5.45 43.98 -17.11
N SER B 967 -6.76 44.10 -16.92
CA SER B 967 -7.46 43.29 -15.92
C SER B 967 -7.97 41.97 -16.50
N THR B 968 -8.67 42.04 -17.63
CA THR B 968 -9.38 40.89 -18.18
C THR B 968 -8.61 40.17 -19.28
N ASN B 969 -8.06 40.90 -20.24
CA ASN B 969 -7.41 40.27 -21.38
C ASN B 969 -6.22 39.42 -20.95
N ILE B 970 -5.43 40.00 -20.07
CA ILE B 970 -4.27 39.35 -19.52
C ILE B 970 -4.76 38.14 -18.77
N LEU B 971 -5.85 38.32 -18.04
CA LEU B 971 -6.41 37.22 -17.28
C LEU B 971 -6.82 36.10 -18.23
N LEU B 972 -7.58 36.45 -19.27
CA LEU B 972 -8.03 35.43 -20.19
C LEU B 972 -6.91 34.75 -20.92
N VAL B 973 -5.93 35.49 -21.43
CA VAL B 973 -4.87 34.85 -22.19
C VAL B 973 -4.07 33.91 -21.32
N ASN B 974 -3.80 34.28 -20.07
CA ASN B 974 -3.07 33.41 -19.19
C ASN B 974 -3.85 32.17 -18.86
N LEU B 975 -5.15 32.30 -18.72
CA LEU B 975 -6.00 31.17 -18.42
C LEU B 975 -5.92 30.17 -19.56
N LEU B 976 -5.95 30.64 -20.80
CA LEU B 976 -5.84 29.75 -21.94
C LEU B 976 -4.49 29.06 -21.93
N VAL B 977 -3.45 29.81 -21.62
CA VAL B 977 -2.11 29.26 -21.58
C VAL B 977 -1.99 28.18 -20.53
N ALA B 978 -2.63 28.37 -19.38
CA ALA B 978 -2.59 27.37 -18.35
C ALA B 978 -3.24 26.09 -18.85
N MET B 979 -4.35 26.20 -19.57
CA MET B 979 -5.04 25.03 -20.10
C MET B 979 -4.15 24.29 -21.09
N PHE B 980 -3.41 25.01 -21.91
CA PHE B 980 -2.53 24.35 -22.85
C PHE B 980 -1.48 23.55 -22.12
N GLY B 981 -0.92 24.13 -21.06
CA GLY B 981 0.10 23.45 -20.29
C GLY B 981 -0.43 22.18 -19.67
N TYR B 982 -1.66 22.19 -19.19
CA TYR B 982 -2.18 20.99 -18.59
C TYR B 982 -2.51 19.94 -19.62
N THR B 983 -3.02 20.33 -20.78
CA THR B 983 -3.33 19.33 -21.80
C THR B 983 -2.06 18.62 -22.28
N VAL B 984 -1.02 19.41 -22.57
CA VAL B 984 0.24 18.81 -22.99
C VAL B 984 0.79 17.91 -21.90
N GLY B 985 0.68 18.34 -20.64
CA GLY B 985 1.21 17.54 -19.55
C GLY B 985 0.53 16.18 -19.47
N ILE B 986 -0.81 16.18 -19.53
CA ILE B 986 -1.52 14.90 -19.38
C ILE B 986 -1.25 14.01 -20.59
N VAL B 987 -1.16 14.59 -21.79
CA VAL B 987 -0.91 13.76 -22.97
C VAL B 987 0.48 13.14 -22.91
N GLN B 988 1.50 13.96 -22.63
CA GLN B 988 2.86 13.43 -22.60
C GLN B 988 3.07 12.50 -21.43
N GLU B 989 2.30 12.66 -20.35
CA GLU B 989 2.41 11.76 -19.21
C GLU B 989 2.05 10.34 -19.60
N ASN B 990 0.99 10.17 -20.40
CA ASN B 990 0.50 8.87 -20.82
C ASN B 990 1.04 8.45 -22.19
N ASN B 991 2.25 8.88 -22.52
CA ASN B 991 2.85 8.54 -23.79
C ASN B 991 3.12 7.04 -23.89
N ASP B 992 3.29 6.57 -25.12
CA ASP B 992 3.58 5.20 -25.52
C ASP B 992 2.35 4.30 -25.42
N GLN B 993 1.21 4.78 -24.94
CA GLN B 993 -0.06 4.07 -25.03
C GLN B 993 -0.99 4.71 -26.05
N VAL B 994 -1.00 6.04 -26.12
CA VAL B 994 -1.77 6.74 -27.14
C VAL B 994 -1.18 6.47 -28.51
N TRP B 995 0.15 6.45 -28.62
CA TRP B 995 0.78 6.28 -29.92
C TRP B 995 0.44 4.94 -30.54
N LYS B 996 0.41 3.88 -29.74
CA LYS B 996 0.11 2.55 -30.29
C LYS B 996 -1.30 2.49 -30.86
N PHE B 997 -2.28 3.00 -30.10
CA PHE B 997 -3.65 3.02 -30.58
C PHE B 997 -3.78 3.87 -31.83
N GLN B 998 -3.09 5.01 -31.87
CA GLN B 998 -3.13 5.85 -33.06
C GLN B 998 -2.50 5.12 -34.25
N ARG B 999 -1.39 4.43 -34.02
CA ARG B 999 -0.69 3.72 -35.09
C ARG B 999 -1.53 2.58 -35.64
N TYR B 1000 -2.42 2.02 -34.83
CA TYR B 1000 -3.29 0.97 -35.35
C TYR B 1000 -4.01 1.43 -36.62
N PHE B 1001 -4.55 2.65 -36.60
CA PHE B 1001 -5.30 3.16 -37.74
C PHE B 1001 -4.40 3.31 -38.96
N LEU B 1002 -3.17 3.81 -38.75
CA LEU B 1002 -2.24 3.95 -39.88
C LEU B 1002 -1.95 2.59 -40.49
N VAL B 1003 -1.70 1.58 -39.66
CA VAL B 1003 -1.43 0.25 -40.18
C VAL B 1003 -2.65 -0.29 -40.92
N GLN B 1004 -3.83 -0.08 -40.37
CA GLN B 1004 -5.06 -0.59 -40.98
C GLN B 1004 -5.29 0.05 -42.35
N GLU B 1005 -5.01 1.34 -42.48
CA GLU B 1005 -5.35 2.04 -43.71
C GLU B 1005 -4.68 1.40 -44.93
N TYR B 1006 -3.42 1.01 -44.79
CA TYR B 1006 -2.67 0.49 -45.92
C TYR B 1006 -2.95 -0.98 -46.20
N CYS B 1007 -3.66 -1.68 -45.32
CA CYS B 1007 -4.07 -3.05 -45.62
C CYS B 1007 -5.03 -3.08 -46.80
N ASN B 1008 -5.95 -2.11 -46.85
CA ASN B 1008 -6.98 -2.10 -47.87
C ASN B 1008 -6.49 -1.64 -49.24
N ARG B 1009 -5.32 -1.01 -49.30
CA ARG B 1009 -4.81 -0.49 -50.57
C ARG B 1009 -4.43 -1.65 -51.49
N LEU B 1010 -4.01 -1.30 -52.70
CA LEU B 1010 -3.58 -2.26 -53.70
C LEU B 1010 -2.07 -2.48 -53.71
N ASN B 1011 -1.35 -1.88 -52.75
CA ASN B 1011 0.10 -2.04 -52.64
C ASN B 1011 0.79 -1.54 -53.89
N ILE B 1012 0.40 -0.36 -54.34
CA ILE B 1012 1.02 0.31 -55.49
C ILE B 1012 1.28 1.76 -55.10
N PRO B 1013 2.33 2.40 -55.62
CA PRO B 1013 2.50 3.84 -55.33
C PRO B 1013 1.32 4.64 -55.84
N PHE B 1014 1.04 5.73 -55.14
CA PHE B 1014 -0.19 6.49 -55.38
C PHE B 1014 -0.32 6.96 -56.82
N PRO B 1015 0.68 7.61 -57.43
CA PRO B 1015 0.46 8.18 -58.77
C PRO B 1015 0.11 7.14 -59.83
N PHE B 1016 0.51 5.89 -59.64
CA PHE B 1016 0.29 4.84 -60.62
C PHE B 1016 -0.88 3.92 -60.29
N VAL B 1017 -1.57 4.15 -59.17
CA VAL B 1017 -2.71 3.31 -58.81
C VAL B 1017 -3.94 3.62 -59.64
N VAL B 1018 -3.93 4.71 -60.41
CA VAL B 1018 -5.04 5.00 -61.31
C VAL B 1018 -5.20 3.90 -62.36
N PHE B 1019 -4.08 3.40 -62.87
CA PHE B 1019 -4.14 2.30 -63.84
C PHE B 1019 -4.74 1.06 -63.20
N ALA B 1020 -4.37 0.77 -61.95
CA ALA B 1020 -4.95 -0.37 -61.26
C ALA B 1020 -6.45 -0.18 -61.07
N TYR B 1021 -6.88 1.04 -60.73
CA TYR B 1021 -8.30 1.31 -60.58
C TYR B 1021 -9.04 1.10 -61.89
N PHE B 1022 -8.47 1.58 -63.00
CA PHE B 1022 -9.11 1.37 -64.30
C PHE B 1022 -9.18 -0.12 -64.65
N TYR B 1023 -8.11 -0.85 -64.37
CA TYR B 1023 -8.10 -2.29 -64.62
C TYR B 1023 -9.17 -2.98 -63.79
N MET B 1024 -9.31 -2.59 -62.53
CA MET B 1024 -10.36 -3.17 -61.69
C MET B 1024 -11.74 -2.84 -62.24
N VAL B 1025 -11.95 -1.61 -62.68
CA VAL B 1025 -13.25 -1.23 -63.23
C VAL B 1025 -13.58 -2.09 -64.44
N VAL B 1026 -12.60 -2.28 -65.32
CA VAL B 1026 -12.82 -3.13 -66.50
C VAL B 1026 -13.12 -4.55 -66.06
N LYS B 1027 -12.38 -5.05 -65.07
CA LYS B 1027 -12.55 -6.44 -64.63
C LYS B 1027 -13.93 -6.68 -64.07
N LYS B 1028 -14.45 -5.74 -63.26
CA LYS B 1028 -15.75 -5.95 -62.64
C LYS B 1028 -16.85 -6.06 -63.68
N CYS B 1029 -16.82 -5.21 -64.70
CA CYS B 1029 -17.82 -5.22 -65.76
C CYS B 1029 -17.25 -5.80 -67.05
N ASN B 1051 -11.30 -23.60 -36.94
CA ASN B 1051 -11.82 -24.75 -36.20
C ASN B 1051 -10.78 -25.25 -35.21
N GLU B 1052 -9.62 -25.68 -35.73
CA GLU B 1052 -8.54 -26.14 -34.87
C GLU B 1052 -8.06 -25.02 -33.96
N THR B 1053 -7.93 -23.81 -34.50
CA THR B 1053 -7.53 -22.67 -33.69
C THR B 1053 -8.48 -22.47 -32.52
N LEU B 1054 -9.77 -22.72 -32.72
CA LEU B 1054 -10.73 -22.60 -31.64
C LEU B 1054 -10.48 -23.66 -30.55
N ALA B 1055 -10.12 -24.88 -30.96
CA ALA B 1055 -9.79 -25.91 -29.97
C ALA B 1055 -8.56 -25.50 -29.15
N TRP B 1056 -7.53 -24.99 -29.82
CA TRP B 1056 -6.36 -24.51 -29.11
C TRP B 1056 -6.73 -23.38 -28.15
N GLU B 1057 -7.62 -22.49 -28.60
CA GLU B 1057 -8.09 -21.40 -27.74
C GLU B 1057 -8.79 -21.96 -26.51
N GLY B 1058 -9.60 -23.00 -26.69
CA GLY B 1058 -10.26 -23.61 -25.54
C GLY B 1058 -9.28 -24.21 -24.57
N VAL B 1059 -8.22 -24.85 -25.08
CA VAL B 1059 -7.19 -25.40 -24.21
C VAL B 1059 -6.51 -24.30 -23.40
N MET B 1060 -6.16 -23.20 -24.08
CA MET B 1060 -5.53 -22.08 -23.39
C MET B 1060 -6.46 -21.50 -22.33
N LYS B 1061 -7.75 -21.39 -22.65
CA LYS B 1061 -8.73 -20.94 -21.66
C LYS B 1061 -8.77 -21.89 -20.48
N GLU B 1062 -8.67 -23.20 -20.73
CA GLU B 1062 -8.64 -24.17 -19.64
C GLU B 1062 -7.48 -23.85 -18.69
N ASN B 1063 -6.29 -23.65 -19.25
CA ASN B 1063 -5.14 -23.34 -18.41
C ASN B 1063 -5.35 -22.03 -17.65
N TYR B 1064 -5.90 -21.01 -18.32
CA TYR B 1064 -6.12 -19.72 -17.68
C TYR B 1064 -7.10 -19.83 -16.50
N LEU B 1065 -8.21 -20.53 -16.72
CA LEU B 1065 -9.20 -20.70 -15.67
C LEU B 1065 -8.62 -21.45 -14.49
N VAL B 1066 -7.84 -22.51 -14.75
CA VAL B 1066 -7.13 -23.17 -13.67
C VAL B 1066 -6.27 -22.16 -12.91
N LYS B 1067 -5.50 -21.36 -13.65
CA LYS B 1067 -4.55 -20.44 -13.05
C LYS B 1067 -5.24 -19.49 -12.07
N ILE B 1068 -6.36 -18.91 -12.48
CA ILE B 1068 -7.01 -17.93 -11.62
C ILE B 1068 -7.82 -18.61 -10.52
N ASN B 1069 -8.63 -19.61 -10.85
CA ASN B 1069 -9.49 -20.23 -9.85
C ASN B 1069 -8.69 -20.85 -8.71
N THR B 1070 -7.77 -21.77 -9.05
CA THR B 1070 -7.06 -22.48 -8.00
C THR B 1070 -6.20 -21.53 -7.18
N LYS B 1071 -5.48 -20.62 -7.86
CA LYS B 1071 -4.65 -19.65 -7.15
C LYS B 1071 -5.48 -18.76 -6.25
N ALA B 1072 -6.70 -18.43 -6.65
CA ALA B 1072 -7.57 -17.60 -5.81
C ALA B 1072 -8.00 -18.35 -4.56
N ASN B 1073 -8.45 -19.59 -4.72
CA ASN B 1073 -9.08 -20.30 -3.61
C ASN B 1073 -8.09 -21.08 -2.75
N ASP B 1074 -7.42 -22.07 -3.35
CA ASP B 1074 -6.68 -23.06 -2.56
C ASP B 1074 -5.53 -22.41 -1.81
N ASN B 1075 -4.83 -21.47 -2.44
CA ASN B 1075 -3.65 -20.89 -1.80
C ASN B 1075 -4.01 -20.25 -0.47
N SER B 1076 -5.14 -19.54 -0.42
CA SER B 1076 -5.57 -18.93 0.83
C SER B 1076 -6.19 -19.95 1.79
N GLU B 1077 -6.92 -20.93 1.26
CA GLU B 1077 -7.67 -21.82 2.15
C GLU B 1077 -6.89 -23.02 2.66
N GLU B 1078 -5.67 -23.24 2.16
CA GLU B 1078 -4.94 -24.47 2.52
C GLU B 1078 -4.64 -24.54 4.01
N MET B 1079 -4.17 -23.45 4.61
CA MET B 1079 -3.80 -23.47 6.02
C MET B 1079 -5.01 -23.75 6.90
N ARG B 1080 -6.12 -23.07 6.63
CA ARG B 1080 -7.32 -23.27 7.42
C ARG B 1080 -7.86 -24.68 7.24
N HIS B 1081 -7.80 -25.21 6.02
CA HIS B 1081 -8.24 -26.58 5.79
C HIS B 1081 -7.36 -27.56 6.55
N ARG B 1082 -6.04 -27.32 6.58
CA ARG B 1082 -5.15 -28.19 7.33
C ARG B 1082 -5.52 -28.19 8.81
N PHE B 1083 -5.73 -27.00 9.38
CA PHE B 1083 -6.07 -26.95 10.81
C PHE B 1083 -7.39 -27.66 11.06
N ARG B 1084 -8.39 -27.43 10.21
CA ARG B 1084 -9.70 -28.05 10.40
C ARG B 1084 -9.59 -29.56 10.33
N GLN B 1085 -8.88 -30.08 9.33
CA GLN B 1085 -8.74 -31.53 9.20
C GLN B 1085 -7.99 -32.13 10.37
N LEU B 1086 -6.93 -31.46 10.82
CA LEU B 1086 -6.18 -31.96 11.98
C LEU B 1086 -7.07 -32.03 13.20
N ASP B 1087 -7.84 -30.97 13.46
CA ASP B 1087 -8.72 -30.95 14.62
C ASP B 1087 -9.77 -32.05 14.52
N SER B 1088 -10.38 -32.21 13.35
CA SER B 1088 -11.42 -33.21 13.19
C SER B 1088 -10.86 -34.62 13.39
N LYS B 1089 -9.70 -34.89 12.80
CA LYS B 1089 -9.09 -36.21 12.95
C LYS B 1089 -8.73 -36.49 14.40
N LEU B 1090 -8.15 -35.50 15.09
CA LEU B 1090 -7.78 -35.70 16.48
C LEU B 1090 -9.02 -35.93 17.34
N ASN B 1091 -10.10 -35.19 17.09
CA ASN B 1091 -11.32 -35.40 17.85
C ASN B 1091 -11.90 -36.79 17.60
N ASP B 1092 -11.89 -37.24 16.34
CA ASP B 1092 -12.41 -38.57 16.03
C ASP B 1092 -11.58 -39.65 16.72
N LEU B 1093 -10.25 -39.50 16.69
CA LEU B 1093 -9.39 -40.47 17.35
C LEU B 1093 -9.61 -40.47 18.87
N LYS B 1094 -9.81 -39.28 19.46
CA LYS B 1094 -10.09 -39.20 20.88
C LYS B 1094 -11.41 -39.90 21.21
N SER B 1095 -12.44 -39.70 20.38
CA SER B 1095 -13.71 -40.38 20.62
C SER B 1095 -13.56 -41.89 20.51
N LEU B 1096 -12.78 -42.36 19.52
CA LEU B 1096 -12.56 -43.80 19.37
C LEU B 1096 -11.82 -44.35 20.59
N LEU B 1097 -10.82 -43.61 21.09
CA LEU B 1097 -10.10 -44.04 22.28
C LEU B 1097 -11.02 -44.09 23.49
N LYS B 1098 -11.90 -43.10 23.62
CA LYS B 1098 -12.87 -43.13 24.71
C LYS B 1098 -13.78 -44.35 24.59
N GLU B 1099 -14.22 -44.66 23.37
CA GLU B 1099 -15.07 -45.83 23.17
C GLU B 1099 -14.36 -47.12 23.56
N ILE B 1100 -13.09 -47.27 23.14
CA ILE B 1100 -12.37 -48.49 23.46
C ILE B 1100 -12.10 -48.58 24.97
N ALA B 1101 -11.83 -47.44 25.61
CA ALA B 1101 -11.64 -47.43 27.05
C ALA B 1101 -12.92 -47.85 27.77
N ASN B 1102 -14.06 -47.34 27.33
CA ASN B 1102 -15.34 -47.76 27.90
C ASN B 1102 -15.56 -49.25 27.69
N ASN B 1103 -15.22 -49.76 26.51
CA ASN B 1103 -15.35 -51.18 26.24
C ASN B 1103 -14.47 -52.01 27.18
N ILE B 1104 -13.29 -51.49 27.51
CA ILE B 1104 -12.37 -52.23 28.38
C ILE B 1104 -13.02 -52.45 29.74
N LYS B 1105 -13.62 -51.42 30.31
CA LYS B 1105 -14.27 -51.51 31.61
C LYS B 1105 -15.74 -51.86 31.45
N ASP C 41 -0.15 -54.52 -47.58
CA ASP C 41 1.07 -55.10 -47.00
C ASP C 41 0.85 -55.45 -45.54
N LEU C 42 0.86 -54.44 -44.67
CA LEU C 42 0.68 -54.68 -43.24
C LEU C 42 -0.70 -55.26 -42.96
N VAL C 43 -1.74 -54.73 -43.60
CA VAL C 43 -3.09 -55.23 -43.37
C VAL C 43 -3.21 -56.68 -43.80
N ASN C 44 -2.66 -57.02 -44.97
CA ASN C 44 -2.69 -58.40 -45.44
C ASN C 44 -1.90 -59.30 -44.49
N PHE C 45 -0.76 -58.81 -43.98
CA PHE C 45 0.00 -59.61 -43.02
C PHE C 45 -0.80 -59.88 -41.76
N ILE C 46 -1.50 -58.87 -41.25
CA ILE C 46 -2.32 -59.05 -40.06
C ILE C 46 -3.42 -60.06 -40.33
N GLN C 47 -4.10 -59.93 -41.47
CA GLN C 47 -5.18 -60.85 -41.80
C GLN C 47 -4.66 -62.27 -41.90
N ALA C 48 -3.50 -62.47 -42.53
CA ALA C 48 -2.92 -63.80 -42.64
C ALA C 48 -2.55 -64.34 -41.26
N ASN C 49 -1.98 -63.49 -40.41
CA ASN C 49 -1.56 -63.94 -39.08
C ASN C 49 -2.76 -64.42 -38.28
N PHE C 50 -3.88 -63.68 -38.33
CA PHE C 50 -5.06 -64.09 -37.58
C PHE C 50 -5.78 -65.24 -38.27
N LYS C 51 -5.79 -65.24 -39.60
CA LYS C 51 -6.44 -66.31 -40.36
C LYS C 51 -7.94 -66.36 -40.06
N ASP C 102 -11.15 -61.61 -41.35
CA ASP C 102 -10.51 -60.36 -40.97
C ASP C 102 -11.42 -59.55 -40.04
N ALA C 103 -12.46 -58.96 -40.61
CA ALA C 103 -13.41 -58.15 -39.85
C ALA C 103 -12.71 -57.01 -39.13
N PHE C 104 -11.69 -56.43 -39.77
CA PHE C 104 -10.94 -55.30 -39.23
C PHE C 104 -10.96 -54.16 -40.24
N GLY C 105 -11.08 -52.94 -39.73
CA GLY C 105 -11.11 -51.77 -40.59
C GLY C 105 -10.41 -50.56 -39.99
N ASP C 106 -9.71 -49.81 -40.83
CA ASP C 106 -9.13 -48.54 -40.39
C ASP C 106 -10.23 -47.51 -40.26
N ILE C 107 -11.04 -47.65 -39.20
CA ILE C 107 -12.23 -46.83 -39.05
C ILE C 107 -11.85 -45.36 -38.92
N GLN C 108 -12.59 -44.50 -39.63
CA GLN C 108 -12.42 -43.05 -39.56
C GLN C 108 -13.81 -42.42 -39.65
N PHE C 109 -14.18 -41.65 -38.63
CA PHE C 109 -15.51 -41.05 -38.59
C PHE C 109 -15.53 -39.77 -39.41
N GLY C 116 -9.38 -44.33 -34.94
CA GLY C 116 -8.30 -44.26 -35.91
C GLY C 116 -8.09 -45.57 -36.64
N LYS C 117 -7.68 -46.60 -35.91
CA LYS C 117 -7.45 -47.92 -36.48
C LYS C 117 -8.01 -48.97 -35.52
N TYR C 118 -9.00 -49.72 -35.99
CA TYR C 118 -9.64 -50.75 -35.19
C TYR C 118 -9.26 -52.14 -35.70
N LEU C 119 -9.07 -53.06 -34.76
CA LEU C 119 -8.68 -54.42 -35.10
C LEU C 119 -9.43 -55.41 -34.22
N ARG C 120 -9.47 -56.66 -34.66
CA ARG C 120 -10.08 -57.75 -33.94
C ARG C 120 -9.02 -58.78 -33.57
N LEU C 121 -9.11 -59.33 -32.36
CA LEU C 121 -8.12 -60.26 -31.85
C LEU C 121 -8.85 -61.42 -31.16
N SER C 122 -8.22 -62.60 -31.21
CA SER C 122 -8.74 -63.77 -30.52
C SER C 122 -8.24 -63.80 -29.08
N CYS C 123 -9.06 -64.36 -28.19
CA CYS C 123 -8.67 -64.45 -26.79
C CYS C 123 -7.38 -65.25 -26.61
N ASP C 124 -7.12 -66.20 -27.52
CA ASP C 124 -5.92 -67.02 -27.46
C ASP C 124 -4.77 -66.44 -28.27
N THR C 125 -4.94 -65.24 -28.84
CA THR C 125 -3.89 -64.64 -29.67
C THR C 125 -2.63 -64.40 -28.85
N ASP C 126 -1.49 -64.70 -29.47
CA ASP C 126 -0.19 -64.49 -28.84
C ASP C 126 0.05 -63.00 -28.57
N SER C 127 0.54 -62.70 -27.37
CA SER C 127 0.81 -61.31 -26.99
C SER C 127 1.96 -60.73 -27.79
N GLU C 128 3.02 -61.52 -28.01
CA GLU C 128 4.16 -61.04 -28.77
C GLU C 128 3.75 -60.57 -30.15
N THR C 129 2.74 -61.21 -30.75
CA THR C 129 2.27 -60.75 -32.05
C THR C 129 1.73 -59.32 -31.97
N LEU C 130 0.93 -59.02 -30.93
CA LEU C 130 0.43 -57.67 -30.77
C LEU C 130 1.56 -56.68 -30.57
N TYR C 131 2.52 -57.01 -29.70
CA TYR C 131 3.60 -56.06 -29.46
C TYR C 131 4.42 -55.84 -30.72
N GLU C 132 4.70 -56.91 -31.47
CA GLU C 132 5.44 -56.78 -32.71
C GLU C 132 4.70 -55.91 -33.72
N LEU C 133 3.39 -56.15 -33.87
CA LEU C 133 2.60 -55.35 -34.80
C LEU C 133 2.66 -53.87 -34.43
N LEU C 134 2.50 -53.56 -33.14
CA LEU C 134 2.50 -52.17 -32.72
C LEU C 134 3.87 -51.53 -32.95
N THR C 135 4.94 -52.25 -32.64
CA THR C 135 6.27 -51.64 -32.72
C THR C 135 6.73 -51.48 -34.16
N GLN C 136 6.53 -52.51 -35.00
CA GLN C 136 7.14 -52.53 -36.32
C GLN C 136 6.28 -51.92 -37.41
N HIS C 137 5.01 -51.61 -37.13
CA HIS C 137 4.11 -51.06 -38.13
C HIS C 137 3.60 -49.67 -37.78
N TRP C 138 3.07 -49.49 -36.57
CA TRP C 138 2.35 -48.28 -36.20
C TRP C 138 3.14 -47.36 -35.28
N HIS C 139 3.60 -47.86 -34.15
CA HIS C 139 4.11 -47.02 -33.07
C HIS C 139 5.57 -47.36 -32.75
N LEU C 140 6.24 -46.37 -32.17
CA LEU C 140 7.60 -46.53 -31.67
C LEU C 140 7.56 -47.04 -30.23
N LYS C 141 8.59 -47.80 -29.85
CA LYS C 141 8.63 -48.36 -28.51
C LYS C 141 8.52 -47.26 -27.46
N THR C 142 7.70 -47.51 -26.44
CA THR C 142 7.34 -46.48 -25.48
C THR C 142 8.06 -46.72 -24.15
N PRO C 143 8.85 -45.76 -23.66
CA PRO C 143 9.51 -45.96 -22.35
C PRO C 143 8.53 -46.18 -21.22
N ASN C 144 7.34 -45.55 -21.25
CA ASN C 144 6.44 -45.57 -20.11
C ASN C 144 5.05 -46.02 -20.55
N LEU C 145 4.42 -46.82 -19.68
CA LEU C 145 3.07 -47.32 -19.90
C LEU C 145 2.20 -46.99 -18.69
N VAL C 146 0.94 -46.63 -18.96
CA VAL C 146 -0.05 -46.38 -17.93
C VAL C 146 -1.31 -47.15 -18.30
N ILE C 147 -1.92 -47.80 -17.32
CA ILE C 147 -3.14 -48.58 -17.51
C ILE C 147 -4.20 -47.98 -16.62
N SER C 148 -5.21 -47.37 -17.22
CA SER C 148 -6.32 -46.77 -16.47
C SER C 148 -7.49 -47.73 -16.51
N VAL C 149 -7.99 -48.12 -15.34
CA VAL C 149 -9.07 -49.08 -15.27
C VAL C 149 -10.34 -48.45 -15.82
N THR C 150 -11.01 -49.17 -16.73
CA THR C 150 -12.22 -48.69 -17.38
C THR C 150 -13.36 -49.66 -17.17
N GLY C 151 -14.57 -49.18 -17.43
CA GLY C 151 -15.77 -49.96 -17.25
C GLY C 151 -16.32 -49.96 -15.85
N GLY C 152 -15.63 -49.32 -14.90
CA GLY C 152 -16.13 -49.31 -13.53
C GLY C 152 -17.46 -48.61 -13.40
N ALA C 153 -17.60 -47.45 -14.03
CA ALA C 153 -18.81 -46.66 -13.99
C ALA C 153 -19.26 -46.35 -15.41
N LYS C 154 -20.54 -46.62 -15.69
CA LYS C 154 -21.09 -46.28 -17.01
C LYS C 154 -21.12 -44.77 -17.20
N ASN C 155 -21.42 -44.02 -16.15
CA ASN C 155 -21.45 -42.57 -16.18
C ASN C 155 -20.30 -42.02 -15.34
N PHE C 156 -19.65 -40.99 -15.87
CA PHE C 156 -18.50 -40.37 -15.22
C PHE C 156 -18.81 -38.91 -14.90
N ALA C 157 -18.43 -38.48 -13.70
CA ALA C 157 -18.64 -37.11 -13.26
C ALA C 157 -17.37 -36.30 -13.49
N LEU C 158 -17.48 -35.21 -14.23
CA LEU C 158 -16.33 -34.35 -14.54
C LEU C 158 -16.09 -33.41 -13.37
N LYS C 159 -15.69 -34.00 -12.25
CA LYS C 159 -15.34 -33.21 -11.07
C LYS C 159 -13.94 -32.61 -11.25
N PRO C 160 -13.73 -31.36 -10.81
CA PRO C 160 -12.40 -30.76 -10.99
C PRO C 160 -11.29 -31.60 -10.37
N ARG C 161 -11.53 -32.18 -9.19
CA ARG C 161 -10.53 -33.04 -8.55
C ARG C 161 -10.22 -34.25 -9.43
N MET C 162 -11.27 -34.88 -9.97
CA MET C 162 -11.11 -36.06 -10.82
C MET C 162 -10.72 -35.70 -12.25
N ARG C 163 -10.85 -34.43 -12.64
CA ARG C 163 -10.60 -33.99 -14.00
C ARG C 163 -9.16 -33.50 -14.20
N LYS C 164 -8.72 -32.58 -13.34
CA LYS C 164 -7.38 -32.04 -13.49
C LYS C 164 -6.32 -33.12 -13.34
N ILE C 165 -6.58 -34.12 -12.50
CA ILE C 165 -5.61 -35.20 -12.32
C ILE C 165 -5.37 -35.92 -13.65
N PHE C 166 -6.44 -36.27 -14.35
CA PHE C 166 -6.28 -36.97 -15.62
C PHE C 166 -5.73 -36.05 -16.70
N SER C 167 -6.08 -34.77 -16.68
CA SER C 167 -5.47 -33.85 -17.64
C SER C 167 -3.96 -33.79 -17.43
N ARG C 168 -3.51 -33.70 -16.18
CA ARG C 168 -2.08 -33.70 -15.90
C ARG C 168 -1.44 -35.02 -16.27
N LEU C 169 -2.14 -36.14 -16.04
CA LEU C 169 -1.61 -37.44 -16.42
C LEU C 169 -1.38 -37.52 -17.92
N ILE C 170 -2.34 -37.03 -18.70
CA ILE C 170 -2.20 -37.05 -20.15
C ILE C 170 -1.06 -36.13 -20.59
N TYR C 171 -0.93 -34.97 -19.93
CA TYR C 171 0.19 -34.08 -20.24
C TYR C 171 1.52 -34.77 -19.97
N ILE C 172 1.63 -35.48 -18.85
CA ILE C 172 2.86 -36.20 -18.52
C ILE C 172 3.13 -37.28 -19.57
N ALA C 173 2.10 -38.03 -19.96
CA ALA C 173 2.29 -39.07 -20.95
C ALA C 173 2.77 -38.49 -22.27
N GLN C 174 2.21 -37.36 -22.68
CA GLN C 174 2.69 -36.69 -23.89
C GLN C 174 4.14 -36.27 -23.74
N SER C 175 4.49 -35.72 -22.57
CA SER C 175 5.86 -35.27 -22.35
C SER C 175 6.85 -36.43 -22.47
N LYS C 176 6.51 -37.58 -21.88
CA LYS C 176 7.38 -38.75 -21.90
C LYS C 176 7.03 -39.74 -22.99
N GLY C 177 6.06 -39.42 -23.85
CA GLY C 177 5.71 -40.33 -24.93
C GLY C 177 5.23 -41.68 -24.45
N ALA C 178 4.39 -41.70 -23.42
CA ALA C 178 3.91 -42.94 -22.83
C ALA C 178 2.67 -43.45 -23.54
N TRP C 179 2.36 -44.73 -23.32
CA TRP C 179 1.10 -45.31 -23.73
C TRP C 179 0.09 -45.21 -22.60
N ILE C 180 -1.19 -45.10 -22.97
CA ILE C 180 -2.29 -45.17 -22.00
C ILE C 180 -3.28 -46.21 -22.50
N LEU C 181 -3.63 -47.16 -21.64
CA LEU C 181 -4.53 -48.26 -21.99
C LEU C 181 -5.84 -48.06 -21.24
N THR C 182 -6.94 -48.00 -22.01
CA THR C 182 -8.28 -47.79 -21.46
C THR C 182 -9.25 -48.73 -22.17
N GLY C 183 -10.48 -48.75 -21.67
CA GLY C 183 -11.50 -49.58 -22.29
C GLY C 183 -11.89 -49.09 -23.68
N GLY C 184 -12.05 -47.78 -23.83
CA GLY C 184 -12.45 -47.20 -25.10
C GLY C 184 -13.93 -46.99 -25.29
N THR C 185 -14.74 -47.15 -24.24
CA THR C 185 -16.17 -46.94 -24.35
C THR C 185 -16.47 -45.47 -24.62
N HIS C 186 -17.56 -45.23 -25.36
CA HIS C 186 -17.96 -43.86 -25.66
C HIS C 186 -18.42 -43.13 -24.41
N TYR C 187 -19.08 -43.84 -23.49
CA TYR C 187 -19.66 -43.23 -22.31
C TYR C 187 -18.74 -43.46 -21.12
N GLY C 188 -18.47 -42.38 -20.38
CA GLY C 188 -17.69 -42.45 -19.16
C GLY C 188 -16.39 -41.67 -19.27
N LEU C 189 -15.38 -42.14 -18.54
CA LEU C 189 -14.10 -41.45 -18.51
C LEU C 189 -13.34 -41.62 -19.82
N MET C 190 -13.61 -42.71 -20.55
CA MET C 190 -12.89 -42.95 -21.80
C MET C 190 -13.12 -41.84 -22.80
N LYS C 191 -14.35 -41.35 -22.92
CA LYS C 191 -14.63 -40.27 -23.85
C LYS C 191 -13.89 -38.99 -23.45
N TYR C 192 -13.84 -38.70 -22.15
CA TYR C 192 -13.12 -37.53 -21.68
C TYR C 192 -11.63 -37.64 -22.01
N ILE C 193 -11.04 -38.80 -21.78
CA ILE C 193 -9.63 -39.00 -22.11
C ILE C 193 -9.41 -38.84 -23.61
N GLY C 194 -10.30 -39.40 -24.42
CA GLY C 194 -10.17 -39.27 -25.86
C GLY C 194 -10.23 -37.82 -26.31
N GLU C 195 -11.16 -37.05 -25.74
CA GLU C 195 -11.26 -35.64 -26.09
C GLU C 195 -9.99 -34.89 -25.67
N VAL C 196 -9.46 -35.20 -24.49
CA VAL C 196 -8.24 -34.55 -24.04
C VAL C 196 -7.09 -34.85 -24.99
N VAL C 197 -6.96 -36.12 -25.39
CA VAL C 197 -5.90 -36.50 -26.32
C VAL C 197 -6.09 -35.78 -27.65
N ARG C 198 -7.34 -35.71 -28.13
CA ARG C 198 -7.59 -35.06 -29.41
C ARG C 198 -7.18 -33.59 -29.37
N ASP C 199 -7.55 -32.89 -28.30
CA ASP C 199 -7.19 -31.47 -28.21
C ASP C 199 -5.69 -31.29 -28.07
N ASN C 200 -5.04 -32.16 -27.29
CA ASN C 200 -3.59 -32.07 -27.16
C ASN C 200 -2.89 -32.28 -28.50
N THR C 201 -3.36 -33.27 -29.28
CA THR C 201 -2.80 -33.45 -30.62
C THR C 201 -3.06 -32.21 -31.48
N ILE C 202 -4.25 -31.64 -31.37
CA ILE C 202 -4.53 -30.37 -32.05
C ILE C 202 -3.61 -29.28 -31.53
N SER C 203 -3.40 -29.25 -30.21
CA SER C 203 -2.51 -28.28 -29.59
C SER C 203 -1.06 -28.55 -29.98
N GLU C 208 -0.19 -37.40 -31.94
CA GLU C 208 1.06 -37.61 -32.64
C GLU C 208 2.13 -38.11 -31.68
N ASN C 209 2.64 -37.21 -30.84
CA ASN C 209 3.62 -37.59 -29.83
C ASN C 209 3.00 -38.41 -28.69
N ILE C 210 1.68 -38.33 -28.51
CA ILE C 210 0.97 -39.09 -27.49
C ILE C 210 0.16 -40.18 -28.16
N VAL C 211 0.24 -41.40 -27.64
CA VAL C 211 -0.45 -42.56 -28.18
C VAL C 211 -1.36 -43.14 -27.12
N ALA C 212 -2.63 -43.33 -27.47
CA ALA C 212 -3.63 -43.95 -26.60
C ALA C 212 -4.20 -45.16 -27.31
N ILE C 213 -4.27 -46.28 -26.61
CA ILE C 213 -4.77 -47.54 -27.16
C ILE C 213 -5.91 -48.03 -26.29
N GLY C 214 -7.01 -48.42 -26.92
CA GLY C 214 -8.18 -48.92 -26.23
C GLY C 214 -8.39 -50.39 -26.49
N ILE C 215 -8.93 -51.09 -25.49
CA ILE C 215 -9.20 -52.52 -25.57
C ILE C 215 -10.69 -52.74 -25.34
N ALA C 216 -11.33 -53.44 -26.27
CA ALA C 216 -12.76 -53.67 -26.24
C ALA C 216 -13.05 -55.14 -26.48
N ALA C 217 -14.34 -55.47 -26.57
CA ALA C 217 -14.81 -56.84 -26.82
C ALA C 217 -15.58 -56.85 -28.13
N TRP C 218 -15.11 -57.64 -29.09
CA TRP C 218 -15.74 -57.66 -30.41
C TRP C 218 -17.18 -58.15 -30.36
N GLY C 219 -17.52 -58.99 -29.39
CA GLY C 219 -18.87 -59.49 -29.27
C GLY C 219 -19.80 -58.49 -28.61
N MET C 220 -19.30 -57.78 -27.60
CA MET C 220 -20.12 -56.81 -26.88
C MET C 220 -20.35 -55.54 -27.69
N VAL C 221 -19.37 -55.13 -28.49
CA VAL C 221 -19.45 -53.88 -29.24
C VAL C 221 -20.51 -54.00 -30.32
N SER C 222 -20.91 -52.86 -30.89
CA SER C 222 -21.87 -52.85 -31.97
C SER C 222 -21.28 -53.50 -33.22
N ASN C 223 -22.16 -53.98 -34.09
CA ASN C 223 -21.72 -54.62 -35.31
C ASN C 223 -20.85 -53.68 -36.13
N ARG C 224 -19.71 -54.20 -36.59
CA ARG C 224 -18.76 -53.43 -37.38
C ARG C 224 -18.67 -54.02 -38.78
N ASP C 225 -18.72 -53.15 -39.79
CA ASP C 225 -18.68 -53.61 -41.17
C ASP C 225 -17.37 -54.33 -41.46
N THR C 226 -17.47 -55.49 -42.10
CA THR C 226 -16.29 -56.27 -42.43
C THR C 226 -15.46 -55.57 -43.50
N LEU C 227 -14.15 -55.77 -43.43
CA LEU C 227 -13.23 -55.19 -44.40
C LEU C 227 -13.45 -55.81 -45.78
N PHE C 237 -12.89 -51.34 -47.59
CA PHE C 237 -11.65 -51.36 -46.83
C PHE C 237 -11.83 -50.63 -45.51
N SER C 238 -11.71 -49.31 -45.54
CA SER C 238 -11.84 -48.48 -44.33
C SER C 238 -13.31 -48.11 -44.15
N ALA C 239 -14.05 -49.02 -43.52
CA ALA C 239 -15.46 -48.78 -43.24
C ALA C 239 -15.61 -47.66 -42.22
N GLN C 240 -16.74 -46.96 -42.28
CA GLN C 240 -17.04 -45.83 -41.41
C GLN C 240 -18.29 -46.11 -40.61
N TYR C 241 -18.26 -45.76 -39.32
CA TYR C 241 -19.38 -45.95 -38.41
C TYR C 241 -19.60 -44.66 -37.64
N ILE C 242 -20.85 -44.21 -37.56
CA ILE C 242 -21.21 -42.99 -36.84
C ILE C 242 -22.41 -43.31 -35.96
N MET C 243 -22.32 -42.91 -34.70
CA MET C 243 -23.41 -43.13 -33.74
C MET C 243 -23.04 -42.56 -32.38
N LEU C 251 -25.27 -53.00 -28.06
CA LEU C 251 -25.40 -52.96 -26.61
C LEU C 251 -24.30 -52.12 -25.98
N TYR C 252 -23.20 -51.93 -26.71
CA TYR C 252 -22.07 -51.15 -26.24
C TYR C 252 -21.76 -50.04 -27.24
N ILE C 253 -21.25 -48.92 -26.71
CA ILE C 253 -20.86 -47.77 -27.51
C ILE C 253 -19.37 -47.52 -27.29
N LEU C 254 -18.64 -47.36 -28.39
CA LEU C 254 -17.21 -47.14 -28.36
C LEU C 254 -16.88 -45.73 -28.83
N ASP C 255 -15.92 -45.09 -28.16
CA ASP C 255 -15.57 -43.72 -28.48
C ASP C 255 -14.97 -43.61 -29.87
N ASN C 256 -13.89 -44.35 -30.13
CA ASN C 256 -13.10 -44.20 -31.33
C ASN C 256 -12.34 -42.88 -31.36
N ASN C 257 -12.28 -42.17 -30.22
CA ASN C 257 -11.40 -41.02 -30.10
C ASN C 257 -9.96 -41.44 -29.90
N HIS C 258 -9.75 -42.62 -29.31
CA HIS C 258 -8.42 -43.19 -29.20
C HIS C 258 -7.90 -43.58 -30.58
N THR C 259 -6.58 -43.41 -30.77
CA THR C 259 -6.01 -43.63 -32.09
C THR C 259 -6.19 -45.07 -32.55
N HIS C 260 -5.99 -46.03 -31.65
CA HIS C 260 -6.04 -47.45 -31.99
C HIS C 260 -6.93 -48.18 -30.99
N LEU C 261 -7.76 -49.08 -31.51
CA LEU C 261 -8.65 -49.89 -30.68
C LEU C 261 -8.56 -51.35 -31.08
N LEU C 262 -8.68 -52.22 -30.07
CA LEU C 262 -8.62 -53.66 -30.26
C LEU C 262 -9.86 -54.29 -29.63
N LEU C 263 -10.53 -55.15 -30.38
CA LEU C 263 -11.72 -55.85 -29.91
C LEU C 263 -11.39 -57.30 -29.64
N VAL C 264 -12.11 -57.90 -28.69
CA VAL C 264 -11.87 -59.26 -28.26
C VAL C 264 -12.80 -60.20 -29.03
N ASP C 265 -12.21 -61.09 -29.82
CA ASP C 265 -12.98 -62.02 -30.65
C ASP C 265 -13.52 -63.17 -29.79
N ASN C 266 -14.35 -62.79 -28.82
CA ASN C 266 -14.98 -63.80 -27.97
C ASN C 266 -15.93 -64.67 -28.80
N GLY C 267 -16.02 -65.93 -28.42
CA GLY C 267 -16.86 -66.86 -29.17
C GLY C 267 -18.32 -66.41 -29.21
N CYS C 268 -18.84 -66.00 -28.06
CA CYS C 268 -20.22 -65.56 -27.94
C CYS C 268 -20.24 -64.17 -27.31
N HIS C 269 -20.96 -63.24 -27.93
CA HIS C 269 -21.09 -61.90 -27.39
C HIS C 269 -21.78 -61.94 -26.03
N GLY C 270 -21.22 -61.22 -25.08
CA GLY C 270 -21.78 -61.18 -23.74
C GLY C 270 -21.41 -59.89 -23.02
N HIS C 271 -22.31 -59.45 -22.15
CA HIS C 271 -22.04 -58.25 -21.36
C HIS C 271 -20.81 -58.39 -20.47
N PRO C 272 -20.63 -59.47 -19.71
CA PRO C 272 -19.46 -59.54 -18.83
C PRO C 272 -18.16 -59.49 -19.62
N THR C 273 -17.15 -58.90 -19.00
CA THR C 273 -15.86 -58.73 -19.66
C THR C 273 -15.28 -60.07 -20.06
N VAL C 274 -14.83 -60.17 -21.30
CA VAL C 274 -14.25 -61.40 -21.84
C VAL C 274 -12.91 -61.06 -22.48
N GLU C 275 -12.31 -59.96 -22.05
CA GLU C 275 -11.05 -59.50 -22.62
C GLU C 275 -10.00 -59.15 -21.58
N ALA C 276 -10.34 -59.15 -20.29
CA ALA C 276 -9.35 -58.85 -19.26
C ALA C 276 -8.14 -59.76 -19.34
N LYS C 277 -8.34 -61.01 -19.77
CA LYS C 277 -7.22 -61.93 -19.91
C LYS C 277 -6.19 -61.39 -20.87
N LEU C 278 -6.64 -60.90 -22.03
CA LEU C 278 -5.71 -60.35 -23.02
C LEU C 278 -4.98 -59.14 -22.46
N ARG C 279 -5.69 -58.28 -21.74
CA ARG C 279 -5.06 -57.09 -21.16
C ARG C 279 -3.95 -57.48 -20.19
N ASN C 280 -4.26 -58.40 -19.28
CA ASN C 280 -3.27 -58.83 -18.30
C ASN C 280 -2.08 -59.50 -18.97
N GLN C 281 -2.34 -60.35 -19.97
CA GLN C 281 -1.26 -61.00 -20.68
C GLN C 281 -0.37 -60.00 -21.38
N LEU C 282 -0.98 -58.98 -22.02
CA LEU C 282 -0.20 -58.00 -22.75
C LEU C 282 0.66 -57.17 -21.81
N GLU C 283 0.09 -56.72 -20.68
CA GLU C 283 0.90 -55.94 -19.75
C GLU C 283 2.04 -56.77 -19.19
N LYS C 284 1.76 -58.02 -18.81
CA LYS C 284 2.81 -58.87 -18.29
C LYS C 284 3.91 -59.08 -19.32
N TYR C 285 3.53 -59.34 -20.57
CA TYR C 285 4.53 -59.55 -21.61
C TYR C 285 5.37 -58.30 -21.82
N ILE C 286 4.73 -57.13 -21.87
CA ILE C 286 5.48 -55.89 -22.07
C ILE C 286 6.48 -55.70 -20.93
N SER C 287 6.08 -56.05 -19.71
CA SER C 287 7.06 -55.98 -18.62
C SER C 287 8.26 -56.89 -18.88
N GLU C 288 8.03 -58.03 -19.54
CA GLU C 288 9.12 -58.97 -19.81
C GLU C 288 9.88 -58.58 -21.08
N ARG C 289 10.38 -57.34 -21.12
CA ARG C 289 11.19 -56.87 -22.22
C ARG C 289 12.13 -55.79 -21.71
N THR C 290 13.18 -55.52 -22.48
CA THR C 290 14.25 -54.62 -22.05
C THR C 290 14.36 -53.44 -23.01
N SER C 291 14.46 -52.24 -22.46
CA SER C 291 14.71 -51.02 -23.22
C SER C 291 15.83 -50.25 -22.53
N GLN C 292 16.95 -50.07 -23.24
CA GLN C 292 18.11 -49.42 -22.65
C GLN C 292 17.94 -47.91 -22.54
N ASP C 293 17.20 -47.31 -23.47
CA ASP C 293 17.09 -45.85 -23.52
C ASP C 293 16.54 -45.29 -22.20
N SER C 294 15.58 -45.99 -21.59
CA SER C 294 14.90 -45.45 -20.43
C SER C 294 15.84 -45.42 -19.22
N ASN C 295 15.55 -44.48 -18.32
CA ASN C 295 16.32 -44.40 -17.08
C ASN C 295 16.07 -45.60 -16.18
N TYR C 296 14.90 -46.22 -16.31
CA TYR C 296 14.62 -47.45 -15.57
C TYR C 296 15.68 -48.50 -15.88
N GLY C 297 15.80 -49.48 -15.00
CA GLY C 297 16.90 -50.41 -15.11
C GLY C 297 16.66 -51.49 -16.14
N GLY C 298 16.70 -51.12 -17.41
CA GLY C 298 16.55 -52.10 -18.47
C GLY C 298 15.19 -52.74 -18.55
N LYS C 299 14.16 -52.08 -18.02
CA LYS C 299 12.79 -52.55 -18.12
C LYS C 299 11.87 -51.37 -18.40
N ILE C 300 10.67 -51.68 -18.90
CA ILE C 300 9.67 -50.68 -19.24
C ILE C 300 8.71 -50.56 -18.06
N PRO C 301 8.65 -49.42 -17.37
CA PRO C 301 7.72 -49.29 -16.23
C PRO C 301 6.27 -49.45 -16.66
N ILE C 302 5.48 -50.05 -15.77
CA ILE C 302 4.04 -50.27 -15.98
C ILE C 302 3.34 -49.99 -14.66
N VAL C 303 2.54 -48.92 -14.60
CA VAL C 303 1.85 -48.53 -13.37
C VAL C 303 0.35 -48.45 -13.64
N CYS C 304 -0.44 -49.07 -12.76
CA CYS C 304 -1.89 -49.02 -12.88
C CYS C 304 -2.42 -47.68 -12.38
N PHE C 305 -3.56 -47.25 -12.93
CA PHE C 305 -4.27 -46.05 -12.45
C PHE C 305 -5.71 -46.43 -12.16
N ALA C 306 -6.03 -46.68 -10.89
CA ALA C 306 -7.37 -47.02 -10.45
C ALA C 306 -7.96 -45.83 -9.68
N GLN C 307 -8.75 -45.02 -10.37
CA GLN C 307 -9.47 -43.91 -9.76
C GLN C 307 -10.96 -44.20 -9.60
N GLY C 308 -11.57 -44.86 -10.60
CA GLY C 308 -12.95 -45.29 -10.50
C GLY C 308 -13.03 -46.77 -10.15
N GLY C 309 -13.36 -47.07 -8.90
CA GLY C 309 -13.39 -48.45 -8.45
C GLY C 309 -14.60 -49.22 -8.94
N GLY C 310 -14.52 -50.53 -8.78
CA GLY C 310 -15.60 -51.41 -9.19
C GLY C 310 -15.19 -52.86 -8.99
N ARG C 311 -16.08 -53.76 -9.38
CA ARG C 311 -15.79 -55.18 -9.25
C ARG C 311 -14.64 -55.60 -10.16
N GLU C 312 -14.80 -55.38 -11.46
CA GLU C 312 -13.73 -55.71 -12.40
C GLU C 312 -12.46 -54.92 -12.09
N THR C 313 -12.61 -53.70 -11.56
CA THR C 313 -11.43 -52.94 -11.16
C THR C 313 -10.70 -53.64 -10.03
N LEU C 314 -11.44 -54.13 -9.03
CA LEU C 314 -10.83 -54.88 -7.94
C LEU C 314 -10.12 -56.11 -8.46
N LYS C 315 -10.77 -56.84 -9.38
CA LYS C 315 -10.15 -58.05 -9.93
C LYS C 315 -8.87 -57.71 -10.68
N ALA C 316 -8.89 -56.62 -11.45
CA ALA C 316 -7.69 -56.22 -12.18
C ALA C 316 -6.56 -55.84 -11.23
N ILE C 317 -6.88 -55.15 -10.13
CA ILE C 317 -5.86 -54.81 -9.15
C ILE C 317 -5.27 -56.06 -8.50
N ASN C 318 -6.14 -57.01 -8.14
CA ASN C 318 -5.66 -58.26 -7.55
C ASN C 318 -4.76 -59.01 -8.53
N THR C 319 -5.14 -59.07 -9.81
CA THR C 319 -4.27 -59.68 -10.81
C THR C 319 -2.99 -58.88 -10.99
N SER C 320 -3.05 -57.56 -10.79
CA SER C 320 -1.85 -56.74 -10.90
C SER C 320 -0.82 -57.17 -9.86
N VAL C 321 -1.25 -57.43 -8.63
CA VAL C 321 -0.29 -57.87 -7.62
C VAL C 321 0.44 -59.11 -8.10
N LYS C 322 -0.31 -60.10 -8.61
CA LYS C 322 0.32 -61.30 -9.14
C LYS C 322 1.26 -60.95 -10.29
N SER C 323 0.88 -59.97 -11.11
CA SER C 323 1.73 -59.50 -12.20
C SER C 323 2.97 -58.78 -11.69
N LYS C 324 3.04 -58.45 -10.41
CA LYS C 324 4.19 -57.77 -9.82
C LYS C 324 4.45 -56.43 -10.50
N ILE C 325 3.37 -55.68 -10.75
CA ILE C 325 3.48 -54.35 -11.36
C ILE C 325 2.86 -53.32 -10.42
N PRO C 326 3.44 -52.12 -10.29
CA PRO C 326 2.85 -51.12 -9.39
C PRO C 326 1.47 -50.68 -9.82
N CYS C 327 0.64 -50.36 -8.84
CA CYS C 327 -0.68 -49.78 -9.04
C CYS C 327 -0.82 -48.56 -8.15
N VAL C 328 -1.50 -47.54 -8.66
CA VAL C 328 -1.79 -46.31 -7.92
C VAL C 328 -3.30 -46.15 -7.88
N VAL C 329 -3.84 -45.90 -6.69
CA VAL C 329 -5.27 -45.82 -6.45
C VAL C 329 -5.59 -44.42 -5.92
N VAL C 330 -6.63 -43.81 -6.48
CA VAL C 330 -7.05 -42.49 -6.03
C VAL C 330 -7.87 -42.61 -4.76
N GLU C 331 -7.76 -41.59 -3.91
CA GLU C 331 -8.50 -41.51 -2.66
C GLU C 331 -9.39 -40.27 -2.67
N GLY C 332 -10.53 -40.38 -1.99
CA GLY C 332 -11.51 -39.33 -1.98
C GLY C 332 -12.46 -39.34 -3.16
N SER C 333 -12.35 -40.32 -4.05
CA SER C 333 -13.23 -40.42 -5.20
C SER C 333 -13.24 -41.87 -5.67
N GLY C 334 -14.26 -42.19 -6.46
CA GLY C 334 -14.39 -43.53 -7.01
C GLY C 334 -15.37 -44.37 -6.21
N GLN C 335 -16.03 -45.30 -6.91
CA GLN C 335 -16.99 -46.17 -6.26
C GLN C 335 -16.31 -47.05 -5.21
N ILE C 336 -15.24 -47.75 -5.60
CA ILE C 336 -14.53 -48.65 -4.70
C ILE C 336 -13.13 -48.16 -4.37
N ALA C 337 -12.60 -47.17 -5.10
CA ALA C 337 -11.26 -46.69 -4.83
C ALA C 337 -11.15 -46.12 -3.41
N ASP C 338 -12.18 -45.39 -2.98
CA ASP C 338 -12.17 -44.85 -1.63
C ASP C 338 -12.10 -45.95 -0.59
N VAL C 339 -12.73 -47.10 -0.88
CA VAL C 339 -12.68 -48.22 0.05
C VAL C 339 -11.25 -48.70 0.23
N ILE C 340 -10.51 -48.83 -0.86
CA ILE C 340 -9.11 -49.24 -0.79
C ILE C 340 -8.31 -48.21 -0.01
N ALA C 341 -8.48 -46.93 -0.36
CA ALA C 341 -7.73 -45.87 0.30
C ALA C 341 -8.00 -45.84 1.80
N SER C 342 -9.22 -46.16 2.21
CA SER C 342 -9.52 -46.22 3.64
C SER C 342 -8.98 -47.49 4.28
N LEU C 343 -9.01 -48.61 3.54
CA LEU C 343 -8.57 -49.89 4.10
C LEU C 343 -7.08 -49.87 4.42
N VAL C 344 -6.27 -49.26 3.56
CA VAL C 344 -4.83 -49.27 3.81
C VAL C 344 -4.53 -48.66 5.18
N GLU C 345 -5.22 -47.59 5.52
CA GLU C 345 -5.03 -46.93 6.81
C GLU C 345 -5.59 -47.78 7.94
N VAL C 349 -1.63 -56.36 12.64
CA VAL C 349 -1.94 -57.58 11.91
C VAL C 349 -3.16 -57.37 11.02
N LEU C 350 -3.60 -58.44 10.37
CA LEU C 350 -4.75 -58.41 9.48
C LEU C 350 -5.93 -59.08 10.16
N THR C 351 -7.07 -58.39 10.20
CA THR C 351 -8.29 -58.90 10.80
C THR C 351 -9.38 -58.94 9.73
N SER C 352 -10.04 -60.10 9.62
CA SER C 352 -11.09 -60.25 8.60
C SER C 352 -12.23 -59.27 8.83
N SER C 353 -12.64 -59.09 10.09
CA SER C 353 -13.75 -58.19 10.38
C SER C 353 -13.43 -56.76 9.98
N MET C 354 -12.20 -56.31 10.23
CA MET C 354 -11.81 -54.96 9.88
C MET C 354 -11.91 -54.72 8.38
N VAL C 355 -11.44 -55.68 7.58
CA VAL C 355 -11.48 -55.54 6.13
C VAL C 355 -12.86 -55.84 5.55
N LYS C 356 -13.75 -56.43 6.32
CA LYS C 356 -15.09 -56.77 5.83
C LYS C 356 -16.13 -55.71 6.14
N GLU C 357 -16.08 -55.12 7.34
CA GLU C 357 -17.16 -54.22 7.77
C GLU C 357 -17.24 -52.98 6.89
N LYS C 358 -16.08 -52.36 6.60
CA LYS C 358 -16.08 -51.07 5.93
C LYS C 358 -16.70 -51.14 4.53
N LEU C 359 -16.33 -52.18 3.78
CA LEU C 359 -16.77 -52.27 2.39
C LEU C 359 -18.29 -52.28 2.29
N VAL C 360 -18.94 -53.10 3.12
CA VAL C 360 -20.39 -53.22 3.05
C VAL C 360 -21.05 -51.88 3.32
N ARG C 361 -20.59 -51.17 4.36
CA ARG C 361 -21.18 -49.88 4.68
C ARG C 361 -20.98 -48.87 3.56
N PHE C 362 -19.78 -48.81 2.99
CA PHE C 362 -19.51 -47.72 2.05
C PHE C 362 -20.38 -47.83 0.79
N LEU C 363 -20.76 -49.05 0.38
CA LEU C 363 -21.47 -49.26 -0.88
C LEU C 363 -22.71 -50.13 -0.63
N PRO C 364 -23.77 -49.55 -0.03
CA PRO C 364 -24.97 -50.36 0.23
C PRO C 364 -25.61 -50.94 -1.02
N ARG C 365 -25.67 -50.20 -2.13
CA ARG C 365 -26.32 -50.71 -3.33
C ARG C 365 -25.53 -51.86 -3.94
N THR C 366 -24.20 -51.71 -4.03
CA THR C 366 -23.38 -52.77 -4.62
C THR C 366 -23.49 -54.07 -3.83
N VAL C 367 -23.43 -53.97 -2.50
CA VAL C 367 -23.57 -55.17 -1.68
C VAL C 367 -24.98 -55.73 -1.78
N SER C 368 -25.98 -54.85 -1.85
CA SER C 368 -27.37 -55.31 -1.94
C SER C 368 -27.59 -56.11 -3.21
N ARG C 369 -27.09 -55.61 -4.34
CA ARG C 369 -27.27 -56.31 -5.61
C ARG C 369 -26.56 -57.66 -5.60
N LEU C 370 -25.34 -57.70 -5.09
CA LEU C 370 -24.54 -58.92 -5.17
C LEU C 370 -25.08 -59.98 -4.21
N PRO C 371 -24.93 -61.26 -4.55
CA PRO C 371 -25.34 -62.34 -3.65
C PRO C 371 -24.33 -62.52 -2.52
N GLU C 372 -24.75 -63.31 -1.52
CA GLU C 372 -23.86 -63.61 -0.41
C GLU C 372 -22.61 -64.34 -0.86
N GLU C 373 -22.68 -65.07 -1.98
CA GLU C 373 -21.51 -65.77 -2.48
C GLU C 373 -20.45 -64.80 -3.01
N GLU C 374 -20.87 -63.61 -3.46
CA GLU C 374 -19.92 -62.64 -3.99
C GLU C 374 -19.14 -61.91 -2.89
N ILE C 375 -19.77 -61.69 -1.73
CA ILE C 375 -19.14 -60.88 -0.69
C ILE C 375 -17.91 -61.60 -0.14
N GLU C 376 -17.98 -62.92 0.02
CA GLU C 376 -16.83 -63.68 0.52
C GLU C 376 -15.65 -63.55 -0.44
N SER C 377 -15.91 -63.68 -1.74
CA SER C 377 -14.85 -63.53 -2.73
C SER C 377 -14.26 -62.12 -2.68
N TRP C 378 -15.12 -61.10 -2.54
CA TRP C 378 -14.63 -59.73 -2.45
C TRP C 378 -13.71 -59.56 -1.25
N ILE C 379 -14.10 -60.12 -0.10
CA ILE C 379 -13.27 -59.98 1.10
C ILE C 379 -11.95 -60.70 0.91
N LYS C 380 -11.97 -61.86 0.24
CA LYS C 380 -10.74 -62.58 -0.05
C LYS C 380 -9.81 -61.74 -0.93
N TRP C 381 -10.36 -61.09 -1.94
CA TRP C 381 -9.54 -60.23 -2.80
C TRP C 381 -8.97 -59.05 -2.01
N LEU C 382 -9.76 -58.46 -1.13
CA LEU C 382 -9.24 -57.38 -0.30
C LEU C 382 -8.11 -57.88 0.59
N LYS C 383 -8.27 -59.08 1.17
CA LYS C 383 -7.16 -59.69 1.90
C LYS C 383 -5.95 -59.87 1.01
N GLU C 384 -6.15 -60.21 -0.26
CA GLU C 384 -5.01 -60.28 -1.18
C GLU C 384 -4.31 -58.93 -1.27
N ILE C 385 -5.07 -57.85 -1.40
CA ILE C 385 -4.44 -56.52 -1.44
C ILE C 385 -3.65 -56.30 -0.15
N LEU C 386 -4.27 -56.61 0.99
CA LEU C 386 -3.59 -56.46 2.27
C LEU C 386 -2.33 -57.31 2.35
N GLU C 387 -2.25 -58.38 1.55
CA GLU C 387 -1.08 -59.25 1.60
C GLU C 387 0.18 -58.50 1.21
N SER C 388 0.11 -57.66 0.17
CA SER C 388 1.27 -56.96 -0.36
C SER C 388 0.99 -55.47 -0.35
N SER C 389 1.53 -54.78 0.66
CA SER C 389 1.34 -53.33 0.79
C SER C 389 2.36 -52.53 0.00
N HIS C 390 3.54 -53.10 -0.27
CA HIS C 390 4.59 -52.34 -0.95
C HIS C 390 4.16 -51.92 -2.34
N LEU C 391 3.62 -52.87 -3.12
CA LEU C 391 3.32 -52.59 -4.52
C LEU C 391 2.28 -51.49 -4.68
N LEU C 392 1.20 -51.55 -3.89
CA LEU C 392 0.12 -50.58 -4.02
C LEU C 392 0.58 -49.21 -3.54
N THR C 393 0.05 -48.17 -4.18
CA THR C 393 0.27 -46.80 -3.72
C THR C 393 -1.06 -46.06 -3.74
N VAL C 394 -1.19 -45.09 -2.84
CA VAL C 394 -2.41 -44.30 -2.68
C VAL C 394 -2.08 -42.85 -2.95
N ILE C 395 -2.93 -42.18 -3.72
CA ILE C 395 -2.82 -40.75 -3.98
C ILE C 395 -4.06 -40.08 -3.40
N LYS C 396 -3.88 -39.32 -2.33
CA LYS C 396 -4.97 -38.59 -1.68
C LYS C 396 -5.01 -37.19 -2.27
N MET C 397 -6.07 -36.87 -3.00
CA MET C 397 -6.20 -35.58 -3.65
C MET C 397 -6.77 -34.51 -2.74
N GLU C 398 -7.10 -34.85 -1.49
CA GLU C 398 -7.68 -33.87 -0.58
C GLU C 398 -6.72 -32.72 -0.29
N GLU C 399 -5.42 -32.95 -0.44
CA GLU C 399 -4.41 -31.95 -0.13
C GLU C 399 -3.39 -31.89 -1.26
N ALA C 400 -2.41 -30.98 -1.11
CA ALA C 400 -1.30 -30.84 -2.04
C ALA C 400 -1.78 -30.29 -3.38
N GLY C 401 -0.82 -29.88 -4.22
CA GLY C 401 -1.15 -29.20 -5.46
C GLY C 401 -1.04 -30.07 -6.69
N ASP C 402 -0.32 -29.58 -7.71
CA ASP C 402 -0.24 -30.30 -8.99
C ASP C 402 0.73 -31.48 -8.91
N GLU C 403 1.88 -31.31 -8.25
CA GLU C 403 2.93 -32.32 -8.34
C GLU C 403 2.43 -33.72 -7.95
N ILE C 404 1.34 -33.81 -7.21
CA ILE C 404 0.84 -35.12 -6.81
C ILE C 404 0.69 -36.02 -8.03
N VAL C 405 0.13 -35.49 -9.11
CA VAL C 405 -0.11 -36.32 -10.29
C VAL C 405 1.20 -36.94 -10.76
N SER C 406 2.26 -36.14 -10.79
CA SER C 406 3.55 -36.63 -11.24
C SER C 406 4.40 -37.21 -10.11
N ASN C 407 3.97 -37.07 -8.86
CA ASN C 407 4.75 -37.59 -7.74
C ASN C 407 4.42 -39.05 -7.47
N ALA C 408 3.15 -39.34 -7.15
CA ALA C 408 2.76 -40.69 -6.80
C ALA C 408 3.23 -41.69 -7.84
N ILE C 409 2.95 -41.40 -9.12
CA ILE C 409 3.39 -42.27 -10.20
C ILE C 409 4.87 -42.58 -10.03
N SER C 410 5.70 -41.53 -10.02
CA SER C 410 7.13 -41.73 -9.85
C SER C 410 7.42 -42.53 -8.59
N TYR C 411 6.79 -42.14 -7.49
CA TYR C 411 6.97 -42.87 -6.24
C TYR C 411 6.66 -44.35 -6.44
N ALA C 412 5.52 -44.64 -7.08
CA ALA C 412 5.14 -46.02 -7.31
C ALA C 412 6.25 -46.79 -8.00
N LEU C 413 6.92 -46.16 -8.97
CA LEU C 413 8.00 -46.83 -9.67
C LEU C 413 9.17 -47.11 -8.73
N TYR C 414 9.55 -46.12 -7.93
CA TYR C 414 10.75 -46.24 -7.12
C TYR C 414 10.67 -47.47 -6.23
N LYS C 415 9.56 -47.63 -5.51
CA LYS C 415 9.39 -48.80 -4.65
C LYS C 415 9.67 -50.08 -5.43
N ALA C 416 9.08 -50.20 -6.63
CA ALA C 416 9.31 -51.40 -7.42
C ALA C 416 10.80 -51.59 -7.70
N PHE C 417 11.49 -50.52 -8.10
CA PHE C 417 12.90 -50.64 -8.39
C PHE C 417 13.69 -51.05 -7.15
N SER C 418 13.17 -50.80 -5.96
CA SER C 418 13.84 -51.24 -4.75
C SER C 418 13.63 -52.73 -4.49
N THR C 419 12.50 -53.29 -4.94
CA THR C 419 12.20 -54.68 -4.61
C THR C 419 13.24 -55.62 -5.21
N ASN C 420 13.64 -55.40 -6.45
CA ASN C 420 14.68 -56.22 -7.07
C ASN C 420 15.98 -56.11 -6.30
N GLU C 421 16.57 -57.26 -5.97
CA GLU C 421 17.84 -57.27 -5.26
C GLU C 421 18.97 -56.70 -6.11
N GLN C 422 19.04 -57.09 -7.38
CA GLN C 422 20.06 -56.53 -8.26
C GLN C 422 19.88 -55.02 -8.41
N ASP C 423 18.64 -54.57 -8.53
CA ASP C 423 18.37 -53.14 -8.58
C ASP C 423 18.77 -52.47 -7.27
N LYS C 424 18.46 -53.09 -6.13
CA LYS C 424 18.86 -52.53 -4.86
C LYS C 424 20.37 -52.44 -4.74
N ASP C 425 21.09 -53.34 -5.43
CA ASP C 425 22.55 -53.33 -5.36
C ASP C 425 23.12 -52.00 -5.84
N ASN C 426 22.57 -51.46 -6.93
CA ASN C 426 23.14 -50.29 -7.59
C ASN C 426 22.39 -49.02 -7.16
N TRP C 427 23.15 -48.04 -6.66
CA TRP C 427 22.61 -46.71 -6.42
C TRP C 427 22.25 -45.99 -7.72
N ASN C 428 22.99 -46.28 -8.81
CA ASN C 428 22.88 -45.49 -10.01
C ASN C 428 21.48 -45.57 -10.62
N GLY C 429 20.88 -46.75 -10.61
CA GLY C 429 19.54 -46.88 -11.18
C GLY C 429 18.52 -46.00 -10.48
N GLN C 430 18.48 -46.10 -9.15
CA GLN C 430 17.55 -45.28 -8.39
C GLN C 430 17.83 -43.80 -8.57
N LEU C 431 19.12 -43.42 -8.57
CA LEU C 431 19.46 -42.02 -8.72
C LEU C 431 18.99 -41.49 -10.08
N LYS C 432 19.31 -42.21 -11.16
CA LYS C 432 18.89 -41.77 -12.49
C LYS C 432 17.38 -41.70 -12.59
N LEU C 433 16.68 -42.67 -12.01
CA LEU C 433 15.22 -42.67 -12.06
C LEU C 433 14.65 -41.43 -11.38
N LEU C 434 15.10 -41.17 -10.15
CA LEU C 434 14.58 -40.01 -9.41
C LEU C 434 14.93 -38.72 -10.13
N LEU C 435 16.14 -38.64 -10.69
CA LEU C 435 16.53 -37.46 -11.45
C LEU C 435 15.63 -37.26 -12.66
N GLU C 436 15.31 -38.35 -13.37
CA GLU C 436 14.42 -38.25 -14.51
C GLU C 436 13.04 -37.76 -14.10
N TRP C 437 12.54 -38.25 -12.97
CA TRP C 437 11.22 -37.82 -12.50
C TRP C 437 11.26 -36.58 -11.61
N ASN C 438 12.44 -36.07 -11.29
CA ASN C 438 12.58 -34.77 -10.63
C ASN C 438 11.91 -34.77 -9.25
N GLN C 439 12.25 -35.76 -8.43
CA GLN C 439 11.82 -35.83 -7.04
C GLN C 439 13.05 -35.60 -6.16
N LEU C 440 13.28 -34.34 -5.81
CA LEU C 440 14.48 -34.00 -5.05
C LEU C 440 14.47 -34.64 -3.67
N ASP C 441 13.33 -34.60 -2.98
CA ASP C 441 13.29 -35.03 -1.59
C ASP C 441 13.65 -36.50 -1.46
N LEU C 442 13.07 -37.35 -2.31
CA LEU C 442 13.30 -38.79 -2.19
C LEU C 442 14.78 -39.12 -2.38
N ALA C 443 15.40 -38.55 -3.41
CA ALA C 443 16.82 -38.83 -3.66
C ALA C 443 17.70 -38.26 -2.56
N SER C 444 17.39 -37.04 -2.12
CA SER C 444 18.21 -36.40 -1.09
C SER C 444 18.18 -37.19 0.21
N ASP C 445 16.99 -37.67 0.60
CA ASP C 445 16.86 -38.35 1.89
C ASP C 445 17.28 -39.82 1.81
N GLU C 446 16.66 -40.59 0.92
CA GLU C 446 16.86 -42.03 0.93
C GLU C 446 18.20 -42.43 0.34
N ILE C 447 18.67 -41.73 -0.69
CA ILE C 447 19.87 -42.15 -1.41
C ILE C 447 21.10 -41.48 -0.82
N PHE C 448 21.13 -40.14 -0.86
CA PHE C 448 22.33 -39.41 -0.48
C PHE C 448 22.59 -39.43 1.02
N THR C 449 21.63 -39.88 1.83
CA THR C 449 21.85 -40.04 3.26
C THR C 449 22.53 -41.36 3.60
N ASN C 450 22.79 -42.21 2.60
CA ASN C 450 23.44 -43.50 2.84
C ASN C 450 24.78 -43.31 3.54
N ASP C 451 25.50 -42.23 3.22
CA ASP C 451 26.80 -41.89 3.78
C ASP C 451 27.93 -42.69 3.13
N ARG C 452 27.65 -43.57 2.17
CA ARG C 452 28.71 -44.30 1.51
C ARG C 452 29.53 -43.35 0.63
N ARG C 453 30.75 -43.78 0.31
CA ARG C 453 31.67 -42.94 -0.44
C ARG C 453 31.05 -42.52 -1.77
N TRP C 454 31.16 -41.22 -2.08
CA TRP C 454 30.67 -40.65 -3.32
C TRP C 454 31.86 -40.18 -4.14
N GLU C 455 32.24 -40.98 -5.13
CA GLU C 455 33.40 -40.65 -5.95
C GLU C 455 33.04 -39.62 -7.02
N SER C 456 34.07 -38.98 -7.57
CA SER C 456 33.87 -37.85 -8.48
C SER C 456 33.15 -38.27 -9.75
N ALA C 457 33.54 -39.42 -10.33
CA ALA C 457 33.00 -39.79 -11.64
C ALA C 457 31.48 -40.02 -11.60
N ASP C 458 30.99 -40.64 -10.52
CA ASP C 458 29.55 -40.79 -10.33
C ASP C 458 28.82 -39.47 -10.58
N LEU C 459 29.11 -38.48 -9.74
CA LEU C 459 28.41 -37.22 -9.84
C LEU C 459 28.79 -36.48 -11.11
N GLN C 460 29.96 -36.77 -11.69
CA GLN C 460 30.27 -36.22 -13.01
C GLN C 460 29.23 -36.64 -14.03
N GLU C 461 28.98 -37.94 -14.12
CA GLU C 461 27.98 -38.45 -15.08
C GLU C 461 26.58 -37.92 -14.76
N VAL C 462 26.19 -37.97 -13.48
CA VAL C 462 24.82 -37.56 -13.16
C VAL C 462 24.65 -36.05 -13.32
N MET C 463 25.73 -35.28 -13.11
CA MET C 463 25.66 -33.84 -13.33
C MET C 463 25.55 -33.51 -14.80
N PHE C 464 26.30 -34.22 -15.64
CA PHE C 464 26.18 -34.01 -17.09
C PHE C 464 24.76 -34.31 -17.54
N THR C 465 24.18 -35.40 -17.08
CA THR C 465 22.81 -35.71 -17.49
C THR C 465 21.79 -34.77 -16.84
N ALA C 466 22.12 -34.15 -15.71
CA ALA C 466 21.21 -33.22 -15.06
C ALA C 466 21.17 -31.88 -15.78
N LEU C 467 22.33 -31.39 -16.23
CA LEU C 467 22.37 -30.06 -16.85
C LEU C 467 21.51 -30.02 -18.10
N ILE C 468 21.57 -31.08 -18.92
CA ILE C 468 20.84 -31.07 -20.19
C ILE C 468 19.34 -30.97 -19.95
N LYS C 469 18.82 -31.73 -18.99
CA LYS C 469 17.38 -31.83 -18.78
C LYS C 469 16.82 -30.67 -17.95
N ASP C 470 17.62 -29.66 -17.64
CA ASP C 470 17.15 -28.47 -16.92
C ASP C 470 16.60 -28.85 -15.54
N ARG C 471 17.49 -29.39 -14.72
CA ARG C 471 17.19 -29.77 -13.33
C ARG C 471 18.10 -28.97 -12.42
N PRO C 472 17.69 -27.77 -12.00
CA PRO C 472 18.58 -26.94 -11.18
C PRO C 472 18.75 -27.45 -9.76
N LYS C 473 17.66 -27.92 -9.14
CA LYS C 473 17.73 -28.38 -7.76
C LYS C 473 18.68 -29.56 -7.61
N PHE C 474 18.65 -30.48 -8.56
CA PHE C 474 19.58 -31.61 -8.51
C PHE C 474 21.02 -31.14 -8.69
N VAL C 475 21.24 -30.12 -9.53
CA VAL C 475 22.58 -29.56 -9.66
C VAL C 475 23.06 -29.01 -8.33
N ARG C 476 22.18 -28.27 -7.64
CA ARG C 476 22.55 -27.74 -6.33
C ARG C 476 22.84 -28.87 -5.36
N LEU C 477 22.03 -29.93 -5.39
CA LEU C 477 22.23 -31.06 -4.48
C LEU C 477 23.59 -31.72 -4.73
N PHE C 478 23.93 -31.93 -6.00
CA PHE C 478 25.22 -32.54 -6.32
C PHE C 478 26.36 -31.65 -5.86
N LEU C 479 26.27 -30.34 -6.11
CA LEU C 479 27.33 -29.44 -5.67
C LEU C 479 27.47 -29.48 -4.15
N GLU C 480 26.36 -29.50 -3.42
CA GLU C 480 26.42 -29.57 -1.96
C GLU C 480 27.07 -30.87 -1.51
N ASN C 481 26.65 -32.00 -2.09
CA ASN C 481 27.19 -33.29 -1.69
C ASN C 481 28.64 -33.49 -2.13
N GLY C 482 29.16 -32.63 -3.00
CA GLY C 482 30.57 -32.65 -3.29
C GLY C 482 30.91 -33.00 -4.72
N LEU C 483 31.26 -31.98 -5.50
CA LEU C 483 31.65 -32.18 -6.90
C LEU C 483 32.50 -30.99 -7.32
N ASN C 484 33.77 -31.26 -7.63
CA ASN C 484 34.68 -30.21 -8.08
C ASN C 484 34.23 -29.76 -9.48
N LEU C 485 33.51 -28.64 -9.52
CA LEU C 485 32.95 -28.19 -10.79
C LEU C 485 34.06 -27.85 -11.80
N GLN C 486 35.16 -27.26 -11.32
CA GLN C 486 36.25 -26.93 -12.24
C GLN C 486 36.82 -28.19 -12.87
N LYS C 487 36.98 -29.26 -12.08
CA LYS C 487 37.42 -30.52 -12.65
C LYS C 487 36.41 -31.05 -13.66
N PHE C 488 35.12 -30.94 -13.35
CA PHE C 488 34.10 -31.48 -14.24
C PHE C 488 34.08 -30.76 -15.58
N LEU C 489 34.19 -29.44 -15.56
CA LEU C 489 34.06 -28.63 -16.78
C LEU C 489 35.36 -28.75 -17.59
N THR C 490 35.47 -29.88 -18.28
CA THR C 490 36.56 -30.07 -19.23
C THR C 490 36.27 -29.32 -20.52
N ASN C 491 37.30 -29.17 -21.35
CA ASN C 491 37.11 -28.54 -22.65
C ASN C 491 36.14 -29.35 -23.51
N GLU C 492 36.27 -30.68 -23.47
CA GLU C 492 35.37 -31.53 -24.26
C GLU C 492 33.92 -31.34 -23.83
N VAL C 493 33.67 -31.31 -22.53
CA VAL C 493 32.31 -31.16 -22.04
C VAL C 493 31.72 -29.84 -22.51
N LEU C 494 32.50 -28.76 -22.38
CA LEU C 494 32.00 -27.44 -22.75
C LEU C 494 31.74 -27.36 -24.25
N THR C 495 32.66 -27.86 -25.08
CA THR C 495 32.44 -27.79 -26.52
C THR C 495 31.23 -28.62 -26.93
N GLU C 496 31.08 -29.82 -26.35
CA GLU C 496 29.91 -30.63 -26.66
C GLU C 496 28.63 -29.93 -26.24
N LEU C 497 28.63 -29.33 -25.05
CA LEU C 497 27.44 -28.66 -24.55
C LEU C 497 27.06 -27.48 -25.43
N PHE C 498 28.06 -26.73 -25.91
CA PHE C 498 27.79 -25.59 -26.77
C PHE C 498 27.41 -26.01 -28.18
N SER C 499 27.86 -27.18 -28.62
CA SER C 499 27.57 -27.60 -30.00
C SER C 499 26.21 -28.28 -30.11
N THR C 500 25.96 -29.30 -29.30
CA THR C 500 24.80 -30.16 -29.50
C THR C 500 23.54 -29.63 -28.82
N HIS C 501 23.66 -29.08 -27.61
CA HIS C 501 22.51 -28.71 -26.81
C HIS C 501 22.22 -27.22 -26.85
N PHE C 502 22.82 -26.48 -27.78
CA PHE C 502 22.57 -25.06 -27.92
C PHE C 502 21.43 -24.86 -28.91
N SER C 503 20.30 -24.33 -28.43
CA SER C 503 19.13 -24.18 -29.27
C SER C 503 19.45 -23.29 -30.47
N THR C 504 18.95 -23.71 -31.64
CA THR C 504 19.22 -22.96 -32.87
C THR C 504 18.59 -21.58 -32.84
N LEU C 505 17.44 -21.44 -32.19
CA LEU C 505 16.78 -20.14 -32.12
C LEU C 505 17.65 -19.13 -31.37
N VAL C 506 18.27 -19.55 -30.28
CA VAL C 506 19.14 -18.65 -29.54
C VAL C 506 20.35 -18.27 -30.37
N TYR C 507 20.88 -19.20 -31.17
CA TYR C 507 21.99 -18.88 -32.03
C TYR C 507 21.59 -17.85 -33.09
N ARG C 508 20.39 -18.01 -33.65
CA ARG C 508 19.89 -17.02 -34.60
C ARG C 508 19.74 -15.66 -33.94
N ASN C 509 19.25 -15.64 -32.71
CA ASN C 509 19.15 -14.38 -31.97
C ASN C 509 20.53 -13.75 -31.78
N LEU C 510 21.53 -14.58 -31.47
CA LEU C 510 22.89 -14.07 -31.32
C LEU C 510 23.39 -13.46 -32.64
N GLN C 511 23.12 -14.14 -33.75
CA GLN C 511 23.53 -13.61 -35.05
C GLN C 511 22.87 -12.25 -35.30
N ILE C 512 21.57 -12.16 -35.04
CA ILE C 512 20.86 -10.90 -35.26
C ILE C 512 21.43 -9.79 -34.37
N ALA C 513 21.67 -10.11 -33.10
CA ALA C 513 22.19 -9.12 -32.17
C ALA C 513 23.56 -8.62 -32.60
N LYS C 514 24.44 -9.53 -33.00
CA LYS C 514 25.75 -9.10 -33.46
C LYS C 514 25.64 -8.27 -34.73
N ASN C 515 24.74 -8.65 -35.64
CA ASN C 515 24.60 -7.92 -36.90
C ASN C 515 24.14 -6.50 -36.66
N SER C 516 23.17 -6.29 -35.77
CA SER C 516 22.54 -4.98 -35.62
C SER C 516 23.06 -4.19 -34.43
N TYR C 517 22.99 -4.75 -33.22
CA TYR C 517 23.31 -4.05 -31.98
C TYR C 517 24.68 -4.44 -31.45
N ASN C 518 25.65 -4.58 -32.35
CA ASN C 518 27.00 -5.01 -31.95
C ASN C 518 27.51 -4.18 -30.78
N ASP C 519 28.30 -4.84 -29.93
CA ASP C 519 28.86 -4.21 -28.75
C ASP C 519 30.14 -4.97 -28.38
N ALA C 520 30.95 -4.34 -27.52
CA ALA C 520 32.21 -4.95 -27.12
C ALA C 520 31.97 -6.28 -26.40
N LEU C 521 31.07 -6.28 -25.42
CA LEU C 521 30.83 -7.50 -24.68
C LEU C 521 30.15 -8.55 -25.55
N LEU C 522 29.21 -8.13 -26.40
CA LEU C 522 28.53 -9.08 -27.25
C LEU C 522 29.49 -9.70 -28.26
N THR C 523 30.36 -8.91 -28.87
CA THR C 523 31.35 -9.49 -29.78
C THR C 523 32.28 -10.44 -29.03
N PHE C 524 32.65 -10.10 -27.79
CA PHE C 524 33.49 -11.01 -27.02
C PHE C 524 32.79 -12.35 -26.80
N VAL C 525 31.53 -12.32 -26.35
CA VAL C 525 30.86 -13.57 -26.04
C VAL C 525 30.59 -14.36 -27.31
N TRP C 526 30.28 -13.68 -28.42
CA TRP C 526 30.06 -14.38 -29.68
C TRP C 526 31.34 -15.06 -30.14
N LYS C 527 32.48 -14.39 -29.97
CA LYS C 527 33.76 -15.02 -30.30
C LYS C 527 33.99 -16.24 -29.45
N LEU C 528 33.69 -16.16 -28.16
CA LEU C 528 33.86 -17.33 -27.29
C LEU C 528 33.00 -18.49 -27.76
N VAL C 529 31.73 -18.21 -28.07
CA VAL C 529 30.82 -19.27 -28.51
C VAL C 529 31.32 -19.89 -29.81
N ALA C 530 31.75 -19.05 -30.75
CA ALA C 530 32.24 -19.57 -32.03
C ALA C 530 33.47 -20.44 -31.82
N ASN C 531 34.37 -20.03 -30.93
CA ASN C 531 35.54 -20.85 -30.64
C ASN C 531 35.14 -22.20 -30.07
N PHE C 532 34.16 -22.20 -29.15
CA PHE C 532 33.78 -23.46 -28.52
C PHE C 532 33.08 -24.39 -29.50
N ARG C 533 32.21 -23.86 -30.36
CA ARG C 533 31.41 -24.73 -31.23
C ARG C 533 32.28 -25.52 -32.20
N ARG C 534 33.29 -24.86 -32.80
CA ARG C 534 34.10 -25.49 -33.83
C ARG C 534 35.36 -26.15 -33.28
N SER C 535 35.53 -26.17 -31.96
CA SER C 535 36.73 -26.76 -31.36
C SER C 535 36.38 -27.43 -30.04
N LEU C 556 44.20 -14.89 -12.37
CA LEU C 556 43.31 -16.03 -12.54
C LEU C 556 43.73 -16.87 -13.75
N THR C 557 43.22 -18.09 -13.81
CA THR C 557 43.52 -18.98 -14.92
C THR C 557 42.92 -18.45 -16.22
N THR C 558 43.56 -18.82 -17.33
CA THR C 558 43.13 -18.32 -18.63
C THR C 558 41.78 -18.91 -19.05
N ARG C 559 41.52 -20.17 -18.69
CA ARG C 559 40.32 -20.85 -19.19
C ARG C 559 39.04 -20.19 -18.71
N HIS C 560 38.92 -19.92 -17.41
CA HIS C 560 37.67 -19.44 -16.84
C HIS C 560 36.51 -20.35 -17.24
N PRO C 561 36.52 -21.63 -16.84
CA PRO C 561 35.43 -22.53 -17.26
C PRO C 561 34.06 -22.13 -16.71
N LEU C 562 34.02 -21.72 -15.44
CA LEU C 562 32.75 -21.37 -14.82
C LEU C 562 32.09 -20.20 -15.53
N GLN C 563 32.89 -19.23 -15.99
CA GLN C 563 32.31 -18.10 -16.72
C GLN C 563 31.66 -18.58 -18.01
N ALA C 564 32.31 -19.49 -18.72
CA ALA C 564 31.71 -20.05 -19.94
C ALA C 564 30.39 -20.75 -19.63
N LEU C 565 30.35 -21.56 -18.57
CA LEU C 565 29.10 -22.23 -18.22
C LEU C 565 28.01 -21.22 -17.85
N PHE C 566 28.38 -20.18 -17.09
CA PHE C 566 27.41 -19.18 -16.68
C PHE C 566 26.83 -18.46 -17.90
N ILE C 567 27.68 -18.14 -18.87
CA ILE C 567 27.19 -17.53 -20.10
C ILE C 567 26.26 -18.48 -20.83
N TRP C 568 26.62 -19.76 -20.90
CA TRP C 568 25.76 -20.75 -21.55
C TRP C 568 24.38 -20.77 -20.92
N ALA C 569 24.34 -20.77 -19.58
CA ALA C 569 23.05 -20.78 -18.89
C ALA C 569 22.28 -19.50 -19.12
N ILE C 570 22.97 -18.36 -19.13
CA ILE C 570 22.28 -17.07 -19.24
C ILE C 570 21.66 -16.90 -20.62
N LEU C 571 22.38 -17.29 -21.67
CA LEU C 571 21.90 -17.02 -23.03
C LEU C 571 20.53 -17.64 -23.27
N GLN C 572 20.23 -18.77 -22.63
CA GLN C 572 18.99 -19.50 -22.87
C GLN C 572 17.91 -19.19 -21.83
N ASN C 573 18.11 -18.17 -21.00
CA ASN C 573 17.10 -17.73 -20.05
C ASN C 573 16.74 -18.85 -19.05
N LYS C 574 17.74 -19.63 -18.65
CA LYS C 574 17.57 -20.62 -17.59
C LYS C 574 17.79 -19.91 -16.26
N LYS C 575 16.70 -19.44 -15.67
CA LYS C 575 16.80 -18.59 -14.48
C LYS C 575 17.42 -19.33 -13.30
N GLU C 576 16.86 -20.50 -12.97
CA GLU C 576 17.28 -21.20 -11.76
C GLU C 576 18.70 -21.75 -11.89
N LEU C 577 19.01 -22.34 -13.05
CA LEU C 577 20.36 -22.86 -13.26
C LEU C 577 21.38 -21.74 -13.23
N SER C 578 21.06 -20.60 -13.84
CA SER C 578 21.96 -19.46 -13.80
C SER C 578 22.15 -18.97 -12.37
N LYS C 579 21.08 -18.90 -11.59
CA LYS C 579 21.21 -18.51 -10.18
C LYS C 579 22.12 -19.47 -9.44
N VAL C 580 21.95 -20.77 -9.66
CA VAL C 580 22.76 -21.75 -8.95
C VAL C 580 24.23 -21.59 -9.33
N ILE C 581 24.51 -21.43 -10.62
CA ILE C 581 25.89 -21.34 -11.07
C ILE C 581 26.55 -20.05 -10.61
N TRP C 582 25.76 -18.96 -10.51
CA TRP C 582 26.35 -17.67 -10.15
C TRP C 582 27.04 -17.72 -8.80
N GLU C 583 26.47 -18.46 -7.85
CA GLU C 583 27.04 -18.53 -6.51
C GLU C 583 28.42 -19.20 -6.51
N GLN C 584 28.75 -19.95 -7.55
CA GLN C 584 29.99 -20.71 -7.60
C GLN C 584 31.14 -19.97 -8.27
N THR C 585 30.90 -18.74 -8.76
CA THR C 585 31.89 -18.00 -9.53
C THR C 585 32.58 -16.96 -8.66
N LYS C 586 33.90 -16.90 -8.74
CA LYS C 586 34.64 -15.80 -8.14
C LYS C 586 34.35 -14.51 -8.91
N GLY C 587 34.40 -13.40 -8.20
CA GLY C 587 34.05 -12.12 -8.79
C GLY C 587 32.58 -12.09 -9.19
N CYS C 588 31.73 -12.54 -8.28
CA CYS C 588 30.31 -12.72 -8.59
C CYS C 588 29.64 -11.40 -8.98
N THR C 589 30.00 -10.31 -8.32
CA THR C 589 29.39 -9.01 -8.64
C THR C 589 29.67 -8.61 -10.08
N LEU C 590 30.92 -8.76 -10.53
CA LEU C 590 31.26 -8.46 -11.90
C LEU C 590 30.49 -9.35 -12.86
N ALA C 591 30.35 -10.63 -12.53
CA ALA C 591 29.57 -11.54 -13.38
C ALA C 591 28.12 -11.09 -13.46
N ALA C 592 27.56 -10.63 -12.33
CA ALA C 592 26.19 -10.15 -12.33
C ALA C 592 26.02 -8.97 -13.28
N LEU C 593 26.95 -8.02 -13.21
CA LEU C 593 26.85 -6.85 -14.09
C LEU C 593 26.99 -7.24 -15.56
N GLY C 594 27.94 -8.14 -15.84
CA GLY C 594 28.10 -8.62 -17.21
C GLY C 594 26.84 -9.29 -17.74
N ALA C 595 26.25 -10.16 -16.93
CA ALA C 595 25.00 -10.81 -17.34
C ALA C 595 23.90 -9.79 -17.55
N SER C 596 23.83 -8.76 -16.70
CA SER C 596 22.81 -7.74 -16.86
C SER C 596 22.94 -7.06 -18.23
N LYS C 597 24.15 -6.60 -18.56
CA LYS C 597 24.32 -5.90 -19.84
C LYS C 597 24.04 -6.84 -21.01
N LEU C 598 24.54 -8.07 -20.95
CA LEU C 598 24.35 -9.00 -22.05
C LEU C 598 22.87 -9.30 -22.26
N LEU C 599 22.13 -9.49 -21.17
CA LEU C 599 20.70 -9.75 -21.29
C LEU C 599 19.95 -8.54 -21.81
N LYS C 600 20.37 -7.33 -21.43
CA LYS C 600 19.72 -6.15 -21.99
C LYS C 600 19.90 -6.09 -23.51
N THR C 601 21.15 -6.26 -23.97
CA THR C 601 21.37 -6.20 -25.42
C THR C 601 20.65 -7.33 -26.14
N LEU C 602 20.52 -8.49 -25.51
CA LEU C 602 19.72 -9.56 -26.10
C LEU C 602 18.25 -9.17 -26.17
N ALA C 603 17.75 -8.53 -25.12
CA ALA C 603 16.34 -8.11 -25.10
C ALA C 603 16.06 -7.09 -26.19
N LYS C 604 17.05 -6.27 -26.55
CA LYS C 604 16.82 -5.29 -27.61
C LYS C 604 16.39 -5.95 -28.91
N VAL C 605 16.78 -7.21 -29.12
CA VAL C 605 16.41 -7.91 -30.35
C VAL C 605 14.90 -8.12 -30.40
N LYS C 606 14.35 -8.13 -31.62
CA LYS C 606 12.91 -8.22 -31.84
C LYS C 606 12.51 -9.42 -32.70
N ASN C 607 13.42 -10.39 -32.89
CA ASN C 607 13.08 -11.53 -33.75
C ASN C 607 11.90 -12.29 -33.18
N ASP C 608 11.88 -12.51 -31.86
CA ASP C 608 10.75 -13.13 -31.20
C ASP C 608 10.45 -12.37 -29.91
N ILE C 609 9.17 -12.06 -29.70
CA ILE C 609 8.80 -11.22 -28.57
C ILE C 609 8.98 -11.95 -27.25
N ASN C 610 8.63 -13.23 -27.20
CA ASN C 610 8.55 -13.95 -25.93
C ASN C 610 9.90 -13.95 -25.22
N ALA C 611 10.98 -14.24 -25.95
CA ALA C 611 12.30 -14.32 -25.33
C ALA C 611 12.75 -12.96 -24.79
N ALA C 612 12.43 -11.88 -25.51
CA ALA C 612 12.87 -10.56 -25.10
C ALA C 612 12.38 -10.20 -23.70
N GLY C 613 11.15 -10.57 -23.36
CA GLY C 613 10.60 -10.21 -22.07
C GLY C 613 11.24 -10.95 -20.92
N GLU C 614 11.44 -12.26 -21.10
CA GLU C 614 12.14 -13.03 -20.08
C GLU C 614 13.56 -12.53 -19.90
N SER C 615 14.23 -12.21 -21.00
CA SER C 615 15.59 -11.68 -20.90
C SER C 615 15.62 -10.35 -20.16
N GLU C 616 14.66 -9.46 -20.45
CA GLU C 616 14.60 -8.18 -19.75
C GLU C 616 14.38 -8.39 -18.25
N GLU C 617 13.45 -9.30 -17.90
CA GLU C 617 13.18 -9.56 -16.50
C GLU C 617 14.43 -10.08 -15.79
N LEU C 618 15.12 -11.04 -16.41
CA LEU C 618 16.31 -11.60 -15.79
C LEU C 618 17.40 -10.54 -15.64
N ALA C 619 17.54 -9.66 -16.63
CA ALA C 619 18.53 -8.59 -16.54
C ALA C 619 18.22 -7.68 -15.36
N ASN C 620 16.94 -7.31 -15.18
CA ASN C 620 16.58 -6.47 -14.05
C ASN C 620 16.91 -7.15 -12.72
N GLU C 621 16.58 -8.44 -12.62
CA GLU C 621 16.85 -9.19 -11.40
C GLU C 621 18.34 -9.18 -11.09
N TYR C 622 19.18 -9.46 -12.09
CA TYR C 622 20.62 -9.49 -11.86
C TYR C 622 21.16 -8.12 -11.53
N GLU C 623 20.61 -7.06 -12.12
CA GLU C 623 21.03 -5.71 -11.75
C GLU C 623 20.82 -5.46 -10.26
N THR C 624 19.61 -5.78 -9.78
CA THR C 624 19.33 -5.56 -8.35
C THR C 624 20.24 -6.44 -7.49
N ARG C 625 20.47 -7.68 -7.91
CA ARG C 625 21.38 -8.55 -7.16
C ARG C 625 22.75 -7.91 -7.01
N ALA C 626 23.33 -7.45 -8.12
CA ALA C 626 24.66 -6.86 -8.07
C ALA C 626 24.69 -5.64 -7.17
N VAL C 627 23.68 -4.76 -7.30
CA VAL C 627 23.67 -3.54 -6.51
C VAL C 627 23.66 -3.88 -5.02
N GLU C 628 22.76 -4.79 -4.62
CA GLU C 628 22.67 -5.13 -3.21
C GLU C 628 23.95 -5.77 -2.71
N LEU C 629 24.54 -6.67 -3.49
CA LEU C 629 25.76 -7.33 -3.04
C LEU C 629 26.88 -6.32 -2.84
N PHE C 630 27.05 -5.39 -3.77
CA PHE C 630 28.14 -4.43 -3.62
C PHE C 630 27.87 -3.48 -2.47
N THR C 631 26.60 -3.11 -2.24
CA THR C 631 26.30 -2.26 -1.10
C THR C 631 26.68 -2.96 0.21
N GLU C 632 26.33 -4.24 0.34
CA GLU C 632 26.71 -4.98 1.53
C GLU C 632 28.23 -5.05 1.67
N CYS C 633 28.93 -5.35 0.58
CA CYS C 633 30.39 -5.45 0.63
C CYS C 633 31.00 -4.14 1.10
N TYR C 634 30.54 -3.02 0.55
CA TYR C 634 31.09 -1.72 0.94
C TYR C 634 30.78 -1.41 2.39
N SER C 635 29.56 -1.70 2.84
CA SER C 635 29.21 -1.43 4.22
C SER C 635 30.04 -2.26 5.18
N ASN C 636 30.43 -3.47 4.78
CA ASN C 636 31.27 -4.29 5.65
C ASN C 636 32.68 -3.71 5.74
N ASP C 637 33.27 -3.35 4.60
CA ASP C 637 34.60 -2.78 4.57
C ASP C 637 34.70 -1.82 3.39
N GLU C 638 35.58 -0.84 3.52
CA GLU C 638 35.72 0.22 2.52
C GLU C 638 36.87 -0.03 1.56
N ASP C 639 38.09 -0.22 2.09
CA ASP C 639 39.26 -0.35 1.24
C ASP C 639 39.16 -1.57 0.33
N LEU C 640 38.73 -2.71 0.87
CA LEU C 640 38.61 -3.90 0.06
C LEU C 640 37.54 -3.74 -1.00
N ALA C 641 36.43 -3.10 -0.65
CA ALA C 641 35.38 -2.84 -1.64
C ALA C 641 35.91 -1.96 -2.77
N GLU C 642 36.65 -0.91 -2.44
CA GLU C 642 37.20 -0.03 -3.46
C GLU C 642 38.20 -0.79 -4.35
N GLN C 643 39.04 -1.63 -3.75
CA GLN C 643 39.94 -2.44 -4.54
C GLN C 643 39.17 -3.37 -5.49
N LEU C 644 38.10 -3.97 -4.99
CA LEU C 644 37.26 -4.84 -5.82
C LEU C 644 36.61 -4.06 -6.96
N LEU C 645 36.31 -2.78 -6.74
CA LEU C 645 35.55 -2.02 -7.73
C LEU C 645 36.34 -1.84 -9.02
N VAL C 646 37.64 -1.59 -8.91
CA VAL C 646 38.48 -1.34 -10.08
C VAL C 646 39.27 -2.58 -10.50
N TYR C 647 39.03 -3.71 -9.84
CA TYR C 647 39.82 -4.91 -10.13
C TYR C 647 39.48 -5.40 -11.53
N SER C 648 40.37 -5.13 -12.47
CA SER C 648 40.19 -5.64 -13.83
C SER C 648 40.31 -7.16 -13.82
N CYS C 649 39.34 -7.81 -14.45
CA CYS C 649 39.28 -9.27 -14.45
C CYS C 649 40.40 -9.84 -15.31
N GLU C 650 40.50 -11.17 -15.31
CA GLU C 650 41.35 -11.86 -16.28
C GLU C 650 40.58 -12.10 -17.57
N ALA C 651 40.04 -10.99 -18.10
CA ALA C 651 39.30 -11.00 -19.35
C ALA C 651 37.97 -11.73 -19.22
N TRP C 652 37.22 -11.44 -18.16
CA TRP C 652 35.82 -11.84 -18.14
C TRP C 652 35.11 -11.26 -19.36
N GLY C 653 35.25 -9.96 -19.56
CA GLY C 653 34.88 -9.29 -20.79
C GLY C 653 35.96 -8.32 -21.20
N GLY C 654 37.06 -8.30 -20.45
CA GLY C 654 38.15 -7.38 -20.68
C GLY C 654 38.03 -6.06 -19.95
N SER C 655 37.13 -5.95 -18.99
CA SER C 655 36.89 -4.69 -18.29
C SER C 655 36.41 -4.97 -16.88
N ASN C 656 36.54 -3.97 -16.02
CA ASN C 656 36.14 -4.09 -14.63
C ASN C 656 34.65 -3.83 -14.47
N CYS C 657 34.16 -3.98 -13.23
CA CYS C 657 32.73 -3.85 -12.99
C CYS C 657 32.23 -2.42 -13.20
N LEU C 658 33.09 -1.43 -12.93
CA LEU C 658 32.67 -0.04 -13.11
C LEU C 658 32.34 0.25 -14.56
N GLU C 659 33.20 -0.19 -15.48
CA GLU C 659 32.94 0.03 -16.90
C GLU C 659 31.69 -0.72 -17.35
N LEU C 660 31.49 -1.95 -16.86
CA LEU C 660 30.28 -2.69 -17.21
C LEU C 660 29.04 -1.97 -16.74
N ALA C 661 29.07 -1.42 -15.52
CA ALA C 661 27.94 -0.66 -15.03
C ALA C 661 27.70 0.58 -15.89
N VAL C 662 28.78 1.25 -16.31
CA VAL C 662 28.62 2.45 -17.12
C VAL C 662 28.01 2.11 -18.48
N GLU C 663 28.49 1.04 -19.12
CA GLU C 663 28.01 0.70 -20.46
C GLU C 663 26.52 0.38 -20.44
N ALA C 664 26.06 -0.38 -19.43
CA ALA C 664 24.64 -0.65 -19.29
C ALA C 664 23.85 0.58 -18.89
N THR C 665 24.53 1.67 -18.53
CA THR C 665 23.87 2.91 -18.11
C THR C 665 22.96 2.64 -16.90
N ASP C 666 23.56 2.08 -15.85
CA ASP C 666 22.87 1.80 -14.60
C ASP C 666 23.06 3.00 -13.68
N GLN C 667 22.17 3.99 -13.82
CA GLN C 667 22.23 5.15 -12.92
C GLN C 667 22.17 4.72 -11.47
N HIS C 668 21.37 3.69 -11.17
CA HIS C 668 21.20 3.27 -9.79
C HIS C 668 22.49 2.72 -9.20
N PHE C 669 23.22 1.91 -9.98
CA PHE C 669 24.43 1.29 -9.44
C PHE C 669 25.47 2.34 -9.06
N ILE C 670 25.66 3.35 -9.91
CA ILE C 670 26.62 4.40 -9.61
C ILE C 670 26.09 5.40 -8.60
N ALA C 671 24.77 5.54 -8.48
CA ALA C 671 24.20 6.48 -7.54
C ALA C 671 24.41 6.05 -6.09
N GLN C 672 24.75 4.79 -5.84
CA GLN C 672 24.89 4.32 -4.47
C GLN C 672 26.06 5.05 -3.79
N PRO C 673 25.99 5.22 -2.46
CA PRO C 673 27.00 6.06 -1.79
C PRO C 673 28.44 5.57 -1.97
N GLY C 674 28.67 4.25 -2.04
CA GLY C 674 30.04 3.77 -2.09
C GLY C 674 30.77 4.22 -3.35
N VAL C 675 30.12 4.10 -4.50
CA VAL C 675 30.75 4.48 -5.76
C VAL C 675 31.01 5.98 -5.77
N GLN C 676 30.06 6.77 -5.27
CA GLN C 676 30.25 8.21 -5.22
C GLN C 676 31.41 8.57 -4.30
N ASN C 677 31.54 7.88 -3.16
CA ASN C 677 32.66 8.14 -2.28
C ASN C 677 33.98 7.81 -2.95
N PHE C 678 34.03 6.69 -3.66
CA PHE C 678 35.25 6.33 -4.39
C PHE C 678 35.60 7.40 -5.42
N LEU C 679 34.59 7.86 -6.17
CA LEU C 679 34.83 8.91 -7.16
C LEU C 679 35.32 10.20 -6.49
N SER C 680 34.74 10.55 -5.34
CA SER C 680 35.18 11.74 -4.63
C SER C 680 36.63 11.61 -4.17
N LYS C 681 37.00 10.44 -3.65
CA LYS C 681 38.38 10.23 -3.24
C LYS C 681 39.32 10.36 -4.43
N GLN C 682 38.95 9.79 -5.58
CA GLN C 682 39.80 9.90 -6.75
C GLN C 682 39.90 11.34 -7.24
N TRP C 683 38.79 12.08 -7.16
CA TRP C 683 38.76 13.44 -7.70
C TRP C 683 39.57 14.39 -6.82
N TYR C 684 39.35 14.35 -5.51
CA TYR C 684 40.10 15.22 -4.62
C TYR C 684 41.52 14.72 -4.39
N GLY C 685 41.75 13.42 -4.50
CA GLY C 685 43.08 12.89 -4.32
C GLY C 685 43.61 13.12 -2.92
N GLU C 686 44.82 13.65 -2.84
CA GLU C 686 45.48 13.83 -1.54
C GLU C 686 44.70 14.79 -0.66
N ILE C 687 44.17 15.87 -1.24
CA ILE C 687 43.42 16.84 -0.45
C ILE C 687 42.29 16.13 0.28
N SER C 688 42.23 16.33 1.59
CA SER C 688 41.20 15.71 2.40
C SER C 688 39.85 16.37 2.13
N ARG C 689 38.80 15.56 2.17
CA ARG C 689 37.45 16.08 2.03
C ARG C 689 37.07 16.85 3.27
N ASP C 690 35.82 17.31 3.32
CA ASP C 690 35.37 18.17 4.41
C ASP C 690 36.25 19.41 4.51
N THR C 691 36.75 19.86 3.36
CA THR C 691 37.51 21.10 3.26
C THR C 691 36.70 22.08 2.42
N LYS C 692 36.40 23.24 2.99
CA LYS C 692 35.55 24.21 2.30
C LYS C 692 36.20 24.63 0.99
N ASN C 693 35.48 24.43 -0.12
CA ASN C 693 36.08 24.59 -1.44
C ASN C 693 36.70 25.97 -1.61
N TRP C 694 36.07 27.01 -1.04
CA TRP C 694 36.61 28.36 -1.18
C TRP C 694 38.01 28.45 -0.58
N LYS C 695 38.28 27.69 0.49
CA LYS C 695 39.63 27.68 1.05
C LYS C 695 40.64 27.12 0.05
N ILE C 696 40.30 26.03 -0.63
CA ILE C 696 41.19 25.47 -1.64
C ILE C 696 41.40 26.46 -2.76
N ILE C 697 40.33 27.09 -3.23
CA ILE C 697 40.44 28.06 -4.33
C ILE C 697 41.34 29.22 -3.92
N LEU C 698 41.16 29.71 -2.69
CA LEU C 698 42.00 30.79 -2.20
C LEU C 698 43.47 30.36 -2.14
N CYS C 699 43.72 29.15 -1.63
CA CYS C 699 45.10 28.66 -1.57
C CYS C 699 45.71 28.51 -2.95
N LEU C 700 44.89 28.25 -3.97
CA LEU C 700 45.43 28.13 -5.32
C LEU C 700 46.19 29.39 -5.71
N PHE C 701 45.60 30.55 -5.46
CA PHE C 701 46.17 31.82 -5.89
C PHE C 701 47.14 32.41 -4.88
N ILE C 702 46.78 32.36 -3.59
CA ILE C 702 47.63 32.98 -2.57
C ILE C 702 49.00 32.30 -2.53
N ILE C 703 49.06 31.02 -2.89
CA ILE C 703 50.32 30.30 -3.00
C ILE C 703 50.41 29.71 -4.39
N PRO C 704 50.86 30.47 -5.40
CA PRO C 704 50.98 29.98 -6.77
C PRO C 704 52.37 29.44 -7.09
N TRP C 726 58.63 18.26 -1.67
CA TRP C 726 57.95 19.19 -0.79
C TRP C 726 56.49 18.80 -0.60
N TYR C 727 55.79 19.54 0.25
CA TYR C 727 54.37 19.27 0.48
C TYR C 727 53.51 19.73 -0.68
N TYR C 728 53.90 20.81 -1.37
CA TYR C 728 53.09 21.35 -2.45
C TYR C 728 52.92 20.37 -3.61
N VAL C 729 53.81 19.39 -3.75
CA VAL C 729 53.72 18.47 -4.88
C VAL C 729 52.40 17.70 -4.82
N ALA C 730 52.03 17.23 -3.63
CA ALA C 730 50.74 16.55 -3.48
C ALA C 730 49.59 17.49 -3.82
N PHE C 731 49.69 18.74 -3.38
CA PHE C 731 48.66 19.73 -3.71
C PHE C 731 48.60 19.98 -5.21
N PHE C 732 49.71 19.80 -5.91
CA PHE C 732 49.78 20.04 -7.36
C PHE C 732 49.40 18.83 -8.19
N THR C 733 49.15 17.68 -7.55
CA THR C 733 48.83 16.46 -8.27
C THR C 733 47.36 16.07 -8.20
N SER C 734 46.59 16.66 -7.30
CA SER C 734 45.19 16.31 -7.21
C SER C 734 44.46 16.69 -8.50
N PRO C 735 43.58 15.83 -9.01
CA PRO C 735 42.84 16.19 -10.24
C PRO C 735 42.07 17.50 -10.13
N PHE C 736 41.58 17.83 -8.94
CA PHE C 736 40.80 19.06 -8.78
C PHE C 736 41.63 20.29 -9.10
N VAL C 737 42.86 20.35 -8.61
CA VAL C 737 43.73 21.49 -8.87
C VAL C 737 44.07 21.56 -10.36
N VAL C 738 44.34 20.41 -10.98
CA VAL C 738 44.63 20.39 -12.40
C VAL C 738 43.45 20.93 -13.19
N PHE C 739 42.24 20.51 -12.82
CA PHE C 739 41.04 21.01 -13.50
C PHE C 739 40.88 22.51 -13.31
N SER C 740 41.13 23.01 -12.11
CA SER C 740 41.00 24.45 -11.86
C SER C 740 42.00 25.22 -12.71
N TRP C 741 43.25 24.75 -12.77
CA TRP C 741 44.25 25.44 -13.59
C TRP C 741 43.89 25.37 -15.06
N ASN C 742 43.34 24.24 -15.50
CA ASN C 742 42.90 24.14 -16.89
C ASN C 742 41.78 25.13 -17.18
N VAL C 743 40.85 25.29 -16.25
CA VAL C 743 39.77 26.26 -16.44
C VAL C 743 40.34 27.67 -16.54
N VAL C 744 41.28 28.01 -15.66
CA VAL C 744 41.86 29.35 -15.68
C VAL C 744 42.60 29.57 -17.00
N PHE C 745 43.37 28.58 -17.44
CA PHE C 745 44.10 28.72 -18.70
C PHE C 745 43.14 28.87 -19.88
N TYR C 746 42.04 28.11 -19.88
CA TYR C 746 41.08 28.21 -20.97
C TYR C 746 40.41 29.59 -20.99
N ILE C 747 40.08 30.11 -19.81
CA ILE C 747 39.51 31.45 -19.75
C ILE C 747 40.51 32.48 -20.27
N ALA C 748 41.78 32.34 -19.89
CA ALA C 748 42.80 33.26 -20.38
C ALA C 748 42.95 33.15 -21.90
N PHE C 749 42.87 31.93 -22.44
CA PHE C 749 42.98 31.74 -23.88
C PHE C 749 41.81 32.41 -24.59
N LEU C 750 40.59 32.25 -24.06
CA LEU C 750 39.44 32.93 -24.66
C LEU C 750 39.60 34.44 -24.59
N LEU C 751 40.12 34.96 -23.47
CA LEU C 751 40.35 36.40 -23.34
C LEU C 751 41.34 36.89 -24.39
N LEU C 752 42.44 36.17 -24.58
CA LEU C 752 43.42 36.54 -25.60
C LEU C 752 42.81 36.45 -27.00
N PHE C 753 42.01 35.41 -27.25
CA PHE C 753 41.36 35.29 -28.56
C PHE C 753 40.47 36.49 -28.82
N ALA C 754 39.69 36.89 -27.81
CA ALA C 754 38.83 38.07 -27.97
C ALA C 754 39.67 39.32 -28.23
N TYR C 755 40.76 39.49 -27.48
CA TYR C 755 41.62 40.66 -27.68
C TYR C 755 42.17 40.69 -29.10
N VAL C 756 42.67 39.55 -29.57
CA VAL C 756 43.28 39.50 -30.90
C VAL C 756 42.23 39.78 -31.97
N LEU C 757 41.08 39.12 -31.87
CA LEU C 757 40.05 39.26 -32.90
C LEU C 757 39.51 40.68 -32.94
N LEU C 758 39.29 41.29 -31.77
CA LEU C 758 38.62 42.59 -31.75
C LEU C 758 39.55 43.72 -32.18
N MET C 759 40.81 43.68 -31.77
CA MET C 759 41.70 44.82 -31.92
C MET C 759 42.80 44.60 -32.95
N ASP C 760 43.59 43.55 -32.81
CA ASP C 760 44.78 43.34 -33.63
C ASP C 760 44.54 42.16 -34.57
N PHE C 761 43.97 42.47 -35.74
CA PHE C 761 43.81 41.48 -36.80
C PHE C 761 44.17 42.10 -38.15
N HIS C 762 45.22 42.94 -38.15
CA HIS C 762 45.67 43.56 -39.38
C HIS C 762 46.38 42.52 -40.26
N SER C 763 46.88 42.97 -41.40
CA SER C 763 47.45 42.06 -42.39
C SER C 763 48.60 41.25 -41.80
N VAL C 764 49.49 41.91 -41.08
CA VAL C 764 50.63 41.23 -40.45
C VAL C 764 50.16 40.64 -39.12
N PRO C 765 50.24 39.32 -38.93
CA PRO C 765 49.71 38.73 -37.69
C PRO C 765 50.42 39.19 -36.43
N HIS C 766 51.75 39.13 -36.42
CA HIS C 766 52.52 39.61 -35.28
C HIS C 766 52.25 38.79 -34.01
N THR C 767 52.99 39.09 -32.94
CA THR C 767 53.03 38.27 -31.75
C THR C 767 51.67 37.97 -31.14
N PRO C 768 50.78 38.94 -30.91
CA PRO C 768 49.51 38.61 -30.23
C PRO C 768 48.68 37.60 -31.00
N GLU C 769 48.68 37.66 -32.33
CA GLU C 769 47.94 36.71 -33.14
C GLU C 769 48.66 35.37 -33.26
N LEU C 770 50.01 35.39 -33.27
CA LEU C 770 50.78 34.15 -33.41
C LEU C 770 50.72 33.28 -32.15
N ILE C 771 50.71 33.91 -30.98
CA ILE C 771 50.67 33.15 -29.74
C ILE C 771 49.39 32.32 -29.69
N LEU C 772 48.29 32.87 -30.21
CA LEU C 772 47.05 32.11 -30.27
C LEU C 772 47.21 30.89 -31.18
N TYR C 773 47.97 31.00 -32.26
CA TYR C 773 48.27 29.81 -33.06
C TYR C 773 48.97 28.77 -32.21
N ALA C 774 49.95 29.18 -31.41
CA ALA C 774 50.65 28.20 -30.57
C ALA C 774 49.67 27.52 -29.61
N LEU C 775 48.78 28.31 -29.00
CA LEU C 775 47.85 27.75 -28.02
C LEU C 775 46.88 26.75 -28.68
N VAL C 776 46.27 27.17 -29.79
CA VAL C 776 45.35 26.27 -30.47
C VAL C 776 46.06 25.04 -30.98
N PHE C 777 47.35 25.16 -31.32
CA PHE C 777 48.12 24.00 -31.71
C PHE C 777 48.27 23.02 -30.54
N VAL C 778 48.49 23.54 -29.33
CA VAL C 778 48.56 22.66 -28.17
C VAL C 778 47.23 21.94 -27.97
N LEU C 779 46.13 22.67 -28.09
CA LEU C 779 44.81 22.04 -27.95
C LEU C 779 44.61 20.97 -29.03
N PHE C 780 45.04 21.26 -30.26
CA PHE C 780 44.90 20.30 -31.34
C PHE C 780 45.70 19.04 -31.07
N CYS C 781 46.92 19.19 -30.53
CA CYS C 781 47.71 18.02 -30.18
C CYS C 781 47.01 17.19 -29.11
N ASP C 782 46.43 17.84 -28.11
CA ASP C 782 45.71 17.09 -27.08
C ASP C 782 44.54 16.32 -27.69
N GLU C 783 43.77 16.96 -28.57
CA GLU C 783 42.65 16.27 -29.20
C GLU C 783 43.12 15.14 -30.10
N VAL C 784 44.28 15.31 -30.74
CA VAL C 784 44.85 14.23 -31.55
C VAL C 784 45.19 13.04 -30.65
N ARG C 785 45.75 13.30 -29.48
CA ARG C 785 46.02 12.21 -28.55
C ARG C 785 44.72 11.53 -28.13
N GLN C 786 43.68 12.32 -27.86
CA GLN C 786 42.40 11.73 -27.49
C GLN C 786 41.88 10.82 -28.60
N TRP C 787 41.96 11.28 -29.85
CA TRP C 787 41.53 10.46 -30.98
C TRP C 787 42.37 9.18 -31.06
N TYR C 788 43.68 9.29 -30.87
CA TYR C 788 44.55 8.13 -30.98
C TYR C 788 44.20 7.09 -29.92
N MET C 789 43.90 7.53 -28.70
CA MET C 789 43.58 6.59 -27.63
C MET C 789 42.33 5.79 -27.95
N ASN C 790 41.30 6.45 -28.48
CA ASN C 790 40.01 5.82 -28.77
C ASN C 790 39.74 5.92 -30.26
N GLY C 791 39.74 4.76 -30.93
CA GLY C 791 39.49 4.76 -32.37
C GLY C 791 38.09 5.19 -32.73
N VAL C 792 37.09 4.69 -32.00
CA VAL C 792 35.69 4.99 -32.30
C VAL C 792 35.07 5.73 -31.12
N ASN C 793 35.57 5.46 -29.91
CA ASN C 793 35.08 6.14 -28.72
C ASN C 793 35.24 7.65 -28.82
N TYR C 794 36.16 8.12 -29.66
CA TYR C 794 36.35 9.55 -29.83
C TYR C 794 35.08 10.22 -30.30
N PHE C 795 34.55 9.82 -31.45
CA PHE C 795 33.36 10.45 -32.01
C PHE C 795 32.09 10.10 -31.24
N THR C 796 32.17 9.16 -30.29
CA THR C 796 30.98 8.80 -29.52
C THR C 796 30.47 10.00 -28.72
N ASP C 797 31.39 10.77 -28.13
CA ASP C 797 31.01 11.95 -27.36
C ASP C 797 30.79 13.14 -28.27
N LEU C 798 29.63 13.79 -28.12
CA LEU C 798 29.32 14.95 -28.94
C LEU C 798 30.30 16.09 -28.69
N TRP C 799 30.89 16.14 -27.50
CA TRP C 799 31.88 17.17 -27.22
C TRP C 799 33.07 17.05 -28.16
N ASN C 800 33.49 15.82 -28.46
CA ASN C 800 34.57 15.62 -29.42
C ASN C 800 34.17 16.13 -30.80
N VAL C 801 32.92 15.91 -31.19
CA VAL C 801 32.43 16.42 -32.48
C VAL C 801 32.51 17.94 -32.51
N MET C 802 32.08 18.59 -31.43
CA MET C 802 32.14 20.05 -31.37
C MET C 802 33.58 20.54 -31.47
N ASP C 803 34.50 19.85 -30.78
CA ASP C 803 35.91 20.24 -30.84
C ASP C 803 36.45 20.11 -32.26
N THR C 804 36.12 19.01 -32.93
CA THR C 804 36.58 18.82 -34.30
C THR C 804 36.03 19.92 -35.20
N LEU C 805 34.77 20.29 -35.02
CA LEU C 805 34.19 21.35 -35.84
C LEU C 805 34.90 22.68 -35.61
N GLY C 806 35.23 22.99 -34.35
CA GLY C 806 35.98 24.20 -34.08
C GLY C 806 37.34 24.21 -34.74
N LEU C 807 38.06 23.09 -34.68
CA LEU C 807 39.34 22.99 -35.39
C LEU C 807 39.16 23.25 -36.88
N PHE C 808 38.16 22.61 -37.48
CA PHE C 808 37.93 22.78 -38.92
C PHE C 808 37.65 24.23 -39.25
N TYR C 809 36.84 24.91 -38.42
CA TYR C 809 36.56 26.31 -38.67
C TYR C 809 37.79 27.20 -38.44
N PHE C 810 38.71 26.80 -37.57
CA PHE C 810 39.92 27.61 -37.41
C PHE C 810 40.81 27.51 -38.64
N ILE C 811 40.94 26.32 -39.21
CA ILE C 811 41.87 26.18 -40.34
C ILE C 811 41.40 27.02 -41.53
N ALA C 812 40.08 27.07 -41.75
CA ALA C 812 39.56 27.86 -42.87
C ALA C 812 39.93 29.32 -42.73
N GLY C 813 39.74 29.88 -41.54
CA GLY C 813 40.11 31.27 -41.32
C GLY C 813 41.60 31.49 -41.51
N ILE C 814 42.42 30.54 -41.05
CA ILE C 814 43.86 30.66 -41.26
C ILE C 814 44.15 30.79 -42.75
N VAL C 815 43.61 29.88 -43.56
CA VAL C 815 43.90 29.90 -44.98
C VAL C 815 43.43 31.20 -45.61
N PHE C 816 42.22 31.62 -45.26
CA PHE C 816 41.66 32.83 -45.87
C PHE C 816 42.54 34.04 -45.58
N ARG C 817 42.96 34.21 -44.33
CA ARG C 817 43.80 35.37 -44.03
C ARG C 817 45.16 35.25 -44.68
N LEU C 818 45.73 34.04 -44.72
CA LEU C 818 47.07 33.88 -45.29
C LEU C 818 47.08 34.21 -46.77
N HIS C 819 46.05 33.79 -47.51
CA HIS C 819 46.02 34.11 -48.94
C HIS C 819 46.09 35.61 -49.16
N SER C 820 45.26 36.38 -48.46
CA SER C 820 45.28 37.84 -48.53
C SER C 820 45.25 38.33 -49.99
N SER C 821 44.61 37.57 -50.86
CA SER C 821 44.51 37.99 -52.27
C SER C 821 43.77 39.31 -52.39
N ASN C 822 42.68 39.45 -51.64
CA ASN C 822 41.88 40.68 -51.65
C ASN C 822 41.47 40.98 -50.21
N LYS C 823 41.16 42.26 -49.96
CA LYS C 823 40.64 42.64 -48.65
C LYS C 823 39.39 41.83 -48.31
N SER C 824 38.63 41.42 -49.32
CA SER C 824 37.46 40.57 -49.09
C SER C 824 37.86 39.26 -48.44
N SER C 825 38.98 38.67 -48.88
CA SER C 825 39.45 37.44 -48.27
C SER C 825 39.79 37.64 -46.80
N LEU C 826 40.46 38.74 -46.48
CA LEU C 826 40.80 39.02 -45.09
C LEU C 826 39.54 39.21 -44.25
N TYR C 827 38.55 39.93 -44.78
CA TYR C 827 37.30 40.12 -44.03
C TYR C 827 36.59 38.79 -43.81
N SER C 828 36.57 37.94 -44.84
CA SER C 828 35.95 36.62 -44.69
C SER C 828 36.67 35.81 -43.62
N GLY C 829 38.00 35.86 -43.61
CA GLY C 829 38.74 35.16 -42.57
C GLY C 829 38.42 35.68 -41.19
N ARG C 830 38.26 37.01 -41.05
CA ARG C 830 37.90 37.58 -39.77
C ARG C 830 36.54 37.09 -39.30
N VAL C 831 35.57 37.04 -40.20
CA VAL C 831 34.24 36.57 -39.82
C VAL C 831 34.27 35.09 -39.45
N ILE C 832 35.08 34.30 -40.19
CA ILE C 832 35.26 32.90 -39.85
C ILE C 832 35.87 32.77 -38.46
N PHE C 833 36.81 33.66 -38.13
CA PHE C 833 37.37 33.66 -36.78
C PHE C 833 36.29 33.91 -35.75
N CYS C 834 35.38 34.85 -36.01
CA CYS C 834 34.31 35.12 -35.06
C CYS C 834 33.42 33.88 -34.86
N LEU C 835 33.09 33.20 -35.96
CA LEU C 835 32.25 31.99 -35.84
C LEU C 835 32.97 30.89 -35.05
N ASP C 836 34.24 30.65 -35.36
CA ASP C 836 35.01 29.67 -34.62
C ASP C 836 35.11 30.06 -33.15
N TYR C 837 35.19 31.36 -32.87
CA TYR C 837 35.15 31.82 -31.49
C TYR C 837 33.83 31.44 -30.83
N ILE C 838 32.72 31.63 -31.54
CA ILE C 838 31.42 31.25 -30.98
C ILE C 838 31.45 29.79 -30.57
N ILE C 839 31.96 28.92 -31.45
CA ILE C 839 31.99 27.50 -31.08
C ILE C 839 32.92 27.29 -29.89
N PHE C 840 34.10 27.92 -29.90
CA PHE C 840 35.08 27.67 -28.85
C PHE C 840 34.54 28.06 -27.48
N THR C 841 33.98 29.27 -27.37
CA THR C 841 33.56 29.78 -26.07
C THR C 841 32.40 28.99 -25.48
N LEU C 842 31.62 28.30 -26.32
CA LEU C 842 30.50 27.53 -25.81
C LEU C 842 30.91 26.16 -25.27
N ARG C 843 32.15 25.72 -25.51
CA ARG C 843 32.62 24.51 -24.87
C ARG C 843 32.87 24.69 -23.38
N LEU C 844 32.86 25.94 -22.91
CA LEU C 844 33.12 26.18 -21.49
C LEU C 844 31.99 25.65 -20.62
N ILE C 845 30.75 25.64 -21.12
CA ILE C 845 29.63 25.22 -20.29
C ILE C 845 29.87 23.84 -19.70
N HIS C 846 30.65 23.01 -20.39
CA HIS C 846 30.94 21.66 -19.90
C HIS C 846 31.53 21.65 -18.50
N ILE C 847 32.41 22.60 -18.17
CA ILE C 847 33.03 22.63 -16.84
C ILE C 847 32.04 22.95 -15.74
N PHE C 848 30.76 23.14 -16.06
CA PHE C 848 29.73 23.27 -15.05
C PHE C 848 29.20 21.93 -14.58
N THR C 849 29.70 20.81 -15.12
CA THR C 849 29.25 19.51 -14.66
C THR C 849 29.82 19.14 -13.29
N VAL C 850 30.87 19.83 -12.84
CA VAL C 850 31.41 19.56 -11.51
C VAL C 850 30.43 20.04 -10.44
N SER C 851 29.83 21.20 -10.64
CA SER C 851 28.94 21.76 -9.62
C SER C 851 27.68 20.94 -9.50
N ARG C 852 27.29 20.63 -8.27
CA ARG C 852 26.06 19.87 -8.05
C ARG C 852 24.85 20.66 -8.52
N ASN C 853 24.80 21.95 -8.20
CA ASN C 853 23.64 22.76 -8.54
C ASN C 853 23.51 22.97 -10.05
N LEU C 854 24.64 23.19 -10.73
CA LEU C 854 24.62 23.50 -12.15
C LEU C 854 24.74 22.26 -13.04
N GLY C 855 24.87 21.08 -12.46
CA GLY C 855 25.06 19.87 -13.22
C GLY C 855 23.87 19.52 -14.10
N PRO C 856 22.68 19.43 -13.48
CA PRO C 856 21.49 19.07 -14.25
C PRO C 856 21.14 20.07 -15.34
N LYS C 857 21.66 21.30 -15.26
CA LYS C 857 21.21 22.34 -16.18
C LYS C 857 21.60 22.01 -17.61
N ILE C 858 22.84 21.55 -17.83
CA ILE C 858 23.29 21.28 -19.18
C ILE C 858 22.58 20.05 -19.75
N ILE C 859 22.28 19.06 -18.90
CA ILE C 859 21.58 17.87 -19.40
C ILE C 859 20.15 18.21 -19.77
N MET C 860 19.53 19.01 -18.90
CA MET C 860 18.18 19.41 -19.11
C MET C 860 18.21 20.30 -20.32
N LEU C 861 19.25 21.11 -20.49
CA LEU C 861 19.33 21.96 -21.68
C LEU C 861 19.42 21.09 -22.92
N GLN C 862 20.21 20.02 -22.81
CA GLN C 862 20.40 19.11 -23.92
C GLN C 862 19.11 18.41 -24.36
N ARG C 863 18.30 17.98 -23.40
CA ARG C 863 17.06 17.30 -23.73
C ARG C 863 16.15 18.29 -24.44
N MET C 864 16.14 19.52 -23.94
CA MET C 864 15.38 20.59 -24.55
C MET C 864 15.77 20.78 -26.03
N LEU C 865 17.07 20.70 -26.31
CA LEU C 865 17.52 20.82 -27.70
C LEU C 865 16.97 19.70 -28.56
N ILE C 866 16.97 18.47 -28.03
CA ILE C 866 16.36 17.35 -28.77
C ILE C 866 14.89 17.64 -29.05
N ASP C 867 14.19 18.17 -28.05
CA ASP C 867 12.78 18.51 -28.25
C ASP C 867 12.61 19.56 -29.35
N VAL C 868 13.51 20.55 -29.37
CA VAL C 868 13.49 21.56 -30.43
C VAL C 868 13.67 20.89 -31.78
N PHE C 869 14.61 19.94 -31.87
CA PHE C 869 14.86 19.27 -33.14
C PHE C 869 13.59 18.57 -33.61
N PHE C 870 12.90 17.87 -32.72
CA PHE C 870 11.66 17.21 -33.11
C PHE C 870 10.60 18.21 -33.53
N PHE C 871 10.53 19.34 -32.85
CA PHE C 871 9.53 20.34 -33.19
C PHE C 871 9.85 21.10 -34.46
N LEU C 872 11.07 20.99 -34.95
CA LEU C 872 11.46 21.67 -36.18
C LEU C 872 10.69 21.13 -37.38
N PHE C 873 10.32 19.84 -37.37
CA PHE C 873 9.58 19.27 -38.48
C PHE C 873 8.23 19.97 -38.66
N LEU C 874 7.49 20.08 -37.57
CA LEU C 874 6.21 20.76 -37.60
C LEU C 874 6.42 22.19 -38.04
N PHE C 875 7.41 22.86 -37.48
CA PHE C 875 7.62 24.26 -37.81
C PHE C 875 7.91 24.43 -39.29
N ALA C 876 8.71 23.52 -39.85
CA ALA C 876 9.05 23.59 -41.28
C ALA C 876 7.81 23.39 -42.14
N VAL C 877 6.96 22.43 -41.77
CA VAL C 877 5.73 22.23 -42.52
C VAL C 877 4.91 23.51 -42.53
N TRP C 878 4.72 24.11 -41.35
CA TRP C 878 3.96 25.35 -41.28
C TRP C 878 4.61 26.46 -42.11
N MET C 879 5.94 26.56 -42.01
CA MET C 879 6.67 27.61 -42.71
C MET C 879 6.47 27.51 -44.22
N VAL C 880 6.66 26.32 -44.77
CA VAL C 880 6.41 26.14 -46.21
C VAL C 880 4.97 26.48 -46.53
N ALA C 881 4.04 25.89 -45.77
CA ALA C 881 2.62 26.03 -46.07
C ALA C 881 2.21 27.49 -46.20
N PHE C 882 2.66 28.33 -45.27
CA PHE C 882 2.20 29.71 -45.27
C PHE C 882 3.12 30.67 -46.00
N GLY C 883 4.41 30.37 -46.13
CA GLY C 883 5.26 31.20 -46.97
C GLY C 883 4.87 31.13 -48.43
N VAL C 884 4.62 29.92 -48.94
CA VAL C 884 4.19 29.80 -50.33
C VAL C 884 2.88 30.55 -50.54
N ALA C 885 1.96 30.43 -49.57
CA ALA C 885 0.72 31.19 -49.65
C ALA C 885 1.00 32.68 -49.75
N ARG C 886 1.61 33.25 -48.72
CA ARG C 886 1.93 34.68 -48.72
C ARG C 886 2.52 35.12 -50.06
N GLN C 887 3.46 34.33 -50.59
CA GLN C 887 4.08 34.72 -51.85
C GLN C 887 3.06 34.74 -52.98
N GLY C 888 2.22 33.71 -53.08
CA GLY C 888 1.26 33.66 -54.17
C GLY C 888 0.20 34.74 -54.07
N ILE C 889 -0.29 35.00 -52.87
CA ILE C 889 -1.46 35.86 -52.67
C ILE C 889 -1.08 37.33 -52.52
N LEU C 890 -0.09 37.63 -51.68
CA LEU C 890 0.18 39.02 -51.32
C LEU C 890 0.58 39.84 -52.54
N ARG C 891 1.44 39.29 -53.39
CA ARG C 891 1.92 40.00 -54.57
C ARG C 891 2.00 39.03 -55.74
N GLN C 892 1.96 39.60 -56.95
CA GLN C 892 1.99 38.83 -58.18
C GLN C 892 3.38 38.86 -58.79
N ASN C 893 3.91 37.68 -59.08
CA ASN C 893 5.19 37.55 -59.79
C ASN C 893 6.36 37.95 -58.91
N GLU C 894 7.57 37.66 -59.38
CA GLU C 894 8.79 37.98 -58.65
C GLU C 894 10.01 37.57 -59.46
N GLN C 895 11.21 37.91 -58.98
CA GLN C 895 12.45 37.46 -59.62
C GLN C 895 12.65 35.98 -59.27
N ARG C 896 11.82 35.14 -59.89
CA ARG C 896 11.75 33.74 -59.56
C ARG C 896 11.13 33.58 -58.17
N TRP C 897 11.14 32.35 -57.64
CA TRP C 897 10.59 32.13 -56.31
C TRP C 897 11.49 32.66 -55.21
N ARG C 898 12.81 32.66 -55.43
CA ARG C 898 13.73 33.09 -54.38
C ARG C 898 13.53 34.57 -54.04
N TRP C 899 13.36 35.42 -55.05
CA TRP C 899 13.15 36.84 -54.79
C TRP C 899 11.90 37.07 -53.96
N ILE C 900 10.78 36.48 -54.39
CA ILE C 900 9.53 36.67 -53.66
C ILE C 900 9.66 36.15 -52.24
N PHE C 901 10.27 34.97 -52.07
CA PHE C 901 10.44 34.42 -50.74
C PHE C 901 11.26 35.37 -49.87
N ARG C 902 12.50 35.61 -50.26
CA ARG C 902 13.40 36.44 -49.45
C ARG C 902 12.84 37.83 -49.21
N SER C 903 11.90 38.29 -50.03
CA SER C 903 11.31 39.62 -49.81
C SER C 903 10.78 39.76 -48.39
N VAL C 904 10.05 38.75 -47.91
CA VAL C 904 9.36 38.85 -46.63
C VAL C 904 9.58 37.61 -45.78
N ILE C 905 10.57 36.78 -46.14
CA ILE C 905 10.85 35.59 -45.36
C ILE C 905 11.23 35.95 -43.93
N TYR C 906 11.82 37.13 -43.73
CA TYR C 906 12.23 37.54 -42.39
C TYR C 906 11.05 37.63 -41.45
N GLU C 907 9.89 38.08 -41.96
CA GLU C 907 8.76 38.36 -41.07
C GLU C 907 8.23 37.10 -40.42
N PRO C 908 7.75 36.09 -41.15
CA PRO C 908 7.13 34.94 -40.49
C PRO C 908 8.04 34.25 -39.48
N TYR C 909 9.34 34.19 -39.75
CA TYR C 909 10.23 33.39 -38.91
C TYR C 909 10.51 34.06 -37.57
N LEU C 910 10.73 35.37 -37.57
CA LEU C 910 11.19 36.09 -36.39
C LEU C 910 10.25 37.21 -35.95
N ALA C 911 9.71 37.98 -36.89
CA ALA C 911 8.88 39.12 -36.53
C ALA C 911 7.69 38.69 -35.69
N MET C 912 7.02 37.60 -36.09
CA MET C 912 5.84 37.16 -35.36
C MET C 912 6.13 37.01 -33.88
N PHE C 913 7.24 36.35 -33.54
CA PHE C 913 7.64 36.28 -32.13
C PHE C 913 8.00 37.65 -31.60
N GLY C 914 8.64 38.47 -32.42
CA GLY C 914 9.09 39.78 -31.98
C GLY C 914 8.01 40.84 -31.96
N GLN C 915 7.41 41.13 -33.11
CA GLN C 915 6.45 42.21 -33.25
C GLN C 915 5.26 41.74 -34.07
N VAL C 916 4.12 42.37 -33.85
CA VAL C 916 2.89 42.03 -34.56
C VAL C 916 2.99 42.54 -35.99
N PRO C 917 2.38 41.86 -36.96
CA PRO C 917 2.39 42.37 -38.34
C PRO C 917 1.47 43.58 -38.48
N SER C 918 2.05 44.71 -38.88
CA SER C 918 1.30 45.95 -39.03
C SER C 918 1.04 46.29 -40.49
N ASP C 919 2.10 46.32 -41.31
CA ASP C 919 1.95 46.63 -42.72
C ASP C 919 1.34 45.48 -43.51
N VAL C 920 1.41 44.26 -43.01
CA VAL C 920 0.91 43.10 -43.76
C VAL C 920 -0.59 43.23 -43.98
N ASP C 921 -1.33 43.58 -42.92
CA ASP C 921 -2.78 43.72 -43.06
C ASP C 921 -3.14 44.85 -44.02
N SER C 922 -2.43 45.97 -43.94
CA SER C 922 -2.72 47.10 -44.82
C SER C 922 -2.44 46.75 -46.28
N THR C 923 -1.36 46.01 -46.53
CA THR C 923 -1.00 45.68 -47.91
C THR C 923 -2.08 44.87 -48.59
N THR C 924 -2.67 43.90 -47.88
CA THR C 924 -3.72 43.07 -48.44
C THR C 924 -4.87 43.92 -48.97
N ARG C 951 -15.85 42.37 -54.70
CA ARG C 951 -14.48 42.36 -54.19
C ARG C 951 -14.18 41.07 -53.45
N PHE C 952 -14.25 39.95 -54.17
CA PHE C 952 -13.97 38.66 -53.55
C PHE C 952 -12.58 38.59 -52.94
N PRO C 953 -11.52 39.12 -53.57
CA PRO C 953 -10.20 39.07 -52.92
C PRO C 953 -10.19 39.74 -51.55
N GLU C 954 -10.90 40.85 -51.39
CA GLU C 954 -10.94 41.53 -50.10
C GLU C 954 -11.58 40.63 -49.04
N TRP C 955 -12.66 39.95 -49.40
CA TRP C 955 -13.34 39.08 -48.44
C TRP C 955 -12.49 37.86 -48.10
N ILE C 956 -11.77 37.32 -49.09
CA ILE C 956 -11.00 36.10 -48.86
C ILE C 956 -9.63 36.36 -48.24
N THR C 957 -9.17 37.62 -48.25
CA THR C 957 -7.87 37.91 -47.63
C THR C 957 -7.91 37.71 -46.13
N ILE C 958 -8.98 38.13 -45.46
CA ILE C 958 -9.01 38.10 -43.99
C ILE C 958 -8.83 36.70 -43.46
N PRO C 959 -9.58 35.68 -43.90
CA PRO C 959 -9.36 34.33 -43.35
C PRO C 959 -7.94 33.84 -43.55
N LEU C 960 -7.31 34.20 -44.67
CA LEU C 960 -5.94 33.78 -44.91
C LEU C 960 -5.03 34.17 -43.75
N VAL C 961 -4.91 35.47 -43.48
CA VAL C 961 -4.03 35.93 -42.42
C VAL C 961 -4.50 35.41 -41.07
N CYS C 962 -5.82 35.42 -40.84
CA CYS C 962 -6.35 35.00 -39.55
C CYS C 962 -5.90 33.59 -39.20
N ILE C 963 -6.09 32.65 -40.13
CA ILE C 963 -5.63 31.29 -39.91
C ILE C 963 -4.11 31.22 -39.94
N TYR C 964 -3.48 32.15 -40.65
CA TYR C 964 -2.04 32.05 -40.88
C TYR C 964 -1.24 32.30 -39.61
N MET C 965 -1.61 33.34 -38.84
CA MET C 965 -0.80 33.73 -37.70
C MET C 965 -1.47 33.42 -36.36
N LEU C 966 -2.67 33.96 -36.13
CA LEU C 966 -3.26 33.88 -34.79
C LEU C 966 -3.74 32.47 -34.47
N SER C 967 -3.99 31.64 -35.48
CA SER C 967 -4.55 30.31 -35.25
C SER C 967 -3.47 29.26 -35.06
N THR C 968 -2.48 29.21 -35.96
CA THR C 968 -1.50 28.13 -36.01
C THR C 968 -0.19 28.49 -35.31
N ASN C 969 0.36 29.67 -35.60
CA ASN C 969 1.69 30.02 -35.07
C ASN C 969 1.68 30.06 -33.54
N ILE C 970 0.64 30.69 -33.02
CA ILE C 970 0.45 30.80 -31.60
C ILE C 970 0.29 29.39 -31.06
N LEU C 971 -0.45 28.58 -31.78
CA LEU C 971 -0.68 27.23 -31.35
C LEU C 971 0.65 26.49 -31.31
N LEU C 972 1.42 26.57 -32.38
CA LEU C 972 2.69 25.88 -32.41
C LEU C 972 3.67 26.36 -31.37
N VAL C 973 3.82 27.67 -31.22
CA VAL C 973 4.79 28.15 -30.25
C VAL C 973 4.44 27.74 -28.83
N ASN C 974 3.16 27.77 -28.50
CA ASN C 974 2.74 27.36 -27.18
C ASN C 974 2.99 25.89 -26.95
N LEU C 975 2.77 25.10 -27.98
CA LEU C 975 2.98 23.67 -27.90
C LEU C 975 4.44 23.38 -27.59
N LEU C 976 5.35 24.09 -28.24
CA LEU C 976 6.78 23.92 -27.98
C LEU C 976 7.09 24.30 -26.55
N VAL C 977 6.50 25.40 -26.09
CA VAL C 977 6.73 25.87 -24.75
C VAL C 977 6.24 24.87 -23.73
N ALA C 978 5.13 24.22 -23.98
CA ALA C 978 4.62 23.21 -23.07
C ALA C 978 5.61 22.06 -22.98
N MET C 979 6.20 21.65 -24.10
CA MET C 979 7.17 20.57 -24.11
C MET C 979 8.40 20.95 -23.30
N PHE C 980 8.84 22.19 -23.38
CA PHE C 980 10.00 22.62 -22.61
C PHE C 980 9.69 22.50 -21.13
N GLY C 981 8.50 22.91 -20.73
CA GLY C 981 8.12 22.85 -19.34
C GLY C 981 8.10 21.43 -18.82
N TYR C 982 7.64 20.49 -19.62
CA TYR C 982 7.61 19.12 -19.16
C TYR C 982 8.99 18.52 -19.11
N THR C 983 9.86 18.83 -20.06
CA THR C 983 11.20 18.28 -20.01
C THR C 983 11.96 18.75 -18.78
N VAL C 984 11.91 20.06 -18.51
CA VAL C 984 12.57 20.60 -17.33
C VAL C 984 11.98 19.97 -16.08
N GLY C 985 10.65 19.81 -16.04
CA GLY C 985 10.03 19.23 -14.87
C GLY C 985 10.53 17.83 -14.58
N ILE C 986 10.57 16.98 -15.61
CA ILE C 986 10.98 15.59 -15.38
C ILE C 986 12.45 15.54 -15.01
N VAL C 987 13.29 16.38 -15.62
CA VAL C 987 14.72 16.35 -15.30
C VAL C 987 14.95 16.80 -13.86
N GLN C 988 14.37 17.93 -13.48
CA GLN C 988 14.58 18.44 -12.12
C GLN C 988 13.94 17.54 -11.09
N GLU C 989 12.88 16.81 -11.46
CA GLU C 989 12.25 15.90 -10.52
C GLU C 989 13.22 14.80 -10.09
N ASN C 990 14.00 14.26 -11.04
CA ASN C 990 14.92 13.18 -10.78
C ASN C 990 16.34 13.68 -10.53
N ASN C 991 16.47 14.86 -9.94
CA ASN C 991 17.79 15.43 -9.66
C ASN C 991 18.53 14.59 -8.62
N ASP C 992 19.84 14.77 -8.58
CA ASP C 992 20.80 14.14 -7.68
C ASP C 992 21.08 12.69 -8.07
N GLN C 993 20.42 12.14 -9.08
CA GLN C 993 20.80 10.85 -9.67
C GLN C 993 21.41 11.01 -11.04
N VAL C 994 20.90 11.96 -11.83
CA VAL C 994 21.51 12.27 -13.12
C VAL C 994 22.88 12.91 -12.92
N TRP C 995 22.99 13.78 -11.92
CA TRP C 995 24.25 14.50 -11.72
C TRP C 995 25.39 13.55 -11.40
N LYS C 996 25.13 12.54 -10.58
CA LYS C 996 26.19 11.60 -10.20
C LYS C 996 26.70 10.84 -11.40
N PHE C 997 25.78 10.31 -12.22
CA PHE C 997 26.19 9.60 -13.42
C PHE C 997 26.95 10.51 -14.37
N GLN C 998 26.49 11.75 -14.52
CA GLN C 998 27.20 12.69 -15.37
C GLN C 998 28.60 12.97 -14.83
N ARG C 999 28.72 13.14 -13.51
CA ARG C 999 30.00 13.44 -12.88
C ARG C 999 30.98 12.30 -13.02
N TYR C 1000 30.47 11.06 -13.15
CA TYR C 1000 31.39 9.94 -13.36
C TYR C 1000 32.31 10.21 -14.54
N PHE C 1001 31.75 10.70 -15.65
CA PHE C 1001 32.56 10.94 -16.84
C PHE C 1001 33.60 12.01 -16.60
N LEU C 1002 33.22 13.08 -15.89
CA LEU C 1002 34.18 14.13 -15.59
C LEU C 1002 35.33 13.59 -14.76
N VAL C 1003 35.02 12.78 -13.75
CA VAL C 1003 36.07 12.20 -12.92
C VAL C 1003 36.96 11.29 -13.76
N GLN C 1004 36.35 10.48 -14.63
CA GLN C 1004 37.10 9.54 -15.44
C GLN C 1004 38.05 10.26 -16.38
N GLU C 1005 37.62 11.38 -16.96
CA GLU C 1005 38.42 12.05 -17.98
C GLU C 1005 39.79 12.43 -17.45
N TYR C 1006 39.86 12.93 -16.23
CA TYR C 1006 41.13 13.42 -15.68
C TYR C 1006 42.02 12.31 -15.13
N CYS C 1007 41.51 11.08 -15.01
CA CYS C 1007 42.36 9.97 -14.61
C CYS C 1007 43.42 9.69 -15.68
N ASN C 1008 43.04 9.80 -16.96
CA ASN C 1008 43.94 9.47 -18.06
C ASN C 1008 44.98 10.55 -18.33
N ARG C 1009 44.78 11.76 -17.83
CA ARG C 1009 45.70 12.84 -18.10
C ARG C 1009 47.04 12.60 -17.41
N LEU C 1010 47.98 13.50 -17.65
CA LEU C 1010 49.31 13.43 -17.05
C LEU C 1010 49.43 14.26 -15.78
N ASN C 1011 48.32 14.82 -15.30
CA ASN C 1011 48.31 15.61 -14.06
C ASN C 1011 49.24 16.82 -14.18
N ILE C 1012 49.12 17.52 -15.31
CA ILE C 1012 49.87 18.76 -15.53
C ILE C 1012 48.90 19.80 -16.07
N PRO C 1013 49.10 21.08 -15.79
CA PRO C 1013 48.24 22.10 -16.39
C PRO C 1013 48.31 22.07 -17.91
N PHE C 1014 47.20 22.42 -18.55
CA PHE C 1014 47.09 22.22 -19.99
C PHE C 1014 48.17 22.93 -20.79
N PRO C 1015 48.46 24.22 -20.57
CA PRO C 1015 49.41 24.89 -21.46
C PRO C 1015 50.80 24.30 -21.43
N PHE C 1016 51.19 23.62 -20.35
CA PHE C 1016 52.53 23.08 -20.20
C PHE C 1016 52.60 21.59 -20.47
N VAL C 1017 51.49 20.93 -20.80
CA VAL C 1017 51.51 19.50 -21.09
C VAL C 1017 52.10 19.19 -22.46
N VAL C 1018 52.33 20.20 -23.29
CA VAL C 1018 52.98 19.97 -24.58
C VAL C 1018 54.40 19.44 -24.35
N PHE C 1019 55.11 19.99 -23.37
CA PHE C 1019 56.45 19.50 -23.06
C PHE C 1019 56.41 18.05 -22.61
N ALA C 1020 55.41 17.69 -21.80
CA ALA C 1020 55.27 16.30 -21.39
C ALA C 1020 54.99 15.40 -22.60
N TYR C 1021 54.15 15.86 -23.52
CA TYR C 1021 53.88 15.08 -24.72
C TYR C 1021 55.15 14.87 -25.54
N PHE C 1022 55.95 15.93 -25.71
CA PHE C 1022 57.20 15.79 -26.46
C PHE C 1022 58.15 14.84 -25.76
N TYR C 1023 58.24 14.93 -24.43
CA TYR C 1023 59.08 14.02 -23.67
C TYR C 1023 58.63 12.58 -23.85
N MET C 1024 57.32 12.35 -23.81
CA MET C 1024 56.79 11.00 -24.04
C MET C 1024 57.13 10.51 -25.44
N VAL C 1025 56.98 11.37 -26.45
CA VAL C 1025 57.28 10.98 -27.82
C VAL C 1025 58.74 10.56 -27.93
N VAL C 1026 59.65 11.35 -27.32
CA VAL C 1026 61.06 11.00 -27.35
C VAL C 1026 61.29 9.68 -26.62
N LYS C 1027 60.62 9.49 -25.48
CA LYS C 1027 60.83 8.28 -24.68
C LYS C 1027 60.40 7.03 -25.44
N LYS C 1028 59.26 7.08 -26.13
CA LYS C 1028 58.76 5.90 -26.83
C LYS C 1028 59.74 5.45 -27.92
N CYS C 1029 60.28 6.39 -28.68
CA CYS C 1029 61.22 6.08 -29.75
C CYS C 1029 62.64 6.47 -29.35
N ASN C 1051 43.35 -11.73 -5.78
CA ASN C 1051 43.17 -13.10 -5.31
C ASN C 1051 42.51 -13.10 -3.92
N GLU C 1052 43.19 -12.48 -2.96
CA GLU C 1052 42.62 -12.38 -1.62
C GLU C 1052 41.33 -11.58 -1.62
N THR C 1053 41.29 -10.49 -2.39
CA THR C 1053 40.08 -9.70 -2.50
C THR C 1053 38.92 -10.57 -2.99
N LEU C 1054 39.20 -11.50 -3.90
CA LEU C 1054 38.14 -12.39 -4.39
C LEU C 1054 37.64 -13.30 -3.27
N ALA C 1055 38.53 -13.78 -2.41
CA ALA C 1055 38.09 -14.60 -1.27
C ALA C 1055 37.20 -13.80 -0.34
N TRP C 1056 37.60 -12.56 -0.04
CA TRP C 1056 36.76 -11.70 0.79
C TRP C 1056 35.40 -11.46 0.13
N GLU C 1057 35.41 -11.27 -1.18
CA GLU C 1057 34.16 -11.10 -1.92
C GLU C 1057 33.28 -12.34 -1.78
N GLY C 1058 33.87 -13.53 -1.85
CA GLY C 1058 33.10 -14.74 -1.67
C GLY C 1058 32.49 -14.84 -0.29
N VAL C 1059 33.25 -14.43 0.73
CA VAL C 1059 32.72 -14.43 2.09
C VAL C 1059 31.53 -13.49 2.22
N MET C 1060 31.67 -12.29 1.65
CA MET C 1060 30.57 -11.33 1.69
C MET C 1060 29.35 -11.86 0.95
N LYS C 1061 29.57 -12.53 -0.19
CA LYS C 1061 28.47 -13.16 -0.91
C LYS C 1061 27.81 -14.23 -0.05
N GLU C 1062 28.61 -14.98 0.71
CA GLU C 1062 28.05 -15.98 1.61
C GLU C 1062 27.08 -15.33 2.58
N ASN C 1063 27.51 -14.23 3.21
CA ASN C 1063 26.64 -13.55 4.16
C ASN C 1063 25.39 -13.02 3.47
N TYR C 1064 25.54 -12.46 2.27
CA TYR C 1064 24.39 -11.91 1.54
C TYR C 1064 23.37 -13.00 1.20
N LEU C 1065 23.85 -14.13 0.70
CA LEU C 1065 22.96 -15.23 0.34
C LEU C 1065 22.23 -15.75 1.56
N VAL C 1066 22.93 -15.90 2.68
CA VAL C 1066 22.26 -16.25 3.93
C VAL C 1066 21.16 -15.24 4.21
N LYS C 1067 21.49 -13.95 4.13
CA LYS C 1067 20.56 -12.89 4.51
C LYS C 1067 19.27 -13.00 3.72
N ILE C 1068 19.36 -13.18 2.41
CA ILE C 1068 18.15 -13.20 1.59
C ILE C 1068 17.43 -14.54 1.69
N ASN C 1069 18.15 -15.65 1.55
CA ASN C 1069 17.51 -16.97 1.54
C ASN C 1069 16.76 -17.24 2.84
N THR C 1070 17.48 -17.18 3.97
CA THR C 1070 16.86 -17.55 5.24
C THR C 1070 15.72 -16.60 5.58
N LYS C 1071 15.95 -15.29 5.41
CA LYS C 1071 14.90 -14.32 5.70
C LYS C 1071 13.69 -14.52 4.80
N ALA C 1072 13.88 -14.94 3.56
CA ALA C 1072 12.76 -15.20 2.67
C ALA C 1072 11.95 -16.40 3.13
N ASN C 1073 12.63 -17.50 3.46
CA ASN C 1073 11.92 -18.76 3.71
C ASN C 1073 11.51 -18.94 5.17
N ASP C 1074 12.48 -19.00 6.08
CA ASP C 1074 12.21 -19.46 7.44
C ASP C 1074 11.27 -18.51 8.17
N ASN C 1075 11.45 -17.20 7.98
CA ASN C 1075 10.64 -16.25 8.72
C ASN C 1075 9.16 -16.46 8.47
N SER C 1076 8.79 -16.71 7.21
CA SER C 1076 7.39 -16.97 6.89
C SER C 1076 6.96 -18.38 7.29
N GLU C 1077 7.84 -19.37 7.15
CA GLU C 1077 7.42 -20.76 7.33
C GLU C 1077 7.49 -21.25 8.77
N GLU C 1078 8.06 -20.45 9.69
CA GLU C 1078 8.28 -20.95 11.05
C GLU C 1078 6.97 -21.29 11.75
N MET C 1079 5.97 -20.42 11.66
CA MET C 1079 4.71 -20.65 12.37
C MET C 1079 4.02 -21.91 11.87
N ARG C 1080 3.95 -22.07 10.55
CA ARG C 1080 3.30 -23.24 9.97
C ARG C 1080 4.07 -24.51 10.32
N HIS C 1081 5.40 -24.44 10.31
CA HIS C 1081 6.19 -25.60 10.71
C HIS C 1081 5.95 -25.95 12.16
N ARG C 1082 5.84 -24.95 13.04
CA ARG C 1082 5.55 -25.21 14.44
C ARG C 1082 4.22 -25.93 14.59
N PHE C 1083 3.18 -25.42 13.92
CA PHE C 1083 1.87 -26.07 14.03
C PHE C 1083 1.93 -27.49 13.50
N ARG C 1084 2.58 -27.70 12.37
CA ARG C 1084 2.65 -29.04 11.78
C ARG C 1084 3.38 -30.00 12.71
N GLN C 1085 4.52 -29.57 13.26
CA GLN C 1085 5.27 -30.44 14.16
C GLN C 1085 4.48 -30.75 15.42
N LEU C 1086 3.80 -29.75 15.98
CA LEU C 1086 2.99 -29.99 17.18
C LEU C 1086 1.90 -31.00 16.89
N ASP C 1087 1.20 -30.84 15.76
CA ASP C 1087 0.13 -31.77 15.42
C ASP C 1087 0.68 -33.19 15.22
N SER C 1088 1.80 -33.31 14.50
CA SER C 1088 2.36 -34.63 14.25
C SER C 1088 2.80 -35.31 15.55
N LYS C 1089 3.47 -34.55 16.42
CA LYS C 1089 3.91 -35.12 17.68
C LYS C 1089 2.74 -35.55 18.55
N LEU C 1090 1.69 -34.71 18.62
CA LEU C 1090 0.53 -35.06 19.42
C LEU C 1090 -0.16 -36.30 18.86
N ASN C 1091 -0.28 -36.40 17.53
CA ASN C 1091 -0.89 -37.58 16.94
C ASN C 1091 -0.07 -38.83 17.22
N ASP C 1092 1.25 -38.74 17.12
CA ASP C 1092 2.10 -39.89 17.41
C ASP C 1092 1.97 -40.31 18.86
N LEU C 1093 1.95 -39.35 19.78
CA LEU C 1093 1.78 -39.68 21.20
C LEU C 1093 0.42 -40.31 21.46
N LYS C 1094 -0.63 -39.81 20.80
CA LYS C 1094 -1.95 -40.40 20.95
C LYS C 1094 -1.97 -41.84 20.44
N SER C 1095 -1.32 -42.09 19.31
CA SER C 1095 -1.26 -43.46 18.78
C SER C 1095 -0.50 -44.36 19.74
N LEU C 1096 0.60 -43.88 20.31
CA LEU C 1096 1.35 -44.69 21.27
C LEU C 1096 0.52 -44.98 22.51
N LEU C 1097 -0.23 -43.98 22.98
CA LEU C 1097 -1.10 -44.20 24.14
C LEU C 1097 -2.19 -45.22 23.81
N LYS C 1098 -2.76 -45.15 22.62
CA LYS C 1098 -3.74 -46.15 22.21
C LYS C 1098 -3.12 -47.54 22.18
N GLU C 1099 -1.89 -47.64 21.67
CA GLU C 1099 -1.22 -48.94 21.63
C GLU C 1099 -1.00 -49.49 23.04
N ILE C 1100 -0.54 -48.65 23.96
CA ILE C 1100 -0.28 -49.13 25.31
C ILE C 1100 -1.60 -49.50 26.00
N ALA C 1101 -2.66 -48.74 25.74
CA ALA C 1101 -3.97 -49.08 26.29
C ALA C 1101 -4.46 -50.42 25.77
N ASN C 1102 -4.29 -50.67 24.48
CA ASN C 1102 -4.64 -51.97 23.92
C ASN C 1102 -3.81 -53.08 24.54
N ASN C 1103 -2.52 -52.82 24.76
CA ASN C 1103 -1.67 -53.82 25.39
C ASN C 1103 -2.14 -54.12 26.81
N ILE C 1104 -2.64 -53.11 27.52
CA ILE C 1104 -3.09 -53.32 28.89
C ILE C 1104 -4.22 -54.32 28.93
N LYS C 1105 -5.20 -54.17 28.03
CA LYS C 1105 -6.34 -55.08 27.97
C LYS C 1105 -6.07 -56.22 26.99
N ASP D 41 66.50 -22.56 17.26
CA ASP D 41 66.26 -22.35 18.69
C ASP D 41 65.10 -23.22 19.17
N LEU D 42 63.87 -22.78 18.86
CA LEU D 42 62.70 -23.52 19.27
C LEU D 42 62.66 -24.91 18.64
N VAL D 43 62.98 -25.01 17.35
CA VAL D 43 62.97 -26.31 16.68
C VAL D 43 63.99 -27.25 17.30
N ASN D 44 65.20 -26.75 17.56
CA ASN D 44 66.22 -27.57 18.20
C ASN D 44 65.78 -27.99 19.59
N PHE D 45 65.13 -27.09 20.33
CA PHE D 45 64.64 -27.43 21.66
C PHE D 45 63.60 -28.54 21.58
N ILE D 46 62.69 -28.46 20.62
CA ILE D 46 61.67 -29.51 20.46
C ILE D 46 62.33 -30.83 20.12
N GLN D 47 63.28 -30.82 19.19
CA GLN D 47 63.96 -32.04 18.79
C GLN D 47 64.69 -32.67 19.98
N ALA D 48 65.37 -31.85 20.78
CA ALA D 48 66.05 -32.36 21.96
C ALA D 48 65.06 -32.93 22.97
N ASN D 49 63.93 -32.24 23.16
CA ASN D 49 62.95 -32.71 24.13
C ASN D 49 62.40 -34.08 23.73
N PHE D 50 62.10 -34.27 22.45
CA PHE D 50 61.59 -35.56 22.00
C PHE D 50 62.71 -36.60 21.92
N LYS D 51 63.90 -36.18 21.51
CA LYS D 51 65.03 -37.10 21.40
C LYS D 51 64.75 -38.20 20.39
N ASP D 102 63.77 -36.58 14.81
CA ASP D 102 62.89 -35.42 14.70
C ASP D 102 61.68 -35.75 13.82
N ALA D 103 61.91 -35.83 12.51
CA ALA D 103 60.86 -36.13 11.55
C ALA D 103 59.72 -35.12 11.65
N PHE D 104 60.07 -33.85 11.88
CA PHE D 104 59.11 -32.77 11.97
C PHE D 104 59.51 -31.67 11.01
N GLY D 105 58.51 -31.06 10.37
CA GLY D 105 58.78 -30.00 9.42
C GLY D 105 57.73 -28.90 9.43
N ASP D 106 58.17 -27.66 9.28
CA ASP D 106 57.24 -26.54 9.13
C ASP D 106 56.65 -26.59 7.72
N ILE D 107 55.75 -27.55 7.51
CA ILE D 107 55.21 -27.80 6.17
C ILE D 107 54.47 -26.57 5.65
N GLN D 108 54.72 -26.24 4.39
CA GLN D 108 54.03 -25.15 3.70
C GLN D 108 53.79 -25.58 2.26
N PHE D 109 52.53 -25.63 1.83
CA PHE D 109 52.21 -26.08 0.49
C PHE D 109 52.38 -24.94 -0.51
N GLY D 116 50.48 -25.54 8.13
CA GLY D 116 51.35 -24.48 8.62
C GLY D 116 52.59 -25.01 9.32
N LYS D 117 52.38 -25.70 10.45
CA LYS D 117 53.49 -26.29 11.21
C LYS D 117 53.07 -27.67 11.67
N TYR D 118 53.79 -28.69 11.21
CA TYR D 118 53.51 -30.07 11.55
C TYR D 118 54.58 -30.61 12.49
N LEU D 119 54.15 -31.43 13.44
CA LEU D 119 55.06 -32.02 14.42
C LEU D 119 54.68 -33.46 14.68
N ARG D 120 55.63 -34.21 15.23
CA ARG D 120 55.44 -35.60 15.62
C ARG D 120 55.57 -35.73 17.13
N LEU D 121 54.72 -36.56 17.73
CA LEU D 121 54.69 -36.75 19.18
C LEU D 121 54.57 -38.23 19.50
N SER D 122 55.14 -38.63 20.63
CA SER D 122 55.02 -39.99 21.11
C SER D 122 53.76 -40.14 21.95
N CYS D 123 53.17 -41.34 21.91
CA CYS D 123 51.97 -41.60 22.68
C CYS D 123 52.19 -41.38 24.17
N ASP D 124 53.42 -41.57 24.65
CA ASP D 124 53.76 -41.38 26.05
C ASP D 124 54.25 -39.97 26.34
N THR D 125 54.23 -39.08 25.36
CA THR D 125 54.74 -37.73 25.57
C THR D 125 53.93 -37.00 26.64
N ASP D 126 54.65 -36.26 27.49
CA ASP D 126 54.00 -35.48 28.55
C ASP D 126 53.12 -34.38 27.95
N SER D 127 51.92 -34.24 28.51
CA SER D 127 50.98 -33.24 28.03
C SER D 127 51.47 -31.82 28.33
N GLU D 128 52.03 -31.62 29.52
CA GLU D 128 52.53 -30.30 29.89
C GLU D 128 53.56 -29.80 28.90
N THR D 129 54.36 -30.71 28.32
CA THR D 129 55.31 -30.28 27.31
C THR D 129 54.61 -29.67 26.10
N LEU D 130 53.53 -30.31 25.64
CA LEU D 130 52.77 -29.76 24.52
C LEU D 130 52.19 -28.40 24.87
N TYR D 131 51.57 -28.28 26.05
CA TYR D 131 50.96 -27.00 26.40
C TYR D 131 52.02 -25.91 26.51
N GLU D 132 53.16 -26.23 27.12
CA GLU D 132 54.24 -25.26 27.24
C GLU D 132 54.76 -24.82 25.88
N LEU D 133 54.97 -25.78 24.98
CA LEU D 133 55.43 -25.44 23.64
C LEU D 133 54.45 -24.51 22.95
N LEU D 134 53.16 -24.83 23.02
CA LEU D 134 52.17 -23.98 22.35
C LEU D 134 52.13 -22.58 22.95
N THR D 135 52.19 -22.48 24.28
CA THR D 135 52.03 -21.17 24.91
C THR D 135 53.26 -20.30 24.74
N GLN D 136 54.46 -20.87 24.93
CA GLN D 136 55.67 -20.07 25.02
C GLN D 136 56.37 -19.86 23.68
N HIS D 137 55.95 -20.56 22.63
CA HIS D 137 56.60 -20.44 21.32
C HIS D 137 55.65 -19.92 20.25
N TRP D 138 54.47 -20.52 20.10
CA TRP D 138 53.60 -20.27 18.95
C TRP D 138 52.39 -19.42 19.30
N HIS D 139 51.59 -19.84 20.28
CA HIS D 139 50.28 -19.26 20.51
C HIS D 139 50.16 -18.66 21.90
N LEU D 140 49.22 -17.72 22.03
CA LEU D 140 48.87 -17.12 23.30
C LEU D 140 47.80 -17.96 23.99
N LYS D 141 47.81 -17.93 25.32
CA LYS D 141 46.85 -18.73 26.08
C LYS D 141 45.43 -18.37 25.67
N THR D 142 44.60 -19.40 25.50
CA THR D 142 43.27 -19.23 24.92
C THR D 142 42.21 -19.36 25.99
N PRO D 143 41.37 -18.34 26.19
CA PRO D 143 40.29 -18.48 27.19
C PRO D 143 39.33 -19.62 26.91
N ASN D 144 39.07 -19.94 25.65
CA ASN D 144 38.03 -20.90 25.29
C ASN D 144 38.58 -21.98 24.37
N LEU D 145 38.15 -23.22 24.61
CA LEU D 145 38.53 -24.37 23.80
C LEU D 145 37.29 -25.09 23.31
N VAL D 146 37.34 -25.57 22.08
CA VAL D 146 36.29 -26.37 21.48
C VAL D 146 36.93 -27.60 20.86
N ILE D 147 36.32 -28.76 21.06
CA ILE D 147 36.81 -30.02 20.52
C ILE D 147 35.72 -30.59 19.63
N SER D 148 35.97 -30.62 18.33
CA SER D 148 35.02 -31.17 17.37
C SER D 148 35.45 -32.58 17.00
N VAL D 149 34.55 -33.54 17.20
CA VAL D 149 34.88 -34.94 16.96
C VAL D 149 35.07 -35.15 15.45
N THR D 150 36.19 -35.78 15.09
CA THR D 150 36.55 -36.01 13.70
C THR D 150 36.75 -37.50 13.46
N GLY D 151 36.75 -37.87 12.17
CA GLY D 151 36.90 -39.25 11.77
C GLY D 151 35.62 -40.05 11.77
N GLY D 152 34.51 -39.47 12.20
CA GLY D 152 33.27 -40.22 12.23
C GLY D 152 32.81 -40.65 10.85
N ALA D 153 32.88 -39.72 9.89
CA ALA D 153 32.47 -39.98 8.52
C ALA D 153 33.60 -39.61 7.58
N LYS D 154 33.94 -40.53 6.67
CA LYS D 154 34.96 -40.22 5.67
C LYS D 154 34.48 -39.14 4.72
N ASN D 155 33.20 -39.15 4.37
CA ASN D 155 32.59 -38.15 3.51
C ASN D 155 31.62 -37.30 4.32
N PHE D 156 31.65 -35.99 4.06
CA PHE D 156 30.83 -35.03 4.78
C PHE D 156 29.90 -34.33 3.79
N ALA D 157 28.64 -34.17 4.19
CA ALA D 157 27.64 -33.49 3.38
C ALA D 157 27.52 -32.05 3.82
N LEU D 158 27.70 -31.13 2.87
CA LEU D 158 27.64 -29.70 3.16
C LEU D 158 26.18 -29.25 3.15
N LYS D 159 25.44 -29.76 4.13
CA LYS D 159 24.05 -29.36 4.29
C LYS D 159 23.97 -27.99 4.95
N PRO D 160 23.04 -27.13 4.53
CA PRO D 160 22.96 -25.80 5.15
C PRO D 160 22.79 -25.85 6.66
N ARG D 161 21.97 -26.79 7.16
CA ARG D 161 21.81 -26.95 8.60
C ARG D 161 23.13 -27.29 9.27
N MET D 162 23.86 -28.24 8.68
CA MET D 162 25.15 -28.67 9.23
C MET D 162 26.29 -27.72 8.89
N ARG D 163 26.07 -26.79 7.95
CA ARG D 163 27.12 -25.89 7.49
C ARG D 163 27.11 -24.57 8.24
N LYS D 164 25.95 -23.91 8.30
CA LYS D 164 25.88 -22.62 8.96
C LYS D 164 26.22 -22.74 10.44
N ILE D 165 25.90 -23.87 11.07
CA ILE D 165 26.24 -24.05 12.48
C ILE D 165 27.75 -23.96 12.68
N PHE D 166 28.51 -24.67 11.85
CA PHE D 166 29.96 -24.64 12.01
C PHE D 166 30.55 -23.30 11.57
N SER D 167 29.97 -22.65 10.57
CA SER D 167 30.43 -21.31 10.22
C SER D 167 30.26 -20.36 11.41
N ARG D 168 29.10 -20.41 12.06
CA ARG D 168 28.87 -19.58 13.23
C ARG D 168 29.80 -19.95 14.38
N LEU D 169 30.07 -21.25 14.55
CA LEU D 169 30.99 -21.68 15.60
C LEU D 169 32.38 -21.11 15.37
N ILE D 170 32.84 -21.14 14.12
CA ILE D 170 34.16 -20.60 13.81
C ILE D 170 34.17 -19.08 14.02
N TYR D 171 33.08 -18.41 13.65
CA TYR D 171 33.00 -16.98 13.89
C TYR D 171 33.09 -16.67 15.38
N ILE D 172 32.39 -17.45 16.20
CA ILE D 172 32.44 -17.27 17.65
C ILE D 172 33.85 -17.49 18.18
N ALA D 173 34.51 -18.55 17.70
CA ALA D 173 35.87 -18.83 18.15
C ALA D 173 36.81 -17.70 17.79
N GLN D 174 36.66 -17.14 16.59
CA GLN D 174 37.47 -15.98 16.22
C GLN D 174 37.18 -14.80 17.12
N SER D 175 35.90 -14.57 17.42
CA SER D 175 35.54 -13.44 18.27
C SER D 175 36.17 -13.57 19.66
N LYS D 176 36.13 -14.77 20.23
CA LYS D 176 36.68 -15.00 21.57
C LYS D 176 38.10 -15.57 21.54
N GLY D 177 38.71 -15.70 20.37
CA GLY D 177 40.07 -16.22 20.30
C GLY D 177 40.21 -17.61 20.85
N ALA D 178 39.28 -18.50 20.53
CA ALA D 178 39.28 -19.86 21.06
C ALA D 178 40.11 -20.79 20.18
N TRP D 179 40.46 -21.93 20.75
CA TRP D 179 41.06 -23.03 20.00
C TRP D 179 39.98 -23.98 19.52
N ILE D 180 40.23 -24.61 18.38
CA ILE D 180 39.38 -25.68 17.87
C ILE D 180 40.26 -26.88 17.56
N LEU D 181 39.89 -28.04 18.10
CA LEU D 181 40.66 -29.26 17.93
C LEU D 181 39.89 -30.22 17.04
N THR D 182 40.51 -30.65 15.95
CA THR D 182 39.90 -31.54 14.98
C THR D 182 40.94 -32.59 14.57
N GLY D 183 40.46 -33.57 13.79
CA GLY D 183 41.36 -34.61 13.30
C GLY D 183 42.38 -34.07 12.31
N GLY D 184 41.94 -33.23 11.38
CA GLY D 184 42.83 -32.68 10.37
C GLY D 184 42.87 -33.43 9.06
N THR D 185 41.98 -34.39 8.86
CA THR D 185 41.97 -35.14 7.61
C THR D 185 41.56 -34.23 6.45
N HIS D 186 42.10 -34.53 5.27
CA HIS D 186 41.75 -33.75 4.09
C HIS D 186 40.30 -33.95 3.69
N TYR D 187 39.78 -35.16 3.87
CA TYR D 187 38.44 -35.50 3.43
C TYR D 187 37.47 -35.43 4.61
N GLY D 188 36.34 -34.74 4.42
CA GLY D 188 35.30 -34.69 5.41
C GLY D 188 35.08 -33.27 5.92
N LEU D 189 34.65 -33.17 7.17
CA LEU D 189 34.36 -31.87 7.77
C LEU D 189 35.62 -31.08 8.05
N MET D 190 36.75 -31.77 8.25
CA MET D 190 38.00 -31.08 8.58
C MET D 190 38.41 -30.12 7.46
N LYS D 191 38.27 -30.56 6.20
CA LYS D 191 38.63 -29.69 5.08
C LYS D 191 37.73 -28.46 5.05
N TYR D 192 36.43 -28.64 5.29
CA TYR D 192 35.51 -27.50 5.31
C TYR D 192 35.89 -26.52 6.40
N ILE D 193 36.22 -27.02 7.60
CA ILE D 193 36.61 -26.13 8.69
C ILE D 193 37.90 -25.40 8.32
N GLY D 194 38.85 -26.11 7.72
CA GLY D 194 40.09 -25.47 7.31
C GLY D 194 39.87 -24.37 6.30
N GLU D 195 39.01 -24.61 5.32
CA GLU D 195 38.69 -23.58 4.32
C GLU D 195 38.02 -22.38 4.98
N VAL D 196 37.10 -22.63 5.92
CA VAL D 196 36.43 -21.54 6.61
C VAL D 196 37.45 -20.70 7.37
N VAL D 197 38.36 -21.36 8.08
CA VAL D 197 39.39 -20.65 8.83
C VAL D 197 40.27 -19.84 7.89
N ARG D 198 40.65 -20.44 6.75
CA ARG D 198 41.51 -19.75 5.80
C ARG D 198 40.83 -18.48 5.28
N ASP D 199 39.56 -18.58 4.91
CA ASP D 199 38.87 -17.40 4.40
C ASP D 199 38.69 -16.35 5.48
N ASN D 200 38.39 -16.77 6.71
CA ASN D 200 38.26 -15.81 7.80
C ASN D 200 39.57 -15.08 8.05
N THR D 201 40.69 -15.80 8.03
CA THR D 201 41.99 -15.15 8.15
C THR D 201 42.23 -14.18 6.99
N ILE D 202 41.84 -14.59 5.78
CA ILE D 202 41.90 -13.67 4.65
C ILE D 202 40.97 -12.49 4.88
N SER D 203 39.77 -12.76 5.40
CA SER D 203 38.82 -11.72 5.72
C SER D 203 39.31 -10.84 6.87
N GLU D 208 44.96 -15.76 12.02
CA GLU D 208 45.71 -14.87 12.89
C GLU D 208 45.09 -14.83 14.28
N ASN D 209 43.95 -14.15 14.40
CA ASN D 209 43.23 -14.11 15.68
C ASN D 209 42.55 -15.43 16.00
N ILE D 210 42.33 -16.29 15.01
CA ILE D 210 41.72 -17.60 15.22
C ILE D 210 42.79 -18.67 15.03
N VAL D 211 42.85 -19.62 15.95
CA VAL D 211 43.83 -20.70 15.92
C VAL D 211 43.11 -22.04 15.88
N ALA D 212 43.48 -22.87 14.92
CA ALA D 212 42.95 -24.23 14.77
C ALA D 212 44.11 -25.21 14.82
N ILE D 213 43.95 -26.26 15.63
CA ILE D 213 45.00 -27.27 15.81
C ILE D 213 44.40 -28.63 15.47
N GLY D 214 45.13 -29.41 14.68
CA GLY D 214 44.68 -30.73 14.28
C GLY D 214 45.57 -31.80 14.89
N ILE D 215 44.96 -32.95 15.18
CA ILE D 215 45.64 -34.09 15.77
C ILE D 215 45.50 -35.28 14.83
N ALA D 216 46.64 -35.88 14.46
CA ALA D 216 46.67 -36.99 13.51
C ALA D 216 47.53 -38.11 14.07
N ALA D 217 47.72 -39.15 13.26
CA ALA D 217 48.53 -40.31 13.61
C ALA D 217 49.70 -40.39 12.64
N TRP D 218 50.92 -40.34 13.16
CA TRP D 218 52.11 -40.32 12.31
C TRP D 218 52.24 -41.61 11.50
N GLY D 219 51.73 -42.73 12.02
CA GLY D 219 51.81 -43.98 11.30
C GLY D 219 50.77 -44.11 10.22
N MET D 220 49.55 -43.62 10.50
CA MET D 220 48.47 -43.71 9.53
C MET D 220 48.62 -42.72 8.39
N VAL D 221 49.20 -41.55 8.66
CA VAL D 221 49.32 -40.49 7.65
C VAL D 221 50.32 -40.91 6.59
N SER D 222 50.33 -40.20 5.46
CA SER D 222 51.27 -40.48 4.40
C SER D 222 52.69 -40.14 4.86
N ASN D 223 53.66 -40.76 4.20
CA ASN D 223 55.06 -40.53 4.53
C ASN D 223 55.40 -39.06 4.42
N ARG D 224 56.06 -38.52 5.44
CA ARG D 224 56.46 -37.12 5.49
C ARG D 224 57.98 -37.04 5.48
N ASP D 225 58.50 -36.13 4.66
CA ASP D 225 59.94 -35.98 4.53
C ASP D 225 60.55 -35.54 5.87
N THR D 226 61.63 -36.21 6.26
CA THR D 226 62.30 -35.87 7.51
C THR D 226 62.96 -34.51 7.41
N LEU D 227 63.01 -33.81 8.55
CA LEU D 227 63.66 -32.52 8.63
C LEU D 227 65.16 -32.64 8.41
N PHE D 237 64.86 -28.61 5.73
CA PHE D 237 64.20 -28.06 6.90
C PHE D 237 62.69 -28.10 6.75
N SER D 238 62.14 -27.10 6.06
CA SER D 238 60.69 -27.01 5.85
C SER D 238 60.33 -27.75 4.57
N ALA D 239 60.15 -29.06 4.71
CA ALA D 239 59.76 -29.89 3.59
C ALA D 239 58.35 -29.56 3.13
N GLN D 240 58.08 -29.78 1.85
CA GLN D 240 56.80 -29.47 1.23
C GLN D 240 56.17 -30.73 0.67
N TYR D 241 54.87 -30.88 0.88
CA TYR D 241 54.11 -32.02 0.41
C TYR D 241 52.84 -31.52 -0.27
N ILE D 242 52.55 -32.05 -1.46
CA ILE D 242 51.37 -31.67 -2.22
C ILE D 242 50.68 -32.95 -2.69
N MET D 243 49.36 -33.02 -2.48
CA MET D 243 48.59 -34.18 -2.89
C MET D 243 47.11 -33.99 -2.54
N LEU D 251 47.75 -44.02 3.06
CA LEU D 251 46.43 -44.55 3.38
C LEU D 251 45.51 -43.47 3.91
N TYR D 252 46.11 -42.39 4.43
CA TYR D 252 45.37 -41.27 4.98
C TYR D 252 45.79 -39.98 4.28
N ILE D 253 44.84 -39.04 4.18
CA ILE D 253 45.06 -37.74 3.57
C ILE D 253 44.80 -36.67 4.62
N LEU D 254 45.73 -35.73 4.77
CA LEU D 254 45.63 -34.66 5.75
C LEU D 254 45.45 -33.33 5.04
N ASP D 255 44.58 -32.48 5.61
CA ASP D 255 44.28 -31.19 4.98
C ASP D 255 45.49 -30.28 4.97
N ASN D 256 46.07 -30.02 6.14
CA ASN D 256 47.11 -29.02 6.29
C ASN D 256 46.57 -27.60 6.11
N ASN D 257 45.24 -27.44 6.08
CA ASN D 257 44.64 -26.11 6.12
C ASN D 257 44.68 -25.54 7.53
N HIS D 258 44.68 -26.41 8.54
CA HIS D 258 44.85 -25.98 9.92
C HIS D 258 46.27 -25.46 10.12
N THR D 259 46.40 -24.44 10.97
CA THR D 259 47.70 -23.79 11.14
C THR D 259 48.73 -24.75 11.70
N HIS D 260 48.35 -25.58 12.67
CA HIS D 260 49.27 -26.48 13.35
C HIS D 260 48.68 -27.88 13.39
N LEU D 261 49.51 -28.88 13.12
CA LEU D 261 49.10 -30.28 13.14
C LEU D 261 50.11 -31.10 13.94
N LEU D 262 49.58 -32.10 14.65
CA LEU D 262 50.38 -33.00 15.47
C LEU D 262 50.05 -34.43 15.07
N LEU D 263 51.09 -35.24 14.84
CA LEU D 263 50.95 -36.63 14.47
C LEU D 263 51.35 -37.52 15.64
N VAL D 264 50.74 -38.70 15.71
CA VAL D 264 50.95 -39.62 16.81
C VAL D 264 52.03 -40.62 16.42
N ASP D 265 53.15 -40.61 17.14
CA ASP D 265 54.28 -41.48 16.84
C ASP D 265 54.00 -42.90 17.34
N ASN D 266 52.95 -43.49 16.80
CA ASN D 266 52.61 -44.86 17.14
C ASN D 266 53.71 -45.80 16.67
N GLY D 267 53.93 -46.87 17.45
CA GLY D 267 54.98 -47.81 17.11
C GLY D 267 54.79 -48.43 15.74
N CYS D 268 53.56 -48.86 15.44
CA CYS D 268 53.23 -49.48 14.17
C CYS D 268 52.06 -48.75 13.54
N HIS D 269 52.21 -48.37 12.27
CA HIS D 269 51.12 -47.70 11.57
C HIS D 269 49.91 -48.61 11.47
N GLY D 270 48.74 -48.06 11.77
CA GLY D 270 47.51 -48.81 11.72
C GLY D 270 46.32 -47.92 11.47
N HIS D 271 45.32 -48.47 10.79
CA HIS D 271 44.10 -47.71 10.54
C HIS D 271 43.38 -47.31 11.81
N PRO D 272 43.17 -48.18 12.81
CA PRO D 272 42.44 -47.75 14.00
C PRO D 272 43.15 -46.63 14.73
N THR D 273 42.35 -45.75 15.34
CA THR D 273 42.89 -44.59 16.02
C THR D 273 43.86 -45.02 17.12
N VAL D 274 45.03 -44.40 17.15
CA VAL D 274 46.06 -44.70 18.15
C VAL D 274 46.52 -43.40 18.78
N GLU D 275 45.67 -42.37 18.72
CA GLU D 275 46.00 -41.05 19.25
C GLU D 275 44.93 -40.47 20.17
N ALA D 276 43.77 -41.10 20.29
CA ALA D 276 42.73 -40.59 21.17
C ALA D 276 43.23 -40.41 22.60
N LYS D 277 44.15 -41.26 23.03
CA LYS D 277 44.71 -41.14 24.38
C LYS D 277 45.37 -39.78 24.57
N LEU D 278 46.18 -39.36 23.60
CA LEU D 278 46.84 -38.06 23.70
C LEU D 278 45.83 -36.93 23.72
N ARG D 279 44.80 -37.02 22.89
CA ARG D 279 43.77 -35.98 22.86
C ARG D 279 43.09 -35.84 24.22
N ASN D 280 42.67 -36.97 24.79
CA ASN D 280 41.99 -36.94 26.08
C ASN D 280 42.91 -36.41 27.17
N GLN D 281 44.18 -36.86 27.16
CA GLN D 281 45.13 -36.38 28.16
C GLN D 281 45.33 -34.88 28.04
N LEU D 282 45.45 -34.38 26.81
CA LEU D 282 45.69 -32.96 26.61
C LEU D 282 44.50 -32.12 27.08
N GLU D 283 43.28 -32.53 26.71
CA GLU D 283 42.12 -31.77 27.15
C GLU D 283 42.00 -31.79 28.67
N LYS D 284 42.20 -32.96 29.29
CA LYS D 284 42.13 -33.04 30.74
C LYS D 284 43.18 -32.14 31.39
N TYR D 285 44.41 -32.17 30.88
CA TYR D 285 45.45 -31.32 31.44
C TYR D 285 45.11 -29.85 31.30
N ILE D 286 44.63 -29.44 30.13
CA ILE D 286 44.28 -28.04 29.93
C ILE D 286 43.21 -27.63 30.93
N SER D 287 42.25 -28.51 31.19
CA SER D 287 41.25 -28.19 32.21
C SER D 287 41.91 -27.95 33.57
N GLU D 288 42.99 -28.67 33.87
CA GLU D 288 43.67 -28.53 35.14
C GLU D 288 44.65 -27.36 35.12
N ARG D 289 44.17 -26.18 34.78
CA ARG D 289 44.98 -24.96 34.80
C ARG D 289 44.05 -23.78 35.04
N THR D 290 44.65 -22.66 35.46
CA THR D 290 43.90 -21.48 35.88
C THR D 290 44.26 -20.29 35.00
N SER D 291 43.23 -19.57 34.56
CA SER D 291 43.39 -18.32 33.82
C SER D 291 42.45 -17.28 34.42
N GLN D 292 43.03 -16.21 34.96
CA GLN D 292 42.24 -15.20 35.65
C GLN D 292 41.48 -14.29 34.69
N ASP D 293 42.04 -14.05 33.50
CA ASP D 293 41.44 -13.11 32.57
C ASP D 293 40.00 -13.50 32.22
N SER D 294 39.75 -14.80 32.07
CA SER D 294 38.45 -15.24 31.59
C SER D 294 37.37 -15.00 32.64
N ASN D 295 36.13 -14.83 32.16
CA ASN D 295 35.00 -14.67 33.06
C ASN D 295 34.72 -15.94 33.83
N TYR D 296 35.08 -17.10 33.26
CA TYR D 296 34.95 -18.36 33.97
C TYR D 296 35.71 -18.30 35.28
N GLY D 297 35.35 -19.20 36.20
CA GLY D 297 35.88 -19.09 37.55
C GLY D 297 37.27 -19.66 37.68
N GLY D 298 38.25 -18.96 37.12
CA GLY D 298 39.63 -19.40 37.25
C GLY D 298 39.94 -20.69 36.56
N LYS D 299 39.17 -21.08 35.55
CA LYS D 299 39.44 -22.26 34.75
C LYS D 299 39.14 -21.95 33.29
N ILE D 300 39.71 -22.78 32.41
CA ILE D 300 39.55 -22.62 30.97
C ILE D 300 38.42 -23.54 30.52
N PRO D 301 37.30 -23.01 30.02
CA PRO D 301 36.20 -23.89 29.58
C PRO D 301 36.62 -24.80 28.43
N ILE D 302 36.07 -26.02 28.45
CA ILE D 302 36.32 -27.03 27.41
C ILE D 302 34.99 -27.71 27.10
N VAL D 303 34.45 -27.51 25.90
CA VAL D 303 33.17 -28.09 25.52
C VAL D 303 33.34 -28.91 24.25
N CYS D 304 32.81 -30.13 24.26
CA CYS D 304 32.87 -31.00 23.10
C CYS D 304 31.81 -30.58 22.08
N PHE D 305 32.09 -30.84 20.80
CA PHE D 305 31.12 -30.63 19.71
C PHE D 305 31.00 -31.93 18.92
N ALA D 306 29.96 -32.71 19.19
CA ALA D 306 29.69 -33.95 18.49
C ALA D 306 28.47 -33.76 17.60
N GLN D 307 28.72 -33.49 16.32
CA GLN D 307 27.67 -33.39 15.31
C GLN D 307 27.62 -34.60 14.39
N GLY D 308 28.77 -35.13 14.00
CA GLY D 308 28.86 -36.35 13.24
C GLY D 308 29.19 -37.54 14.12
N GLY D 309 28.19 -38.37 14.42
CA GLY D 309 28.38 -39.48 15.33
C GLY D 309 29.14 -40.64 14.71
N GLY D 310 29.56 -41.55 15.57
CA GLY D 310 30.30 -42.71 15.13
C GLY D 310 30.75 -43.52 16.34
N ARG D 311 31.48 -44.59 16.06
CA ARG D 311 31.99 -45.43 17.14
C ARG D 311 33.01 -44.68 17.98
N GLU D 312 34.09 -44.21 17.35
CA GLU D 312 35.09 -43.46 18.08
C GLU D 312 34.50 -42.19 18.68
N THR D 313 33.50 -41.60 18.03
CA THR D 313 32.82 -40.44 18.60
C THR D 313 32.12 -40.81 19.90
N LEU D 314 31.44 -41.95 19.91
CA LEU D 314 30.79 -42.41 21.14
C LEU D 314 31.82 -42.66 22.23
N LYS D 315 32.94 -43.28 21.88
CA LYS D 315 33.97 -43.55 22.88
C LYS D 315 34.53 -42.24 23.44
N ALA D 316 34.74 -41.25 22.57
CA ALA D 316 35.25 -39.96 23.02
C ALA D 316 34.26 -39.29 23.96
N ILE D 317 32.96 -39.36 23.65
CA ILE D 317 31.95 -38.77 24.52
C ILE D 317 31.92 -39.46 25.88
N ASN D 318 32.00 -40.80 25.88
CA ASN D 318 32.04 -41.54 27.13
C ASN D 318 33.26 -41.16 27.96
N THR D 319 34.41 -41.04 27.31
CA THR D 319 35.60 -40.58 28.03
C THR D 319 35.44 -39.14 28.50
N SER D 320 34.68 -38.33 27.76
CA SER D 320 34.45 -36.96 28.17
C SER D 320 33.72 -36.91 29.51
N VAL D 321 32.72 -37.77 29.68
CA VAL D 321 32.02 -37.77 30.98
C VAL D 321 33.02 -38.01 32.11
N LYS D 322 33.89 -39.01 31.95
CA LYS D 322 34.91 -39.25 32.97
C LYS D 322 35.82 -38.04 33.14
N SER D 323 36.11 -37.34 32.04
CA SER D 323 36.90 -36.12 32.09
C SER D 323 36.16 -34.98 32.77
N LYS D 324 34.86 -35.12 33.01
CA LYS D 324 34.06 -34.10 33.67
C LYS D 324 34.09 -32.78 32.89
N ILE D 325 33.97 -32.88 31.58
CA ILE D 325 33.93 -31.70 30.72
C ILE D 325 32.63 -31.69 29.94
N PRO D 326 32.00 -30.53 29.71
CA PRO D 326 30.74 -30.51 28.96
C PRO D 326 30.91 -30.96 27.52
N CYS D 327 29.87 -31.59 27.00
CA CYS D 327 29.77 -31.97 25.60
C CYS D 327 28.43 -31.51 25.06
N VAL D 328 28.42 -31.08 23.80
CA VAL D 328 27.22 -30.66 23.09
C VAL D 328 27.08 -31.54 21.86
N VAL D 329 25.88 -32.10 21.67
CA VAL D 329 25.60 -33.04 20.59
C VAL D 329 24.52 -32.45 19.70
N VAL D 330 24.73 -32.53 18.39
CA VAL D 330 23.75 -32.03 17.44
C VAL D 330 22.63 -33.04 17.27
N GLU D 331 21.42 -32.54 17.02
CA GLU D 331 20.26 -33.37 16.78
C GLU D 331 19.70 -33.09 15.40
N GLY D 332 19.11 -34.11 14.79
CA GLY D 332 18.62 -34.02 13.44
C GLY D 332 19.66 -34.28 12.37
N SER D 333 20.89 -34.60 12.76
CA SER D 333 21.96 -34.86 11.80
C SER D 333 23.01 -35.73 12.48
N GLY D 334 23.84 -36.35 11.66
CA GLY D 334 24.91 -37.18 12.17
C GLY D 334 24.55 -38.65 12.15
N GLN D 335 25.57 -39.50 11.97
CA GLN D 335 25.34 -40.94 11.93
C GLN D 335 24.80 -41.45 13.27
N ILE D 336 25.47 -41.11 14.36
CA ILE D 336 25.08 -41.55 15.69
C ILE D 336 24.59 -40.42 16.57
N ALA D 337 24.83 -39.16 16.19
CA ALA D 337 24.40 -38.04 17.03
C ALA D 337 22.89 -38.04 17.19
N ASP D 338 22.15 -38.33 16.12
CA ASP D 338 20.70 -38.39 16.21
C ASP D 338 20.25 -39.43 17.21
N VAL D 339 21.00 -40.54 17.32
CA VAL D 339 20.66 -41.59 18.27
C VAL D 339 20.73 -41.05 19.69
N ILE D 340 21.79 -40.31 20.01
CA ILE D 340 21.93 -39.71 21.32
C ILE D 340 20.80 -38.73 21.58
N ALA D 341 20.55 -37.84 20.61
CA ALA D 341 19.50 -36.83 20.76
C ALA D 341 18.14 -37.46 20.98
N SER D 342 17.87 -38.61 20.37
CA SER D 342 16.62 -39.31 20.59
C SER D 342 16.61 -40.04 21.93
N LEU D 343 17.77 -40.60 22.33
CA LEU D 343 17.82 -41.37 23.56
C LEU D 343 17.57 -40.50 24.78
N VAL D 344 18.08 -39.27 24.80
CA VAL D 344 17.89 -38.43 25.98
C VAL D 344 16.41 -38.25 26.26
N GLU D 345 15.62 -38.07 25.22
CA GLU D 345 14.17 -37.89 25.37
C GLU D 345 13.52 -39.22 25.77
N VAL D 349 13.13 -44.09 35.12
CA VAL D 349 14.31 -44.90 35.37
C VAL D 349 14.99 -45.25 34.06
N LEU D 350 16.03 -46.07 34.15
CA LEU D 350 16.79 -46.51 32.99
C LEU D 350 16.46 -47.96 32.67
N THR D 351 16.08 -48.23 31.43
CA THR D 351 15.75 -49.57 30.96
C THR D 351 16.71 -49.95 29.84
N SER D 352 17.30 -51.16 29.96
CA SER D 352 18.26 -51.61 28.96
C SER D 352 17.60 -51.74 27.59
N SER D 353 16.37 -52.29 27.55
CA SER D 353 15.70 -52.49 26.27
C SER D 353 15.44 -51.15 25.57
N MET D 354 15.05 -50.12 26.33
CA MET D 354 14.77 -48.83 25.73
C MET D 354 16.01 -48.25 25.08
N VAL D 355 17.16 -48.36 25.76
CA VAL D 355 18.40 -47.81 25.21
C VAL D 355 19.03 -48.72 24.16
N LYS D 356 18.57 -49.96 24.04
CA LYS D 356 19.14 -50.90 23.08
C LYS D 356 18.37 -50.95 21.77
N GLU D 357 17.04 -50.89 21.82
CA GLU D 357 16.24 -51.11 20.61
C GLU D 357 16.48 -50.01 19.57
N LYS D 358 16.50 -48.75 20.01
CA LYS D 358 16.54 -47.63 19.07
C LYS D 358 17.81 -47.64 18.23
N LEU D 359 18.96 -47.88 18.87
CA LEU D 359 20.23 -47.78 18.18
C LEU D 359 20.29 -48.75 17.00
N VAL D 360 19.88 -49.99 17.22
CA VAL D 360 19.98 -50.99 16.17
C VAL D 360 19.13 -50.57 14.97
N ARG D 361 17.89 -50.12 15.23
CA ARG D 361 17.03 -49.73 14.13
C ARG D 361 17.61 -48.54 13.37
N PHE D 362 18.12 -47.53 14.08
CA PHE D 362 18.50 -46.30 13.38
C PHE D 362 19.65 -46.54 12.40
N LEU D 363 20.53 -47.49 12.69
CA LEU D 363 21.76 -47.70 11.90
C LEU D 363 21.88 -49.17 11.53
N PRO D 364 21.08 -49.66 10.57
CA PRO D 364 21.17 -51.08 10.20
C PRO D 364 22.53 -51.50 9.67
N ARG D 365 23.19 -50.67 8.86
CA ARG D 365 24.49 -51.06 8.31
C ARG D 365 25.56 -51.14 9.40
N THR D 366 25.59 -50.16 10.29
CA THR D 366 26.61 -50.16 11.35
C THR D 366 26.46 -51.38 12.25
N VAL D 367 25.22 -51.70 12.63
CA VAL D 367 25.01 -52.88 13.46
C VAL D 367 25.32 -54.15 12.67
N SER D 368 24.97 -54.17 11.39
CA SER D 368 25.22 -55.35 10.57
C SER D 368 26.72 -55.64 10.49
N ARG D 369 27.52 -54.62 10.25
CA ARG D 369 28.96 -54.81 10.13
C ARG D 369 29.57 -55.29 11.45
N LEU D 370 29.15 -54.68 12.56
CA LEU D 370 29.76 -54.99 13.85
C LEU D 370 29.36 -56.38 14.33
N PRO D 371 30.23 -57.06 15.07
CA PRO D 371 29.87 -58.35 15.65
C PRO D 371 28.96 -58.20 16.86
N GLU D 372 28.41 -59.33 17.29
CA GLU D 372 27.55 -59.33 18.48
C GLU D 372 28.30 -58.87 19.72
N GLU D 373 29.62 -59.05 19.74
CA GLU D 373 30.41 -58.62 20.89
C GLU D 373 30.48 -57.09 20.98
N GLU D 374 30.35 -56.40 19.85
CA GLU D 374 30.42 -54.94 19.85
C GLU D 374 29.14 -54.30 20.36
N ILE D 375 27.98 -54.92 20.09
CA ILE D 375 26.72 -54.29 20.42
C ILE D 375 26.56 -54.16 21.93
N GLU D 376 26.99 -55.17 22.69
CA GLU D 376 26.90 -55.10 24.14
C GLU D 376 27.73 -53.95 24.69
N SER D 377 28.95 -53.79 24.18
CA SER D 377 29.80 -52.67 24.60
C SER D 377 29.15 -51.33 24.25
N TRP D 378 28.57 -51.24 23.05
CA TRP D 378 27.89 -50.00 22.67
C TRP D 378 26.75 -49.67 23.62
N ILE D 379 25.95 -50.68 23.99
CA ILE D 379 24.84 -50.44 24.90
C ILE D 379 25.35 -50.01 26.26
N LYS D 380 26.46 -50.62 26.72
CA LYS D 380 27.05 -50.22 27.98
C LYS D 380 27.50 -48.76 27.94
N TRP D 381 28.12 -48.34 26.84
CA TRP D 381 28.53 -46.94 26.72
C TRP D 381 27.33 -46.00 26.72
N LEU D 382 26.25 -46.39 26.03
CA LEU D 382 25.04 -45.58 26.06
C LEU D 382 24.48 -45.48 27.47
N LYS D 383 24.48 -46.58 28.21
CA LYS D 383 24.11 -46.53 29.62
C LYS D 383 25.02 -45.59 30.39
N GLU D 384 26.32 -45.54 30.05
CA GLU D 384 27.19 -44.57 30.68
C GLU D 384 26.70 -43.14 30.43
N ILE D 385 26.33 -42.84 29.17
CA ILE D 385 25.80 -41.50 28.89
C ILE D 385 24.56 -41.26 29.74
N LEU D 386 23.66 -42.23 29.79
CA LEU D 386 22.45 -42.10 30.59
C LEU D 386 22.77 -41.90 32.07
N GLU D 387 23.96 -42.33 32.50
CA GLU D 387 24.32 -42.19 33.91
C GLU D 387 24.37 -40.73 34.33
N SER D 388 24.94 -39.87 33.49
CA SER D 388 25.14 -38.45 33.81
C SER D 388 24.47 -37.61 32.73
N SER D 389 23.27 -37.10 33.05
CA SER D 389 22.53 -36.27 32.12
C SER D 389 22.90 -34.80 32.19
N HIS D 390 23.42 -34.35 33.34
CA HIS D 390 23.72 -32.93 33.51
C HIS D 390 24.79 -32.47 32.52
N LEU D 391 25.88 -33.23 32.41
CA LEU D 391 27.01 -32.78 31.61
C LEU D 391 26.65 -32.64 30.14
N LEU D 392 25.95 -33.64 29.59
CA LEU D 392 25.62 -33.61 28.18
C LEU D 392 24.60 -32.52 27.87
N THR D 393 24.70 -31.95 26.68
CA THR D 393 23.70 -31.01 26.20
C THR D 393 23.37 -31.35 24.75
N VAL D 394 22.13 -31.06 24.36
CA VAL D 394 21.62 -31.34 23.03
C VAL D 394 21.23 -30.05 22.36
N ILE D 395 21.62 -29.89 21.10
CA ILE D 395 21.22 -28.74 20.28
C ILE D 395 20.38 -29.27 19.13
N LYS D 396 19.09 -28.97 19.14
CA LYS D 396 18.17 -29.37 18.08
C LYS D 396 18.08 -28.24 17.07
N MET D 397 18.59 -28.48 15.86
CA MET D 397 18.60 -27.47 14.82
C MET D 397 17.29 -27.39 14.05
N GLU D 398 16.31 -28.23 14.36
CA GLU D 398 15.05 -28.23 13.63
C GLU D 398 14.32 -26.90 13.79
N GLU D 399 14.58 -26.17 14.86
CA GLU D 399 13.88 -24.92 15.15
C GLU D 399 14.89 -23.86 15.56
N ALA D 400 14.38 -22.64 15.82
CA ALA D 400 15.19 -21.53 16.32
C ALA D 400 16.14 -21.02 15.23
N GLY D 401 16.74 -19.86 15.47
CA GLY D 401 17.54 -19.20 14.47
C GLY D 401 19.04 -19.34 14.68
N ASP D 402 19.75 -18.21 14.64
CA ASP D 402 21.21 -18.24 14.74
C ASP D 402 21.68 -18.45 16.18
N GLU D 403 21.05 -17.81 17.16
CA GLU D 403 21.57 -17.80 18.52
C GLU D 403 21.84 -19.20 19.05
N ILE D 404 21.19 -20.22 18.49
CA ILE D 404 21.39 -21.58 18.99
C ILE D 404 22.88 -21.90 19.02
N VAL D 405 23.60 -21.54 17.97
CA VAL D 405 25.02 -21.90 17.92
C VAL D 405 25.74 -21.33 19.13
N SER D 406 25.45 -20.08 19.47
CA SER D 406 26.10 -19.44 20.61
C SER D 406 25.35 -19.66 21.91
N ASN D 407 24.16 -20.24 21.88
CA ASN D 407 23.39 -20.45 23.11
C ASN D 407 23.78 -21.76 23.78
N ALA D 408 23.58 -22.88 23.07
CA ALA D 408 23.85 -24.18 23.66
C ALA D 408 25.23 -24.22 24.28
N ILE D 409 26.25 -23.81 23.52
CA ILE D 409 27.61 -23.77 24.04
C ILE D 409 27.63 -23.08 25.39
N SER D 410 27.17 -21.83 25.42
CA SER D 410 27.15 -21.09 26.68
C SER D 410 26.38 -21.87 27.74
N TYR D 411 25.19 -22.36 27.36
CA TYR D 411 24.39 -23.15 28.30
C TYR D 411 25.22 -24.30 28.84
N ALA D 412 25.89 -25.03 27.95
CA ALA D 412 26.70 -26.17 28.39
C ALA D 412 27.67 -25.75 29.48
N LEU D 413 28.28 -24.58 29.32
CA LEU D 413 29.24 -24.12 30.33
C LEU D 413 28.53 -23.85 31.65
N TYR D 414 27.38 -23.17 31.61
CA TYR D 414 26.74 -22.74 32.84
C TYR D 414 26.48 -23.92 33.76
N LYS D 415 25.88 -24.99 33.22
CA LYS D 415 25.61 -26.17 34.02
C LYS D 415 26.87 -26.63 34.73
N ALA D 416 27.98 -26.71 34.00
CA ALA D 416 29.23 -27.15 34.62
C ALA D 416 29.60 -26.23 35.78
N PHE D 417 29.51 -24.92 35.57
CA PHE D 417 29.84 -23.98 36.63
C PHE D 417 28.94 -24.15 37.84
N SER D 418 27.73 -24.70 37.65
CA SER D 418 26.86 -24.96 38.78
C SER D 418 27.26 -26.21 39.55
N THR D 419 27.89 -27.18 38.89
CA THR D 419 28.20 -28.44 39.55
C THR D 419 29.17 -28.22 40.71
N ASN D 420 30.20 -27.41 40.51
CA ASN D 420 31.14 -27.12 41.58
C ASN D 420 30.43 -26.44 42.74
N GLU D 421 30.65 -26.96 43.96
CA GLU D 421 30.04 -26.37 45.14
C GLU D 421 30.58 -24.97 45.42
N GLN D 422 31.89 -24.79 45.32
CA GLN D 422 32.45 -23.46 45.52
C GLN D 422 31.93 -22.48 44.47
N ASP D 423 31.81 -22.94 43.22
CA ASP D 423 31.23 -22.09 42.18
C ASP D 423 29.76 -21.80 42.50
N LYS D 424 29.01 -22.80 42.94
CA LYS D 424 27.62 -22.56 43.32
C LYS D 424 27.52 -21.56 44.45
N ASP D 425 28.53 -21.49 45.31
CA ASP D 425 28.51 -20.57 46.44
C ASP D 425 28.38 -19.12 45.96
N ASN D 426 29.10 -18.76 44.90
CA ASN D 426 29.19 -17.37 44.47
C ASN D 426 28.24 -17.10 43.30
N TRP D 427 27.38 -16.10 43.46
CA TRP D 427 26.57 -15.60 42.35
C TRP D 427 27.42 -14.92 41.28
N ASN D 428 28.53 -14.30 41.69
CA ASN D 428 29.27 -13.44 40.79
C ASN D 428 29.82 -14.20 39.58
N GLY D 429 30.32 -15.42 39.81
CA GLY D 429 30.86 -16.19 38.69
C GLY D 429 29.83 -16.47 37.63
N GLN D 430 28.66 -16.97 38.04
CA GLN D 430 27.60 -17.27 37.09
C GLN D 430 27.13 -16.00 36.40
N LEU D 431 26.98 -14.91 37.15
CA LEU D 431 26.53 -13.67 36.56
C LEU D 431 27.50 -13.17 35.51
N LYS D 432 28.79 -13.12 35.84
CA LYS D 432 29.79 -12.66 34.87
C LYS D 432 29.81 -13.56 33.65
N LEU D 433 29.70 -14.88 33.85
CA LEU D 433 29.71 -15.79 32.72
C LEU D 433 28.55 -15.52 31.78
N LEU D 434 27.34 -15.45 32.33
CA LEU D 434 26.16 -15.21 31.49
C LEU D 434 26.25 -13.87 30.80
N LEU D 435 26.74 -12.85 31.51
CA LEU D 435 26.92 -11.54 30.89
C LEU D 435 27.90 -11.61 29.74
N GLU D 436 29.00 -12.34 29.91
CA GLU D 436 29.98 -12.47 28.84
C GLU D 436 29.35 -13.15 27.62
N TRP D 437 28.53 -14.19 27.85
CA TRP D 437 27.90 -14.90 26.75
C TRP D 437 26.57 -14.30 26.33
N ASN D 438 26.08 -13.27 27.04
CA ASN D 438 24.91 -12.50 26.60
C ASN D 438 23.67 -13.38 26.49
N GLN D 439 23.37 -14.11 27.56
CA GLN D 439 22.13 -14.88 27.68
C GLN D 439 21.28 -14.20 28.76
N LEU D 440 20.42 -13.29 28.31
CA LEU D 440 19.60 -12.52 29.25
C LEU D 440 18.65 -13.42 30.03
N ASP D 441 17.99 -14.34 29.34
CA ASP D 441 16.92 -15.12 29.97
C ASP D 441 17.46 -15.95 31.13
N LEU D 442 18.58 -16.63 30.92
CA LEU D 442 19.11 -17.51 31.96
C LEU D 442 19.45 -16.74 33.22
N ALA D 443 20.14 -15.60 33.07
CA ALA D 443 20.52 -14.80 34.23
C ALA D 443 19.29 -14.19 34.89
N SER D 444 18.36 -13.68 34.09
CA SER D 444 17.17 -13.04 34.66
C SER D 444 16.35 -14.02 35.47
N ASP D 445 16.19 -15.25 34.96
CA ASP D 445 15.32 -16.21 35.63
C ASP D 445 16.05 -16.93 36.77
N GLU D 446 17.17 -17.58 36.47
CA GLU D 446 17.79 -18.46 37.47
C GLU D 446 18.52 -17.68 38.56
N ILE D 447 19.16 -16.56 38.19
CA ILE D 447 20.00 -15.84 39.14
C ILE D 447 19.21 -14.76 39.86
N PHE D 448 18.67 -13.80 39.10
CA PHE D 448 18.03 -12.65 39.71
C PHE D 448 16.70 -12.98 40.37
N THR D 449 16.14 -14.16 40.13
CA THR D 449 14.93 -14.59 40.83
C THR D 449 15.22 -15.18 42.19
N ASN D 450 16.50 -15.27 42.58
CA ASN D 450 16.84 -15.82 43.88
C ASN D 450 16.17 -15.04 45.01
N ASP D 451 16.00 -13.74 44.86
CA ASP D 451 15.38 -12.82 45.80
C ASP D 451 16.33 -12.45 46.94
N ARG D 452 17.57 -12.93 46.93
CA ARG D 452 18.52 -12.53 47.97
C ARG D 452 18.91 -11.06 47.79
N ARG D 453 19.41 -10.47 48.87
CA ARG D 453 19.74 -9.05 48.86
C ARG D 453 20.74 -8.73 47.75
N TRP D 454 20.45 -7.67 47.01
CA TRP D 454 21.30 -7.20 45.92
C TRP D 454 21.86 -5.83 46.32
N GLU D 455 23.11 -5.81 46.77
CA GLU D 455 23.73 -4.58 47.22
C GLU D 455 24.23 -3.76 46.03
N SER D 456 24.47 -2.47 46.29
CA SER D 456 24.79 -1.54 45.22
C SER D 456 26.11 -1.88 44.54
N ALA D 457 27.13 -2.23 45.31
CA ALA D 457 28.46 -2.44 44.74
C ALA D 457 28.48 -3.58 43.72
N ASP D 458 27.77 -4.67 44.01
CA ASP D 458 27.64 -5.76 43.06
C ASP D 458 27.28 -5.25 41.67
N LEU D 459 26.09 -4.65 41.58
CA LEU D 459 25.61 -4.19 40.28
C LEU D 459 26.45 -3.03 39.77
N GLN D 460 27.12 -2.30 40.65
CA GLN D 460 28.06 -1.28 40.19
C GLN D 460 29.15 -1.93 39.33
N GLU D 461 29.80 -2.97 39.86
CA GLU D 461 30.85 -3.65 39.11
C GLU D 461 30.30 -4.28 37.84
N VAL D 462 29.17 -4.99 37.95
CA VAL D 462 28.68 -5.70 36.77
C VAL D 462 28.16 -4.71 35.73
N MET D 463 27.65 -3.54 36.15
CA MET D 463 27.22 -2.53 35.21
C MET D 463 28.41 -1.90 34.49
N PHE D 464 29.49 -1.63 35.23
CA PHE D 464 30.68 -1.10 34.59
C PHE D 464 31.20 -2.07 33.54
N THR D 465 31.24 -3.37 33.87
CA THR D 465 31.72 -4.32 32.87
C THR D 465 30.70 -4.54 31.75
N ALA D 466 29.42 -4.27 32.00
CA ALA D 466 28.42 -4.43 30.94
C ALA D 466 28.48 -3.29 29.93
N LEU D 467 28.69 -2.06 30.39
CA LEU D 467 28.67 -0.92 29.49
C LEU D 467 29.76 -1.05 28.43
N ILE D 468 30.95 -1.47 28.84
CA ILE D 468 32.08 -1.53 27.91
C ILE D 468 31.78 -2.52 26.77
N LYS D 469 31.25 -3.68 27.10
CA LYS D 469 31.06 -4.75 26.12
C LYS D 469 29.80 -4.58 25.27
N ASP D 470 29.09 -3.45 25.40
CA ASP D 470 27.93 -3.18 24.57
C ASP D 470 26.84 -4.23 24.78
N ARG D 471 26.35 -4.30 26.03
CA ARG D 471 25.27 -5.20 26.42
C ARG D 471 24.11 -4.35 26.93
N PRO D 472 23.21 -3.92 26.04
CA PRO D 472 22.12 -3.03 26.49
C PRO D 472 21.07 -3.73 27.33
N LYS D 473 20.70 -4.96 26.96
CA LYS D 473 19.65 -5.66 27.68
C LYS D 473 20.06 -5.92 29.13
N PHE D 474 21.32 -6.27 29.36
CA PHE D 474 21.79 -6.46 30.73
C PHE D 474 21.78 -5.15 31.51
N VAL D 475 22.08 -4.04 30.84
CA VAL D 475 21.99 -2.73 31.49
C VAL D 475 20.56 -2.48 31.94
N ARG D 476 19.60 -2.74 31.06
CA ARG D 476 18.20 -2.56 31.41
C ARG D 476 17.82 -3.47 32.58
N LEU D 477 18.29 -4.72 32.56
CA LEU D 477 17.97 -5.65 33.64
C LEU D 477 18.51 -5.15 34.97
N PHE D 478 19.76 -4.67 34.98
CA PHE D 478 20.34 -4.15 36.21
C PHE D 478 19.57 -2.94 36.72
N LEU D 479 19.22 -2.03 35.82
CA LEU D 479 18.44 -0.86 36.23
C LEU D 479 17.11 -1.27 36.82
N GLU D 480 16.44 -2.24 36.19
CA GLU D 480 15.16 -2.72 36.72
C GLU D 480 15.33 -3.34 38.10
N ASN D 481 16.34 -4.21 38.26
CA ASN D 481 16.54 -4.88 39.53
C ASN D 481 17.07 -3.95 40.61
N GLY D 482 17.49 -2.74 40.26
CA GLY D 482 17.78 -1.73 41.26
C GLY D 482 19.22 -1.29 41.29
N LEU D 483 19.49 -0.11 40.74
CA LEU D 483 20.84 0.44 40.72
C LEU D 483 20.72 1.95 40.57
N ASN D 484 21.14 2.69 41.59
CA ASN D 484 21.11 4.15 41.54
C ASN D 484 22.16 4.61 40.54
N LEU D 485 21.70 4.94 39.33
CA LEU D 485 22.63 5.30 38.26
C LEU D 485 23.41 6.56 38.61
N GLN D 486 22.75 7.54 39.24
CA GLN D 486 23.44 8.76 39.63
C GLN D 486 24.57 8.46 40.60
N LYS D 487 24.34 7.57 41.56
CA LYS D 487 25.41 7.16 42.46
C LYS D 487 26.53 6.48 41.70
N PHE D 488 26.18 5.61 40.75
CA PHE D 488 27.19 4.86 40.01
C PHE D 488 28.08 5.77 39.18
N LEU D 489 27.49 6.76 38.51
CA LEU D 489 28.23 7.62 37.59
C LEU D 489 29.04 8.63 38.40
N THR D 490 30.16 8.16 38.93
CA THR D 490 31.11 9.03 39.58
C THR D 490 31.94 9.78 38.55
N ASN D 491 32.64 10.81 39.00
CA ASN D 491 33.53 11.55 38.11
C ASN D 491 34.64 10.64 37.58
N GLU D 492 35.19 9.79 38.45
CA GLU D 492 36.25 8.87 38.02
C GLU D 492 35.75 7.93 36.94
N VAL D 493 34.56 7.36 37.12
CA VAL D 493 34.03 6.42 36.13
C VAL D 493 33.86 7.11 34.79
N LEU D 494 33.28 8.32 34.81
CA LEU D 494 33.04 9.03 33.55
C LEU D 494 34.34 9.39 32.85
N THR D 495 35.32 9.90 33.60
CA THR D 495 36.58 10.28 32.97
C THR D 495 37.29 9.05 32.40
N GLU D 496 37.29 7.94 33.15
CA GLU D 496 37.90 6.72 32.63
C GLU D 496 37.18 6.24 31.37
N LEU D 497 35.86 6.27 31.39
CA LEU D 497 35.08 5.80 30.24
C LEU D 497 35.35 6.66 29.01
N PHE D 498 35.47 7.97 29.20
CA PHE D 498 35.74 8.87 28.08
C PHE D 498 37.19 8.78 27.60
N SER D 499 38.11 8.40 28.49
CA SER D 499 39.53 8.37 28.11
C SER D 499 39.90 7.06 27.44
N THR D 500 39.60 5.93 28.07
CA THR D 500 40.13 4.64 27.62
C THR D 500 39.26 3.98 26.56
N HIS D 501 37.95 4.04 26.70
CA HIS D 501 37.03 3.30 25.84
C HIS D 501 36.41 4.15 24.75
N PHE D 502 36.94 5.36 24.51
CA PHE D 502 36.43 6.23 23.45
C PHE D 502 37.22 5.93 22.18
N SER D 503 36.53 5.41 21.16
CA SER D 503 37.20 5.03 19.93
C SER D 503 37.90 6.23 19.30
N THR D 504 39.13 6.01 18.82
CA THR D 504 39.90 7.09 18.23
C THR D 504 39.26 7.63 16.97
N LEU D 505 38.59 6.77 16.19
CA LEU D 505 37.95 7.22 14.96
C LEU D 505 36.85 8.24 15.26
N VAL D 506 36.06 8.00 16.31
CA VAL D 506 35.02 8.95 16.68
C VAL D 506 35.63 10.27 17.13
N TYR D 507 36.76 10.21 17.83
CA TYR D 507 37.43 11.45 18.24
C TYR D 507 37.93 12.22 17.02
N ARG D 508 38.46 11.51 16.04
CA ARG D 508 38.89 12.19 14.80
C ARG D 508 37.69 12.82 14.10
N ASN D 509 36.55 12.12 14.07
CA ASN D 509 35.35 12.69 13.50
C ASN D 509 34.93 13.95 14.25
N LEU D 510 35.03 13.93 15.58
CA LEU D 510 34.71 15.12 16.36
C LEU D 510 35.63 16.27 16.00
N GLN D 511 36.92 16.00 15.86
CA GLN D 511 37.87 17.04 15.47
C GLN D 511 37.49 17.64 14.13
N ILE D 512 37.18 16.78 13.14
CA ILE D 512 36.82 17.26 11.81
C ILE D 512 35.55 18.10 11.88
N ALA D 513 34.55 17.63 12.63
CA ALA D 513 33.29 18.35 12.72
C ALA D 513 33.49 19.72 13.36
N LYS D 514 34.27 19.79 14.44
CA LYS D 514 34.53 21.09 15.05
C LYS D 514 35.29 21.99 14.11
N ASN D 515 36.26 21.44 13.37
CA ASN D 515 37.07 22.26 12.47
C ASN D 515 36.22 22.87 11.36
N SER D 516 35.32 22.10 10.77
CA SER D 516 34.59 22.56 9.58
C SER D 516 33.18 23.05 9.88
N TYR D 517 32.35 22.23 10.51
CA TYR D 517 30.93 22.52 10.71
C TYR D 517 30.66 22.97 12.14
N ASN D 518 31.54 23.80 12.70
CA ASN D 518 31.40 24.23 14.09
C ASN D 518 29.99 24.76 14.35
N ASP D 519 29.54 24.56 15.58
CA ASP D 519 28.21 24.98 16.00
C ASP D 519 28.23 25.15 17.52
N ALA D 520 27.21 25.84 18.03
CA ALA D 520 27.13 26.10 19.47
C ALA D 520 27.06 24.80 20.27
N LEU D 521 26.17 23.90 19.87
CA LEU D 521 26.03 22.66 20.61
C LEU D 521 27.26 21.79 20.44
N LEU D 522 27.82 21.75 19.23
CA LEU D 522 28.99 20.91 19.00
C LEU D 522 30.19 21.42 19.78
N THR D 523 30.41 22.74 19.81
CA THR D 523 31.49 23.26 20.64
C THR D 523 31.26 22.97 22.11
N PHE D 524 30.00 23.06 22.56
CA PHE D 524 29.72 22.72 23.96
C PHE D 524 30.10 21.27 24.26
N VAL D 525 29.65 20.34 23.42
CA VAL D 525 29.91 18.93 23.72
C VAL D 525 31.40 18.61 23.60
N TRP D 526 32.08 19.24 22.63
CA TRP D 526 33.52 19.01 22.50
C TRP D 526 34.26 19.52 23.73
N LYS D 527 33.83 20.68 24.26
CA LYS D 527 34.44 21.18 25.49
C LYS D 527 34.22 20.20 26.63
N LEU D 528 33.00 19.65 26.73
CA LEU D 528 32.73 18.67 27.80
C LEU D 528 33.65 17.46 27.67
N VAL D 529 33.79 16.93 26.45
CA VAL D 529 34.62 15.75 26.24
C VAL D 529 36.07 16.06 26.58
N ALA D 530 36.56 17.23 26.15
CA ALA D 530 37.95 17.60 26.44
C ALA D 530 38.17 17.72 27.94
N ASN D 531 37.21 18.30 28.66
CA ASN D 531 37.32 18.41 30.10
C ASN D 531 37.39 17.02 30.74
N PHE D 532 36.54 16.09 30.28
CA PHE D 532 36.52 14.78 30.89
C PHE D 532 37.80 13.99 30.61
N ARG D 533 38.33 14.08 29.39
CA ARG D 533 39.46 13.24 29.02
C ARG D 533 40.70 13.57 29.84
N ARG D 534 40.97 14.86 30.06
CA ARG D 534 42.19 15.29 30.73
C ARG D 534 42.01 15.47 32.23
N SER D 535 40.84 15.14 32.77
CA SER D 535 40.57 15.31 34.19
C SER D 535 39.67 14.20 34.71
N LEU D 556 18.48 22.27 38.71
CA LEU D 556 19.11 20.97 38.65
C LEU D 556 20.57 21.04 39.08
N THR D 557 21.15 19.88 39.37
CA THR D 557 22.55 19.82 39.79
C THR D 557 23.46 20.22 38.64
N THR D 558 24.64 20.74 39.01
CA THR D 558 25.59 21.22 38.00
C THR D 558 26.19 20.08 37.19
N ARG D 559 26.41 18.91 37.82
CA ARG D 559 27.13 17.83 37.17
C ARG D 559 26.38 17.30 35.94
N HIS D 560 25.09 16.98 36.09
CA HIS D 560 24.35 16.33 35.02
C HIS D 560 25.08 15.08 34.55
N PRO D 561 25.28 14.08 35.41
CA PRO D 561 26.02 12.87 34.97
C PRO D 561 25.33 12.10 33.87
N LEU D 562 24.01 11.93 33.98
CA LEU D 562 23.26 11.16 32.98
C LEU D 562 23.38 11.77 31.60
N GLN D 563 23.38 13.11 31.51
CA GLN D 563 23.54 13.75 30.21
C GLN D 563 24.89 13.42 29.60
N ALA D 564 25.95 13.43 30.42
CA ALA D 564 27.26 13.05 29.92
C ALA D 564 27.28 11.61 29.41
N LEU D 565 26.67 10.68 30.16
CA LEU D 565 26.63 9.29 29.69
C LEU D 565 25.82 9.18 28.40
N PHE D 566 24.69 9.89 28.30
CA PHE D 566 23.86 9.82 27.10
C PHE D 566 24.63 10.33 25.89
N ILE D 567 25.38 11.42 26.06
CA ILE D 567 26.21 11.91 24.97
C ILE D 567 27.26 10.87 24.59
N TRP D 568 27.90 10.25 25.59
CA TRP D 568 28.89 9.23 25.31
C TRP D 568 28.30 8.12 24.45
N ALA D 569 27.10 7.66 24.81
CA ALA D 569 26.46 6.59 24.05
C ALA D 569 26.10 7.06 22.66
N ILE D 570 25.61 8.30 22.52
CA ILE D 570 25.14 8.77 21.24
C ILE D 570 26.30 8.93 20.24
N LEU D 571 27.42 9.47 20.70
CA LEU D 571 28.51 9.77 19.79
C LEU D 571 28.98 8.53 19.02
N GLN D 572 28.88 7.36 19.63
CA GLN D 572 29.40 6.13 19.04
C GLN D 572 28.31 5.30 18.35
N ASN D 573 27.12 5.87 18.16
CA ASN D 573 26.04 5.22 17.43
C ASN D 573 25.63 3.90 18.08
N LYS D 574 25.62 3.88 19.42
CA LYS D 574 25.11 2.74 20.17
C LYS D 574 23.60 2.96 20.33
N LYS D 575 22.84 2.37 19.41
CA LYS D 575 21.41 2.66 19.34
C LYS D 575 20.69 2.16 20.59
N GLU D 576 20.88 0.88 20.94
CA GLU D 576 20.10 0.29 22.02
C GLU D 576 20.50 0.86 23.38
N LEU D 577 21.81 1.03 23.61
CA LEU D 577 22.25 1.61 24.88
C LEU D 577 21.75 3.04 25.02
N SER D 578 21.79 3.81 23.93
CA SER D 578 21.27 5.17 23.97
C SER D 578 19.78 5.19 24.27
N LYS D 579 19.03 4.27 23.64
CA LYS D 579 17.60 4.19 23.93
C LYS D 579 17.37 3.88 25.40
N VAL D 580 18.13 2.93 25.95
CA VAL D 580 17.95 2.55 27.35
C VAL D 580 18.24 3.74 28.27
N ILE D 581 19.35 4.44 28.00
CA ILE D 581 19.74 5.55 28.87
C ILE D 581 18.77 6.71 28.75
N TRP D 582 18.19 6.92 27.57
CA TRP D 582 17.32 8.08 27.36
C TRP D 582 16.14 8.06 28.34
N GLU D 583 15.59 6.87 28.60
CA GLU D 583 14.43 6.77 29.49
C GLU D 583 14.75 7.19 30.91
N GLN D 584 16.03 7.23 31.29
CA GLN D 584 16.43 7.53 32.66
C GLN D 584 16.73 9.00 32.89
N THR D 585 16.63 9.84 31.88
CA THR D 585 17.02 11.24 31.97
C THR D 585 15.79 12.13 32.15
N LYS D 586 15.87 13.05 33.11
CA LYS D 586 14.87 14.09 33.21
C LYS D 586 14.99 15.05 32.02
N GLY D 587 13.86 15.62 31.63
CA GLY D 587 13.83 16.47 30.44
C GLY D 587 14.15 15.67 29.20
N CYS D 588 13.49 14.52 29.07
CA CYS D 588 13.83 13.57 28.01
C CYS D 588 13.60 14.17 26.62
N THR D 589 12.53 14.95 26.47
CA THR D 589 12.24 15.54 25.16
C THR D 589 13.36 16.47 24.70
N LEU D 590 13.86 17.31 25.62
CA LEU D 590 14.97 18.19 25.31
C LEU D 590 16.21 17.39 24.93
N ALA D 591 16.46 16.31 25.66
CA ALA D 591 17.60 15.45 25.34
C ALA D 591 17.45 14.83 23.96
N ALA D 592 16.22 14.44 23.60
CA ALA D 592 15.98 13.87 22.28
C ALA D 592 16.31 14.88 21.19
N LEU D 593 15.86 16.13 21.35
CA LEU D 593 16.14 17.14 20.35
C LEU D 593 17.64 17.44 20.26
N GLY D 594 18.31 17.52 21.40
CA GLY D 594 19.75 17.73 21.39
C GLY D 594 20.48 16.62 20.67
N ALA D 595 20.13 15.38 20.95
CA ALA D 595 20.74 14.25 20.27
C ALA D 595 20.47 14.32 18.77
N SER D 596 19.26 14.70 18.38
CA SER D 596 18.94 14.81 16.97
C SER D 596 19.87 15.79 16.27
N LYS D 597 19.99 17.01 16.82
CA LYS D 597 20.84 18.00 16.17
C LYS D 597 22.30 17.55 16.15
N LEU D 598 22.79 17.01 17.26
CA LEU D 598 24.18 16.59 17.32
C LEU D 598 24.47 15.50 16.30
N LEU D 599 23.56 14.53 16.17
CA LEU D 599 23.74 13.46 15.20
C LEU D 599 23.67 13.98 13.78
N LYS D 600 22.82 14.97 13.51
CA LYS D 600 22.79 15.55 12.17
C LYS D 600 24.12 16.20 11.83
N THR D 601 24.65 17.03 12.73
CA THR D 601 25.92 17.67 12.43
C THR D 601 27.06 16.66 12.32
N LEU D 602 26.99 15.57 13.09
CA LEU D 602 27.98 14.50 12.91
C LEU D 602 27.83 13.84 11.55
N ALA D 603 26.59 13.62 11.10
CA ALA D 603 26.37 13.00 9.81
C ALA D 603 26.89 13.87 8.68
N LYS D 604 26.88 15.19 8.84
CA LYS D 604 27.39 16.06 7.80
C LYS D 604 28.85 15.75 7.46
N VAL D 605 29.60 15.19 8.42
CA VAL D 605 31.00 14.86 8.17
C VAL D 605 31.11 13.76 7.13
N LYS D 606 32.20 13.78 6.35
CA LYS D 606 32.40 12.85 5.24
C LYS D 606 33.69 12.05 5.37
N ASN D 607 34.31 12.03 6.56
CA ASN D 607 35.56 11.30 6.71
C ASN D 607 35.37 9.82 6.41
N ASP D 608 34.28 9.23 6.92
CA ASP D 608 33.93 7.85 6.61
C ASP D 608 32.43 7.78 6.34
N ILE D 609 32.07 7.09 5.25
CA ILE D 609 30.68 7.08 4.81
C ILE D 609 29.82 6.27 5.76
N ASN D 610 30.33 5.13 6.24
CA ASN D 610 29.49 4.19 6.98
C ASN D 610 28.89 4.83 8.22
N ALA D 611 29.70 5.56 8.99
CA ALA D 611 29.20 6.16 10.22
C ALA D 611 28.13 7.21 9.94
N ALA D 612 28.30 7.99 8.87
CA ALA D 612 27.35 9.06 8.56
C ALA D 612 25.94 8.53 8.40
N GLY D 613 25.77 7.38 7.78
CA GLY D 613 24.44 6.85 7.53
C GLY D 613 23.74 6.39 8.79
N GLU D 614 24.48 5.67 9.64
CA GLU D 614 23.91 5.27 10.93
C GLU D 614 23.56 6.47 11.77
N SER D 615 24.42 7.49 11.77
CA SER D 615 24.14 8.70 12.53
C SER D 615 22.89 9.40 12.01
N GLU D 616 22.74 9.50 10.69
CA GLU D 616 21.55 10.11 10.11
C GLU D 616 20.29 9.34 10.49
N GLU D 617 20.35 8.01 10.43
CA GLU D 617 19.20 7.19 10.79
C GLU D 617 18.82 7.41 12.25
N LEU D 618 19.81 7.40 13.14
CA LEU D 618 19.52 7.59 14.55
C LEU D 618 18.95 8.97 14.83
N ALA D 619 19.46 9.99 14.13
CA ALA D 619 18.92 11.33 14.29
C ALA D 619 17.46 11.40 13.88
N ASN D 620 17.11 10.77 12.75
CA ASN D 620 15.71 10.74 12.33
C ASN D 620 14.83 10.06 13.37
N GLU D 621 15.30 8.92 13.89
CA GLU D 621 14.53 8.20 14.88
C GLU D 621 14.28 9.06 16.11
N TYR D 622 15.32 9.73 16.60
CA TYR D 622 15.15 10.57 17.79
C TYR D 622 14.26 11.77 17.52
N GLU D 623 14.33 12.34 16.31
CA GLU D 623 13.41 13.42 15.97
C GLU D 623 11.96 12.98 16.09
N THR D 624 11.64 11.81 15.52
CA THR D 624 10.26 11.33 15.60
C THR D 624 9.88 11.04 17.04
N ARG D 625 10.81 10.46 17.82
CA ARG D 625 10.54 10.21 19.24
C ARG D 625 10.15 11.49 19.95
N ALA D 626 10.95 12.54 19.79
CA ALA D 626 10.69 13.80 20.49
C ALA D 626 9.35 14.37 20.07
N VAL D 627 9.06 14.36 18.77
CA VAL D 627 7.81 14.95 18.29
C VAL D 627 6.62 14.23 18.92
N GLU D 628 6.64 12.89 18.88
CA GLU D 628 5.51 12.14 19.42
C GLU D 628 5.36 12.38 20.92
N LEU D 629 6.48 12.38 21.65
CA LEU D 629 6.40 12.57 23.10
C LEU D 629 5.79 13.93 23.43
N PHE D 630 6.24 14.99 22.75
CA PHE D 630 5.69 16.30 23.07
C PHE D 630 4.23 16.42 22.66
N THR D 631 3.85 15.78 21.54
CA THR D 631 2.44 15.80 21.17
C THR D 631 1.58 15.15 22.24
N GLU D 632 2.02 14.00 22.76
CA GLU D 632 1.28 13.35 23.83
C GLU D 632 1.21 14.23 25.06
N CYS D 633 2.34 14.84 25.44
CA CYS D 633 2.36 15.69 26.62
C CYS D 633 1.38 16.85 26.49
N TYR D 634 1.38 17.50 25.32
CA TYR D 634 0.48 18.63 25.11
C TYR D 634 -0.98 18.18 25.13
N SER D 635 -1.27 17.04 24.50
CA SER D 635 -2.64 16.56 24.48
C SER D 635 -3.13 16.21 25.89
N ASN D 636 -2.23 15.76 26.76
CA ASN D 636 -2.63 15.46 28.12
C ASN D 636 -2.94 16.74 28.90
N ASP D 637 -2.05 17.74 28.79
CA ASP D 637 -2.26 19.01 29.48
C ASP D 637 -1.61 20.10 28.65
N GLU D 638 -2.14 21.33 28.78
CA GLU D 638 -1.70 22.46 27.99
C GLU D 638 -0.70 23.34 28.72
N ASP D 639 -1.07 23.82 29.92
CA ASP D 639 -0.23 24.77 30.63
C ASP D 639 1.12 24.15 30.98
N LEU D 640 1.12 22.91 31.48
CA LEU D 640 2.38 22.26 31.83
C LEU D 640 3.24 22.02 30.61
N ALA D 641 2.62 21.64 29.49
CA ALA D 641 3.38 21.46 28.25
C ALA D 641 4.02 22.76 27.82
N GLU D 642 3.27 23.86 27.87
CA GLU D 642 3.83 25.16 27.49
C GLU D 642 4.97 25.57 28.41
N GLN D 643 4.82 25.34 29.71
CA GLN D 643 5.92 25.61 30.63
C GLN D 643 7.14 24.78 30.29
N LEU D 644 6.94 23.50 29.98
CA LEU D 644 8.04 22.64 29.59
C LEU D 644 8.72 23.11 28.31
N LEU D 645 7.96 23.73 27.40
CA LEU D 645 8.50 24.09 26.10
C LEU D 645 9.60 25.13 26.21
N VAL D 646 9.42 26.12 27.09
CA VAL D 646 10.37 27.21 27.23
C VAL D 646 11.31 26.99 28.42
N TYR D 647 11.21 25.85 29.10
CA TYR D 647 12.01 25.61 30.29
C TYR D 647 13.48 25.51 29.91
N SER D 648 14.22 26.58 30.14
CA SER D 648 15.65 26.54 29.90
C SER D 648 16.32 25.56 30.86
N CYS D 649 17.15 24.69 30.32
CA CYS D 649 17.78 23.65 31.11
C CYS D 649 18.83 24.24 32.03
N GLU D 650 19.42 23.40 32.87
CA GLU D 650 20.60 23.77 33.64
C GLU D 650 21.85 23.53 32.80
N ALA D 651 21.83 24.11 31.60
CA ALA D 651 22.94 24.04 30.66
C ALA D 651 23.13 22.62 30.11
N TRP D 652 22.03 21.99 29.69
CA TRP D 652 22.15 20.81 28.84
C TRP D 652 22.98 21.14 27.62
N GLY D 653 22.59 22.19 26.91
CA GLY D 653 23.41 22.81 25.89
C GLY D 653 23.36 24.31 26.03
N GLY D 654 22.71 24.79 27.08
CA GLY D 654 22.54 26.21 27.30
C GLY D 654 21.31 26.81 26.67
N SER D 655 20.37 25.99 26.20
CA SER D 655 19.19 26.49 25.50
C SER D 655 18.04 25.53 25.73
N ASN D 656 16.82 26.04 25.50
CA ASN D 656 15.61 25.26 25.68
C ASN D 656 15.33 24.40 24.45
N CYS D 657 14.28 23.59 24.52
CA CYS D 657 13.97 22.68 23.43
C CYS D 657 13.52 23.41 22.18
N LEU D 658 12.87 24.57 22.33
CA LEU D 658 12.41 25.32 21.16
C LEU D 658 13.58 25.76 20.30
N GLU D 659 14.61 26.30 20.95
CA GLU D 659 15.79 26.74 20.19
C GLU D 659 16.50 25.56 19.54
N LEU D 660 16.59 24.43 20.24
CA LEU D 660 17.20 23.25 19.64
C LEU D 660 16.44 22.79 18.42
N ALA D 661 15.11 22.80 18.49
CA ALA D 661 14.29 22.44 17.34
C ALA D 661 14.54 23.41 16.19
N VAL D 662 14.63 24.70 16.50
CA VAL D 662 14.84 25.70 15.45
C VAL D 662 16.20 25.50 14.78
N GLU D 663 17.25 25.28 15.57
CA GLU D 663 18.59 25.15 14.99
C GLU D 663 18.68 23.96 14.05
N ALA D 664 18.09 22.83 14.44
CA ALA D 664 18.06 21.67 13.56
C ALA D 664 17.14 21.88 12.37
N THR D 665 16.36 22.95 12.35
CA THR D 665 15.43 23.25 11.27
C THR D 665 14.44 22.09 11.09
N ASP D 666 13.75 21.76 12.18
CA ASP D 666 12.73 20.72 12.19
C ASP D 666 11.38 21.37 11.93
N GLN D 667 11.05 21.52 10.64
CA GLN D 667 9.76 22.08 10.28
C GLN D 667 8.63 21.27 10.91
N HIS D 668 8.79 19.95 10.98
CA HIS D 668 7.72 19.10 11.51
C HIS D 668 7.47 19.37 12.98
N PHE D 669 8.54 19.53 13.78
CA PHE D 669 8.35 19.72 15.21
C PHE D 669 7.57 20.99 15.51
N ILE D 670 7.90 22.08 14.82
CA ILE D 670 7.19 23.35 15.05
C ILE D 670 5.83 23.37 14.36
N ALA D 671 5.64 22.56 13.31
CA ALA D 671 4.36 22.54 12.61
C ALA D 671 3.25 21.93 13.45
N GLN D 672 3.59 21.19 14.51
CA GLN D 672 2.57 20.52 15.30
C GLN D 672 1.66 21.56 15.97
N PRO D 673 0.40 21.21 16.22
CA PRO D 673 -0.56 22.23 16.71
C PRO D 673 -0.15 22.87 18.02
N GLY D 674 0.49 22.14 18.93
CA GLY D 674 0.78 22.72 20.24
C GLY D 674 1.73 23.90 20.17
N VAL D 675 2.80 23.75 19.40
CA VAL D 675 3.78 24.83 19.28
C VAL D 675 3.15 26.05 18.62
N GLN D 676 2.33 25.82 17.59
CA GLN D 676 1.65 26.92 16.92
C GLN D 676 0.70 27.63 17.86
N ASN D 677 -0.02 26.87 18.70
CA ASN D 677 -0.91 27.49 19.67
C ASN D 677 -0.13 28.33 20.67
N PHE D 678 1.01 27.82 21.14
CA PHE D 678 1.84 28.60 22.05
C PHE D 678 2.31 29.88 21.40
N LEU D 679 2.76 29.79 20.15
CA LEU D 679 3.19 30.99 19.42
C LEU D 679 2.04 31.97 19.26
N SER D 680 0.84 31.47 18.95
CA SER D 680 -0.32 32.35 18.82
C SER D 680 -0.63 33.06 20.13
N LYS D 681 -0.59 32.32 21.24
CA LYS D 681 -0.83 32.95 22.54
C LYS D 681 0.20 34.03 22.83
N GLN D 682 1.47 33.76 22.53
CA GLN D 682 2.50 34.77 22.77
C GLN D 682 2.31 35.97 21.86
N TRP D 683 1.90 35.74 20.62
CA TRP D 683 1.78 36.84 19.65
C TRP D 683 0.60 37.74 19.98
N TYR D 684 -0.58 37.15 20.22
CA TYR D 684 -1.74 37.95 20.57
C TYR D 684 -1.69 38.46 22.01
N GLY D 685 -1.02 37.72 22.89
CA GLY D 685 -0.92 38.18 24.27
C GLY D 685 -2.27 38.23 24.95
N GLU D 686 -2.55 39.36 25.59
CA GLU D 686 -3.78 39.48 26.38
C GLU D 686 -5.01 39.36 25.50
N ILE D 687 -4.98 39.96 24.30
CA ILE D 687 -6.12 39.89 23.40
C ILE D 687 -6.50 38.43 23.17
N SER D 688 -7.77 38.11 23.40
CA SER D 688 -8.24 36.76 23.20
C SER D 688 -8.31 36.42 21.72
N ARG D 689 -8.02 35.17 21.40
CA ARG D 689 -8.13 34.71 20.03
C ARG D 689 -9.61 34.58 19.68
N ASP D 690 -9.88 34.08 18.47
CA ASP D 690 -11.24 34.04 17.95
C ASP D 690 -11.86 35.43 17.94
N THR D 691 -11.01 36.43 17.72
CA THR D 691 -11.44 37.81 17.56
C THR D 691 -11.13 38.24 16.12
N LYS D 692 -12.16 38.67 15.39
CA LYS D 692 -11.99 39.00 13.98
C LYS D 692 -10.98 40.13 13.85
N ASN D 693 -9.91 39.88 13.09
CA ASN D 693 -8.78 40.81 13.05
C ASN D 693 -9.22 42.22 12.68
N TRP D 694 -10.19 42.34 11.77
CA TRP D 694 -10.64 43.67 11.38
C TRP D 694 -11.20 44.44 12.57
N LYS D 695 -11.82 43.76 13.53
CA LYS D 695 -12.29 44.44 14.72
C LYS D 695 -11.12 45.03 15.52
N ILE D 696 -10.04 44.27 15.68
CA ILE D 696 -8.87 44.79 16.39
C ILE D 696 -8.29 45.98 15.64
N ILE D 697 -8.17 45.86 14.32
CA ILE D 697 -7.60 46.95 13.52
C ILE D 697 -8.45 48.20 13.66
N LEU D 698 -9.78 48.03 13.60
CA LEU D 698 -10.68 49.17 13.77
C LEU D 698 -10.51 49.81 15.15
N CYS D 699 -10.42 48.97 16.20
CA CYS D 699 -10.25 49.50 17.53
C CYS D 699 -8.93 50.24 17.68
N LEU D 700 -7.91 49.85 16.91
CA LEU D 700 -6.63 50.55 16.98
C LEU D 700 -6.81 52.04 16.72
N PHE D 701 -7.56 52.38 15.68
CA PHE D 701 -7.71 53.76 15.25
C PHE D 701 -8.86 54.47 15.95
N ILE D 702 -10.01 53.79 16.09
CA ILE D 702 -11.17 54.45 16.69
C ILE D 702 -10.89 54.85 18.13
N ILE D 703 -10.00 54.12 18.81
CA ILE D 703 -9.56 54.47 20.16
C ILE D 703 -8.05 54.57 20.15
N PRO D 704 -7.47 55.71 19.75
CA PRO D 704 -6.02 55.89 19.72
C PRO D 704 -5.47 56.52 20.99
N TRP D 726 -5.31 51.11 33.80
CA TRP D 726 -6.54 51.03 33.01
C TRP D 726 -6.56 49.75 32.18
N TYR D 727 -7.67 49.54 31.47
CA TYR D 727 -7.79 48.37 30.61
C TYR D 727 -6.97 48.49 29.35
N TYR D 728 -6.79 49.71 28.82
CA TYR D 728 -6.09 49.91 27.57
C TYR D 728 -4.62 49.49 27.66
N VAL D 729 -4.05 49.44 28.86
CA VAL D 729 -2.64 49.10 28.99
C VAL D 729 -2.38 47.69 28.45
N ALA D 730 -3.25 46.74 28.79
CA ALA D 730 -3.11 45.40 28.25
C ALA D 730 -3.24 45.41 26.72
N PHE D 731 -4.19 46.21 26.20
CA PHE D 731 -4.34 46.33 24.76
C PHE D 731 -3.10 46.93 24.11
N PHE D 732 -2.36 47.76 24.86
CA PHE D 732 -1.18 48.44 24.35
C PHE D 732 0.09 47.62 24.51
N THR D 733 0.02 46.45 25.16
CA THR D 733 1.20 45.63 25.42
C THR D 733 1.27 44.39 24.54
N SER D 734 0.19 44.01 23.88
CA SER D 734 0.23 42.83 23.04
C SER D 734 1.21 43.04 21.88
N PRO D 735 2.02 42.03 21.54
CA PRO D 735 2.95 42.21 20.42
C PRO D 735 2.26 42.57 19.12
N PHE D 736 1.04 42.10 18.90
CA PHE D 736 0.34 42.38 17.65
C PHE D 736 0.12 43.88 17.48
N VAL D 737 -0.32 44.56 18.54
CA VAL D 737 -0.57 46.00 18.45
C VAL D 737 0.73 46.75 18.24
N VAL D 738 1.80 46.32 18.91
CA VAL D 738 3.10 46.96 18.71
C VAL D 738 3.55 46.81 17.27
N PHE D 739 3.36 45.62 16.70
CA PHE D 739 3.74 45.40 15.31
C PHE D 739 2.91 46.28 14.37
N SER D 740 1.62 46.40 14.63
CA SER D 740 0.77 47.23 13.79
C SER D 740 1.21 48.69 13.84
N TRP D 741 1.49 49.19 15.04
CA TRP D 741 1.95 50.57 15.18
C TRP D 741 3.30 50.77 14.50
N ASN D 742 4.18 49.77 14.60
CA ASN D 742 5.47 49.86 13.91
C ASN D 742 5.27 49.92 12.40
N VAL D 743 4.34 49.13 11.87
CA VAL D 743 4.06 49.16 10.44
C VAL D 743 3.56 50.54 10.04
N VAL D 744 2.62 51.09 10.82
CA VAL D 744 2.08 52.41 10.48
C VAL D 744 3.18 53.46 10.52
N PHE D 745 4.03 53.41 11.55
CA PHE D 745 5.12 54.38 11.65
C PHE D 745 6.09 54.24 10.47
N TYR D 746 6.39 53.01 10.08
CA TYR D 746 7.31 52.81 8.96
C TYR D 746 6.72 53.33 7.66
N ILE D 747 5.42 53.11 7.45
CA ILE D 747 4.77 53.65 6.26
C ILE D 747 4.80 55.17 6.28
N ALA D 748 4.55 55.77 7.44
CA ALA D 748 4.62 57.22 7.55
C ALA D 748 6.02 57.72 7.26
N PHE D 749 7.04 57.01 7.76
CA PHE D 749 8.42 57.41 7.51
C PHE D 749 8.75 57.33 6.03
N LEU D 750 8.31 56.27 5.35
CA LEU D 750 8.54 56.19 3.90
C LEU D 750 7.81 57.31 3.17
N LEU D 751 6.60 57.65 3.60
CA LEU D 751 5.85 58.75 2.99
C LEU D 751 6.60 60.07 3.14
N LEU D 752 7.11 60.34 4.35
CA LEU D 752 7.89 61.56 4.58
C LEU D 752 9.17 61.56 3.75
N PHE D 753 9.83 60.40 3.66
CA PHE D 753 11.05 60.31 2.85
C PHE D 753 10.74 60.65 1.40
N ALA D 754 9.65 60.10 0.87
CA ALA D 754 9.26 60.41 -0.51
C ALA D 754 8.96 61.90 -0.67
N TYR D 755 8.23 62.49 0.29
CA TYR D 755 7.92 63.91 0.21
C TYR D 755 9.20 64.75 0.19
N VAL D 756 10.12 64.44 1.09
CA VAL D 756 11.36 65.21 1.19
C VAL D 756 12.17 65.08 -0.09
N LEU D 757 12.35 63.84 -0.56
CA LEU D 757 13.19 63.61 -1.73
C LEU D 757 12.59 64.25 -2.97
N LEU D 758 11.27 64.16 -3.15
CA LEU D 758 10.66 64.61 -4.39
C LEU D 758 10.59 66.12 -4.47
N MET D 759 10.25 66.78 -3.36
CA MET D 759 9.91 68.20 -3.38
C MET D 759 10.97 69.08 -2.73
N ASP D 760 11.32 68.82 -1.48
CA ASP D 760 12.16 69.71 -0.69
C ASP D 760 13.53 69.04 -0.49
N PHE D 761 14.43 69.25 -1.43
CA PHE D 761 15.81 68.82 -1.30
C PHE D 761 16.75 69.92 -1.79
N HIS D 762 16.42 71.17 -1.48
CA HIS D 762 17.27 72.29 -1.85
C HIS D 762 18.52 72.31 -0.98
N SER D 763 19.37 73.32 -1.20
CA SER D 763 20.66 73.36 -0.54
C SER D 763 20.51 73.36 0.98
N VAL D 764 19.59 74.17 1.50
CA VAL D 764 19.35 74.23 2.94
C VAL D 764 18.41 73.09 3.32
N PRO D 765 18.81 72.17 4.20
CA PRO D 765 17.93 71.03 4.50
C PRO D 765 16.62 71.40 5.15
N HIS D 766 16.66 72.22 6.21
CA HIS D 766 15.44 72.68 6.86
C HIS D 766 14.66 71.52 7.49
N THR D 767 13.59 71.89 8.21
CA THR D 767 12.86 70.95 9.07
C THR D 767 12.42 69.66 8.39
N PRO D 768 11.77 69.68 7.21
CA PRO D 768 11.28 68.42 6.64
C PRO D 768 12.40 67.42 6.36
N GLU D 769 13.56 67.91 5.94
CA GLU D 769 14.70 67.02 5.67
C GLU D 769 15.40 66.61 6.96
N LEU D 770 15.43 67.49 7.97
CA LEU D 770 16.11 67.18 9.22
C LEU D 770 15.36 66.13 10.06
N ILE D 771 14.04 66.19 10.04
CA ILE D 771 13.25 65.24 10.81
C ILE D 771 13.53 63.82 10.33
N LEU D 772 13.73 63.66 9.02
CA LEU D 772 14.11 62.35 8.50
C LEU D 772 15.46 61.89 9.05
N TYR D 773 16.40 62.82 9.24
CA TYR D 773 17.64 62.45 9.92
C TYR D 773 17.36 61.90 11.30
N ALA D 774 16.48 62.57 12.05
CA ALA D 774 16.15 62.07 13.39
C ALA D 774 15.57 60.66 13.32
N LEU D 775 14.65 60.43 12.38
CA LEU D 775 14.00 59.13 12.29
C LEU D 775 15.00 58.03 11.93
N VAL D 776 15.82 58.27 10.89
CA VAL D 776 16.79 57.27 10.49
C VAL D 776 17.81 57.05 11.61
N PHE D 777 18.08 58.08 12.41
CA PHE D 777 18.96 57.89 13.57
C PHE D 777 18.34 56.94 14.58
N VAL D 778 17.03 57.06 14.81
CA VAL D 778 16.37 56.12 15.72
C VAL D 778 16.48 54.70 15.18
N LEU D 779 16.24 54.53 13.88
CA LEU D 779 16.37 53.20 13.28
C LEU D 779 17.79 52.66 13.43
N PHE D 780 18.78 53.54 13.21
CA PHE D 780 20.18 53.14 13.34
C PHE D 780 20.50 52.69 14.76
N CYS D 781 19.97 53.41 15.76
CA CYS D 781 20.19 53.00 17.14
C CYS D 781 19.57 51.64 17.41
N ASP D 782 18.37 51.39 16.89
CA ASP D 782 17.76 50.07 17.07
C ASP D 782 18.62 48.98 16.44
N GLU D 783 19.12 49.21 15.23
CA GLU D 783 19.96 48.21 14.58
C GLU D 783 21.28 48.03 15.32
N VAL D 784 21.81 49.09 15.92
CA VAL D 784 23.01 48.97 16.73
C VAL D 784 22.73 48.08 17.94
N ARG D 785 21.58 48.25 18.58
CA ARG D 785 21.22 47.38 19.68
C ARG D 785 21.11 45.93 19.21
N GLN D 786 20.51 45.71 18.05
CA GLN D 786 20.41 44.36 17.51
C GLN D 786 21.79 43.75 17.31
N TRP D 787 22.72 44.52 16.74
CA TRP D 787 24.08 44.03 16.56
C TRP D 787 24.73 43.72 17.89
N TYR D 788 24.55 44.59 18.89
CA TYR D 788 25.16 44.38 20.19
C TYR D 788 24.66 43.09 20.83
N MET D 789 23.36 42.82 20.71
CA MET D 789 22.80 41.61 21.33
C MET D 789 23.42 40.35 20.74
N ASN D 790 23.58 40.31 19.42
CA ASN D 790 24.09 39.13 18.72
C ASN D 790 25.39 39.50 18.01
N GLY D 791 26.49 38.92 18.47
CA GLY D 791 27.78 39.22 17.86
C GLY D 791 27.88 38.72 16.42
N VAL D 792 27.43 37.49 16.18
CA VAL D 792 27.53 36.89 14.85
C VAL D 792 26.13 36.62 14.31
N ASN D 793 25.18 36.38 15.21
CA ASN D 793 23.81 36.13 14.79
C ASN D 793 23.23 37.32 14.02
N TYR D 794 23.81 38.51 14.20
CA TYR D 794 23.34 39.69 13.48
C TYR D 794 23.43 39.47 11.96
N PHE D 795 24.64 39.22 11.45
CA PHE D 795 24.83 39.06 10.02
C PHE D 795 24.27 37.75 9.48
N THR D 796 23.83 36.85 10.36
CA THR D 796 23.26 35.59 9.90
C THR D 796 22.01 35.83 9.06
N ASP D 797 21.16 36.77 9.48
CA ASP D 797 19.94 37.08 8.76
C ASP D 797 20.24 38.05 7.63
N LEU D 798 19.80 37.70 6.41
CA LEU D 798 20.02 38.57 5.27
C LEU D 798 19.32 39.91 5.42
N TRP D 799 18.24 39.95 6.21
CA TRP D 799 17.56 41.22 6.46
C TRP D 799 18.48 42.21 7.14
N ASN D 800 19.30 41.72 8.08
CA ASN D 800 20.27 42.60 8.74
C ASN D 800 21.29 43.14 7.73
N VAL D 801 21.71 42.29 6.78
CA VAL D 801 22.63 42.74 5.74
C VAL D 801 22.00 43.85 4.91
N MET D 802 20.73 43.67 4.53
CA MET D 802 20.04 44.71 3.76
C MET D 802 19.95 46.01 4.55
N ASP D 803 19.64 45.91 5.84
CA ASP D 803 19.56 47.10 6.67
C ASP D 803 20.90 47.83 6.74
N THR D 804 21.98 47.06 6.92
CA THR D 804 23.31 47.67 6.97
C THR D 804 23.63 48.37 5.66
N LEU D 805 23.27 47.75 4.54
CA LEU D 805 23.54 48.36 3.24
C LEU D 805 22.76 49.67 3.08
N GLY D 806 21.50 49.69 3.52
CA GLY D 806 20.74 50.93 3.48
C GLY D 806 21.37 52.03 4.32
N LEU D 807 21.81 51.70 5.53
CA LEU D 807 22.52 52.68 6.35
C LEU D 807 23.75 53.23 5.62
N PHE D 808 24.55 52.33 5.05
CA PHE D 808 25.76 52.76 4.35
C PHE D 808 25.41 53.69 3.20
N TYR D 809 24.36 53.37 2.44
CA TYR D 809 23.96 54.24 1.35
C TYR D 809 23.40 55.57 1.83
N PHE D 810 22.80 55.61 3.03
CA PHE D 810 22.33 56.90 3.53
C PHE D 810 23.49 57.81 3.90
N ILE D 811 24.54 57.26 4.51
CA ILE D 811 25.64 58.12 4.97
C ILE D 811 26.33 58.77 3.78
N ALA D 812 26.47 58.03 2.68
CA ALA D 812 27.13 58.59 1.49
C ALA D 812 26.38 59.80 0.97
N GLY D 813 25.05 59.69 0.86
CA GLY D 813 24.26 60.81 0.41
C GLY D 813 24.36 61.99 1.36
N ILE D 814 24.38 61.72 2.66
CA ILE D 814 24.55 62.80 3.63
C ILE D 814 25.83 63.55 3.33
N VAL D 815 26.95 62.84 3.19
CA VAL D 815 28.24 63.50 3.00
C VAL D 815 28.22 64.29 1.69
N PHE D 816 27.70 63.68 0.63
CA PHE D 816 27.69 64.35 -0.67
C PHE D 816 26.94 65.66 -0.61
N ARG D 817 25.74 65.66 -0.01
CA ARG D 817 24.98 66.90 0.05
C ARG D 817 25.65 67.91 0.97
N LEU D 818 26.22 67.46 2.09
CA LEU D 818 26.83 68.39 3.03
C LEU D 818 28.02 69.11 2.40
N HIS D 819 28.85 68.39 1.64
CA HIS D 819 29.99 69.04 1.00
C HIS D 819 29.54 70.21 0.13
N SER D 820 28.55 69.97 -0.74
CA SER D 820 27.98 71.02 -1.59
C SER D 820 29.07 71.80 -2.31
N SER D 821 30.19 71.14 -2.64
CA SER D 821 31.25 71.81 -3.36
C SER D 821 30.78 72.28 -4.73
N ASN D 822 30.03 71.44 -5.43
CA ASN D 822 29.47 71.77 -6.73
C ASN D 822 28.04 71.26 -6.80
N LYS D 823 27.24 71.86 -7.69
CA LYS D 823 25.90 71.36 -7.92
C LYS D 823 25.91 69.89 -8.30
N SER D 824 26.99 69.44 -8.95
CA SER D 824 27.12 68.02 -9.28
C SER D 824 27.12 67.16 -8.02
N SER D 825 27.80 67.62 -6.96
CA SER D 825 27.81 66.88 -5.71
C SER D 825 26.40 66.76 -5.13
N LEU D 826 25.64 67.86 -5.16
CA LEU D 826 24.27 67.83 -4.65
C LEU D 826 23.41 66.87 -5.46
N TYR D 827 23.55 66.90 -6.80
CA TYR D 827 22.77 65.99 -7.64
C TYR D 827 23.13 64.54 -7.35
N SER D 828 24.42 64.26 -7.18
CA SER D 828 24.86 62.90 -6.85
C SER D 828 24.27 62.45 -5.51
N GLY D 829 24.26 63.35 -4.53
CA GLY D 829 23.65 63.02 -3.25
C GLY D 829 22.17 62.72 -3.39
N ARG D 830 21.47 63.49 -4.22
CA ARG D 830 20.05 63.25 -4.45
C ARG D 830 19.82 61.86 -5.06
N VAL D 831 20.63 61.50 -6.04
CA VAL D 831 20.47 60.19 -6.67
C VAL D 831 20.79 59.08 -5.68
N ILE D 832 21.81 59.29 -4.84
CA ILE D 832 22.12 58.33 -3.79
C ILE D 832 20.94 58.19 -2.83
N PHE D 833 20.27 59.30 -2.53
CA PHE D 833 19.07 59.24 -1.70
C PHE D 833 18.00 58.38 -2.36
N CYS D 834 17.82 58.53 -3.67
CA CYS D 834 16.82 57.70 -4.36
C CYS D 834 17.17 56.22 -4.27
N LEU D 835 18.44 55.88 -4.45
CA LEU D 835 18.85 54.47 -4.36
C LEU D 835 18.63 53.92 -2.95
N ASP D 836 19.05 54.68 -1.94
CA ASP D 836 18.82 54.25 -0.56
C ASP D 836 17.33 54.11 -0.27
N TYR D 837 16.51 54.98 -0.88
CA TYR D 837 15.07 54.83 -0.76
C TYR D 837 14.61 53.50 -1.35
N ILE D 838 15.15 53.14 -2.52
CA ILE D 838 14.78 51.86 -3.12
C ILE D 838 15.06 50.73 -2.14
N ILE D 839 16.24 50.75 -1.51
CA ILE D 839 16.52 49.67 -0.56
C ILE D 839 15.56 49.74 0.63
N PHE D 840 15.32 50.95 1.15
CA PHE D 840 14.51 51.06 2.37
C PHE D 840 13.09 50.55 2.13
N THR D 841 12.46 50.99 1.05
CA THR D 841 11.05 50.66 0.82
C THR D 841 10.84 49.17 0.56
N LEU D 842 11.88 48.46 0.12
CA LEU D 842 11.74 47.03 -0.14
C LEU D 842 11.85 46.18 1.12
N ARG D 843 12.30 46.75 2.24
CA ARG D 843 12.27 46.01 3.49
C ARG D 843 10.85 45.83 4.01
N LEU D 844 9.87 46.53 3.44
CA LEU D 844 8.50 46.41 3.92
C LEU D 844 7.92 45.03 3.62
N ILE D 845 8.36 44.38 2.53
CA ILE D 845 7.76 43.10 2.17
C ILE D 845 7.83 42.11 3.32
N HIS D 846 8.84 42.26 4.20
CA HIS D 846 8.99 41.37 5.33
C HIS D 846 7.76 41.29 6.20
N ILE D 847 7.06 42.42 6.42
CA ILE D 847 5.86 42.41 7.27
C ILE D 847 4.71 41.63 6.66
N PHE D 848 4.90 41.04 5.48
CA PHE D 848 3.91 40.14 4.93
C PHE D 848 4.06 38.71 5.43
N THR D 849 5.04 38.45 6.29
CA THR D 849 5.19 37.10 6.84
C THR D 849 4.13 36.79 7.89
N VAL D 850 3.44 37.80 8.43
CA VAL D 850 2.37 37.52 9.39
C VAL D 850 1.19 36.89 8.70
N SER D 851 0.84 37.35 7.51
CA SER D 851 -0.34 36.86 6.81
C SER D 851 -0.11 35.43 6.35
N ARG D 852 -1.08 34.56 6.61
CA ARG D 852 -0.99 33.17 6.17
C ARG D 852 -0.93 33.08 4.65
N ASN D 853 -1.78 33.85 3.97
CA ASN D 853 -1.85 33.76 2.51
C ASN D 853 -0.59 34.30 1.85
N LEU D 854 -0.06 35.40 2.38
CA LEU D 854 1.09 36.07 1.77
C LEU D 854 2.43 35.56 2.30
N GLY D 855 2.43 34.65 3.27
CA GLY D 855 3.65 34.18 3.87
C GLY D 855 4.55 33.45 2.90
N PRO D 856 4.02 32.42 2.24
CA PRO D 856 4.85 31.65 1.30
C PRO D 856 5.38 32.46 0.14
N LYS D 857 4.79 33.62 -0.16
CA LYS D 857 5.15 34.35 -1.36
C LYS D 857 6.59 34.82 -1.29
N ILE D 858 7.01 35.38 -0.16
CA ILE D 858 8.35 35.92 -0.07
C ILE D 858 9.38 34.80 -0.06
N ILE D 859 9.05 33.65 0.53
CA ILE D 859 9.99 32.53 0.54
C ILE D 859 10.15 31.96 -0.86
N MET D 860 9.02 31.83 -1.53
CA MET D 860 9.00 31.30 -2.86
C MET D 860 9.69 32.31 -3.70
N LEU D 861 9.52 33.61 -3.43
CA LEU D 861 10.22 34.62 -4.21
C LEU D 861 11.71 34.47 -4.01
N GLN D 862 12.11 34.22 -2.77
CA GLN D 862 13.50 34.06 -2.43
C GLN D 862 14.17 32.88 -3.12
N ARG D 863 13.48 31.76 -3.21
CA ARG D 863 14.05 30.59 -3.88
C ARG D 863 14.23 30.90 -5.35
N MET D 864 13.25 31.59 -5.91
CA MET D 864 13.32 32.04 -7.29
C MET D 864 14.56 32.89 -7.54
N LEU D 865 14.89 33.77 -6.59
CA LEU D 865 16.10 34.60 -6.72
C LEU D 865 17.35 33.74 -6.75
N ILE D 866 17.40 32.72 -5.90
CA ILE D 866 18.54 31.79 -5.93
C ILE D 866 18.64 31.13 -7.30
N ASP D 867 17.49 30.72 -7.85
CA ASP D 867 17.50 30.10 -9.17
C ASP D 867 18.02 31.08 -10.23
N VAL D 868 17.62 32.35 -10.12
CA VAL D 868 18.14 33.37 -11.04
C VAL D 868 19.65 33.46 -10.92
N PHE D 869 20.15 33.45 -9.68
CA PHE D 869 21.60 33.53 -9.47
C PHE D 869 22.31 32.39 -10.20
N PHE D 870 21.79 31.17 -10.05
CA PHE D 870 22.41 30.04 -10.72
C PHE D 870 22.33 30.19 -12.24
N PHE D 871 21.22 30.69 -12.73
CA PHE D 871 21.06 30.84 -14.17
C PHE D 871 21.88 31.99 -14.75
N LEU D 872 22.40 32.85 -13.89
CA LEU D 872 23.22 33.97 -14.36
C LEU D 872 24.52 33.49 -14.99
N PHE D 873 25.05 32.36 -14.53
CA PHE D 873 26.29 31.83 -15.10
C PHE D 873 26.12 31.50 -16.59
N LEU D 874 25.07 30.75 -16.89
CA LEU D 874 24.78 30.40 -18.25
C LEU D 874 24.57 31.66 -19.05
N PHE D 875 23.78 32.58 -18.51
CA PHE D 875 23.47 33.79 -19.27
C PHE D 875 24.73 34.58 -19.57
N ALA D 876 25.65 34.66 -18.61
CA ALA D 876 26.91 35.38 -18.83
C ALA D 876 27.75 34.71 -19.90
N VAL D 877 27.81 33.38 -19.89
CA VAL D 877 28.55 32.67 -20.93
C VAL D 877 27.98 33.03 -22.30
N TRP D 878 26.66 32.96 -22.44
CA TRP D 878 26.03 33.30 -23.71
C TRP D 878 26.31 34.75 -24.09
N MET D 879 26.21 35.65 -23.12
CA MET D 879 26.39 37.07 -23.37
C MET D 879 27.79 37.35 -23.92
N VAL D 880 28.81 36.84 -23.25
CA VAL D 880 30.17 37.02 -23.76
C VAL D 880 30.28 36.41 -25.16
N ALA D 881 29.83 35.16 -25.30
CA ALA D 881 30.01 34.43 -26.54
C ALA D 881 29.48 35.22 -27.74
N PHE D 882 28.29 35.79 -27.60
CA PHE D 882 27.68 36.45 -28.75
C PHE D 882 27.94 37.94 -28.82
N GLY D 883 28.21 38.61 -27.69
CA GLY D 883 28.62 40.00 -27.77
C GLY D 883 29.95 40.17 -28.48
N VAL D 884 30.93 39.33 -28.11
CA VAL D 884 32.23 39.42 -28.78
C VAL D 884 32.06 39.15 -30.27
N ALA D 885 31.23 38.17 -30.63
CA ALA D 885 30.94 37.91 -32.02
C ALA D 885 30.39 39.16 -32.70
N ARG D 886 29.22 39.62 -32.25
CA ARG D 886 28.61 40.80 -32.84
C ARG D 886 29.63 41.92 -33.04
N GLN D 887 30.46 42.16 -32.03
CA GLN D 887 31.45 43.23 -32.14
C GLN D 887 32.45 42.95 -33.27
N GLY D 888 32.96 41.72 -33.36
CA GLY D 888 33.93 41.43 -34.39
C GLY D 888 33.35 41.45 -35.79
N ILE D 889 32.14 40.93 -35.95
CA ILE D 889 31.57 40.70 -37.27
C ILE D 889 30.80 41.91 -37.78
N LEU D 890 29.92 42.49 -36.95
CA LEU D 890 29.01 43.50 -37.43
C LEU D 890 29.76 44.72 -37.97
N ARG D 891 30.78 45.18 -37.26
CA ARG D 891 31.54 46.35 -37.65
C ARG D 891 33.01 46.11 -37.38
N GLN D 892 33.85 46.87 -38.09
CA GLN D 892 35.30 46.75 -38.01
C GLN D 892 35.86 47.87 -37.15
N ASN D 893 36.65 47.49 -36.14
CA ASN D 893 37.37 48.46 -35.31
C ASN D 893 36.44 49.21 -34.38
N GLU D 894 37.01 49.94 -33.43
CA GLU D 894 36.24 50.72 -32.46
C GLU D 894 37.18 51.49 -31.54
N GLN D 895 36.63 52.34 -30.69
CA GLN D 895 37.42 53.03 -29.67
C GLN D 895 37.75 52.04 -28.56
N ARG D 896 38.67 51.12 -28.90
CA ARG D 896 38.98 49.98 -28.04
C ARG D 896 37.79 49.03 -28.01
N TRP D 897 37.83 48.03 -27.13
CA TRP D 897 36.73 47.08 -27.04
C TRP D 897 35.53 47.68 -26.33
N ARG D 898 35.75 48.61 -25.38
CA ARG D 898 34.65 49.17 -24.63
C ARG D 898 33.69 49.95 -25.52
N TRP D 899 34.23 50.75 -26.45
CA TRP D 899 33.36 51.52 -27.33
C TRP D 899 32.49 50.60 -28.18
N ILE D 900 33.10 49.61 -28.82
CA ILE D 900 32.34 48.69 -29.67
C ILE D 900 31.29 47.96 -28.84
N PHE D 901 31.67 47.50 -27.65
CA PHE D 901 30.72 46.79 -26.81
C PHE D 901 29.54 47.70 -26.47
N ARG D 902 29.80 48.80 -25.78
CA ARG D 902 28.74 49.69 -25.33
C ARG D 902 27.90 50.22 -26.49
N SER D 903 28.42 50.18 -27.72
CA SER D 903 27.63 50.65 -28.85
C SER D 903 26.28 49.94 -28.92
N VAL D 904 26.27 48.62 -28.76
CA VAL D 904 25.06 47.83 -28.96
C VAL D 904 24.85 46.84 -27.82
N ILE D 905 25.55 47.04 -26.71
CA ILE D 905 25.38 46.14 -25.56
C ILE D 905 23.94 46.19 -25.06
N TYR D 906 23.26 47.32 -25.23
CA TYR D 906 21.89 47.44 -24.75
C TYR D 906 20.96 46.43 -25.43
N GLU D 907 21.21 46.15 -26.72
CA GLU D 907 20.27 45.33 -27.48
C GLU D 907 20.21 43.90 -26.97
N PRO D 908 21.31 43.14 -26.96
CA PRO D 908 21.20 41.72 -26.57
C PRO D 908 20.61 41.51 -25.19
N TYR D 909 20.91 42.40 -24.24
CA TYR D 909 20.52 42.15 -22.85
C TYR D 909 19.03 42.37 -22.63
N LEU D 910 18.47 43.42 -23.21
CA LEU D 910 17.10 43.83 -22.93
C LEU D 910 16.19 43.86 -24.15
N ALA D 911 16.70 44.34 -25.29
CA ALA D 911 15.84 44.48 -26.47
C ALA D 911 15.26 43.14 -26.89
N MET D 912 16.08 42.08 -26.88
CA MET D 912 15.60 40.77 -27.31
C MET D 912 14.33 40.38 -26.57
N PHE D 913 14.33 40.54 -25.24
CA PHE D 913 13.12 40.30 -24.48
C PHE D 913 12.04 41.31 -24.82
N GLY D 914 12.43 42.56 -25.06
CA GLY D 914 11.48 43.62 -25.33
C GLY D 914 10.97 43.64 -26.76
N GLN D 915 11.87 43.83 -27.72
CA GLN D 915 11.50 43.99 -29.13
C GLN D 915 12.42 43.15 -30.00
N VAL D 916 11.91 42.78 -31.18
CA VAL D 916 12.68 41.98 -32.12
C VAL D 916 13.75 42.85 -32.77
N PRO D 917 14.91 42.31 -33.13
CA PRO D 917 15.93 43.10 -33.83
C PRO D 917 15.50 43.38 -35.26
N SER D 918 15.37 44.67 -35.59
CA SER D 918 14.95 45.10 -36.91
C SER D 918 16.10 45.63 -37.74
N ASP D 919 16.86 46.60 -37.20
CA ASP D 919 17.99 47.16 -37.92
C ASP D 919 19.19 46.22 -37.96
N VAL D 920 19.27 45.26 -37.04
CA VAL D 920 20.44 44.38 -36.99
C VAL D 920 20.55 43.57 -38.27
N ASP D 921 19.44 43.00 -38.72
CA ASP D 921 19.46 42.20 -39.95
C ASP D 921 19.83 43.05 -41.15
N SER D 922 19.28 44.27 -41.24
CA SER D 922 19.57 45.13 -42.37
C SER D 922 21.04 45.55 -42.38
N THR D 923 21.62 45.81 -41.21
CA THR D 923 23.00 46.27 -41.17
C THR D 923 23.95 45.22 -41.72
N THR D 924 23.72 43.95 -41.40
CA THR D 924 24.57 42.87 -41.89
C THR D 924 24.66 42.88 -43.41
N ARG D 951 30.24 36.53 -52.58
CA ARG D 951 29.81 37.25 -51.39
C ARG D 951 29.72 36.30 -50.19
N PHE D 952 30.86 35.71 -49.83
CA PHE D 952 30.87 34.81 -48.67
C PHE D 952 30.38 35.48 -47.40
N PRO D 953 30.74 36.72 -47.08
CA PRO D 953 30.20 37.33 -45.85
C PRO D 953 28.68 37.37 -45.82
N GLU D 954 28.04 37.63 -46.97
CA GLU D 954 26.58 37.66 -46.99
C GLU D 954 26.01 36.28 -46.64
N TRP D 955 26.60 35.22 -47.19
CA TRP D 955 26.10 33.87 -46.91
C TRP D 955 26.35 33.47 -45.47
N ILE D 956 27.48 33.89 -44.90
CA ILE D 956 27.83 33.46 -43.54
C ILE D 956 27.20 34.33 -42.48
N THR D 957 26.66 35.51 -42.83
CA THR D 957 26.00 36.35 -41.84
C THR D 957 24.74 35.70 -41.30
N ILE D 958 23.93 35.09 -42.17
CA ILE D 958 22.62 34.59 -41.74
C ILE D 958 22.76 33.55 -40.63
N PRO D 959 23.58 32.51 -40.75
CA PRO D 959 23.69 31.54 -39.64
C PRO D 959 24.11 32.19 -38.33
N LEU D 960 24.97 33.20 -38.39
CA LEU D 960 25.41 33.88 -37.19
C LEU D 960 24.22 34.35 -36.37
N VAL D 961 23.41 35.25 -36.94
CA VAL D 961 22.26 35.80 -36.21
C VAL D 961 21.27 34.69 -35.87
N CYS D 962 21.03 33.79 -36.82
CA CYS D 962 20.03 32.74 -36.60
C CYS D 962 20.36 31.94 -35.34
N ILE D 963 21.60 31.45 -35.23
CA ILE D 963 22.01 30.74 -34.02
C ILE D 963 22.09 31.69 -32.84
N TYR D 964 22.35 32.98 -33.09
CA TYR D 964 22.62 33.91 -32.01
C TYR D 964 21.38 34.19 -31.17
N MET D 965 20.24 34.43 -31.82
CA MET D 965 19.05 34.86 -31.08
C MET D 965 17.97 33.78 -31.03
N LEU D 966 17.49 33.30 -32.18
CA LEU D 966 16.32 32.44 -32.19
C LEU D 966 16.63 31.05 -31.65
N SER D 967 17.90 30.63 -31.66
CA SER D 967 18.26 29.28 -31.25
C SER D 967 18.58 29.19 -29.76
N THR D 968 19.42 30.08 -29.26
CA THR D 968 19.95 29.99 -27.90
C THR D 968 19.22 30.86 -26.90
N ASN D 969 18.95 32.13 -27.24
CA ASN D 969 18.36 33.05 -26.28
C ASN D 969 16.97 32.59 -25.85
N ILE D 970 16.20 32.19 -26.84
CA ILE D 970 14.87 31.68 -26.64
C ILE D 970 14.99 30.44 -25.78
N LEU D 971 15.98 29.62 -26.11
CA LEU D 971 16.19 28.40 -25.36
C LEU D 971 16.50 28.75 -23.92
N LEU D 972 17.45 29.64 -23.69
CA LEU D 972 17.81 30.00 -22.34
C LEU D 972 16.67 30.63 -21.56
N VAL D 973 15.96 31.58 -22.15
CA VAL D 973 14.91 32.24 -21.39
C VAL D 973 13.81 31.27 -21.02
N ASN D 974 13.46 30.36 -21.90
CA ASN D 974 12.45 29.37 -21.59
C ASN D 974 12.89 28.44 -20.49
N LEU D 975 14.16 28.09 -20.51
CA LEU D 975 14.71 27.20 -19.50
C LEU D 975 14.59 27.86 -18.13
N LEU D 976 14.88 29.15 -18.03
CA LEU D 976 14.76 29.87 -16.77
C LEU D 976 13.31 29.88 -16.33
N VAL D 977 12.41 30.10 -17.27
CA VAL D 977 10.99 30.15 -16.98
C VAL D 977 10.51 28.81 -16.46
N ALA D 978 11.00 27.72 -17.02
CA ALA D 978 10.62 26.42 -16.55
C ALA D 978 11.05 26.23 -15.10
N MET D 979 12.25 26.69 -14.76
CA MET D 979 12.75 26.57 -13.40
C MET D 979 11.88 27.36 -12.43
N PHE D 980 11.42 28.54 -12.84
CA PHE D 980 10.56 29.33 -11.97
C PHE D 980 9.28 28.58 -11.70
N GLY D 981 8.72 27.97 -12.73
CA GLY D 981 7.48 27.23 -12.57
C GLY D 981 7.63 26.07 -11.61
N TYR D 982 8.76 25.38 -11.66
CA TYR D 982 8.94 24.27 -10.76
C TYR D 982 9.18 24.72 -9.34
N THR D 983 9.92 25.81 -9.14
CA THR D 983 10.15 26.28 -7.79
C THR D 983 8.85 26.71 -7.12
N VAL D 984 8.04 27.49 -7.83
CA VAL D 984 6.75 27.91 -7.28
C VAL D 984 5.89 26.69 -7.00
N GLY D 985 5.90 25.71 -7.90
CA GLY D 985 5.08 24.53 -7.69
C GLY D 985 5.45 23.80 -6.42
N ILE D 986 6.75 23.56 -6.21
CA ILE D 986 7.15 22.80 -5.03
C ILE D 986 6.88 23.59 -3.77
N VAL D 987 7.08 24.92 -3.80
CA VAL D 987 6.84 25.71 -2.59
C VAL D 987 5.35 25.72 -2.25
N GLN D 988 4.50 26.00 -3.24
CA GLN D 988 3.07 26.06 -2.96
C GLN D 988 2.50 24.68 -2.62
N GLU D 989 3.13 23.62 -3.12
CA GLU D 989 2.68 22.27 -2.79
C GLU D 989 2.79 22.00 -1.30
N ASN D 990 3.89 22.43 -0.68
CA ASN D 990 4.15 22.21 0.73
C ASN D 990 3.74 23.39 1.59
N ASN D 991 2.70 24.11 1.19
CA ASN D 991 2.23 25.25 1.94
C ASN D 991 1.68 24.82 3.30
N ASP D 992 1.59 25.79 4.22
CA ASP D 992 1.08 25.68 5.58
C ASP D 992 2.07 24.99 6.52
N GLN D 993 3.20 24.50 6.01
CA GLN D 993 4.30 24.05 6.87
C GLN D 993 5.48 25.00 6.83
N VAL D 994 5.77 25.58 5.67
CA VAL D 994 6.80 26.59 5.57
C VAL D 994 6.37 27.86 6.30
N TRP D 995 5.09 28.22 6.19
CA TRP D 995 4.63 29.46 6.79
C TRP D 995 4.77 29.44 8.31
N LYS D 996 4.47 28.30 8.93
CA LYS D 996 4.56 28.22 10.39
C LYS D 996 6.00 28.42 10.86
N PHE D 997 6.94 27.72 10.22
CA PHE D 997 8.34 27.87 10.58
C PHE D 997 8.82 29.29 10.35
N GLN D 998 8.39 29.91 9.24
CA GLN D 998 8.76 31.30 9.00
C GLN D 998 8.18 32.22 10.07
N ARG D 999 6.93 31.99 10.45
CA ARG D 999 6.25 32.82 11.43
C ARG D 999 6.90 32.71 12.80
N TYR D 1000 7.55 31.58 13.08
CA TYR D 1000 8.24 31.46 14.36
C TYR D 1000 9.21 32.63 14.56
N PHE D 1001 9.98 32.95 13.52
CA PHE D 1001 10.96 34.02 13.65
C PHE D 1001 10.30 35.36 13.89
N LEU D 1002 9.19 35.63 13.19
CA LEU D 1002 8.47 36.88 13.41
C LEU D 1002 7.99 36.99 14.85
N VAL D 1003 7.44 35.90 15.38
CA VAL D 1003 6.96 35.91 16.77
C VAL D 1003 8.13 36.12 17.72
N GLN D 1004 9.25 35.44 17.46
CA GLN D 1004 10.42 35.55 18.33
C GLN D 1004 10.96 36.97 18.36
N GLU D 1005 10.98 37.65 17.20
CA GLU D 1005 11.62 38.95 17.12
C GLU D 1005 11.02 39.94 18.11
N TYR D 1006 9.70 39.94 18.24
CA TYR D 1006 9.02 40.91 19.09
C TYR D 1006 9.02 40.54 20.57
N CYS D 1007 9.45 39.33 20.93
CA CYS D 1007 9.60 39.00 22.33
C CYS D 1007 10.70 39.83 22.98
N ASN D 1008 11.79 40.06 22.25
CA ASN D 1008 12.94 40.76 22.80
C ASN D 1008 12.74 42.27 22.89
N ARG D 1009 11.76 42.82 22.18
CA ARG D 1009 11.54 44.26 22.18
C ARG D 1009 11.06 44.73 23.55
N LEU D 1010 10.90 46.04 23.68
CA LEU D 1010 10.43 46.67 24.90
C LEU D 1010 8.92 46.91 24.90
N ASN D 1011 8.22 46.42 23.87
CA ASN D 1011 6.76 46.56 23.79
C ASN D 1011 6.36 48.04 23.76
N ILE D 1012 7.06 48.81 22.93
CA ILE D 1012 6.75 50.22 22.72
C ILE D 1012 6.75 50.49 21.22
N PRO D 1013 5.93 51.41 20.72
CA PRO D 1013 6.02 51.75 19.29
C PRO D 1013 7.40 52.26 18.93
N PHE D 1014 7.80 51.99 17.68
CA PHE D 1014 9.18 52.24 17.28
C PHE D 1014 9.61 53.69 17.46
N PRO D 1015 8.85 54.69 17.00
CA PRO D 1015 9.38 56.07 17.07
C PRO D 1015 9.65 56.55 18.48
N PHE D 1016 8.97 55.99 19.49
CA PHE D 1016 9.11 56.43 20.86
C PHE D 1016 10.01 55.52 21.71
N VAL D 1017 10.57 54.46 21.13
CA VAL D 1017 11.45 53.57 21.90
C VAL D 1017 12.83 54.17 22.11
N VAL D 1018 13.14 55.30 21.45
CA VAL D 1018 14.41 55.98 21.70
C VAL D 1018 14.48 56.46 23.15
N PHE D 1019 13.35 56.98 23.66
CA PHE D 1019 13.33 57.40 25.06
C PHE D 1019 13.56 56.24 26.00
N ALA D 1020 12.97 55.08 25.69
CA ALA D 1020 13.20 53.89 26.50
C ALA D 1020 14.66 53.48 26.45
N TYR D 1021 15.28 53.56 25.27
CA TYR D 1021 16.70 53.22 25.15
C TYR D 1021 17.56 54.17 25.99
N PHE D 1022 17.26 55.46 25.95
CA PHE D 1022 18.02 56.42 26.75
C PHE D 1022 17.83 56.15 28.24
N TYR D 1023 16.59 55.85 28.65
CA TYR D 1023 16.33 55.53 30.05
C TYR D 1023 17.11 54.28 30.48
N MET D 1024 17.15 53.26 29.62
CA MET D 1024 17.92 52.07 29.92
C MET D 1024 19.41 52.39 30.04
N VAL D 1025 19.93 53.21 29.13
CA VAL D 1025 21.34 53.59 29.19
C VAL D 1025 21.65 54.28 30.51
N VAL D 1026 20.79 55.21 30.92
CA VAL D 1026 20.99 55.89 32.19
C VAL D 1026 20.92 54.89 33.34
N LYS D 1027 19.97 53.96 33.28
CA LYS D 1027 19.78 53.01 34.37
C LYS D 1027 21.00 52.11 34.54
N LYS D 1028 21.58 51.63 33.43
CA LYS D 1028 22.71 50.71 33.53
C LYS D 1028 23.90 51.38 34.21
N CYS D 1029 24.18 52.63 33.85
CA CYS D 1029 25.31 53.36 34.44
C CYS D 1029 24.81 54.42 35.41
N ASN D 1051 11.15 21.80 38.21
CA ASN D 1051 11.32 20.59 39.00
C ASN D 1051 10.06 19.72 38.91
N GLU D 1052 8.94 20.27 39.35
CA GLU D 1052 7.67 19.54 39.27
C GLU D 1052 7.31 19.26 37.82
N THR D 1053 7.52 20.24 36.94
CA THR D 1053 7.25 20.03 35.52
C THR D 1053 8.03 18.84 34.98
N LEU D 1054 9.27 18.67 35.47
CA LEU D 1054 10.07 17.52 35.04
C LEU D 1054 9.46 16.21 35.50
N ALA D 1055 8.91 16.17 36.72
CA ALA D 1055 8.24 14.97 37.19
C ALA D 1055 7.02 14.65 36.33
N TRP D 1056 6.23 15.66 36.01
CA TRP D 1056 5.09 15.44 35.13
C TRP D 1056 5.54 14.95 33.76
N GLU D 1057 6.66 15.50 33.26
CA GLU D 1057 7.22 15.04 32.00
C GLU D 1057 7.60 13.57 32.07
N GLY D 1058 8.20 13.16 33.19
CA GLY D 1058 8.56 11.76 33.36
C GLY D 1058 7.33 10.86 33.36
N VAL D 1059 6.26 11.31 34.01
CA VAL D 1059 5.02 10.52 34.02
C VAL D 1059 4.48 10.36 32.59
N MET D 1060 4.46 11.46 31.84
CA MET D 1060 3.98 11.40 30.47
C MET D 1060 4.85 10.48 29.63
N LYS D 1061 6.17 10.54 29.84
CA LYS D 1061 7.07 9.62 29.15
C LYS D 1061 6.76 8.18 29.52
N GLU D 1062 6.42 7.93 30.78
CA GLU D 1062 6.04 6.59 31.20
C GLU D 1062 4.86 6.10 30.37
N ASN D 1063 3.82 6.93 30.26
CA ASN D 1063 2.65 6.54 29.48
C ASN D 1063 3.02 6.31 28.02
N TYR D 1064 3.86 7.18 27.46
CA TYR D 1064 4.24 7.05 26.05
C TYR D 1064 5.00 5.75 25.79
N LEU D 1065 5.96 5.43 26.67
CA LEU D 1065 6.74 4.22 26.50
C LEU D 1065 5.86 2.98 26.62
N VAL D 1066 4.93 2.98 27.58
CA VAL D 1066 3.94 1.91 27.64
C VAL D 1066 3.22 1.80 26.29
N LYS D 1067 2.74 2.94 25.78
CA LYS D 1067 1.92 2.93 24.57
C LYS D 1067 2.65 2.29 23.42
N ILE D 1068 3.91 2.64 23.21
CA ILE D 1068 4.62 2.10 22.05
C ILE D 1068 5.10 0.68 22.31
N ASN D 1069 5.73 0.41 23.46
CA ASN D 1069 6.30 -0.90 23.71
C ASN D 1069 5.24 -1.99 23.70
N THR D 1070 4.21 -1.85 24.54
CA THR D 1070 3.22 -2.91 24.66
C THR D 1070 2.47 -3.10 23.34
N LYS D 1071 2.06 -1.99 22.72
CA LYS D 1071 1.35 -2.08 21.45
C LYS D 1071 2.21 -2.73 20.37
N ALA D 1072 3.53 -2.50 20.40
CA ALA D 1072 4.41 -3.12 19.42
C ALA D 1072 4.50 -4.62 19.63
N ASN D 1073 4.70 -5.05 20.88
CA ASN D 1073 5.01 -6.45 21.15
C ASN D 1073 3.78 -7.32 21.36
N ASP D 1074 3.00 -7.02 22.42
CA ASP D 1074 1.98 -7.94 22.87
C ASP D 1074 0.89 -8.13 21.83
N ASN D 1075 0.49 -7.05 21.15
CA ASN D 1075 -0.62 -7.15 20.21
C ASN D 1075 -0.32 -8.19 19.13
N SER D 1076 0.91 -8.20 18.62
CA SER D 1076 1.27 -9.18 17.61
C SER D 1076 1.52 -10.56 18.21
N GLU D 1077 2.11 -10.63 19.40
CA GLU D 1077 2.54 -11.91 19.94
C GLU D 1077 1.46 -12.66 20.71
N GLU D 1078 0.30 -12.05 20.95
CA GLU D 1078 -0.70 -12.69 21.81
C GLU D 1078 -1.22 -13.99 21.22
N MET D 1079 -1.54 -14.01 19.93
CA MET D 1079 -2.10 -15.21 19.32
C MET D 1079 -1.11 -16.37 19.37
N ARG D 1080 0.15 -16.10 19.01
CA ARG D 1080 1.16 -17.14 19.02
C ARG D 1080 1.41 -17.64 20.43
N HIS D 1081 1.42 -16.72 21.41
CA HIS D 1081 1.59 -17.13 22.79
C HIS D 1081 0.43 -18.01 23.25
N ARG D 1082 -0.79 -17.66 22.85
CA ARG D 1082 -1.95 -18.48 23.19
C ARG D 1082 -1.80 -19.89 22.64
N PHE D 1083 -1.44 -19.99 21.36
CA PHE D 1083 -1.28 -21.32 20.76
C PHE D 1083 -0.19 -22.11 21.47
N ARG D 1084 0.94 -21.46 21.75
CA ARG D 1084 2.05 -22.15 22.40
C ARG D 1084 1.65 -22.65 23.79
N GLN D 1085 0.99 -21.79 24.57
CA GLN D 1085 0.59 -22.19 25.91
C GLN D 1085 -0.44 -23.32 25.86
N LEU D 1086 -1.40 -23.25 24.93
CA LEU D 1086 -2.38 -24.31 24.82
C LEU D 1086 -1.71 -25.63 24.48
N ASP D 1087 -0.77 -25.62 23.51
CA ASP D 1087 -0.09 -26.84 23.14
C ASP D 1087 0.72 -27.40 24.31
N SER D 1088 1.45 -26.53 25.02
CA SER D 1088 2.27 -26.99 26.13
C SER D 1088 1.41 -27.60 27.24
N LYS D 1089 0.31 -26.92 27.57
CA LYS D 1089 -0.58 -27.43 28.62
C LYS D 1089 -1.19 -28.77 28.21
N LEU D 1090 -1.64 -28.88 26.97
CA LEU D 1090 -2.23 -30.14 26.52
C LEU D 1090 -1.21 -31.26 26.55
N ASN D 1091 0.02 -30.98 26.12
CA ASN D 1091 1.07 -32.00 26.15
C ASN D 1091 1.38 -32.42 27.59
N ASP D 1092 1.46 -31.47 28.51
CA ASP D 1092 1.72 -31.81 29.90
C ASP D 1092 0.60 -32.67 30.48
N LEU D 1093 -0.65 -32.30 30.18
CA LEU D 1093 -1.78 -33.09 30.67
C LEU D 1093 -1.77 -34.49 30.07
N LYS D 1094 -1.42 -34.61 28.79
CA LYS D 1094 -1.33 -35.92 28.17
C LYS D 1094 -0.24 -36.77 28.82
N SER D 1095 0.91 -36.16 29.13
CA SER D 1095 1.96 -36.89 29.81
C SER D 1095 1.53 -37.34 31.20
N LEU D 1096 0.82 -36.47 31.93
CA LEU D 1096 0.32 -36.85 33.24
C LEU D 1096 -0.68 -37.99 33.14
N LEU D 1097 -1.56 -37.94 32.14
CA LEU D 1097 -2.52 -39.03 31.94
C LEU D 1097 -1.80 -40.33 31.61
N LYS D 1098 -0.77 -40.26 30.78
CA LYS D 1098 0.02 -41.46 30.49
C LYS D 1098 0.67 -42.02 31.75
N GLU D 1099 1.19 -41.13 32.60
CA GLU D 1099 1.81 -41.57 33.84
C GLU D 1099 0.79 -42.26 34.74
N ILE D 1100 -0.40 -41.68 34.88
CA ILE D 1100 -1.40 -42.29 35.76
C ILE D 1100 -1.88 -43.62 35.17
N ALA D 1101 -2.01 -43.69 33.84
CA ALA D 1101 -2.39 -44.95 33.21
C ALA D 1101 -1.34 -46.02 33.46
N ASN D 1102 -0.06 -45.67 33.34
CA ASN D 1102 1.00 -46.62 33.65
C ASN D 1102 0.94 -47.05 35.12
N ASN D 1103 0.66 -46.10 36.01
CA ASN D 1103 0.54 -46.44 37.43
C ASN D 1103 -0.61 -47.41 37.66
N ILE D 1104 -1.70 -47.26 36.91
CA ILE D 1104 -2.85 -48.13 37.09
C ILE D 1104 -2.47 -49.58 36.82
N LYS D 1105 -1.75 -49.82 35.73
CA LYS D 1105 -1.33 -51.16 35.36
C LYS D 1105 0.06 -51.47 35.93
#